data_7SGZ
#
_entry.id   7SGZ
#
_cell.length_a   1.00
_cell.length_b   1.00
_cell.length_c   1.00
_cell.angle_alpha   90.00
_cell.angle_beta   90.00
_cell.angle_gamma   90.00
#
_symmetry.space_group_name_H-M   'P 1'
#
loop_
_entity.id
_entity.type
_entity.pdbx_description
1 polymer 'Checkpoint protein RAD24'
2 polymer 'Replication factor C subunit 4'
3 polymer 'Replication factor C subunit 3'
4 polymer 'Replication factor C subunit 2'
5 polymer 'Replication factor C subunit 5'
6 polymer 'Mitosis Entry Checkpoint protein MEC3'
7 polymer 'DNA damage checkpoint control protein RAD17'
8 polymer 'DNA Damage Checkpoint protein DDC1'
9 polymer 'Watson strand'
10 polymer 'Crick strand'
11 non-polymer 'PHOSPHOTHIOPHOSPHORIC ACID-ADENYLATE ESTER'
12 non-polymer 'MAGNESIUM ION'
13 non-polymer "ADENOSINE-5'-DIPHOSPHATE"
14 non-polymer 'PHOSPHATE ION'
#
loop_
_entity_poly.entity_id
_entity_poly.type
_entity_poly.pdbx_seq_one_letter_code
_entity_poly.pdbx_strand_id
1 'polypeptide(L)'
;MDSTNLNKRPLLQYSLSSLGSQITKWSSSRPTSPVRKARSTENDFLSKQDTSSILPSINDDGGEQWYEKFKPNCLEQVAI
HKRKLKDVQEALDAMFLPNAKHRILLLSGPSGCSKSTVIKELSKILVPKYRQNSNGTSFRSTPNEHKVTEFRGDCIVNDL
PQMESFSEFLKGARYLVMSNLSLILIEDLPNVFHIDTRRRFQQLILQWLYSSEPLLPPLVICITECEIPENDNNYRKFGI
DYTFSAETIMNKEILMHPRLKRIKFNPINSTLLKKHLKFICVQNMKMLKEKNKWNKRQEVIDYIAQETGDIRSAITTLQF
WATSSGSLPISTRESTISYFHAIGKVIHGSHSTNNDNEMINNLFENSNNLLSKEDFKLGILENYNTFNKGEFSISDASSI
VDCLSECDNMNGLPESNEYGLREVRKTFRNISKQGHNHGTVYFPREWKVRKLQNSFKVQAEDWLNVSLYKYNAVHSFRNI
TLEFGYYAPLIRKCQSYKKKYILYYLKNLPSGSSGPKQTMDKFSDIMKVENGIDVVDRIGGPIEALSVEDGLAPLMDNDS
NNCDHLEDQKKERDRRLRMLIDQYERNVMMANDDLEDEETSFNDDPIVDSDSDNSNNIGNETFGRSDEDESLCEILSQRQ
PRKAPVISESLSDSDLEIL
;
A
2 'polypeptide(L)'
;MSKTLSLQLPWVEKYRPQVLSDIVGNKETIDRLQQIAKDGNMPHMIISGMPGIGKTTSVHCLAHELLGRSYADGVLELNA
SDDRGIDVVRNQIKHFAQKKLHLPPGKHKIVILDEADSMTAGAQQALRRTMELYSNSTRFAFACNQSNKIIEPLQSRCAI
LRYSKLSDEDVLKRLLQIIKLEDVKYTNDGLEAIIFTAEGDMRQAINNLQSTVAGHGLVNADNVFKIVDSPHPLIVKKML
LASNLEDSIQILRTDLWKKGYSSIDIVTTSFRVTKNLAQVKESVRLEMIKEIGLTHMRILEGVGTYLQLASMLAKIHKLN
NKA
;
B
3 'polypeptide(L)'
;MSTSTEKRSKENLPWVEKYRPETLDEVYGQNEVITTVRKFVDEGKLPHLLFYGPPGTGKTSTIVALAREIYGKNYSNMVL
ELNASDDRGIDVVRNQIKDFASTRQIFSKGFKLIILDEADAMTNAAQNALRRVIERYTKNTRFCVLANYAHKLTPALLSR
CTRFRFQPLPQEAIERRIANVLVHEKLKLSPNAEKALIELSNGDMRRVLNVLQSCKATLDNPDEDEISDDVIYECCGAPR
PSDLKAVLKSILEDDWGTAHYTLNKVRSAKGLALIDLIEGIVKILEDYELQNEETRVHLLTKLADIEYSISKGGNDQIQG
SAVIGAIKASFENETVKANV
;
C
4 'polypeptide(L)'
;MFEGFGPNKKRKISKLAAEQSLAQQPWVEKYRPKNLDEVTAQDHAVTVLKKTLKSANLPHMLFYGPPGTGKTSTILALTK
ELYGPDLMKSRILELNASDERGISIVREKVKNFARLTVSKPSKHDLENYPCPPYKIIILDEADSMTADAQSALRRTMETY
SGVTRFCLICNYVTRIIDPLASRCSKFRFKALDASNAIDRLRFISEQENVKCDDGVLERILDISAGDLRRGITLLQSASK
GAQYLGDGKNITSTQVEELAGVVPHDILIEIVEKVKSGDFDEIKKYVNTFMKSGWSAASVVNQLHEYYITNDNFDTNFKN
QISWLLFTTDSRLNNGTNEHIQLLNLLVKISQL
;
D
5 'polypeptide(L)'
;MSLWVDKYRPKSLNALSHNEELTNFLKSLSDQPRDLPHLLLYGPNGTGKKTRCMALLESIFGPGVYRLKIDVRQFVTASN
RKLELNVVSSPYHLEITPSDMGNNDRIVIQELLKEVAQMEQVDFQDSKDGLAHRYKCVIINEANSLTKDAQAALRRTMEK
YSKNIRLIMVCDSMSPIIAPIKSRCLLIRCPAPSDSEISTILSDVVTNERIQLETKDILKRIAQASNGNLRVSLLMLESM
ALNNELALKSSSPIIKPDWIIVIHKLTRKIVKERSVNSLIECRAVLYDLLAHCIPANIILKELTFSLLDVETLNTTNKSS
IIEYSSVFDERLSLGNKAIFHLEGFIAKVMCCLD
;
E
6 'polypeptide(L)'
;MKLKLIVNGCEAPDDYKLLRTTINTVASLRKTAILRFNSERLTIISTPKSSLNSSNNGTILRGDTGQLWCTIPHDVFRLY
TVISARELNTITMECNCDSLLSVFKRYDRVMNQGSSSNMTIKLQSMPEWNTNNGTLSGGTAGGVDTTSKPNPICALGITF
EEIVHTSGPNDAIVMNGGVDEHNGLPTTVGTGNLLASNKVIMHSFKVPVKLLFRAQDTRIQEPMINYIQLMMYKLPPISG
EFGSAFHGFIRRVERYSNVNHIHLMGVKKKEHGNEGDDVELKIIVNELDWHLEICWNGPLDSVIQRQEGLTDNPSQNQHI
DTDGRQEEGSLPIIEADKPMSSLYTNTRDREMEENIRYDEDLLRIEDSSIADTRGNIYTADTSGDTEFNDISVMVEKAEQ
ESSSTHEVIIRCKDWKVCSKLYAAFEEVVLAISHDESCVFHCSLDERGQIIYYIARSKGL
;
F
7 'polypeptide(L)'
;MRINSELANKFSASTVHLEHITTALSCLTPFGSKDDVLIFIDADGLSFVRENNHVIKIQLLLSRELFMSYSYRNETEDHM
KLCVKINHILDSVSVMNRNSDDIVECTLSYDGHGSPFVLIFEDSFISERVEYSTYLIKDFDTNGLELDRERISFEAIIKG
EALHSALKDLKEIGCKECYVYAKTEANDENVFALISKSQLGFSKIKLPSNRSILEKLQVFDGDSTTVIDGFAVIGFFDFT
SFDKIRKSTKIASKVLFRMDVHGVLSVNILSQTDDVIITDTTRPSNNRPGSIRQLQLPKDYPGIVIEVCMLEKESIDEAA
QTEIELLMETNELGNRNSFKKSTIRKRYGTDKGNETSNDNLLQLNGKKIKLPSEEENNKNRESEDEENHCKYPTKDIPIF
F
;
G
8 'polypeptide(L)'
;MSFKATITESGKQNIWFRAIYVLSTIQDDIKITVTTNELIAWSMNETDTTLCQVRFQKSFFEEYEFKPHEIVFGENGVQV
IEDTYGNSHKLYSFRVNGRHLTTISRKPDGDGIKSFTIAVNNTSTCPESLANRLIVVIEMDSLIVKEYCPQFQPIKYDPI
IINLKYKRRFLDVFGTAASDRNPQEPLDPKLLDVFTNTERELTSALFNEEVESDIRKRNQLTAADEINYICCNSTLLKNF
LDNCNVNVTDEVKLEINVHRLSITAFTKAVYGKNNDLLRNALSMSNTISTLDLEHYCLFTKSIIFKLKDFKNFITIGPSW
KTTQDGNDNISLWFCHPGDPILMQMQKPGVKLELVEVTDSNINDDILEGKFIKTAISGSKEEAGLKDNKESCESPLKSKT
ALKRENLPHSVAGTRNSPLKVSYLTPDNGSTVAKTYRNNTARKLFVEEQSQSTNYEQDKRFRQASSVHMNMNREQSFDIG
TTHEVACPRNESNSLKRSIADICNETEDPTQQSTFAKRADTTVTWGKALPAADDEVSCSNIDRKGMLKKEKLKHMQGLLN
SQNDTSNHKKQDNKEMEDGLGLTQVEKPRGIFD
;
H
9 'polydeoxyribonucleotide' (DG)(DC)(DA)(DG)(DA)(DC)(DA)(DC)(DT)(DA)(DC)(DG)(DA)(DG)(DT)(DA)(DC)(DA)(DT)(DA) P
10 'polydeoxyribonucleotide'
;(DT)(DT)(DT)(DT)(DT)(DT)(DT)(DT)(DT)(DT)(DT)(DA)(DT)(DG)(DT)(DA)(DC)(DT)(DC)(DG)
(DT)(DA)(DG)(DT)(DG)(DT)(DC)(DT)(DG)(DC)(DT)(DT)(DT)(DT)(DT)(DT)(DT)(DT)(DT)(DT)
;
T
#
loop_
_chem_comp.id
_chem_comp.type
_chem_comp.name
_chem_comp.formula
ADP non-polymer ADENOSINE-5'-DIPHOSPHATE 'C10 H15 N5 O10 P2'
AGS non-polymer 'PHOSPHOTHIOPHOSPHORIC ACID-ADENYLATE ESTER' 'C10 H16 N5 O12 P3 S'
DA DNA linking 2'-DEOXYADENOSINE-5'-MONOPHOSPHATE 'C10 H14 N5 O6 P'
DC DNA linking 2'-DEOXYCYTIDINE-5'-MONOPHOSPHATE 'C9 H14 N3 O7 P'
DG DNA linking 2'-DEOXYGUANOSINE-5'-MONOPHOSPHATE 'C10 H14 N5 O7 P'
DT DNA linking THYMIDINE-5'-MONOPHOSPHATE 'C10 H15 N2 O8 P'
MG non-polymer 'MAGNESIUM ION' 'Mg 2'
PO4 non-polymer 'PHOSPHATE ION' 'O4 P -3'
#
# COMPACT_ATOMS: atom_id res chain seq x y z
N GLY A 63 -36.63 -11.62 25.82
CA GLY A 63 -37.16 -12.96 25.90
C GLY A 63 -36.53 -13.93 24.92
N GLU A 64 -37.33 -14.41 23.97
CA GLU A 64 -36.88 -15.34 22.95
C GLU A 64 -37.23 -14.79 21.58
N GLN A 65 -36.29 -14.93 20.64
CA GLN A 65 -36.53 -14.48 19.28
C GLN A 65 -37.61 -15.31 18.61
N TRP A 66 -38.47 -14.65 17.83
CA TRP A 66 -39.56 -15.35 17.16
C TRP A 66 -39.04 -16.33 16.12
N TYR A 67 -37.99 -15.95 15.38
CA TYR A 67 -37.46 -16.83 14.35
C TYR A 67 -36.73 -18.04 14.94
N GLU A 68 -36.32 -17.97 16.20
CA GLU A 68 -35.71 -19.12 16.87
C GLU A 68 -36.76 -20.04 17.49
N LYS A 69 -37.81 -19.48 18.08
CA LYS A 69 -38.84 -20.28 18.71
C LYS A 69 -39.83 -20.88 17.71
N PHE A 70 -39.84 -20.39 16.48
CA PHE A 70 -40.74 -20.89 15.44
C PHE A 70 -39.97 -21.59 14.32
N LYS A 71 -38.89 -22.28 14.68
CA LYS A 71 -38.11 -23.01 13.69
C LYS A 71 -38.92 -24.19 13.15
N PRO A 72 -38.77 -24.52 11.87
CA PRO A 72 -39.52 -25.65 11.31
C PRO A 72 -39.11 -26.97 11.93
N ASN A 73 -40.08 -27.89 11.99
CA ASN A 73 -39.85 -29.24 12.49
C ASN A 73 -39.98 -30.31 11.43
N CYS A 74 -40.58 -29.99 10.27
CA CYS A 74 -40.75 -30.94 9.18
C CYS A 74 -40.42 -30.25 7.87
N LEU A 75 -40.51 -31.00 6.77
CA LEU A 75 -40.23 -30.45 5.45
C LEU A 75 -41.38 -29.63 4.89
N GLU A 76 -42.55 -29.65 5.53
CA GLU A 76 -43.70 -28.88 5.06
C GLU A 76 -43.75 -27.48 5.64
N GLN A 77 -42.84 -27.13 6.56
CA GLN A 77 -42.84 -25.82 7.18
C GLN A 77 -41.73 -24.91 6.69
N VAL A 78 -40.73 -25.44 5.99
CA VAL A 78 -39.63 -24.64 5.49
C VAL A 78 -40.10 -23.80 4.31
N ALA A 79 -39.53 -22.61 4.18
CA ALA A 79 -39.86 -21.69 3.09
C ALA A 79 -38.95 -22.00 1.91
N ILE A 80 -39.45 -22.80 0.97
CA ILE A 80 -38.68 -23.19 -0.20
C ILE A 80 -39.66 -23.56 -1.31
N HIS A 81 -39.22 -23.37 -2.55
CA HIS A 81 -40.05 -23.73 -3.69
C HIS A 81 -40.10 -25.26 -3.85
N LYS A 82 -41.15 -25.73 -4.52
CA LYS A 82 -41.30 -27.16 -4.74
C LYS A 82 -40.19 -27.71 -5.62
N ARG A 83 -39.83 -26.97 -6.67
CA ARG A 83 -38.75 -27.42 -7.56
C ARG A 83 -37.41 -27.44 -6.83
N LYS A 84 -37.15 -26.42 -5.99
CA LYS A 84 -35.91 -26.40 -5.22
C LYS A 84 -35.84 -27.58 -4.26
N LEU A 85 -36.95 -27.86 -3.56
CA LEU A 85 -36.97 -29.01 -2.66
C LEU A 85 -36.76 -30.31 -3.44
N LYS A 86 -37.39 -30.43 -4.61
CA LYS A 86 -37.26 -31.67 -5.39
C LYS A 86 -35.84 -31.87 -5.88
N ASP A 87 -35.20 -30.82 -6.39
CA ASP A 87 -33.86 -30.99 -6.97
C ASP A 87 -32.75 -30.86 -5.95
N VAL A 88 -33.06 -30.57 -4.69
CA VAL A 88 -32.08 -30.83 -3.64
C VAL A 88 -32.29 -32.21 -3.02
N GLN A 89 -33.52 -32.71 -2.99
CA GLN A 89 -33.77 -34.06 -2.51
C GLN A 89 -33.17 -35.10 -3.44
N GLU A 90 -33.31 -34.91 -4.75
CA GLU A 90 -32.72 -35.85 -5.69
C GLU A 90 -31.20 -35.74 -5.70
N ALA A 91 -30.67 -34.55 -5.44
CA ALA A 91 -29.22 -34.38 -5.40
C ALA A 91 -28.62 -35.04 -4.16
N LEU A 92 -29.25 -34.86 -3.00
CA LEU A 92 -28.70 -35.42 -1.76
C LEU A 92 -28.90 -36.93 -1.68
N ASP A 93 -29.96 -37.45 -2.31
CA ASP A 93 -30.22 -38.89 -2.27
C ASP A 93 -29.13 -39.66 -3.00
N ALA A 94 -28.70 -39.17 -4.16
CA ALA A 94 -27.68 -39.88 -4.93
C ALA A 94 -26.29 -39.72 -4.33
N MET A 95 -26.08 -38.72 -3.48
CA MET A 95 -24.76 -38.53 -2.87
C MET A 95 -24.50 -39.56 -1.77
N PHE A 96 -25.55 -40.05 -1.12
CA PHE A 96 -25.39 -41.04 -0.06
C PHE A 96 -25.00 -42.41 -0.57
N LEU A 97 -25.09 -42.65 -1.88
CA LEU A 97 -24.66 -43.92 -2.44
C LEU A 97 -23.14 -44.07 -2.34
N PRO A 98 -22.64 -45.31 -2.31
CA PRO A 98 -21.17 -45.48 -2.31
C PRO A 98 -20.49 -44.88 -3.53
N ASN A 99 -21.13 -44.90 -4.69
CA ASN A 99 -20.64 -44.23 -5.88
C ASN A 99 -21.59 -43.09 -6.22
N ALA A 100 -21.08 -41.87 -6.24
CA ALA A 100 -21.88 -40.67 -6.47
C ALA A 100 -21.28 -39.87 -7.62
N LYS A 101 -22.16 -39.37 -8.49
CA LYS A 101 -21.71 -38.53 -9.59
C LYS A 101 -21.12 -37.21 -9.07
N HIS A 102 -21.75 -36.62 -8.07
CA HIS A 102 -21.28 -35.37 -7.46
C HIS A 102 -20.70 -35.70 -6.08
N ARG A 103 -19.43 -35.37 -5.89
CA ARG A 103 -18.79 -35.67 -4.61
C ARG A 103 -19.25 -34.71 -3.52
N ILE A 104 -19.37 -33.43 -3.84
CA ILE A 104 -19.77 -32.41 -2.87
C ILE A 104 -20.90 -31.58 -3.46
N LEU A 105 -21.63 -30.92 -2.56
CA LEU A 105 -22.76 -30.07 -2.92
C LEU A 105 -22.44 -28.63 -2.55
N LEU A 106 -22.68 -27.71 -3.49
CA LEU A 106 -22.43 -26.29 -3.28
C LEU A 106 -23.74 -25.53 -3.39
N LEU A 107 -24.03 -24.72 -2.37
CA LEU A 107 -25.24 -23.91 -2.33
C LEU A 107 -24.85 -22.44 -2.30
N SER A 108 -25.36 -21.68 -3.26
CA SER A 108 -25.06 -20.26 -3.37
C SER A 108 -26.37 -19.49 -3.52
N GLY A 109 -26.53 -18.44 -2.72
CA GLY A 109 -27.73 -17.63 -2.77
C GLY A 109 -27.72 -16.51 -1.74
N PRO A 110 -28.78 -15.71 -1.74
CA PRO A 110 -28.87 -14.61 -0.77
C PRO A 110 -29.11 -15.13 0.63
N SER A 111 -28.90 -14.23 1.60
CA SER A 111 -29.11 -14.58 3.00
C SER A 111 -30.60 -14.79 3.29
N GLY A 112 -30.87 -15.68 4.23
CA GLY A 112 -32.25 -15.98 4.61
C GLY A 112 -33.07 -16.64 3.53
N CYS A 113 -32.48 -17.56 2.78
CA CYS A 113 -33.17 -18.28 1.71
C CYS A 113 -33.27 -19.76 2.02
N SER A 114 -33.26 -20.12 3.31
CA SER A 114 -33.33 -21.52 3.76
C SER A 114 -32.23 -22.37 3.14
N LYS A 115 -31.03 -21.79 3.05
CA LYS A 115 -29.88 -22.50 2.47
C LYS A 115 -29.24 -23.48 3.44
N SER A 116 -29.57 -23.41 4.72
CA SER A 116 -29.00 -24.31 5.72
C SER A 116 -30.04 -25.15 6.45
N THR A 117 -31.19 -24.56 6.79
CA THR A 117 -32.21 -25.32 7.50
C THR A 117 -32.81 -26.42 6.64
N VAL A 118 -32.96 -26.19 5.33
CA VAL A 118 -33.49 -27.23 4.46
C VAL A 118 -32.57 -28.44 4.49
N ILE A 119 -31.26 -28.20 4.40
CA ILE A 119 -30.29 -29.29 4.52
C ILE A 119 -30.32 -29.89 5.92
N LYS A 120 -30.66 -29.09 6.93
CA LYS A 120 -30.72 -29.61 8.30
C LYS A 120 -31.81 -30.67 8.44
N GLU A 121 -33.04 -30.35 8.04
CA GLU A 121 -34.06 -31.40 8.08
C GLU A 121 -33.82 -32.50 7.03
N LEU A 122 -33.15 -32.18 5.93
CA LEU A 122 -32.81 -33.24 4.97
C LEU A 122 -31.88 -34.27 5.59
N SER A 123 -30.86 -33.81 6.31
CA SER A 123 -30.01 -34.72 7.07
C SER A 123 -30.79 -35.38 8.20
N LYS A 124 -31.78 -34.70 8.75
CA LYS A 124 -32.62 -35.32 9.78
C LYS A 124 -33.40 -36.50 9.22
N ILE A 125 -33.77 -36.46 7.94
CA ILE A 125 -34.62 -37.50 7.36
C ILE A 125 -33.89 -38.34 6.31
N LEU A 126 -32.56 -38.24 6.23
CA LEU A 126 -31.81 -39.11 5.33
C LEU A 126 -30.65 -39.83 6.03
N VAL A 127 -30.07 -39.21 7.05
CA VAL A 127 -28.97 -39.87 7.78
C VAL A 127 -29.41 -41.15 8.47
N PRO A 128 -30.54 -41.20 9.20
CA PRO A 128 -30.93 -42.47 9.84
C PRO A 128 -31.32 -43.59 8.89
N LYS A 129 -31.31 -43.35 7.56
CA LYS A 129 -31.60 -44.42 6.63
C LYS A 129 -30.54 -45.52 6.69
N TYR A 130 -29.28 -45.13 6.78
CA TYR A 130 -28.18 -46.09 6.85
C TYR A 130 -27.46 -46.00 8.19
N HIS A 146 -30.17 -37.28 13.21
CA HIS A 146 -29.63 -35.96 12.90
C HIS A 146 -28.15 -35.88 13.20
N LYS A 147 -27.32 -36.29 12.24
CA LYS A 147 -25.87 -36.28 12.37
C LYS A 147 -25.32 -35.25 11.38
N VAL A 148 -25.07 -34.04 11.88
CA VAL A 148 -24.52 -32.95 11.07
C VAL A 148 -23.23 -32.49 11.73
N THR A 149 -22.15 -32.49 10.95
CA THR A 149 -20.84 -32.01 11.42
C THR A 149 -20.64 -30.62 10.84
N GLU A 150 -21.15 -29.61 11.54
CA GLU A 150 -21.04 -28.23 11.11
C GLU A 150 -19.70 -27.66 11.56
N PHE A 151 -18.96 -27.08 10.60
CA PHE A 151 -17.67 -26.50 10.92
C PHE A 151 -17.84 -25.21 11.70
N ARG A 152 -17.09 -25.07 12.79
CA ARG A 152 -17.07 -23.87 13.61
C ARG A 152 -15.77 -23.13 13.37
N GLY A 153 -15.84 -22.01 12.65
CA GLY A 153 -14.64 -21.23 12.39
C GLY A 153 -14.10 -20.50 13.60
N ASP A 154 -14.92 -20.32 14.64
CA ASP A 154 -14.49 -19.65 15.87
C ASP A 154 -14.02 -20.67 16.89
N CYS A 155 -12.98 -21.42 16.52
CA CYS A 155 -12.54 -22.55 17.33
C CYS A 155 -11.11 -22.45 17.85
N ILE A 156 -10.22 -21.73 17.14
CA ILE A 156 -8.83 -21.51 17.55
C ILE A 156 -8.05 -22.82 17.64
N VAL A 157 -8.55 -23.77 18.43
CA VAL A 157 -7.93 -25.08 18.66
C VAL A 157 -6.55 -24.88 19.25
N ASN A 158 -6.48 -24.18 20.38
CA ASN A 158 -5.27 -23.98 21.17
C ASN A 158 -4.15 -23.41 20.31
N ASP A 159 -3.06 -24.15 20.14
CA ASP A 159 -1.89 -23.69 19.40
C ASP A 159 -1.92 -24.22 17.96
N LEU A 160 -2.99 -23.88 17.25
CA LEU A 160 -3.16 -24.31 15.87
C LEU A 160 -3.52 -23.09 15.02
N PRO A 161 -2.84 -22.85 13.90
CA PRO A 161 -3.21 -21.73 13.04
C PRO A 161 -4.57 -21.95 12.40
N GLN A 162 -5.22 -20.83 12.05
CA GLN A 162 -6.52 -20.91 11.41
C GLN A 162 -6.45 -21.54 10.03
N MET A 163 -5.30 -21.43 9.36
CA MET A 163 -5.12 -22.09 8.07
C MET A 163 -5.14 -23.61 8.22
N GLU A 164 -4.47 -24.13 9.24
CA GLU A 164 -4.44 -25.57 9.47
C GLU A 164 -5.67 -26.08 10.20
N SER A 165 -6.45 -25.18 10.82
CA SER A 165 -7.66 -25.62 11.50
C SER A 165 -8.67 -26.23 10.54
N PHE A 166 -8.88 -25.60 9.39
CA PHE A 166 -9.80 -26.15 8.41
C PHE A 166 -9.26 -27.42 7.79
N SER A 167 -7.94 -27.53 7.62
CA SER A 167 -7.33 -28.76 7.14
C SER A 167 -7.56 -29.91 8.11
N GLU A 168 -7.43 -29.64 9.41
CA GLU A 168 -7.67 -30.67 10.41
C GLU A 168 -9.16 -31.03 10.50
N PHE A 169 -10.04 -30.05 10.29
CA PHE A 169 -11.47 -30.34 10.33
C PHE A 169 -11.88 -31.29 9.21
N LEU A 170 -11.32 -31.10 8.01
CA LEU A 170 -11.68 -31.96 6.89
C LEU A 170 -11.26 -33.41 7.14
N LYS A 171 -10.06 -33.61 7.67
CA LYS A 171 -9.60 -34.96 7.96
C LYS A 171 -10.32 -35.54 9.17
N GLY A 172 -10.70 -34.69 10.13
CA GLY A 172 -11.46 -35.17 11.27
C GLY A 172 -12.84 -35.68 10.87
N ALA A 173 -13.50 -34.99 9.95
CA ALA A 173 -14.81 -35.41 9.46
C ALA A 173 -14.71 -36.38 8.30
N ARG A 174 -13.51 -36.63 7.77
CA ARG A 174 -13.37 -37.59 6.69
C ARG A 174 -13.63 -39.01 7.16
N TYR A 175 -13.26 -39.33 8.40
CA TYR A 175 -13.40 -40.68 8.95
C TYR A 175 -14.80 -40.91 9.51
N LEU A 176 -15.82 -40.63 8.69
CA LEU A 176 -17.22 -40.86 9.05
C LEU A 176 -17.96 -41.49 7.88
N VAL A 177 -17.33 -42.46 7.22
CA VAL A 177 -17.92 -43.07 6.04
C VAL A 177 -18.89 -44.20 6.37
N MET A 178 -18.76 -44.83 7.53
CA MET A 178 -19.62 -45.93 7.92
C MET A 178 -20.10 -45.74 9.34
N SER A 179 -21.16 -46.48 9.69
CA SER A 179 -21.74 -46.49 11.03
C SER A 179 -22.28 -45.12 11.43
N ASN A 180 -21.39 -44.15 11.60
CA ASN A 180 -21.82 -42.81 11.99
C ASN A 180 -22.54 -42.11 10.84
N LEU A 181 -21.83 -41.91 9.72
CA LEU A 181 -22.38 -41.27 8.52
C LEU A 181 -22.96 -39.89 8.85
N SER A 182 -22.04 -39.01 9.25
CA SER A 182 -22.40 -37.64 9.65
C SER A 182 -22.18 -36.72 8.46
N LEU A 183 -23.25 -36.03 8.05
CA LEU A 183 -23.15 -35.09 6.94
C LEU A 183 -22.33 -33.87 7.35
N ILE A 184 -21.57 -33.33 6.41
CA ILE A 184 -20.72 -32.16 6.64
C ILE A 184 -21.43 -30.94 6.06
N LEU A 185 -21.67 -29.94 6.91
CA LEU A 185 -22.35 -28.72 6.51
C LEU A 185 -21.46 -27.54 6.89
N ILE A 186 -20.69 -27.04 5.91
CA ILE A 186 -19.78 -25.93 6.14
C ILE A 186 -20.57 -24.65 5.86
N GLU A 187 -21.28 -24.16 6.87
CA GLU A 187 -22.03 -22.92 6.73
C GLU A 187 -21.11 -21.72 6.95
N ASP A 188 -20.39 -21.70 8.06
CA ASP A 188 -19.45 -20.61 8.37
C ASP A 188 -18.08 -21.01 7.82
N LEU A 189 -17.83 -20.66 6.56
CA LEU A 189 -16.55 -20.94 5.96
C LEU A 189 -15.46 -20.09 6.59
N PRO A 190 -14.21 -20.57 6.60
CA PRO A 190 -13.12 -19.75 7.15
C PRO A 190 -12.95 -18.46 6.37
N ASN A 191 -12.58 -17.39 7.09
CA ASN A 191 -12.40 -16.09 6.47
C ASN A 191 -11.21 -16.14 5.52
N VAL A 192 -11.41 -15.64 4.30
CA VAL A 192 -10.39 -15.63 3.26
C VAL A 192 -10.19 -14.19 2.82
N PHE A 193 -9.30 -13.50 3.49
CA PHE A 193 -8.93 -12.14 3.14
C PHE A 193 -7.42 -11.94 3.03
N HIS A 194 -6.64 -12.62 3.88
CA HIS A 194 -5.20 -12.59 3.75
C HIS A 194 -4.77 -13.45 2.56
N ILE A 195 -3.59 -13.14 2.02
CA ILE A 195 -3.11 -13.83 0.83
C ILE A 195 -2.88 -15.31 1.12
N ASP A 196 -2.28 -15.62 2.27
CA ASP A 196 -1.94 -17.00 2.58
C ASP A 196 -3.18 -17.84 2.84
N THR A 197 -4.12 -17.32 3.63
CA THR A 197 -5.30 -18.11 3.98
C THR A 197 -6.31 -18.21 2.86
N ARG A 198 -6.33 -17.27 1.92
CA ARG A 198 -7.29 -17.34 0.81
C ARG A 198 -6.87 -18.39 -0.20
N ARG A 199 -5.57 -18.48 -0.51
CA ARG A 199 -5.10 -19.45 -1.49
C ARG A 199 -5.18 -20.87 -0.96
N ARG A 200 -5.10 -21.05 0.35
CA ARG A 200 -5.15 -22.39 0.93
C ARG A 200 -6.53 -23.02 0.80
N PHE A 201 -7.59 -22.20 0.73
CA PHE A 201 -8.95 -22.70 0.74
C PHE A 201 -9.31 -23.47 -0.54
N GLN A 202 -8.57 -23.29 -1.62
CA GLN A 202 -8.95 -23.94 -2.88
C GLN A 202 -8.53 -25.40 -2.92
N GLN A 203 -7.23 -25.68 -2.75
CA GLN A 203 -6.75 -27.05 -2.87
C GLN A 203 -7.13 -27.91 -1.68
N LEU A 204 -7.60 -27.32 -0.58
CA LEU A 204 -8.01 -28.12 0.57
C LEU A 204 -9.21 -29.00 0.25
N ILE A 205 -10.20 -28.45 -0.46
CA ILE A 205 -11.32 -29.26 -0.92
C ILE A 205 -11.00 -29.99 -2.21
N LEU A 206 -10.05 -29.48 -3.00
CA LEU A 206 -9.66 -30.18 -4.22
C LEU A 206 -8.93 -31.49 -3.91
N GLN A 207 -8.13 -31.50 -2.85
CA GLN A 207 -7.44 -32.73 -2.45
C GLN A 207 -8.42 -33.79 -1.96
N TRP A 208 -9.59 -33.37 -1.47
CA TRP A 208 -10.60 -34.30 -1.02
C TRP A 208 -11.46 -34.84 -2.16
N LEU A 209 -11.35 -34.26 -3.36
CA LEU A 209 -12.17 -34.68 -4.48
C LEU A 209 -11.57 -35.90 -5.19
N TYR A 210 -10.33 -35.77 -5.66
CA TYR A 210 -9.68 -36.81 -6.43
C TYR A 210 -8.96 -37.85 -5.56
N SER A 211 -9.32 -37.93 -4.28
CA SER A 211 -8.71 -38.92 -3.39
C SER A 211 -9.38 -40.28 -3.64
N SER A 212 -8.57 -41.27 -4.00
CA SER A 212 -9.06 -42.62 -4.30
C SER A 212 -9.25 -43.36 -2.97
N GLU A 213 -10.40 -43.11 -2.34
CA GLU A 213 -10.73 -43.72 -1.06
C GLU A 213 -12.08 -44.39 -1.14
N PRO A 214 -12.25 -45.53 -0.46
CA PRO A 214 -13.56 -46.19 -0.47
C PRO A 214 -14.60 -45.36 0.27
N LEU A 215 -15.85 -45.45 -0.22
CA LEU A 215 -17.01 -44.75 0.33
C LEU A 215 -16.85 -43.24 0.26
N LEU A 216 -17.90 -42.51 0.65
CA LEU A 216 -17.84 -41.05 0.62
C LEU A 216 -18.88 -40.45 1.55
N PRO A 217 -18.48 -39.61 2.50
CA PRO A 217 -19.46 -38.91 3.33
C PRO A 217 -19.95 -37.65 2.63
N PRO A 218 -21.23 -37.33 2.76
CA PRO A 218 -21.75 -36.12 2.10
C PRO A 218 -21.14 -34.86 2.68
N LEU A 219 -20.97 -33.87 1.82
CA LEU A 219 -20.41 -32.58 2.21
C LEU A 219 -21.15 -31.48 1.48
N VAL A 220 -21.73 -30.55 2.24
CA VAL A 220 -22.51 -29.45 1.69
C VAL A 220 -21.87 -28.14 2.15
N ILE A 221 -21.62 -27.23 1.20
CA ILE A 221 -21.05 -25.93 1.48
C ILE A 221 -22.08 -24.88 1.12
N CYS A 222 -22.44 -24.03 2.09
CA CYS A 222 -23.39 -22.96 1.91
C CYS A 222 -22.65 -21.63 1.90
N ILE A 223 -22.79 -20.88 0.80
CA ILE A 223 -22.14 -19.59 0.63
C ILE A 223 -23.21 -18.54 0.39
N THR A 224 -23.18 -17.47 1.17
CA THR A 224 -24.15 -16.39 1.05
C THR A 224 -23.66 -15.36 0.04
N GLU A 225 -24.51 -15.01 -0.92
CA GLU A 225 -24.17 -14.04 -1.95
C GLU A 225 -24.46 -12.64 -1.43
N CYS A 226 -23.44 -11.99 -0.87
CA CYS A 226 -23.55 -10.62 -0.39
C CYS A 226 -22.28 -9.87 -0.76
N GLU A 227 -22.44 -8.65 -1.24
CA GLU A 227 -21.29 -7.85 -1.63
C GLU A 227 -20.65 -7.18 -0.41
N ILE A 228 -19.33 -7.25 -0.35
CA ILE A 228 -18.60 -6.62 0.76
C ILE A 228 -18.62 -5.11 0.59
N PRO A 229 -18.97 -4.33 1.61
CA PRO A 229 -18.97 -2.87 1.46
C PRO A 229 -17.57 -2.34 1.23
N GLU A 230 -17.50 -1.19 0.55
CA GLU A 230 -16.22 -0.60 0.19
C GLU A 230 -15.44 -0.18 1.43
N ASN A 231 -14.11 -0.32 1.34
CA ASN A 231 -13.21 0.03 2.42
C ASN A 231 -12.15 0.99 1.90
N ASP A 232 -11.31 1.47 2.81
CA ASP A 232 -10.25 2.41 2.47
C ASP A 232 -8.91 1.69 2.35
N ASN A 233 -8.00 2.32 1.60
CA ASN A 233 -6.64 1.84 1.32
C ASN A 233 -6.61 0.34 1.04
N ASN A 234 -7.34 -0.05 0.00
CA ASN A 234 -7.37 -1.44 -0.45
C ASN A 234 -6.30 -1.76 -1.49
N TYR A 235 -5.45 -0.79 -1.83
CA TYR A 235 -4.29 -0.96 -2.71
C TYR A 235 -4.80 -1.36 -4.09
N ARG A 236 -4.50 -2.57 -4.59
CA ARG A 236 -4.83 -2.94 -5.96
C ARG A 236 -6.33 -3.10 -6.17
N LYS A 237 -7.09 -3.37 -5.12
CA LYS A 237 -8.54 -3.56 -5.19
C LYS A 237 -8.89 -4.70 -6.17
N PHE A 238 -8.41 -5.89 -5.85
CA PHE A 238 -8.65 -7.07 -6.67
C PHE A 238 -10.02 -7.66 -6.33
N GLY A 239 -10.27 -8.87 -6.82
CA GLY A 239 -11.55 -9.52 -6.61
C GLY A 239 -11.75 -9.97 -5.18
N ILE A 240 -12.75 -10.84 -4.99
CA ILE A 240 -13.14 -11.42 -3.71
C ILE A 240 -13.59 -10.32 -2.74
N ASP A 241 -12.71 -9.37 -2.44
CA ASP A 241 -13.05 -8.27 -1.53
C ASP A 241 -14.14 -7.37 -2.09
N TYR A 242 -14.35 -7.37 -3.41
CA TYR A 242 -15.41 -6.56 -4.00
C TYR A 242 -16.79 -7.14 -3.67
N THR A 243 -16.94 -8.45 -3.79
CA THR A 243 -18.22 -9.10 -3.53
C THR A 243 -17.95 -10.51 -3.00
N PHE A 244 -18.48 -10.81 -1.82
CA PHE A 244 -18.31 -12.14 -1.21
C PHE A 244 -19.32 -13.08 -1.84
N SER A 245 -18.90 -13.77 -2.90
CA SER A 245 -19.75 -14.70 -3.62
C SER A 245 -18.96 -15.96 -3.93
N ALA A 246 -19.70 -17.01 -4.32
CA ALA A 246 -19.05 -18.28 -4.65
C ALA A 246 -18.15 -18.14 -5.87
N GLU A 247 -18.59 -17.39 -6.88
CA GLU A 247 -17.80 -17.25 -8.10
C GLU A 247 -16.50 -16.51 -7.85
N THR A 248 -16.50 -15.53 -6.94
CA THR A 248 -15.30 -14.73 -6.72
C THR A 248 -14.21 -15.52 -6.00
N ILE A 249 -14.58 -16.27 -4.97
CA ILE A 249 -13.58 -16.94 -4.14
C ILE A 249 -13.14 -18.26 -4.78
N MET A 250 -14.11 -19.10 -5.16
CA MET A 250 -13.79 -20.35 -5.82
C MET A 250 -13.17 -20.08 -7.20
N ASN A 251 -12.18 -20.89 -7.56
CA ASN A 251 -11.53 -20.77 -8.85
C ASN A 251 -12.26 -21.61 -9.89
N LYS A 252 -11.69 -21.71 -11.09
CA LYS A 252 -12.37 -22.38 -12.19
C LYS A 252 -12.35 -23.90 -12.03
N GLU A 253 -11.31 -24.44 -11.40
CA GLU A 253 -11.18 -25.89 -11.31
C GLU A 253 -12.31 -26.50 -10.51
N ILE A 254 -12.76 -25.82 -9.46
CA ILE A 254 -13.84 -26.34 -8.62
C ILE A 254 -15.22 -25.95 -9.14
N LEU A 255 -15.31 -24.87 -9.93
CA LEU A 255 -16.62 -24.38 -10.36
C LEU A 255 -17.31 -25.35 -11.32
N MET A 256 -16.59 -25.78 -12.36
CA MET A 256 -17.12 -26.76 -13.30
C MET A 256 -16.49 -28.13 -13.14
N HIS A 257 -16.09 -28.48 -11.93
CA HIS A 257 -15.63 -29.83 -11.64
C HIS A 257 -16.78 -30.82 -11.87
N PRO A 258 -16.51 -31.98 -12.49
CA PRO A 258 -17.59 -32.95 -12.73
C PRO A 258 -18.26 -33.45 -11.46
N ARG A 259 -17.50 -33.60 -10.38
CA ARG A 259 -18.07 -34.08 -9.11
C ARG A 259 -18.50 -32.93 -8.21
N LEU A 260 -19.34 -32.05 -8.74
CA LEU A 260 -19.84 -30.91 -7.99
C LEU A 260 -21.16 -30.45 -8.60
N LYS A 261 -22.12 -30.14 -7.74
CA LYS A 261 -23.42 -29.63 -8.15
C LYS A 261 -23.64 -28.26 -7.53
N ARG A 262 -23.96 -27.27 -8.35
CA ARG A 262 -24.21 -25.91 -7.90
C ARG A 262 -25.70 -25.64 -7.98
N ILE A 263 -26.37 -25.69 -6.83
CA ILE A 263 -27.80 -25.46 -6.74
C ILE A 263 -27.98 -24.03 -6.21
N LYS A 264 -28.34 -23.12 -7.11
CA LYS A 264 -28.56 -21.74 -6.72
C LYS A 264 -29.87 -21.61 -5.93
N PHE A 265 -29.95 -20.55 -5.13
CA PHE A 265 -31.10 -20.29 -4.29
C PHE A 265 -31.66 -18.90 -4.60
N ASN A 266 -32.97 -18.77 -4.43
CA ASN A 266 -33.71 -17.55 -4.72
C ASN A 266 -34.34 -16.99 -3.46
N PRO A 267 -34.64 -15.69 -3.42
CA PRO A 267 -35.33 -15.14 -2.25
C PRO A 267 -36.72 -15.73 -2.08
N ILE A 268 -37.17 -15.75 -0.83
CA ILE A 268 -38.47 -16.34 -0.51
C ILE A 268 -39.58 -15.58 -1.23
N ASN A 269 -40.52 -16.33 -1.79
CA ASN A 269 -41.58 -15.73 -2.58
C ASN A 269 -42.58 -15.00 -1.69
N SER A 270 -43.38 -14.14 -2.32
CA SER A 270 -44.39 -13.40 -1.59
C SER A 270 -45.47 -14.32 -1.02
N THR A 271 -45.87 -15.34 -1.78
CA THR A 271 -46.91 -16.25 -1.32
C THR A 271 -46.45 -17.06 -0.11
N LEU A 272 -45.24 -17.61 -0.18
CA LEU A 272 -44.72 -18.40 0.94
C LEU A 272 -44.52 -17.53 2.18
N LEU A 273 -44.01 -16.31 1.99
CA LEU A 273 -43.84 -15.39 3.12
C LEU A 273 -45.18 -15.02 3.73
N LYS A 274 -46.18 -14.78 2.89
CA LYS A 274 -47.52 -14.44 3.40
C LYS A 274 -48.12 -15.61 4.17
N LYS A 275 -47.95 -16.84 3.65
CA LYS A 275 -48.47 -18.01 4.35
C LYS A 275 -47.78 -18.21 5.69
N HIS A 276 -46.46 -18.02 5.73
CA HIS A 276 -45.73 -18.18 6.99
C HIS A 276 -46.10 -17.10 7.99
N LEU A 277 -46.33 -15.87 7.52
CA LEU A 277 -46.77 -14.81 8.41
C LEU A 277 -48.18 -15.07 8.91
N LYS A 278 -49.04 -15.65 8.06
CA LYS A 278 -50.36 -16.10 8.51
C LYS A 278 -50.22 -17.12 9.64
N PHE A 279 -49.33 -18.09 9.46
CA PHE A 279 -49.14 -19.13 10.47
C PHE A 279 -48.62 -18.56 11.78
N ILE A 280 -47.67 -17.62 11.69
CA ILE A 280 -47.12 -17.00 12.90
C ILE A 280 -48.19 -16.17 13.60
N CYS A 281 -48.99 -15.42 12.83
CA CYS A 281 -50.04 -14.59 13.42
C CYS A 281 -51.10 -15.43 14.11
N VAL A 282 -51.51 -16.54 13.49
CA VAL A 282 -52.51 -17.39 14.13
C VAL A 282 -51.90 -18.19 15.27
N GLN A 283 -50.59 -18.39 15.28
CA GLN A 283 -49.93 -19.00 16.43
C GLN A 283 -49.79 -18.02 17.59
N ASN A 284 -49.68 -16.73 17.29
CA ASN A 284 -49.58 -15.68 18.30
C ASN A 284 -50.87 -14.89 18.44
N MET A 285 -52.02 -15.59 18.38
CA MET A 285 -53.31 -14.92 18.41
C MET A 285 -53.54 -14.17 19.71
N LYS A 286 -53.13 -14.76 20.83
CA LYS A 286 -53.37 -14.13 22.13
C LYS A 286 -52.58 -12.84 22.30
N MET A 287 -51.36 -12.78 21.76
CA MET A 287 -50.56 -11.57 21.88
C MET A 287 -51.06 -10.45 20.97
N LEU A 288 -51.41 -10.80 19.72
CA LEU A 288 -51.84 -9.78 18.77
C LEU A 288 -53.22 -9.22 19.13
N LYS A 289 -54.11 -10.07 19.63
CA LYS A 289 -55.45 -9.61 19.99
C LYS A 289 -55.46 -8.77 21.25
N GLU A 290 -54.38 -8.81 22.05
CA GLU A 290 -54.32 -7.98 23.25
C GLU A 290 -54.31 -6.50 22.90
N LYS A 291 -53.57 -6.11 21.86
CA LYS A 291 -53.52 -4.74 21.40
C LYS A 291 -54.41 -4.56 20.17
N ASN A 292 -54.41 -3.35 19.63
CA ASN A 292 -55.19 -3.03 18.44
C ASN A 292 -54.39 -3.31 17.17
N LYS A 293 -54.05 -4.59 16.99
CA LYS A 293 -53.26 -5.04 15.85
C LYS A 293 -53.94 -6.12 15.02
N TRP A 294 -55.05 -6.70 15.48
CA TRP A 294 -55.70 -7.76 14.73
C TRP A 294 -56.30 -7.24 13.43
N ASN A 295 -56.85 -6.03 13.44
CA ASN A 295 -57.42 -5.46 12.23
C ASN A 295 -56.35 -4.93 11.27
N LYS A 296 -55.21 -4.48 11.81
CA LYS A 296 -54.17 -3.82 11.03
C LYS A 296 -53.11 -4.82 10.55
N ARG A 297 -53.16 -6.06 11.03
CA ARG A 297 -52.06 -7.00 10.78
C ARG A 297 -51.89 -7.33 9.31
N GLN A 298 -52.98 -7.39 8.54
CA GLN A 298 -52.90 -7.85 7.15
C GLN A 298 -52.04 -6.90 6.30
N GLU A 299 -52.28 -5.59 6.43
CA GLU A 299 -51.51 -4.62 5.66
C GLU A 299 -50.04 -4.67 6.03
N VAL A 300 -49.73 -4.76 7.33
CA VAL A 300 -48.34 -4.79 7.76
C VAL A 300 -47.64 -6.03 7.23
N ILE A 301 -48.30 -7.19 7.32
CA ILE A 301 -47.64 -8.43 6.91
C ILE A 301 -47.47 -8.48 5.40
N ASP A 302 -48.46 -7.99 4.63
CA ASP A 302 -48.29 -8.01 3.18
C ASP A 302 -47.22 -7.01 2.73
N TYR A 303 -47.15 -5.85 3.39
CA TYR A 303 -46.08 -4.90 3.08
C TYR A 303 -44.71 -5.50 3.40
N ILE A 304 -44.60 -6.19 4.53
CA ILE A 304 -43.34 -6.83 4.89
C ILE A 304 -42.97 -7.92 3.88
N ALA A 305 -43.94 -8.74 3.47
CA ALA A 305 -43.67 -9.81 2.54
C ALA A 305 -43.25 -9.28 1.17
N GLN A 306 -43.92 -8.23 0.69
CA GLN A 306 -43.59 -7.68 -0.62
C GLN A 306 -42.31 -6.84 -0.59
N GLU A 307 -41.95 -6.26 0.56
CA GLU A 307 -40.81 -5.36 0.59
C GLU A 307 -39.48 -6.11 0.50
N THR A 308 -39.36 -7.24 1.21
CA THR A 308 -38.12 -7.99 1.22
C THR A 308 -38.42 -9.48 1.06
N GLY A 309 -37.43 -10.22 0.58
CA GLY A 309 -37.52 -11.64 0.36
C GLY A 309 -36.85 -12.51 1.41
N ASP A 310 -36.48 -11.96 2.55
CA ASP A 310 -35.82 -12.70 3.63
C ASP A 310 -36.87 -13.08 4.67
N ILE A 311 -36.97 -14.38 4.96
CA ILE A 311 -37.94 -14.83 5.95
C ILE A 311 -37.52 -14.42 7.36
N ARG A 312 -36.21 -14.50 7.66
CA ARG A 312 -35.75 -14.14 8.99
C ARG A 312 -35.94 -12.66 9.28
N SER A 313 -35.61 -11.80 8.31
CA SER A 313 -35.83 -10.37 8.48
C SER A 313 -37.32 -10.05 8.58
N ALA A 314 -38.15 -10.77 7.81
CA ALA A 314 -39.60 -10.58 7.91
C ALA A 314 -40.11 -10.94 9.29
N ILE A 315 -39.63 -12.05 9.84
CA ILE A 315 -40.05 -12.47 11.18
C ILE A 315 -39.57 -11.46 12.22
N THR A 316 -38.34 -10.95 12.07
CA THR A 316 -37.83 -9.95 13.00
C THR A 316 -38.67 -8.67 12.95
N THR A 317 -39.01 -8.21 11.75
CA THR A 317 -39.83 -7.01 11.61
C THR A 317 -41.22 -7.23 12.18
N LEU A 318 -41.81 -8.40 11.94
CA LEU A 318 -43.12 -8.71 12.49
C LEU A 318 -43.10 -8.73 14.02
N GLN A 319 -42.06 -9.34 14.60
CA GLN A 319 -41.93 -9.35 16.06
C GLN A 319 -41.76 -7.96 16.62
N PHE A 320 -40.95 -7.12 15.96
CA PHE A 320 -40.77 -5.75 16.41
C PHE A 320 -42.07 -4.97 16.34
N TRP A 321 -42.83 -5.14 15.26
CA TRP A 321 -44.11 -4.44 15.13
C TRP A 321 -45.11 -4.92 16.17
N ALA A 322 -45.16 -6.24 16.42
CA ALA A 322 -46.08 -6.77 17.42
C ALA A 322 -45.74 -6.28 18.81
N THR A 323 -44.44 -6.22 19.14
CA THR A 323 -44.03 -5.68 20.44
C THR A 323 -44.33 -4.19 20.52
N SER A 324 -44.18 -3.48 19.41
CA SER A 324 -44.44 -2.04 19.38
C SER A 324 -45.89 -1.74 19.70
N SER A 325 -46.10 -0.69 20.50
CA SER A 325 -47.47 -0.27 20.83
C SER A 325 -48.21 0.22 19.60
N GLY A 326 -47.54 1.00 18.76
CA GLY A 326 -48.16 1.51 17.56
C GLY A 326 -47.53 2.84 17.18
N SER A 327 -48.01 3.37 16.05
CA SER A 327 -47.58 4.66 15.52
C SER A 327 -46.06 4.69 15.30
N LEU A 328 -45.52 3.58 14.82
CA LEU A 328 -44.09 3.46 14.55
C LEU A 328 -43.87 2.97 13.14
N PRO A 329 -43.10 3.68 12.31
CA PRO A 329 -42.81 3.21 10.95
C PRO A 329 -41.73 2.14 10.95
N ILE A 330 -42.12 0.93 10.57
CA ILE A 330 -41.17 -0.18 10.56
C ILE A 330 -40.15 0.01 9.44
N SER A 331 -38.98 -0.60 9.60
CA SER A 331 -37.88 -0.47 8.67
C SER A 331 -37.46 -1.85 8.17
N THR A 332 -36.77 -1.85 7.03
CA THR A 332 -36.35 -3.08 6.36
C THR A 332 -34.89 -2.92 5.95
N ARG A 333 -34.21 -4.06 5.73
CA ARG A 333 -32.78 -4.05 5.41
C ARG A 333 -32.47 -3.19 4.20
N GLU A 334 -33.37 -3.15 3.21
CA GLU A 334 -33.12 -2.52 1.92
C GLU A 334 -31.87 -3.12 1.25
N SER A 335 -32.00 -4.41 0.93
CA SER A 335 -30.90 -5.17 0.38
C SER A 335 -30.47 -4.60 -0.97
N THR A 336 -29.17 -4.70 -1.24
CA THR A 336 -28.59 -4.11 -2.44
C THR A 336 -29.04 -4.87 -3.69
N ILE A 337 -29.11 -4.14 -4.80
CA ILE A 337 -29.51 -4.70 -6.08
C ILE A 337 -28.33 -5.40 -6.73
N SER A 338 -28.58 -6.17 -7.79
CA SER A 338 -27.54 -6.94 -8.45
C SER A 338 -26.90 -6.11 -9.57
N TYR A 339 -25.93 -6.74 -10.26
CA TYR A 339 -25.24 -6.06 -11.35
C TYR A 339 -26.15 -5.88 -12.55
N PHE A 340 -26.75 -6.97 -13.03
CA PHE A 340 -27.70 -6.86 -14.14
C PHE A 340 -28.95 -6.09 -13.74
N HIS A 341 -29.32 -6.13 -12.46
CA HIS A 341 -30.44 -5.32 -11.99
C HIS A 341 -30.12 -3.83 -12.14
N ALA A 342 -28.90 -3.43 -11.77
CA ALA A 342 -28.48 -2.04 -11.94
C ALA A 342 -28.41 -1.68 -13.42
N ILE A 343 -27.93 -2.61 -14.26
CA ILE A 343 -27.85 -2.36 -15.70
C ILE A 343 -29.24 -2.11 -16.26
N GLY A 344 -30.21 -2.95 -15.86
CA GLY A 344 -31.58 -2.74 -16.31
C GLY A 344 -32.19 -1.46 -15.79
N LYS A 345 -31.84 -1.08 -14.55
CA LYS A 345 -32.32 0.17 -13.99
C LYS A 345 -31.80 1.38 -14.77
N VAL A 346 -30.52 1.34 -15.16
CA VAL A 346 -29.96 2.47 -15.90
C VAL A 346 -30.55 2.54 -17.30
N ILE A 347 -30.76 1.39 -17.95
CA ILE A 347 -31.20 1.39 -19.34
C ILE A 347 -32.71 1.54 -19.44
N HIS A 348 -33.46 0.68 -18.74
CA HIS A 348 -34.92 0.67 -18.85
C HIS A 348 -35.55 1.69 -17.90
N GLY A 349 -35.27 1.55 -16.61
CA GLY A 349 -35.83 2.46 -15.62
C GLY A 349 -36.47 1.76 -14.45
N SER A 350 -36.85 2.52 -13.43
CA SER A 350 -37.45 1.98 -12.21
C SER A 350 -38.91 2.42 -12.13
N HIS A 351 -39.80 1.45 -12.00
CA HIS A 351 -41.23 1.76 -11.85
C HIS A 351 -41.57 2.28 -10.47
N SER A 352 -40.81 1.86 -9.44
CA SER A 352 -41.10 2.30 -8.08
C SER A 352 -40.85 3.80 -7.92
N THR A 353 -39.77 4.32 -8.51
CA THR A 353 -39.41 5.72 -8.42
C THR A 353 -39.61 6.35 -9.80
N ASN A 354 -40.69 7.12 -9.95
CA ASN A 354 -40.95 7.77 -11.22
C ASN A 354 -39.96 8.90 -11.48
N ASN A 355 -39.56 9.61 -10.43
CA ASN A 355 -38.60 10.71 -10.59
C ASN A 355 -37.23 10.16 -10.95
N ASP A 356 -36.59 10.79 -11.94
CA ASP A 356 -35.28 10.33 -12.40
C ASP A 356 -34.16 10.72 -11.43
N ASN A 357 -34.28 11.89 -10.81
CA ASN A 357 -33.20 12.38 -9.95
C ASN A 357 -33.05 11.52 -8.70
N GLU A 358 -34.16 11.12 -8.07
CA GLU A 358 -34.09 10.36 -6.84
C GLU A 358 -33.67 8.91 -7.06
N MET A 359 -33.91 8.36 -8.26
CA MET A 359 -33.54 6.97 -8.52
C MET A 359 -32.03 6.81 -8.55
N ILE A 360 -31.34 7.67 -9.29
CA ILE A 360 -29.89 7.56 -9.40
C ILE A 360 -29.21 7.94 -8.09
N ASN A 361 -29.73 8.98 -7.42
CA ASN A 361 -29.13 9.41 -6.15
C ASN A 361 -29.25 8.34 -5.08
N ASN A 362 -30.41 7.69 -4.98
CA ASN A 362 -30.57 6.60 -4.03
C ASN A 362 -29.71 5.40 -4.40
N LEU A 363 -29.57 5.13 -5.70
CA LEU A 363 -28.75 4.01 -6.15
C LEU A 363 -27.27 4.25 -5.85
N PHE A 364 -26.81 5.50 -5.93
CA PHE A 364 -25.42 5.82 -5.61
C PHE A 364 -25.11 5.52 -4.15
N GLU A 365 -25.91 6.07 -3.23
CA GLU A 365 -25.71 5.78 -1.81
C GLU A 365 -26.03 4.34 -1.46
N ASN A 366 -26.77 3.63 -2.31
CA ASN A 366 -27.02 2.21 -2.08
C ASN A 366 -25.79 1.38 -2.41
N SER A 367 -25.36 1.39 -3.68
CA SER A 367 -24.15 0.68 -4.10
C SER A 367 -23.27 1.60 -4.94
N ASN A 368 -22.49 2.45 -4.25
CA ASN A 368 -21.35 3.10 -4.89
C ASN A 368 -20.21 2.12 -5.15
N ASN A 369 -20.13 1.02 -4.38
CA ASN A 369 -19.04 0.07 -4.54
C ASN A 369 -19.05 -0.62 -5.89
N LEU A 370 -20.20 -0.65 -6.57
CA LEU A 370 -20.30 -1.24 -7.91
C LEU A 370 -20.20 -0.21 -9.02
N LEU A 371 -20.79 0.97 -8.82
CA LEU A 371 -20.70 2.02 -9.83
C LEU A 371 -19.28 2.58 -9.93
N SER A 372 -18.59 2.73 -8.79
CA SER A 372 -17.20 3.17 -8.79
C SER A 372 -16.28 1.97 -8.99
N LYS A 373 -16.49 1.29 -10.11
CA LYS A 373 -15.76 0.08 -10.46
C LYS A 373 -15.81 -0.09 -11.96
N GLU A 374 -14.71 -0.58 -12.53
CA GLU A 374 -14.63 -0.77 -13.96
C GLU A 374 -15.59 -1.88 -14.41
N ASP A 375 -15.75 -1.97 -15.74
CA ASP A 375 -16.56 -2.95 -16.46
C ASP A 375 -18.06 -2.68 -16.31
N PHE A 376 -18.44 -1.74 -15.43
CA PHE A 376 -19.83 -1.31 -15.39
C PHE A 376 -20.16 -0.40 -16.55
N LYS A 377 -19.25 0.53 -16.88
CA LYS A 377 -19.43 1.36 -18.06
C LYS A 377 -19.38 0.53 -19.33
N LEU A 378 -18.53 -0.51 -19.35
CA LEU A 378 -18.52 -1.45 -20.47
C LEU A 378 -19.83 -2.23 -20.55
N GLY A 379 -20.39 -2.60 -19.40
CA GLY A 379 -21.70 -3.25 -19.40
C GLY A 379 -22.79 -2.37 -19.95
N ILE A 380 -22.75 -1.08 -19.62
CA ILE A 380 -23.67 -0.13 -20.22
C ILE A 380 -23.44 -0.01 -21.72
N LEU A 381 -22.16 -0.03 -22.12
CA LEU A 381 -21.81 0.06 -23.54
C LEU A 381 -22.30 -1.13 -24.34
N GLU A 382 -22.32 -2.32 -23.74
CA GLU A 382 -22.70 -3.51 -24.48
C GLU A 382 -24.21 -3.77 -24.46
N ASN A 383 -24.92 -3.30 -23.44
CA ASN A 383 -26.34 -3.61 -23.27
C ASN A 383 -27.26 -2.46 -23.64
N TYR A 384 -26.73 -1.34 -24.13
CA TYR A 384 -27.59 -0.21 -24.46
C TYR A 384 -28.30 -0.39 -25.80
N ASN A 385 -27.86 -1.33 -26.63
CA ASN A 385 -28.51 -1.61 -27.90
C ASN A 385 -29.66 -2.60 -27.77
N THR A 386 -29.91 -3.12 -26.57
CA THR A 386 -31.00 -4.05 -26.32
C THR A 386 -32.27 -3.36 -25.88
N PHE A 387 -32.31 -2.03 -25.86
CA PHE A 387 -33.51 -1.31 -25.45
C PHE A 387 -34.67 -1.59 -26.39
N ASN A 388 -34.41 -1.60 -27.70
CA ASN A 388 -35.44 -1.90 -28.70
C ASN A 388 -34.88 -2.84 -29.75
N LYS A 389 -34.04 -3.78 -29.32
CA LYS A 389 -33.35 -4.73 -30.21
C LYS A 389 -32.57 -4.00 -31.30
N GLY A 390 -31.93 -2.90 -30.92
CA GLY A 390 -31.17 -2.09 -31.86
C GLY A 390 -32.00 -1.41 -32.92
N GLU A 391 -33.16 -0.87 -32.53
CA GLU A 391 -34.07 -0.20 -33.45
C GLU A 391 -34.46 1.17 -32.90
N PHE A 392 -33.45 1.93 -32.46
CA PHE A 392 -33.69 3.27 -31.94
C PHE A 392 -32.82 4.29 -32.69
N SER A 393 -32.79 5.52 -32.19
CA SER A 393 -32.14 6.61 -32.90
C SER A 393 -30.63 6.42 -32.94
N ILE A 394 -30.07 6.41 -34.15
CA ILE A 394 -28.63 6.30 -34.32
C ILE A 394 -27.93 7.54 -33.75
N SER A 395 -28.55 8.71 -33.88
CA SER A 395 -28.00 9.92 -33.27
C SER A 395 -27.97 9.81 -31.75
N ASP A 396 -29.04 9.26 -31.16
CA ASP A 396 -29.06 9.05 -29.72
C ASP A 396 -27.99 8.06 -29.28
N ALA A 397 -27.82 6.98 -30.05
CA ALA A 397 -26.75 6.02 -29.73
C ALA A 397 -25.38 6.66 -29.82
N SER A 398 -25.15 7.48 -30.84
CA SER A 398 -23.87 8.17 -30.99
C SER A 398 -23.63 9.12 -29.84
N SER A 399 -24.66 9.85 -29.42
CA SER A 399 -24.52 10.75 -28.28
C SER A 399 -24.21 9.98 -27.00
N ILE A 400 -24.86 8.84 -26.80
CA ILE A 400 -24.61 8.04 -25.61
C ILE A 400 -23.16 7.53 -25.60
N VAL A 401 -22.70 6.99 -26.72
CA VAL A 401 -21.34 6.45 -26.77
C VAL A 401 -20.32 7.57 -26.62
N ASP A 402 -20.59 8.74 -27.21
CA ASP A 402 -19.70 9.88 -27.05
C ASP A 402 -19.63 10.33 -25.59
N CYS A 403 -20.77 10.33 -24.89
CA CYS A 403 -20.77 10.71 -23.48
C CYS A 403 -20.00 9.71 -22.64
N LEU A 404 -20.14 8.41 -22.90
CA LEU A 404 -19.34 7.42 -22.19
C LEU A 404 -17.85 7.58 -22.48
N SER A 405 -17.49 7.87 -23.74
CA SER A 405 -16.09 8.08 -24.08
C SER A 405 -15.53 9.30 -23.36
N GLU A 406 -16.33 10.37 -23.26
CA GLU A 406 -15.88 11.56 -22.54
C GLU A 406 -15.77 11.28 -21.04
N CYS A 407 -16.67 10.45 -20.50
CA CYS A 407 -16.57 10.06 -19.10
C CYS A 407 -15.32 9.25 -18.83
N ASP A 408 -14.89 8.45 -19.81
CA ASP A 408 -13.69 7.63 -19.66
C ASP A 408 -12.42 8.44 -19.46
N ASN A 409 -12.43 9.73 -19.77
CA ASN A 409 -11.26 10.58 -19.65
C ASN A 409 -11.09 11.19 -18.25
N MET A 410 -12.02 10.94 -17.33
CA MET A 410 -11.97 11.53 -16.00
C MET A 410 -11.30 10.61 -14.99
N ASN A 411 -10.54 9.62 -15.46
CA ASN A 411 -9.71 8.75 -14.61
C ASN A 411 -10.54 7.98 -13.58
N GLY A 412 -11.78 7.63 -13.95
CA GLY A 412 -12.63 6.85 -13.07
C GLY A 412 -12.99 7.55 -11.77
N LEU A 413 -13.75 8.64 -11.87
CA LEU A 413 -14.16 9.42 -10.73
C LEU A 413 -15.66 9.26 -10.49
N PRO A 414 -16.13 9.48 -9.26
CA PRO A 414 -17.58 9.43 -9.02
C PRO A 414 -18.37 10.42 -9.86
N GLU A 415 -17.79 11.58 -10.18
CA GLU A 415 -18.46 12.52 -11.06
C GLU A 415 -18.58 11.96 -12.48
N SER A 416 -17.58 11.21 -12.92
CA SER A 416 -17.63 10.61 -14.25
C SER A 416 -18.75 9.59 -14.37
N ASN A 417 -18.93 8.76 -13.33
CA ASN A 417 -19.97 7.74 -13.38
C ASN A 417 -21.36 8.36 -13.38
N GLU A 418 -21.54 9.46 -12.64
CA GLU A 418 -22.86 10.08 -12.53
C GLU A 418 -23.31 10.68 -13.86
N TYR A 419 -22.40 11.33 -14.59
CA TYR A 419 -22.79 12.03 -15.81
C TYR A 419 -23.20 11.05 -16.90
N GLY A 420 -22.42 9.98 -17.11
CA GLY A 420 -22.73 9.04 -18.17
C GLY A 420 -24.04 8.30 -17.93
N LEU A 421 -24.25 7.82 -16.71
CA LEU A 421 -25.48 7.12 -16.39
C LEU A 421 -26.69 8.05 -16.48
N ARG A 422 -26.53 9.30 -16.03
CA ARG A 422 -27.62 10.26 -16.13
C ARG A 422 -27.97 10.54 -17.59
N GLU A 423 -26.95 10.69 -18.44
CA GLU A 423 -27.21 10.93 -19.86
C GLU A 423 -27.90 9.72 -20.50
N VAL A 424 -27.44 8.51 -20.16
CA VAL A 424 -28.05 7.31 -20.72
C VAL A 424 -29.51 7.19 -20.30
N ARG A 425 -29.79 7.44 -19.01
CA ARG A 425 -31.16 7.36 -18.53
C ARG A 425 -32.04 8.44 -19.16
N LYS A 426 -31.51 9.66 -19.32
CA LYS A 426 -32.29 10.73 -19.94
C LYS A 426 -32.60 10.39 -21.40
N THR A 427 -31.61 9.86 -22.14
CA THR A 427 -31.85 9.51 -23.53
C THR A 427 -32.88 8.39 -23.65
N PHE A 428 -32.75 7.36 -22.80
CA PHE A 428 -33.68 6.24 -22.88
C PHE A 428 -35.07 6.61 -22.40
N ARG A 429 -35.18 7.62 -21.53
CA ARG A 429 -36.49 8.15 -21.18
C ARG A 429 -37.08 8.96 -22.32
N ASN A 430 -36.22 9.70 -23.05
CA ASN A 430 -36.69 10.45 -24.21
C ASN A 430 -37.20 9.53 -25.29
N ILE A 431 -36.55 8.39 -25.50
CA ILE A 431 -36.97 7.42 -26.51
C ILE A 431 -37.74 6.26 -25.88
N SER A 432 -38.31 6.46 -24.69
CA SER A 432 -39.01 5.38 -24.00
C SER A 432 -40.31 4.96 -24.69
N LYS A 433 -40.86 5.81 -25.56
CA LYS A 433 -42.09 5.47 -26.25
C LYS A 433 -41.91 4.26 -27.17
N GLN A 434 -40.78 4.20 -27.87
CA GLN A 434 -40.48 3.07 -28.75
C GLN A 434 -39.66 2.02 -28.01
N GLY A 435 -40.26 1.49 -26.95
CA GLY A 435 -39.60 0.48 -26.13
C GLY A 435 -40.52 -0.66 -25.74
N HIS A 436 -41.46 -1.00 -26.63
CA HIS A 436 -42.41 -2.07 -26.33
C HIS A 436 -41.71 -3.42 -26.18
N ASN A 437 -40.75 -3.72 -27.07
CA ASN A 437 -40.02 -4.97 -27.06
C ASN A 437 -38.55 -4.69 -26.86
N HIS A 438 -37.94 -5.35 -25.88
CA HIS A 438 -36.53 -5.20 -25.56
C HIS A 438 -35.80 -6.51 -25.84
N GLY A 439 -34.51 -6.52 -25.54
CA GLY A 439 -33.70 -7.71 -25.74
C GLY A 439 -33.00 -8.16 -24.47
N THR A 440 -32.13 -9.15 -24.59
CA THR A 440 -31.39 -9.68 -23.45
C THR A 440 -30.05 -8.96 -23.32
N VAL A 441 -29.60 -8.82 -22.08
CA VAL A 441 -28.35 -8.13 -21.78
C VAL A 441 -27.24 -9.17 -21.62
N TYR A 442 -26.03 -8.78 -21.97
CA TYR A 442 -24.87 -9.67 -21.92
C TYR A 442 -23.73 -8.99 -21.16
N PHE A 443 -23.17 -9.70 -20.19
CA PHE A 443 -22.02 -9.18 -19.46
C PHE A 443 -20.83 -9.16 -20.42
N PRO A 444 -20.08 -8.06 -20.49
CA PRO A 444 -19.07 -7.92 -21.54
C PRO A 444 -18.01 -9.01 -21.50
N ARG A 445 -17.51 -9.37 -22.69
CA ARG A 445 -16.63 -10.52 -22.90
C ARG A 445 -15.15 -10.15 -22.78
N GLU A 446 -14.81 -9.17 -21.94
CA GLU A 446 -13.44 -8.69 -21.84
C GLU A 446 -12.47 -9.80 -21.42
N TRP A 447 -12.95 -10.81 -20.68
CA TRP A 447 -12.03 -11.86 -20.23
C TRP A 447 -11.54 -12.67 -21.42
N LYS A 448 -12.44 -12.92 -22.38
CA LYS A 448 -12.06 -13.66 -23.59
C LYS A 448 -11.05 -12.87 -24.42
N VAL A 449 -11.26 -11.55 -24.54
CA VAL A 449 -10.32 -10.72 -25.28
C VAL A 449 -8.95 -10.75 -24.61
N ARG A 450 -8.92 -10.66 -23.28
CA ARG A 450 -7.64 -10.73 -22.57
C ARG A 450 -7.00 -12.11 -22.72
N LYS A 451 -7.82 -13.17 -22.76
CA LYS A 451 -7.28 -14.52 -22.90
C LYS A 451 -6.66 -14.72 -24.28
N LEU A 452 -7.34 -14.28 -25.34
CA LEU A 452 -6.72 -14.35 -26.66
C LEU A 452 -5.51 -13.44 -26.77
N GLN A 453 -5.52 -12.30 -26.08
CA GLN A 453 -4.34 -11.43 -26.07
C GLN A 453 -3.16 -12.14 -25.42
N ASN A 454 -3.40 -12.82 -24.30
CA ASN A 454 -2.32 -13.56 -23.63
C ASN A 454 -1.83 -14.72 -24.49
N SER A 455 -2.75 -15.42 -25.16
CA SER A 455 -2.34 -16.51 -26.05
C SER A 455 -1.51 -16.00 -27.21
N PHE A 456 -1.92 -14.87 -27.80
CA PHE A 456 -1.14 -14.29 -28.88
C PHE A 456 0.21 -13.78 -28.39
N LYS A 457 0.25 -13.26 -27.16
CA LYS A 457 1.50 -12.81 -26.58
C LYS A 457 2.48 -13.96 -26.38
N VAL A 458 2.00 -15.08 -25.84
CA VAL A 458 2.91 -16.21 -25.62
C VAL A 458 3.29 -16.85 -26.96
N GLN A 459 2.38 -16.84 -27.94
CA GLN A 459 2.73 -17.34 -29.26
C GLN A 459 3.81 -16.47 -29.91
N ALA A 460 3.69 -15.15 -29.77
CA ALA A 460 4.71 -14.25 -30.29
C ALA A 460 6.03 -14.41 -29.57
N GLU A 461 5.99 -14.65 -28.25
CA GLU A 461 7.20 -14.91 -27.49
C GLU A 461 7.88 -16.18 -27.98
N ASP A 462 7.10 -17.24 -28.22
CA ASP A 462 7.67 -18.47 -28.76
C ASP A 462 8.25 -18.26 -30.15
N TRP A 463 7.56 -17.47 -30.98
CA TRP A 463 8.04 -17.18 -32.33
C TRP A 463 9.36 -16.42 -32.29
N LEU A 464 9.46 -15.44 -31.40
CA LEU A 464 10.72 -14.71 -31.25
C LEU A 464 11.83 -15.61 -30.71
N ASN A 465 11.49 -16.52 -29.80
CA ASN A 465 12.49 -17.43 -29.24
C ASN A 465 13.03 -18.37 -30.31
N VAL A 466 12.15 -18.91 -31.17
CA VAL A 466 12.61 -19.85 -32.19
C VAL A 466 13.27 -19.13 -33.37
N SER A 467 12.94 -17.87 -33.60
CA SER A 467 13.52 -17.11 -34.70
C SER A 467 14.83 -16.44 -34.34
N LEU A 468 15.22 -16.45 -33.07
CA LEU A 468 16.47 -15.82 -32.64
C LEU A 468 17.57 -16.83 -32.35
N TYR A 469 17.29 -18.13 -32.50
CA TYR A 469 18.28 -19.17 -32.24
C TYR A 469 19.08 -19.55 -33.48
N LYS A 470 18.73 -19.04 -34.66
CA LYS A 470 19.45 -19.35 -35.89
C LYS A 470 19.91 -18.12 -36.66
N TYR A 471 19.33 -16.95 -36.40
CA TYR A 471 19.82 -15.70 -36.98
C TYR A 471 19.47 -14.57 -36.03
N ASN A 472 19.62 -13.34 -36.49
CA ASN A 472 19.24 -12.16 -35.72
C ASN A 472 18.01 -11.49 -36.33
N ALA A 473 17.11 -11.04 -35.47
CA ALA A 473 15.88 -10.41 -35.91
C ALA A 473 15.35 -9.53 -34.78
N VAL A 474 15.54 -8.22 -34.89
CA VAL A 474 14.99 -7.26 -33.94
C VAL A 474 14.05 -6.33 -34.71
N HIS A 475 12.79 -6.30 -34.29
CA HIS A 475 11.80 -5.42 -34.90
C HIS A 475 10.82 -4.86 -33.87
N SER A 476 11.09 -5.04 -32.57
CA SER A 476 10.19 -4.68 -31.48
C SER A 476 8.87 -5.46 -31.54
N PHE A 477 8.03 -5.31 -30.52
CA PHE A 477 6.79 -6.08 -30.46
C PHE A 477 5.73 -5.53 -31.41
N ARG A 478 5.78 -4.23 -31.73
CA ARG A 478 4.74 -3.64 -32.56
C ARG A 478 4.77 -4.17 -33.98
N ASN A 479 5.96 -4.36 -34.54
CA ASN A 479 6.07 -4.86 -35.92
C ASN A 479 5.69 -6.33 -36.02
N ILE A 480 5.91 -7.10 -34.95
CA ILE A 480 5.52 -8.50 -34.95
C ILE A 480 4.01 -8.64 -35.03
N THR A 481 3.29 -7.81 -34.25
CA THR A 481 1.83 -7.90 -34.23
C THR A 481 1.21 -7.35 -35.52
N LEU A 482 1.81 -6.29 -36.07
CA LEU A 482 1.19 -5.61 -37.20
C LEU A 482 1.62 -6.22 -38.53
N GLU A 483 2.93 -6.38 -38.75
CA GLU A 483 3.45 -6.81 -40.04
C GLU A 483 3.78 -8.30 -40.09
N PHE A 484 4.40 -8.83 -39.03
CA PHE A 484 4.80 -10.22 -39.00
C PHE A 484 3.72 -11.15 -38.47
N GLY A 485 2.53 -10.62 -38.14
CA GLY A 485 1.45 -11.47 -37.68
C GLY A 485 0.80 -12.30 -38.76
N TYR A 486 0.92 -11.87 -40.02
CA TYR A 486 0.33 -12.59 -41.15
C TYR A 486 1.34 -12.90 -42.24
N TYR A 487 2.29 -12.00 -42.50
CA TYR A 487 3.31 -12.25 -43.51
C TYR A 487 4.24 -13.39 -43.11
N ALA A 488 4.68 -13.42 -41.85
CA ALA A 488 5.62 -14.46 -41.42
C ALA A 488 5.05 -15.86 -41.52
N PRO A 489 3.84 -16.17 -41.03
CA PRO A 489 3.32 -17.53 -41.27
C PRO A 489 3.08 -17.85 -42.73
N LEU A 490 2.78 -16.84 -43.55
CA LEU A 490 2.54 -17.08 -44.97
C LEU A 490 3.80 -17.57 -45.67
N ILE A 491 4.95 -16.97 -45.34
CA ILE A 491 6.20 -17.36 -46.00
C ILE A 491 6.63 -18.76 -45.59
N ARG A 492 6.51 -19.09 -44.30
CA ARG A 492 6.84 -20.43 -43.84
C ARG A 492 5.87 -21.48 -44.37
N LYS A 493 4.66 -21.08 -44.73
CA LYS A 493 3.70 -22.03 -45.30
C LYS A 493 4.19 -22.57 -46.64
N CYS A 494 4.72 -21.70 -47.50
CA CYS A 494 5.25 -22.14 -48.78
C CYS A 494 6.51 -22.97 -48.60
N GLN A 495 7.37 -22.57 -47.67
CA GLN A 495 8.62 -23.29 -47.42
C GLN A 495 8.39 -24.47 -46.47
N LEU B 7 -10.87 23.11 35.77
CA LEU B 7 -11.26 21.94 34.99
C LEU B 7 -12.72 22.02 34.57
N GLN B 8 -13.02 22.95 33.67
CA GLN B 8 -14.39 23.13 33.19
C GLN B 8 -14.69 22.14 32.07
N LEU B 9 -15.59 21.21 32.34
CA LEU B 9 -15.94 20.19 31.36
C LEU B 9 -16.76 20.81 30.23
N PRO B 10 -16.47 20.49 28.97
CA PRO B 10 -17.21 21.10 27.86
C PRO B 10 -18.67 20.67 27.85
N TRP B 11 -19.51 21.52 27.28
CA TRP B 11 -20.96 21.32 27.30
C TRP B 11 -21.38 20.07 26.54
N VAL B 12 -20.59 19.61 25.57
CA VAL B 12 -20.93 18.41 24.82
C VAL B 12 -20.88 17.18 25.72
N GLU B 13 -19.94 17.15 26.67
CA GLU B 13 -19.79 16.05 27.61
C GLU B 13 -20.46 16.32 28.95
N LYS B 14 -20.46 17.57 29.41
CA LYS B 14 -21.06 17.90 30.69
C LYS B 14 -22.58 17.75 30.65
N TYR B 15 -23.20 18.14 29.54
CA TYR B 15 -24.66 18.16 29.42
C TYR B 15 -25.20 17.02 28.56
N ARG B 16 -24.41 15.96 28.38
CA ARG B 16 -24.92 14.80 27.67
C ARG B 16 -26.01 14.11 28.48
N PRO B 17 -27.02 13.55 27.83
CA PRO B 17 -28.11 12.89 28.57
C PRO B 17 -27.63 11.64 29.28
N GLN B 18 -28.24 11.37 30.44
CA GLN B 18 -28.00 10.16 31.19
C GLN B 18 -29.21 9.24 31.23
N VAL B 19 -30.39 9.74 30.85
CA VAL B 19 -31.61 8.94 30.75
C VAL B 19 -32.26 9.21 29.40
N LEU B 20 -33.10 8.29 28.97
CA LEU B 20 -33.76 8.43 27.68
C LEU B 20 -34.82 9.53 27.68
N SER B 21 -35.25 9.99 28.85
CA SER B 21 -36.25 11.04 28.92
C SER B 21 -35.70 12.36 28.38
N ASP B 22 -34.44 12.69 28.68
CA ASP B 22 -33.87 13.95 28.23
C ASP B 22 -33.56 13.95 26.74
N ILE B 23 -33.51 12.79 26.10
CA ILE B 23 -33.21 12.71 24.68
C ILE B 23 -34.45 13.05 23.87
N VAL B 24 -34.31 14.00 22.94
CA VAL B 24 -35.41 14.45 22.11
C VAL B 24 -34.96 14.40 20.64
N GLY B 25 -35.93 14.60 19.76
CA GLY B 25 -35.65 14.60 18.33
C GLY B 25 -36.49 13.60 17.56
N ASN B 26 -36.71 12.42 18.14
CA ASN B 26 -37.53 11.38 17.53
C ASN B 26 -38.39 10.79 18.65
N LYS B 27 -39.60 11.33 18.80
CA LYS B 27 -40.47 10.92 19.90
C LYS B 27 -40.86 9.44 19.79
N GLU B 28 -41.16 8.98 18.57
CA GLU B 28 -41.55 7.59 18.39
C GLU B 28 -40.43 6.63 18.76
N THR B 29 -39.20 6.94 18.35
CA THR B 29 -38.08 6.05 18.63
C THR B 29 -37.75 6.03 20.12
N ILE B 30 -37.79 7.19 20.79
CA ILE B 30 -37.54 7.23 22.23
C ILE B 30 -38.64 6.48 22.99
N ASP B 31 -39.89 6.64 22.56
CA ASP B 31 -40.99 5.90 23.19
C ASP B 31 -40.82 4.40 22.98
N ARG B 32 -40.40 3.98 21.80
CA ARG B 32 -40.15 2.56 21.54
C ARG B 32 -39.01 2.03 22.41
N LEU B 33 -37.95 2.82 22.57
CA LEU B 33 -36.84 2.40 23.43
C LEU B 33 -37.29 2.28 24.88
N GLN B 34 -38.09 3.24 25.36
CA GLN B 34 -38.60 3.15 26.73
C GLN B 34 -39.49 1.93 26.91
N GLN B 35 -40.35 1.65 25.92
CA GLN B 35 -41.23 0.50 26.00
C GLN B 35 -40.44 -0.81 26.00
N ILE B 36 -39.43 -0.91 25.15
CA ILE B 36 -38.64 -2.14 25.08
C ILE B 36 -37.74 -2.29 26.29
N ALA B 37 -37.39 -1.20 26.96
CA ALA B 37 -36.66 -1.31 28.22
C ALA B 37 -37.58 -1.75 29.35
N LYS B 38 -38.80 -1.22 29.39
CA LYS B 38 -39.76 -1.64 30.40
C LYS B 38 -40.12 -3.11 30.24
N ASP B 39 -40.34 -3.56 29.00
CA ASP B 39 -40.61 -4.98 28.76
C ASP B 39 -39.35 -5.80 28.97
N GLY B 40 -38.21 -5.32 28.49
CA GLY B 40 -36.94 -6.01 28.65
C GLY B 40 -36.57 -6.95 27.53
N ASN B 41 -37.48 -7.25 26.61
CA ASN B 41 -37.21 -8.15 25.49
C ASN B 41 -36.59 -7.32 24.37
N MET B 42 -35.28 -7.13 24.45
CA MET B 42 -34.56 -6.30 23.48
C MET B 42 -33.75 -7.18 22.55
N PRO B 43 -34.15 -7.34 21.29
CA PRO B 43 -33.38 -8.14 20.34
C PRO B 43 -32.26 -7.31 19.73
N HIS B 44 -31.55 -7.92 18.78
CA HIS B 44 -30.48 -7.22 18.08
C HIS B 44 -31.05 -6.08 17.24
N MET B 45 -30.28 -5.01 17.11
CA MET B 45 -30.72 -3.84 16.35
C MET B 45 -29.51 -3.13 15.77
N ILE B 46 -29.77 -2.38 14.69
CA ILE B 46 -28.77 -1.53 14.06
C ILE B 46 -29.30 -0.11 14.02
N ILE B 47 -28.51 0.83 14.53
CA ILE B 47 -28.89 2.24 14.59
C ILE B 47 -27.99 3.01 13.64
N SER B 48 -28.60 3.72 12.69
CA SER B 48 -27.87 4.46 11.68
C SER B 48 -28.49 5.83 11.49
N GLY B 49 -27.67 6.75 11.03
CA GLY B 49 -28.12 8.11 10.78
C GLY B 49 -26.95 9.05 10.61
N MET B 50 -27.27 10.29 10.29
CA MET B 50 -26.24 11.31 10.13
C MET B 50 -25.61 11.60 11.49
N PRO B 51 -24.30 11.89 11.53
CA PRO B 51 -23.63 12.06 12.82
C PRO B 51 -24.14 13.27 13.59
N GLY B 52 -24.09 13.16 14.91
CA GLY B 52 -24.52 14.23 15.78
C GLY B 52 -25.99 14.30 16.10
N ILE B 53 -26.71 13.18 15.97
CA ILE B 53 -28.15 13.16 16.24
C ILE B 53 -28.50 12.46 17.55
N GLY B 54 -27.55 11.78 18.19
CA GLY B 54 -27.83 11.15 19.47
C GLY B 54 -28.05 9.65 19.40
N LYS B 55 -27.18 8.95 18.67
CA LYS B 55 -27.31 7.50 18.53
C LYS B 55 -26.59 6.75 19.65
N THR B 56 -25.28 6.95 19.78
CA THR B 56 -24.50 6.22 20.77
C THR B 56 -24.88 6.62 22.20
N THR B 57 -25.23 7.89 22.43
CA THR B 57 -25.70 8.28 23.75
C THR B 57 -27.06 7.66 24.06
N SER B 58 -27.92 7.50 23.04
CA SER B 58 -29.18 6.80 23.26
C SER B 58 -28.95 5.34 23.60
N VAL B 59 -28.00 4.69 22.92
CA VAL B 59 -27.68 3.30 23.23
C VAL B 59 -27.15 3.17 24.65
N HIS B 60 -26.25 4.07 25.04
CA HIS B 60 -25.68 4.03 26.39
C HIS B 60 -26.76 4.27 27.44
N CYS B 61 -27.64 5.24 27.21
CA CYS B 61 -28.72 5.50 28.17
C CYS B 61 -29.68 4.33 28.26
N LEU B 62 -29.99 3.69 27.12
CA LEU B 62 -30.87 2.53 27.13
C LEU B 62 -30.25 1.38 27.93
N ALA B 63 -28.95 1.12 27.70
CA ALA B 63 -28.27 0.08 28.46
C ALA B 63 -28.27 0.41 29.95
N HIS B 64 -28.00 1.67 30.30
CA HIS B 64 -28.04 2.11 31.69
C HIS B 64 -29.39 1.82 32.33
N GLU B 65 -30.45 2.44 31.82
CA GLU B 65 -31.75 2.32 32.47
C GLU B 65 -32.44 0.99 32.17
N LEU B 66 -31.76 0.10 31.43
CA LEU B 66 -32.30 -1.25 31.25
C LEU B 66 -31.65 -2.22 32.23
N LEU B 67 -30.34 -2.08 32.48
CA LEU B 67 -29.70 -3.02 33.40
C LEU B 67 -29.32 -2.37 34.73
N GLY B 68 -28.56 -1.28 34.70
CA GLY B 68 -28.11 -0.68 35.95
C GLY B 68 -26.76 -1.21 36.37
N ARG B 69 -26.73 -1.83 37.55
CA ARG B 69 -25.49 -2.34 38.13
C ARG B 69 -24.91 -3.44 37.26
N SER B 70 -25.77 -4.28 36.68
CA SER B 70 -25.30 -5.35 35.81
C SER B 70 -24.57 -4.80 34.59
N TYR B 71 -25.13 -3.77 33.95
CA TYR B 71 -24.46 -3.14 32.82
C TYR B 71 -23.18 -2.47 33.26
N ALA B 72 -23.20 -1.81 34.43
CA ALA B 72 -22.01 -1.11 34.90
C ALA B 72 -20.86 -2.07 35.16
N ASP B 73 -21.14 -3.22 35.77
CA ASP B 73 -20.07 -4.08 36.28
C ASP B 73 -19.72 -5.26 35.38
N GLY B 74 -20.69 -5.82 34.64
CA GLY B 74 -20.44 -7.08 33.98
C GLY B 74 -20.74 -7.18 32.50
N VAL B 75 -20.45 -6.12 31.74
CA VAL B 75 -20.56 -6.16 30.29
C VAL B 75 -19.22 -5.77 29.68
N LEU B 76 -19.07 -6.06 28.39
CA LEU B 76 -17.85 -5.77 27.64
C LEU B 76 -18.25 -4.91 26.44
N GLU B 77 -18.06 -3.60 26.56
CA GLU B 77 -18.40 -2.66 25.49
C GLU B 77 -17.14 -2.32 24.70
N LEU B 78 -17.18 -2.56 23.40
CA LEU B 78 -16.07 -2.27 22.51
C LEU B 78 -16.43 -1.13 21.56
N ASN B 79 -15.51 -0.18 21.41
CA ASN B 79 -15.70 0.91 20.46
C ASN B 79 -14.59 0.93 19.43
N ALA B 80 -14.54 1.99 18.61
CA ALA B 80 -13.60 2.02 17.49
C ALA B 80 -12.15 2.16 17.94
N SER B 81 -11.90 2.54 19.18
CA SER B 81 -10.53 2.72 19.68
C SER B 81 -9.97 1.43 20.28
N ASP B 82 -10.08 0.34 19.53
CA ASP B 82 -9.48 -0.93 19.91
C ASP B 82 -8.96 -1.62 18.67
N ASP B 83 -8.09 -2.62 18.89
CA ASP B 83 -7.58 -3.42 17.78
C ASP B 83 -8.68 -4.33 17.26
N ARG B 84 -9.35 -3.91 16.19
CA ARG B 84 -10.50 -4.65 15.66
C ARG B 84 -10.04 -5.65 14.59
N GLY B 85 -9.06 -6.47 14.97
CA GLY B 85 -8.67 -7.58 14.13
C GLY B 85 -9.67 -8.71 14.20
N ILE B 86 -9.57 -9.63 13.25
CA ILE B 86 -10.51 -10.75 13.19
C ILE B 86 -10.33 -11.67 14.39
N ASP B 87 -9.08 -12.06 14.67
CA ASP B 87 -8.81 -13.05 15.70
C ASP B 87 -9.13 -12.50 17.09
N VAL B 88 -8.66 -11.29 17.40
CA VAL B 88 -8.82 -10.76 18.74
C VAL B 88 -10.29 -10.43 19.03
N VAL B 89 -11.00 -9.87 18.06
CA VAL B 89 -12.42 -9.59 18.25
C VAL B 89 -13.20 -10.89 18.37
N ARG B 90 -12.88 -11.88 17.54
CA ARG B 90 -13.51 -13.19 17.64
C ARG B 90 -13.34 -13.76 19.04
N ASN B 91 -12.12 -13.75 19.56
CA ASN B 91 -11.85 -14.31 20.88
C ASN B 91 -12.57 -13.53 21.97
N GLN B 92 -12.56 -12.20 21.88
CA GLN B 92 -13.17 -11.37 22.92
C GLN B 92 -14.67 -11.56 22.98
N ILE B 93 -15.35 -11.52 21.83
CA ILE B 93 -16.79 -11.74 21.84
C ILE B 93 -17.13 -13.19 22.19
N LYS B 94 -16.25 -14.14 21.86
CA LYS B 94 -16.50 -15.52 22.26
C LYS B 94 -16.46 -15.68 23.77
N HIS B 95 -15.48 -15.05 24.43
CA HIS B 95 -15.48 -15.09 25.90
C HIS B 95 -16.64 -14.29 26.49
N PHE B 96 -17.02 -13.17 25.86
CA PHE B 96 -18.12 -12.38 26.42
C PHE B 96 -19.47 -13.06 26.24
N ALA B 97 -19.62 -13.94 25.25
CA ALA B 97 -20.86 -14.70 25.12
C ALA B 97 -21.04 -15.65 26.30
N GLN B 98 -19.94 -16.14 26.87
CA GLN B 98 -19.97 -16.91 28.11
C GLN B 98 -20.06 -15.95 29.29
N LYS B 99 -19.80 -16.46 30.49
CA LYS B 99 -19.82 -15.69 31.74
C LYS B 99 -21.21 -15.08 31.96
N LYS B 100 -22.16 -15.98 32.19
CA LYS B 100 -23.52 -15.60 32.53
C LYS B 100 -23.64 -15.43 34.05
N LEU B 101 -24.52 -14.52 34.45
CA LEU B 101 -24.76 -14.23 35.86
C LEU B 101 -26.24 -14.48 36.18
N HIS B 102 -26.64 -14.10 37.39
CA HIS B 102 -28.02 -14.26 37.85
C HIS B 102 -28.88 -13.10 37.32
N LEU B 103 -28.98 -13.03 36.00
CA LEU B 103 -29.76 -11.98 35.36
C LEU B 103 -31.25 -12.22 35.58
N PRO B 104 -32.05 -11.16 35.57
CA PRO B 104 -33.50 -11.34 35.62
C PRO B 104 -33.99 -12.05 34.37
N PRO B 105 -35.11 -12.76 34.46
CA PRO B 105 -35.60 -13.50 33.28
C PRO B 105 -35.91 -12.63 32.08
N GLY B 106 -36.25 -11.36 32.30
CA GLY B 106 -36.56 -10.46 31.20
C GLY B 106 -35.40 -9.57 30.80
N LYS B 107 -34.18 -9.95 31.19
CA LYS B 107 -33.00 -9.16 30.89
C LYS B 107 -31.95 -10.03 30.22
N HIS B 108 -31.13 -9.40 29.39
CA HIS B 108 -30.08 -10.11 28.65
C HIS B 108 -28.87 -9.20 28.52
N LYS B 109 -27.71 -9.81 28.27
CA LYS B 109 -26.49 -9.06 28.08
C LYS B 109 -26.55 -8.27 26.78
N ILE B 110 -25.92 -7.09 26.78
CA ILE B 110 -25.89 -6.20 25.63
C ILE B 110 -24.45 -6.02 25.20
N VAL B 111 -24.19 -6.24 23.91
CA VAL B 111 -22.87 -6.01 23.32
C VAL B 111 -22.96 -4.69 22.55
N ILE B 112 -22.46 -3.62 23.15
CA ILE B 112 -22.49 -2.32 22.50
C ILE B 112 -21.38 -2.27 21.46
N LEU B 113 -21.75 -1.91 20.22
CA LEU B 113 -20.82 -1.85 19.09
C LEU B 113 -20.91 -0.45 18.51
N ASP B 114 -19.93 0.39 18.83
CA ASP B 114 -19.90 1.78 18.40
C ASP B 114 -18.98 1.91 17.19
N GLU B 115 -19.49 2.58 16.14
CA GLU B 115 -18.75 2.83 14.90
C GLU B 115 -18.26 1.52 14.29
N ALA B 116 -19.23 0.67 13.91
CA ALA B 116 -18.94 -0.61 13.30
C ALA B 116 -18.80 -0.53 11.79
N ASP B 117 -18.89 0.66 11.21
CA ASP B 117 -18.79 0.81 9.76
C ASP B 117 -17.38 0.54 9.24
N SER B 118 -16.36 0.66 10.08
CA SER B 118 -14.97 0.49 9.67
C SER B 118 -14.41 -0.87 10.06
N MET B 119 -15.25 -1.81 10.48
CA MET B 119 -14.79 -3.11 10.94
C MET B 119 -14.78 -4.11 9.78
N THR B 120 -13.74 -4.94 9.74
CA THR B 120 -13.47 -5.78 8.59
C THR B 120 -14.53 -6.87 8.44
N ALA B 121 -14.63 -7.40 7.21
CA ALA B 121 -15.69 -8.35 6.87
C ALA B 121 -15.52 -9.68 7.60
N GLY B 122 -14.27 -10.11 7.82
CA GLY B 122 -14.05 -11.31 8.59
C GLY B 122 -14.57 -11.20 10.01
N ALA B 123 -14.46 -10.01 10.59
CA ALA B 123 -15.04 -9.77 11.91
C ALA B 123 -16.56 -9.84 11.86
N GLN B 124 -17.17 -9.36 10.76
CA GLN B 124 -18.62 -9.50 10.61
C GLN B 124 -19.02 -10.97 10.54
N GLN B 125 -18.25 -11.79 9.83
CA GLN B 125 -18.56 -13.22 9.77
C GLN B 125 -18.38 -13.89 11.12
N ALA B 126 -17.34 -13.50 11.86
CA ALA B 126 -17.16 -14.04 13.21
C ALA B 126 -18.30 -13.64 14.11
N LEU B 127 -18.78 -12.40 13.98
CA LEU B 127 -19.95 -11.95 14.74
C LEU B 127 -21.19 -12.74 14.35
N ARG B 128 -21.33 -13.05 13.05
CA ARG B 128 -22.45 -13.88 12.61
C ARG B 128 -22.43 -15.24 13.29
N ARG B 129 -21.25 -15.87 13.32
CA ARG B 129 -21.13 -17.17 13.98
C ARG B 129 -21.42 -17.05 15.48
N THR B 130 -20.92 -15.99 16.11
CA THR B 130 -21.15 -15.79 17.54
C THR B 130 -22.63 -15.62 17.84
N MET B 131 -23.35 -14.86 17.02
CA MET B 131 -24.79 -14.72 17.21
C MET B 131 -25.50 -16.05 17.01
N GLU B 132 -25.23 -16.73 15.88
CA GLU B 132 -25.90 -18.00 15.62
C GLU B 132 -25.56 -19.08 16.64
N LEU B 133 -24.49 -18.92 17.41
CA LEU B 133 -24.12 -19.91 18.40
C LEU B 133 -24.57 -19.56 19.82
N TYR B 134 -24.60 -18.27 20.19
CA TYR B 134 -24.96 -17.89 21.55
C TYR B 134 -25.90 -16.68 21.55
N SER B 135 -26.93 -16.69 20.69
CA SER B 135 -27.93 -15.63 20.74
C SER B 135 -28.86 -15.76 21.94
N ASN B 136 -28.91 -16.93 22.58
CA ASN B 136 -29.85 -17.13 23.68
C ASN B 136 -29.44 -16.36 24.94
N SER B 137 -28.14 -16.16 25.15
CA SER B 137 -27.67 -15.55 26.39
C SER B 137 -27.43 -14.05 26.25
N THR B 138 -26.92 -13.60 25.12
CA THR B 138 -26.53 -12.21 24.94
C THR B 138 -27.18 -11.63 23.69
N ARG B 139 -27.29 -10.30 23.68
CA ARG B 139 -27.84 -9.56 22.55
C ARG B 139 -26.84 -8.51 22.10
N PHE B 140 -26.93 -8.12 20.84
CA PHE B 140 -25.99 -7.19 20.23
C PHE B 140 -26.69 -5.87 19.89
N ALA B 141 -25.99 -4.77 20.10
CA ALA B 141 -26.47 -3.44 19.76
C ALA B 141 -25.45 -2.78 18.85
N PHE B 142 -25.92 -2.22 17.74
CA PHE B 142 -25.07 -1.60 16.74
C PHE B 142 -25.31 -0.10 16.69
N ALA B 143 -24.24 0.68 16.77
CA ALA B 143 -24.28 2.13 16.65
C ALA B 143 -23.35 2.53 15.52
N CYS B 144 -23.92 3.07 14.44
CA CYS B 144 -23.15 3.41 13.25
C CYS B 144 -23.81 4.62 12.58
N ASN B 145 -23.27 4.99 11.41
CA ASN B 145 -23.79 6.09 10.62
C ASN B 145 -24.71 5.64 9.49
N GLN B 146 -24.29 4.64 8.73
CA GLN B 146 -25.09 4.10 7.64
C GLN B 146 -25.10 2.59 7.73
N SER B 147 -26.23 1.99 7.31
CA SER B 147 -26.39 0.55 7.35
C SER B 147 -25.78 -0.16 6.15
N ASN B 148 -25.27 0.60 5.17
CA ASN B 148 -24.66 -0.03 4.00
C ASN B 148 -23.34 -0.73 4.35
N LYS B 149 -22.58 -0.17 5.29
CA LYS B 149 -21.30 -0.77 5.67
C LYS B 149 -21.47 -2.08 6.41
N ILE B 150 -22.65 -2.37 6.93
CA ILE B 150 -22.92 -3.66 7.57
C ILE B 150 -23.31 -4.65 6.48
N ILE B 151 -22.71 -5.85 6.53
CA ILE B 151 -22.98 -6.85 5.50
C ILE B 151 -24.44 -7.30 5.58
N GLU B 152 -24.90 -7.88 4.47
CA GLU B 152 -26.30 -8.28 4.36
C GLU B 152 -26.75 -9.31 5.39
N PRO B 153 -26.03 -10.41 5.64
CA PRO B 153 -26.54 -11.41 6.60
C PRO B 153 -26.70 -10.90 8.02
N LEU B 154 -25.89 -9.93 8.47
CA LEU B 154 -26.04 -9.40 9.83
C LEU B 154 -27.38 -8.72 10.03
N GLN B 155 -27.81 -7.92 9.05
CA GLN B 155 -29.04 -7.15 9.20
C GLN B 155 -30.30 -8.02 9.20
N SER B 156 -30.20 -9.27 8.73
CA SER B 156 -31.37 -10.15 8.71
C SER B 156 -31.74 -10.62 10.11
N ARG B 157 -30.77 -10.66 11.02
CA ARG B 157 -30.98 -11.14 12.39
C ARG B 157 -31.36 -10.03 13.35
N CYS B 158 -31.51 -8.80 12.87
CA CYS B 158 -31.75 -7.64 13.73
C CYS B 158 -32.86 -6.79 13.17
N ALA B 159 -33.46 -5.97 14.05
CA ALA B 159 -34.47 -5.01 13.67
C ALA B 159 -33.79 -3.66 13.49
N ILE B 160 -33.71 -3.20 12.24
CA ILE B 160 -32.99 -1.97 11.92
C ILE B 160 -33.84 -0.78 12.35
N LEU B 161 -33.24 0.12 13.14
CA LEU B 161 -33.89 1.34 13.59
C LEU B 161 -33.18 2.54 12.96
N ARG B 162 -33.96 3.41 12.31
CA ARG B 162 -33.44 4.57 11.64
C ARG B 162 -33.81 5.83 12.40
N TYR B 163 -32.82 6.68 12.67
CA TYR B 163 -33.04 7.95 13.36
C TYR B 163 -33.14 9.07 12.33
N SER B 164 -34.27 9.76 12.31
CA SER B 164 -34.46 10.87 11.40
C SER B 164 -33.71 12.10 11.91
N LYS B 165 -33.54 13.08 11.01
CA LYS B 165 -32.89 14.33 11.38
C LYS B 165 -33.73 15.08 12.39
N LEU B 166 -33.06 15.68 13.37
CA LEU B 166 -33.76 16.41 14.41
C LEU B 166 -34.44 17.65 13.84
N SER B 167 -35.70 17.85 14.23
CA SER B 167 -36.42 19.05 13.83
C SER B 167 -35.93 20.25 14.61
N ASP B 168 -36.33 21.44 14.14
CA ASP B 168 -35.91 22.67 14.81
C ASP B 168 -36.51 22.79 16.20
N GLU B 169 -37.71 22.24 16.40
CA GLU B 169 -38.39 22.36 17.70
C GLU B 169 -37.63 21.62 18.79
N ASP B 170 -37.18 20.41 18.52
CA ASP B 170 -36.48 19.62 19.54
C ASP B 170 -35.13 20.23 19.88
N VAL B 171 -34.38 20.67 18.87
CA VAL B 171 -33.09 21.30 19.11
C VAL B 171 -33.28 22.61 19.89
N LEU B 172 -34.31 23.38 19.54
CA LEU B 172 -34.59 24.63 20.25
C LEU B 172 -34.95 24.34 21.71
N LYS B 173 -35.77 23.31 21.95
CA LYS B 173 -36.15 22.97 23.31
C LYS B 173 -34.94 22.55 24.14
N ARG B 174 -34.05 21.73 23.54
CA ARG B 174 -32.83 21.34 24.24
C ARG B 174 -31.94 22.56 24.53
N LEU B 175 -31.88 23.50 23.58
CA LEU B 175 -31.09 24.71 23.79
C LEU B 175 -31.65 25.54 24.94
N LEU B 176 -32.98 25.69 25.01
CA LEU B 176 -33.57 26.41 26.12
C LEU B 176 -33.33 25.70 27.45
N GLN B 177 -33.42 24.37 27.48
CA GLN B 177 -33.13 23.65 28.72
C GLN B 177 -31.68 23.87 29.16
N ILE B 178 -30.74 23.81 28.23
CA ILE B 178 -29.33 24.00 28.56
C ILE B 178 -29.08 25.44 29.00
N ILE B 179 -29.75 26.40 28.37
CA ILE B 179 -29.60 27.80 28.74
C ILE B 179 -30.14 28.04 30.15
N LYS B 180 -31.30 27.47 30.47
CA LYS B 180 -31.84 27.59 31.82
C LYS B 180 -30.91 26.93 32.84
N LEU B 181 -30.31 25.80 32.49
CA LEU B 181 -29.37 25.15 33.38
C LEU B 181 -28.14 26.02 33.61
N GLU B 182 -27.64 26.67 32.55
CA GLU B 182 -26.45 27.50 32.65
C GLU B 182 -26.74 28.94 33.06
N ASP B 183 -28.00 29.37 32.97
CA ASP B 183 -28.42 30.73 33.35
C ASP B 183 -27.63 31.79 32.58
N VAL B 184 -27.81 31.78 31.26
CA VAL B 184 -27.14 32.70 30.36
C VAL B 184 -28.18 33.44 29.54
N LYS B 185 -27.94 34.73 29.31
CA LYS B 185 -28.84 35.54 28.50
C LYS B 185 -28.79 35.10 27.04
N TYR B 186 -29.92 35.26 26.36
CA TYR B 186 -30.04 34.83 24.97
C TYR B 186 -30.95 35.79 24.21
N THR B 187 -30.87 35.72 22.89
CA THR B 187 -31.71 36.51 21.99
C THR B 187 -32.34 35.56 20.99
N ASN B 188 -33.63 35.79 20.68
CA ASN B 188 -34.35 34.92 19.76
C ASN B 188 -33.70 34.90 18.38
N ASP B 189 -33.20 36.06 17.93
CA ASP B 189 -32.46 36.10 16.67
C ASP B 189 -31.20 35.25 16.75
N GLY B 190 -30.49 35.31 17.87
CA GLY B 190 -29.30 34.48 18.04
C GLY B 190 -29.62 33.00 18.05
N LEU B 191 -30.72 32.62 18.72
CA LEU B 191 -31.14 31.22 18.73
C LEU B 191 -31.54 30.76 17.33
N GLU B 192 -32.22 31.61 16.57
CA GLU B 192 -32.58 31.27 15.19
C GLU B 192 -31.33 31.09 14.34
N ALA B 193 -30.33 31.97 14.53
CA ALA B 193 -29.08 31.83 13.80
C ALA B 193 -28.37 30.54 14.17
N ILE B 194 -28.40 30.16 15.46
CA ILE B 194 -27.79 28.92 15.89
C ILE B 194 -28.48 27.73 15.25
N ILE B 195 -29.81 27.74 15.20
CA ILE B 195 -30.55 26.65 14.56
C ILE B 195 -30.23 26.58 13.08
N PHE B 196 -30.16 27.73 12.41
CA PHE B 196 -29.85 27.76 10.99
C PHE B 196 -28.44 27.22 10.71
N THR B 197 -27.47 27.58 11.55
CA THR B 197 -26.12 27.11 11.36
C THR B 197 -25.98 25.62 11.67
N ALA B 198 -26.73 25.13 12.65
CA ALA B 198 -26.64 23.73 13.04
C ALA B 198 -27.11 22.80 11.91
N GLU B 199 -28.18 23.18 11.21
CA GLU B 199 -28.81 22.35 10.18
C GLU B 199 -29.19 20.97 10.72
N GLY B 200 -29.75 20.95 11.92
CA GLY B 200 -30.18 19.71 12.55
C GLY B 200 -29.10 18.98 13.30
N ASP B 201 -27.88 19.52 13.38
CA ASP B 201 -26.79 18.88 14.11
C ASP B 201 -26.83 19.37 15.55
N MET B 202 -27.12 18.45 16.48
CA MET B 202 -27.21 18.83 17.89
C MET B 202 -25.86 19.18 18.47
N ARG B 203 -24.84 18.36 18.17
CA ARG B 203 -23.51 18.61 18.72
C ARG B 203 -22.92 19.92 18.19
N GLN B 204 -23.13 20.20 16.90
CA GLN B 204 -22.65 21.45 16.33
C GLN B 204 -23.36 22.64 16.97
N ALA B 205 -24.67 22.51 17.21
CA ALA B 205 -25.41 23.58 17.87
C ALA B 205 -24.89 23.81 19.28
N ILE B 206 -24.62 22.73 20.02
CA ILE B 206 -24.09 22.87 21.37
C ILE B 206 -22.72 23.54 21.36
N ASN B 207 -21.86 23.14 20.42
CA ASN B 207 -20.53 23.74 20.32
C ASN B 207 -20.63 25.22 19.97
N ASN B 208 -21.51 25.57 19.03
CA ASN B 208 -21.67 26.98 18.65
C ASN B 208 -22.22 27.81 19.80
N LEU B 209 -23.21 27.29 20.52
CA LEU B 209 -23.76 28.02 21.66
C LEU B 209 -22.71 28.20 22.76
N GLN B 210 -21.93 27.15 23.03
CA GLN B 210 -20.88 27.25 24.04
C GLN B 210 -19.81 28.28 23.63
N SER B 211 -19.43 28.27 22.35
CA SER B 211 -18.46 29.25 21.87
C SER B 211 -19.01 30.66 21.98
N THR B 212 -20.27 30.86 21.62
CA THR B 212 -20.88 32.19 21.73
C THR B 212 -20.91 32.66 23.17
N VAL B 213 -21.30 31.77 24.09
CA VAL B 213 -21.39 32.14 25.51
C VAL B 213 -20.01 32.48 26.06
N ALA B 214 -19.00 31.67 25.74
CA ALA B 214 -17.67 31.86 26.31
C ALA B 214 -16.85 32.91 25.58
N GLY B 215 -17.28 33.39 24.42
CA GLY B 215 -16.52 34.40 23.70
C GLY B 215 -17.15 35.76 23.67
N HIS B 216 -18.48 35.83 23.76
CA HIS B 216 -19.18 37.11 23.70
C HIS B 216 -20.16 37.33 24.84
N GLY B 217 -20.50 36.29 25.62
CA GLY B 217 -21.45 36.45 26.70
C GLY B 217 -22.88 36.25 26.25
N LEU B 218 -23.59 37.34 25.99
CA LEU B 218 -24.95 37.25 25.50
C LEU B 218 -24.98 36.63 24.11
N VAL B 219 -25.90 35.69 23.91
CA VAL B 219 -26.03 34.99 22.64
C VAL B 219 -26.85 35.89 21.71
N ASN B 220 -26.23 36.37 20.65
CA ASN B 220 -26.88 37.25 19.69
C ASN B 220 -26.55 36.79 18.27
N ALA B 221 -27.40 37.19 17.33
CA ALA B 221 -27.20 36.80 15.94
C ALA B 221 -25.91 37.39 15.38
N ASP B 222 -25.60 38.64 15.73
CA ASP B 222 -24.38 39.26 15.24
C ASP B 222 -23.13 38.54 15.75
N ASN B 223 -23.12 38.18 17.03
CA ASN B 223 -21.96 37.48 17.59
C ASN B 223 -21.78 36.10 16.96
N VAL B 224 -22.88 35.39 16.75
CA VAL B 224 -22.81 34.06 16.13
C VAL B 224 -22.31 34.18 14.71
N PHE B 225 -22.84 35.15 13.95
CA PHE B 225 -22.38 35.34 12.57
C PHE B 225 -20.93 35.78 12.52
N LYS B 226 -20.46 36.51 13.54
CA LYS B 226 -19.06 36.92 13.57
C LYS B 226 -18.14 35.73 13.85
N ILE B 227 -18.50 34.91 14.84
CA ILE B 227 -17.62 33.80 15.21
C ILE B 227 -17.63 32.72 14.14
N VAL B 228 -18.79 32.44 13.54
CA VAL B 228 -18.91 31.43 12.50
C VAL B 228 -19.80 31.98 11.39
N ASP B 229 -19.39 31.76 10.14
CA ASP B 229 -20.13 32.25 8.99
C ASP B 229 -21.22 31.25 8.60
N SER B 230 -21.96 31.59 7.55
CA SER B 230 -23.01 30.72 7.05
C SER B 230 -22.40 29.45 6.46
N PRO B 231 -23.11 28.32 6.53
CA PRO B 231 -22.59 27.08 5.95
C PRO B 231 -22.38 27.22 4.44
N HIS B 232 -21.33 26.59 3.95
CA HIS B 232 -20.98 26.65 2.53
C HIS B 232 -21.96 25.93 1.59
N PRO B 233 -22.65 24.84 1.99
CA PRO B 233 -23.66 24.29 1.07
C PRO B 233 -24.75 25.27 0.70
N LEU B 234 -25.19 26.10 1.64
CA LEU B 234 -26.22 27.11 1.33
C LEU B 234 -25.66 28.17 0.39
N ILE B 235 -24.42 28.61 0.62
CA ILE B 235 -23.81 29.61 -0.24
C ILE B 235 -23.63 29.07 -1.66
N VAL B 236 -23.17 27.83 -1.77
CA VAL B 236 -22.99 27.23 -3.09
C VAL B 236 -24.33 27.01 -3.78
N LYS B 237 -25.35 26.61 -3.02
CA LYS B 237 -26.68 26.44 -3.60
C LYS B 237 -27.23 27.76 -4.13
N LYS B 238 -27.02 28.85 -3.38
CA LYS B 238 -27.44 30.16 -3.87
C LYS B 238 -26.62 30.58 -5.09
N MET B 239 -25.34 30.22 -5.11
CA MET B 239 -24.48 30.55 -6.26
C MET B 239 -24.95 29.84 -7.53
N LEU B 240 -25.31 28.56 -7.41
CA LEU B 240 -25.71 27.80 -8.59
C LEU B 240 -27.07 28.22 -9.12
N LEU B 241 -27.93 28.75 -8.26
CA LEU B 241 -29.26 29.19 -8.65
C LEU B 241 -29.31 30.65 -9.05
N ALA B 242 -28.17 31.34 -9.08
CA ALA B 242 -28.15 32.74 -9.47
C ALA B 242 -28.50 32.88 -10.95
N SER B 243 -29.21 33.96 -11.28
CA SER B 243 -29.63 34.20 -12.66
C SER B 243 -28.52 34.84 -13.47
N ASN B 244 -28.05 36.01 -13.04
CA ASN B 244 -27.00 36.72 -13.75
C ASN B 244 -25.64 36.15 -13.42
N LEU B 245 -24.74 36.13 -14.41
CA LEU B 245 -23.39 35.61 -14.19
C LEU B 245 -22.60 36.54 -13.27
N GLU B 246 -22.80 37.85 -13.40
CA GLU B 246 -22.06 38.80 -12.56
C GLU B 246 -22.43 38.64 -11.09
N ASP B 247 -23.71 38.42 -10.80
CA ASP B 247 -24.13 38.21 -9.42
C ASP B 247 -23.52 36.93 -8.85
N SER B 248 -23.49 35.86 -9.65
CA SER B 248 -22.90 34.61 -9.20
C SER B 248 -21.40 34.77 -8.95
N ILE B 249 -20.71 35.51 -9.85
CA ILE B 249 -19.28 35.74 -9.68
C ILE B 249 -19.00 36.54 -8.42
N GLN B 250 -19.79 37.60 -8.18
CA GLN B 250 -19.62 38.41 -6.99
C GLN B 250 -19.88 37.60 -5.72
N ILE B 251 -20.92 36.77 -5.74
CA ILE B 251 -21.22 35.92 -4.58
C ILE B 251 -20.08 34.95 -4.33
N LEU B 252 -19.60 34.29 -5.40
CA LEU B 252 -18.48 33.35 -5.26
C LEU B 252 -17.27 34.02 -4.65
N ARG B 253 -16.87 35.17 -5.21
CA ARG B 253 -15.68 35.87 -4.72
C ARG B 253 -15.87 36.28 -3.26
N THR B 254 -16.88 37.11 -2.98
CA THR B 254 -17.05 37.69 -1.66
C THR B 254 -17.46 36.68 -0.60
N ASP B 255 -17.84 35.45 -0.98
CA ASP B 255 -18.23 34.46 0.02
C ASP B 255 -17.26 33.30 0.16
N LEU B 256 -16.39 33.06 -0.82
CA LEU B 256 -15.45 31.96 -0.67
C LEU B 256 -14.00 32.38 -0.90
N TRP B 257 -13.75 33.29 -1.86
CA TRP B 257 -12.37 33.71 -2.11
C TRP B 257 -11.88 34.67 -1.04
N LYS B 258 -12.74 35.59 -0.59
CA LYS B 258 -12.36 36.51 0.47
C LYS B 258 -12.49 35.89 1.86
N LYS B 259 -13.20 34.77 1.98
CA LYS B 259 -13.36 34.10 3.26
C LYS B 259 -12.33 32.98 3.48
N GLY B 260 -11.56 32.63 2.47
CA GLY B 260 -10.55 31.61 2.62
C GLY B 260 -11.06 30.20 2.45
N TYR B 261 -11.65 29.91 1.29
CA TYR B 261 -12.18 28.60 0.99
C TYR B 261 -11.39 27.97 -0.16
N SER B 262 -10.97 26.73 0.03
CA SER B 262 -10.18 26.03 -0.99
C SER B 262 -11.05 25.73 -2.21
N SER B 263 -10.41 25.76 -3.38
CA SER B 263 -11.13 25.56 -4.64
C SER B 263 -11.70 24.14 -4.73
N ILE B 264 -10.94 23.14 -4.30
CA ILE B 264 -11.41 21.75 -4.38
C ILE B 264 -12.62 21.54 -3.48
N ASP B 265 -12.63 22.18 -2.30
CA ASP B 265 -13.79 22.11 -1.44
C ASP B 265 -15.01 22.75 -2.08
N ILE B 266 -14.81 23.87 -2.79
CA ILE B 266 -15.90 24.52 -3.50
C ILE B 266 -16.45 23.60 -4.59
N VAL B 267 -15.56 22.94 -5.33
CA VAL B 267 -16.00 22.02 -6.38
C VAL B 267 -16.77 20.85 -5.79
N THR B 268 -16.28 20.30 -4.68
CA THR B 268 -16.98 19.18 -4.04
C THR B 268 -18.34 19.60 -3.53
N THR B 269 -18.43 20.80 -2.94
CA THR B 269 -19.72 21.30 -2.47
C THR B 269 -20.68 21.53 -3.62
N SER B 270 -20.17 22.04 -4.75
CA SER B 270 -21.01 22.23 -5.94
C SER B 270 -21.53 20.90 -6.45
N PHE B 271 -20.67 19.88 -6.48
CA PHE B 271 -21.11 18.55 -6.90
C PHE B 271 -22.18 17.99 -5.96
N ARG B 272 -21.97 18.14 -4.66
CA ARG B 272 -22.95 17.65 -3.69
C ARG B 272 -24.28 18.38 -3.82
N VAL B 273 -24.25 19.68 -4.04
CA VAL B 273 -25.48 20.45 -4.22
C VAL B 273 -26.19 20.02 -5.49
N THR B 274 -25.44 19.84 -6.58
CA THR B 274 -26.05 19.43 -7.84
C THR B 274 -26.66 18.03 -7.76
N LYS B 275 -26.04 17.13 -6.97
CA LYS B 275 -26.64 15.82 -6.77
C LYS B 275 -27.99 15.91 -6.07
N ASN B 276 -28.10 16.79 -5.07
CA ASN B 276 -29.32 16.90 -4.27
C ASN B 276 -30.26 17.98 -4.76
N LEU B 277 -29.91 18.68 -5.84
CA LEU B 277 -30.80 19.70 -6.38
C LEU B 277 -32.00 19.04 -7.06
N ALA B 278 -33.13 19.75 -7.05
CA ALA B 278 -34.38 19.22 -7.59
C ALA B 278 -35.05 20.11 -8.61
N GLN B 279 -34.81 21.43 -8.59
CA GLN B 279 -35.52 22.32 -9.48
C GLN B 279 -35.02 22.22 -10.92
N VAL B 280 -33.74 21.87 -11.11
CA VAL B 280 -33.17 21.83 -12.44
C VAL B 280 -33.64 20.58 -13.18
N LYS B 281 -33.64 20.66 -14.51
CA LYS B 281 -34.01 19.52 -15.33
C LYS B 281 -32.89 18.48 -15.35
N GLU B 282 -33.22 17.29 -15.86
CA GLU B 282 -32.24 16.21 -15.91
C GLU B 282 -31.07 16.55 -16.83
N SER B 283 -31.35 17.12 -18.00
CA SER B 283 -30.29 17.49 -18.92
C SER B 283 -29.39 18.58 -18.33
N VAL B 284 -30.00 19.59 -17.71
CA VAL B 284 -29.23 20.65 -17.07
C VAL B 284 -28.40 20.07 -15.93
N ARG B 285 -28.99 19.17 -15.14
CA ARG B 285 -28.27 18.57 -14.02
C ARG B 285 -27.06 17.77 -14.49
N LEU B 286 -27.23 16.97 -15.53
CA LEU B 286 -26.11 16.17 -16.03
C LEU B 286 -25.04 17.06 -16.67
N GLU B 287 -25.44 18.13 -17.36
CA GLU B 287 -24.47 19.06 -17.91
C GLU B 287 -23.66 19.74 -16.80
N MET B 288 -24.35 20.16 -15.73
CA MET B 288 -23.65 20.77 -14.61
C MET B 288 -22.72 19.77 -13.94
N ILE B 289 -23.15 18.52 -13.82
CA ILE B 289 -22.30 17.48 -13.23
C ILE B 289 -21.05 17.27 -14.08
N LYS B 290 -21.21 17.24 -15.40
CA LYS B 290 -20.06 17.07 -16.29
C LYS B 290 -19.10 18.25 -16.17
N GLU B 291 -19.62 19.48 -16.13
CA GLU B 291 -18.75 20.64 -15.98
C GLU B 291 -18.02 20.63 -14.64
N ILE B 292 -18.73 20.24 -13.57
CA ILE B 292 -18.11 20.15 -12.25
C ILE B 292 -17.00 19.11 -12.26
N GLY B 293 -17.24 17.97 -12.91
CA GLY B 293 -16.20 16.94 -12.98
C GLY B 293 -14.99 17.40 -13.79
N LEU B 294 -15.22 18.11 -14.89
CA LEU B 294 -14.11 18.64 -15.68
C LEU B 294 -13.29 19.64 -14.87
N THR B 295 -13.97 20.53 -14.14
CA THR B 295 -13.24 21.46 -13.30
C THR B 295 -12.52 20.75 -12.16
N HIS B 296 -13.12 19.67 -11.63
CA HIS B 296 -12.47 18.91 -10.56
C HIS B 296 -11.19 18.24 -11.04
N MET B 297 -11.22 17.64 -12.24
CA MET B 297 -10.01 17.01 -12.75
C MET B 297 -8.96 18.06 -13.11
N ARG B 298 -9.40 19.24 -13.57
CA ARG B 298 -8.45 20.33 -13.79
C ARG B 298 -7.80 20.76 -12.48
N ILE B 299 -8.58 20.85 -11.40
CA ILE B 299 -8.04 21.20 -10.09
C ILE B 299 -7.06 20.14 -9.61
N LEU B 300 -7.43 18.86 -9.76
CA LEU B 300 -6.57 17.77 -9.32
C LEU B 300 -5.26 17.72 -10.10
N GLU B 301 -5.30 18.03 -11.39
CA GLU B 301 -4.08 18.00 -12.20
C GLU B 301 -3.12 19.14 -11.87
N GLY B 302 -3.54 20.14 -11.11
CA GLY B 302 -2.65 21.17 -10.65
C GLY B 302 -3.16 22.58 -10.72
N VAL B 303 -4.01 22.88 -11.71
CA VAL B 303 -4.51 24.23 -11.92
C VAL B 303 -5.58 24.51 -10.87
N GLY B 304 -5.21 25.23 -9.82
CA GLY B 304 -6.12 25.52 -8.73
C GLY B 304 -6.40 27.00 -8.53
N THR B 305 -6.57 27.72 -9.63
CA THR B 305 -6.78 29.17 -9.59
C THR B 305 -8.27 29.50 -9.66
N TYR B 306 -8.57 30.78 -9.40
CA TYR B 306 -9.94 31.27 -9.44
C TYR B 306 -10.50 31.29 -10.86
N LEU B 307 -9.63 31.32 -11.88
CA LEU B 307 -10.09 31.37 -13.26
C LEU B 307 -10.86 30.10 -13.61
N GLN B 308 -10.45 28.95 -13.08
CA GLN B 308 -11.18 27.71 -13.34
C GLN B 308 -12.58 27.76 -12.74
N LEU B 309 -12.72 28.30 -11.53
CA LEU B 309 -14.04 28.45 -10.92
C LEU B 309 -14.90 29.42 -11.72
N ALA B 310 -14.32 30.52 -12.19
CA ALA B 310 -15.06 31.47 -13.01
C ALA B 310 -15.51 30.84 -14.31
N SER B 311 -14.64 30.03 -14.93
CA SER B 311 -15.02 29.32 -16.16
C SER B 311 -16.14 28.31 -15.90
N MET B 312 -16.08 27.61 -14.78
CA MET B 312 -17.15 26.69 -14.42
C MET B 312 -18.47 27.41 -14.28
N LEU B 313 -18.46 28.56 -13.58
CA LEU B 313 -19.68 29.33 -13.41
C LEU B 313 -20.20 29.85 -14.75
N ALA B 314 -19.30 30.33 -15.62
CA ALA B 314 -19.70 30.82 -16.93
C ALA B 314 -20.33 29.72 -17.77
N LYS B 315 -19.72 28.53 -17.77
CA LYS B 315 -20.27 27.43 -18.55
C LYS B 315 -21.60 26.95 -17.99
N ILE B 316 -21.73 26.94 -16.66
CA ILE B 316 -23.00 26.57 -16.03
C ILE B 316 -24.09 27.56 -16.43
N HIS B 317 -23.77 28.86 -16.40
CA HIS B 317 -24.75 29.86 -16.80
C HIS B 317 -25.10 29.73 -18.28
N LYS B 318 -24.11 29.44 -19.12
CA LYS B 318 -24.37 29.27 -20.55
C LYS B 318 -25.28 28.08 -20.81
N LEU B 319 -25.06 26.96 -20.14
CA LEU B 319 -25.91 25.79 -20.35
C LEU B 319 -27.28 25.98 -19.71
N ASN B 320 -27.37 26.81 -18.67
CA ASN B 320 -28.68 27.10 -18.08
C ASN B 320 -29.51 27.99 -18.99
N ASN B 321 -28.89 29.05 -19.55
CA ASN B 321 -29.63 29.96 -20.41
C ASN B 321 -29.97 29.33 -21.75
N LYS B 322 -29.03 28.55 -22.31
CA LYS B 322 -29.19 27.91 -23.62
C LYS B 322 -29.50 28.95 -24.71
N ALA B 323 -28.82 30.08 -24.64
CA ALA B 323 -28.98 31.19 -25.59
C ALA B 323 -30.44 31.64 -25.69
N SER C 9 19.86 30.91 16.85
CA SER C 9 18.44 31.12 17.12
C SER C 9 17.88 32.25 16.27
N LYS C 10 18.73 33.24 15.97
CA LYS C 10 18.34 34.38 15.17
C LYS C 10 19.49 34.77 14.25
N GLU C 11 19.15 35.48 13.18
CA GLU C 11 20.09 35.89 12.12
C GLU C 11 20.75 34.70 11.45
N ASN C 12 20.13 33.51 11.54
CA ASN C 12 20.67 32.30 10.92
C ASN C 12 19.55 31.46 10.30
N LEU C 13 18.36 32.02 10.14
CA LEU C 13 17.18 31.33 9.68
C LEU C 13 16.53 32.11 8.56
N PRO C 14 15.75 31.45 7.70
CA PRO C 14 14.99 32.19 6.68
C PRO C 14 13.98 33.13 7.32
N TRP C 15 13.63 34.18 6.58
CA TRP C 15 12.74 35.21 7.12
C TRP C 15 11.36 34.63 7.45
N VAL C 16 10.97 33.53 6.81
CA VAL C 16 9.71 32.88 7.14
C VAL C 16 9.76 32.35 8.57
N GLU C 17 10.80 31.59 8.89
CA GLU C 17 11.02 31.10 10.26
C GLU C 17 11.98 32.01 11.02
N LYS C 18 11.72 33.32 11.00
CA LYS C 18 12.51 34.27 11.78
C LYS C 18 11.57 35.19 12.54
N TYR C 19 10.40 35.45 11.97
CA TYR C 19 9.38 36.31 12.58
C TYR C 19 8.14 35.51 12.96
N ARG C 20 8.32 34.22 13.23
CA ARG C 20 7.20 33.37 13.66
C ARG C 20 6.70 33.84 15.02
N PRO C 21 5.40 34.05 15.20
CA PRO C 21 4.89 34.52 16.49
C PRO C 21 5.15 33.51 17.60
N GLU C 22 5.47 34.03 18.78
CA GLU C 22 5.67 33.20 19.96
C GLU C 22 4.57 33.36 21.00
N THR C 23 3.82 34.46 20.96
CA THR C 23 2.70 34.71 21.86
C THR C 23 1.45 34.98 21.04
N LEU C 24 0.31 35.02 21.74
CA LEU C 24 -0.96 35.23 21.04
C LEU C 24 -1.09 36.63 20.49
N ASP C 25 -0.49 37.63 21.15
CA ASP C 25 -0.59 39.01 20.69
C ASP C 25 0.24 39.28 19.43
N GLU C 26 1.15 38.39 19.07
CA GLU C 26 1.99 38.57 17.89
C GLU C 26 1.34 38.05 16.62
N VAL C 27 0.14 37.50 16.71
CA VAL C 27 -0.61 37.02 15.53
C VAL C 27 -1.59 38.11 15.14
N TYR C 28 -1.50 38.56 13.88
CA TYR C 28 -2.32 39.64 13.37
C TYR C 28 -3.32 39.11 12.35
N GLY C 29 -4.28 39.95 12.01
CA GLY C 29 -5.28 39.61 11.02
C GLY C 29 -6.54 39.00 11.59
N GLN C 30 -6.41 37.81 12.19
CA GLN C 30 -7.55 37.09 12.74
C GLN C 30 -7.78 37.53 14.18
N ASN C 31 -8.18 38.79 14.33
CA ASN C 31 -8.38 39.36 15.66
C ASN C 31 -9.53 38.68 16.40
N GLU C 32 -10.61 38.38 15.68
CA GLU C 32 -11.75 37.73 16.32
C GLU C 32 -11.40 36.35 16.85
N VAL C 33 -10.64 35.57 16.08
CA VAL C 33 -10.24 34.24 16.52
C VAL C 33 -9.32 34.33 17.74
N ILE C 34 -8.38 35.27 17.72
CA ILE C 34 -7.48 35.44 18.86
C ILE C 34 -8.25 35.83 20.11
N THR C 35 -9.19 36.76 19.98
CA THR C 35 -9.97 37.18 21.14
C THR C 35 -10.84 36.04 21.67
N THR C 36 -11.45 35.27 20.77
CA THR C 36 -12.28 34.14 21.20
C THR C 36 -11.45 33.08 21.91
N VAL C 37 -10.26 32.77 21.38
CA VAL C 37 -9.40 31.78 22.04
C VAL C 37 -8.89 32.29 23.38
N ARG C 38 -8.59 33.59 23.46
CA ARG C 38 -8.16 34.17 24.72
C ARG C 38 -9.27 34.10 25.76
N LYS C 39 -10.52 34.37 25.36
CA LYS C 39 -11.64 34.21 26.27
C LYS C 39 -11.83 32.75 26.68
N PHE C 40 -11.63 31.83 25.74
CA PHE C 40 -11.75 30.41 26.04
C PHE C 40 -10.75 29.98 27.10
N VAL C 41 -9.50 30.43 26.98
CA VAL C 41 -8.48 30.02 27.93
C VAL C 41 -8.53 30.83 29.21
N ASP C 42 -9.14 32.02 29.19
CA ASP C 42 -9.35 32.76 30.43
C ASP C 42 -10.45 32.12 31.25
N GLU C 43 -11.52 31.65 30.60
CA GLU C 43 -12.56 30.92 31.32
C GLU C 43 -12.06 29.56 31.78
N GLY C 44 -11.17 28.93 31.00
CA GLY C 44 -10.64 27.62 31.36
C GLY C 44 -11.38 26.49 30.70
N LYS C 45 -11.61 26.59 29.39
CA LYS C 45 -12.34 25.57 28.65
C LYS C 45 -11.87 25.59 27.20
N LEU C 46 -11.41 24.45 26.71
CA LEU C 46 -10.97 24.29 25.33
C LEU C 46 -11.94 23.37 24.60
N PRO C 47 -12.80 23.90 23.72
CA PRO C 47 -13.84 23.08 23.08
C PRO C 47 -13.39 22.39 21.79
N HIS C 48 -12.23 21.72 21.86
CA HIS C 48 -11.67 20.95 20.73
C HIS C 48 -11.54 21.82 19.48
N LEU C 49 -10.64 22.80 19.60
CA LEU C 49 -10.46 23.80 18.55
C LEU C 49 -10.06 23.16 17.23
N LEU C 50 -10.74 23.57 16.17
CA LEU C 50 -10.42 23.14 14.81
C LEU C 50 -10.15 24.38 13.96
N PHE C 51 -9.00 24.40 13.30
CA PHE C 51 -8.56 25.55 12.51
C PHE C 51 -8.59 25.19 11.02
N TYR C 52 -9.26 26.03 10.23
CA TYR C 52 -9.39 25.82 8.80
C TYR C 52 -9.08 27.12 8.08
N GLY C 53 -8.34 27.03 6.97
CA GLY C 53 -8.00 28.18 6.19
C GLY C 53 -6.91 27.91 5.16
N PRO C 54 -6.63 28.89 4.32
CA PRO C 54 -5.57 28.74 3.31
C PRO C 54 -4.20 28.71 3.97
N PRO C 55 -3.19 28.17 3.28
CA PRO C 55 -1.83 28.21 3.83
C PRO C 55 -1.32 29.63 3.97
N GLY C 56 -0.50 29.86 4.99
CA GLY C 56 0.04 31.17 5.28
C GLY C 56 -0.81 32.01 6.21
N THR C 57 -1.99 31.53 6.62
CA THR C 57 -2.82 32.29 7.53
C THR C 57 -2.23 32.34 8.93
N GLY C 58 -1.59 31.26 9.37
CA GLY C 58 -0.96 31.23 10.67
C GLY C 58 -1.67 30.37 11.68
N LYS C 59 -2.28 29.28 11.22
CA LYS C 59 -3.01 28.39 12.13
C LYS C 59 -2.06 27.69 13.10
N THR C 60 -1.01 27.07 12.57
CA THR C 60 -0.10 26.32 13.44
C THR C 60 0.73 27.25 14.31
N SER C 61 1.12 28.43 13.80
CA SER C 61 1.82 29.39 14.64
C SER C 61 0.93 29.86 15.79
N THR C 62 -0.35 30.13 15.49
CA THR C 62 -1.28 30.55 16.53
C THR C 62 -1.46 29.46 17.58
N ILE C 63 -1.62 28.21 17.15
CA ILE C 63 -1.90 27.15 18.12
C ILE C 63 -0.65 26.83 18.94
N VAL C 64 0.53 26.93 18.34
CA VAL C 64 1.77 26.71 19.09
C VAL C 64 1.98 27.83 20.10
N ALA C 65 1.73 29.08 19.71
CA ALA C 65 1.83 30.18 20.66
C ALA C 65 0.83 30.03 21.79
N LEU C 66 -0.39 29.61 21.48
CA LEU C 66 -1.39 29.39 22.52
C LEU C 66 -0.97 28.29 23.48
N ALA C 67 -0.45 27.17 22.95
CA ALA C 67 -0.01 26.08 23.81
C ALA C 67 1.15 26.52 24.68
N ARG C 68 2.09 27.29 24.13
CA ARG C 68 3.20 27.81 24.92
C ARG C 68 2.68 28.71 26.05
N GLU C 69 1.75 29.60 25.72
CA GLU C 69 1.20 30.52 26.73
C GLU C 69 0.49 29.76 27.84
N ILE C 70 -0.28 28.72 27.48
CA ILE C 70 -0.98 27.95 28.50
C ILE C 70 0.00 27.17 29.37
N TYR C 71 0.98 26.52 28.76
CA TYR C 71 1.79 25.55 29.48
C TYR C 71 3.02 26.17 30.13
N GLY C 72 3.90 26.77 29.34
CA GLY C 72 5.16 27.24 29.87
C GLY C 72 6.25 26.19 29.78
N LYS C 73 6.52 25.51 30.90
CA LYS C 73 7.54 24.47 30.96
C LYS C 73 6.97 23.07 30.70
N ASN C 74 5.66 22.94 30.55
CA ASN C 74 5.02 21.65 30.32
C ASN C 74 4.84 21.34 28.84
N TYR C 75 5.31 22.20 27.94
CA TYR C 75 5.20 21.95 26.51
C TYR C 75 6.00 20.73 26.09
N SER C 76 7.16 20.51 26.72
CA SER C 76 8.02 19.40 26.35
C SER C 76 7.37 18.05 26.62
N ASN C 77 6.59 17.94 27.70
CA ASN C 77 6.05 16.66 28.13
C ASN C 77 4.56 16.52 27.80
N MET C 78 3.73 17.45 28.25
CA MET C 78 2.28 17.26 28.17
C MET C 78 1.73 17.60 26.79
N VAL C 79 2.41 18.44 26.01
CA VAL C 79 1.98 18.78 24.66
C VAL C 79 2.58 17.79 23.67
N LEU C 80 1.72 17.19 22.85
CA LEU C 80 2.14 16.26 21.80
C LEU C 80 1.89 16.89 20.44
N GLU C 81 2.89 16.79 19.57
CA GLU C 81 2.82 17.33 18.22
C GLU C 81 2.76 16.18 17.22
N LEU C 82 1.77 16.22 16.34
CA LEU C 82 1.59 15.21 15.30
C LEU C 82 1.49 15.89 13.94
N ASN C 83 1.93 15.18 12.91
CA ASN C 83 2.05 15.75 11.58
C ASN C 83 2.00 14.63 10.55
N ALA C 84 2.16 15.02 9.28
CA ALA C 84 2.27 14.02 8.21
C ALA C 84 3.70 13.52 8.05
N SER C 85 4.67 14.17 8.69
CA SER C 85 6.06 13.74 8.57
C SER C 85 6.27 12.35 9.17
N ASP C 86 5.68 12.09 10.33
CA ASP C 86 5.75 10.77 10.92
C ASP C 86 4.58 9.91 10.43
N ASP C 87 4.71 8.60 10.63
CA ASP C 87 3.67 7.68 10.18
C ASP C 87 2.41 7.87 11.00
N ARG C 88 1.28 8.02 10.30
CA ARG C 88 -0.04 8.16 10.92
C ARG C 88 -0.98 7.16 10.26
N GLY C 89 -0.98 5.92 10.75
CA GLY C 89 -1.86 4.88 10.28
C GLY C 89 -2.91 4.51 11.31
N ILE C 90 -3.57 3.38 11.05
CA ILE C 90 -4.57 2.88 11.99
C ILE C 90 -3.89 2.42 13.28
N ASP C 91 -2.70 1.80 13.17
CA ASP C 91 -1.99 1.36 14.36
C ASP C 91 -1.47 2.54 15.17
N VAL C 92 -1.03 3.60 14.49
CA VAL C 92 -0.49 4.76 15.18
C VAL C 92 -1.56 5.44 16.01
N VAL C 93 -2.72 5.73 15.40
CA VAL C 93 -3.82 6.34 16.14
C VAL C 93 -4.39 5.36 17.15
N ARG C 94 -4.25 4.06 16.90
CA ARG C 94 -4.77 3.06 17.83
C ARG C 94 -3.93 2.96 19.09
N ASN C 95 -2.61 3.16 18.98
CA ASN C 95 -1.71 2.93 20.10
C ASN C 95 -1.14 4.21 20.68
N GLN C 96 -0.46 5.04 19.88
CA GLN C 96 0.28 6.17 20.42
C GLN C 96 -0.67 7.24 20.95
N ILE C 97 -1.68 7.60 20.17
CA ILE C 97 -2.63 8.63 20.59
C ILE C 97 -3.42 8.15 21.81
N LYS C 98 -3.83 6.88 21.81
CA LYS C 98 -4.56 6.34 22.95
C LYS C 98 -3.70 6.31 24.20
N ASP C 99 -2.42 5.97 24.08
CA ASP C 99 -1.54 5.94 25.23
C ASP C 99 -1.27 7.35 25.76
N PHE C 100 -1.10 8.32 24.87
CA PHE C 100 -0.80 9.68 25.32
C PHE C 100 -2.03 10.33 25.95
N ALA C 101 -3.20 10.20 25.32
CA ALA C 101 -4.42 10.80 25.85
C ALA C 101 -5.11 9.84 26.82
N SER C 102 -4.33 9.31 27.77
CA SER C 102 -4.88 8.49 28.85
C SER C 102 -4.15 8.74 30.16
N THR C 103 -3.30 9.75 30.25
CA THR C 103 -2.46 9.97 31.40
C THR C 103 -2.96 11.14 32.24
N ARG C 104 -2.50 11.18 33.49
CA ARG C 104 -2.91 12.21 34.43
C ARG C 104 -1.93 13.39 34.37
N GLN C 105 -2.06 14.31 35.32
CA GLN C 105 -1.19 15.47 35.38
C GLN C 105 0.15 15.12 36.03
N ILE C 106 1.12 16.02 35.90
CA ILE C 106 2.45 15.86 36.46
C ILE C 106 2.82 16.98 37.42
N PHE C 107 2.59 18.24 37.00
CA PHE C 107 2.88 19.37 37.86
C PHE C 107 1.70 20.34 37.93
N SER C 108 0.93 20.41 36.84
CA SER C 108 -0.21 21.31 36.75
C SER C 108 -1.41 20.55 36.20
N LYS C 109 -2.60 20.95 36.66
CA LYS C 109 -3.84 20.28 36.27
C LYS C 109 -4.42 20.82 34.96
N GLY C 110 -3.58 21.41 34.12
CA GLY C 110 -4.05 21.91 32.84
C GLY C 110 -4.43 20.79 31.89
N PHE C 111 -5.12 21.16 30.82
CA PHE C 111 -5.62 20.19 29.87
C PHE C 111 -4.47 19.67 29.00
N LYS C 112 -4.73 18.56 28.32
CA LYS C 112 -3.77 17.96 27.41
C LYS C 112 -4.10 18.36 25.98
N LEU C 113 -3.13 18.94 25.29
CA LEU C 113 -3.31 19.43 23.92
C LEU C 113 -2.49 18.60 22.95
N ILE C 114 -3.14 18.10 21.90
CA ILE C 114 -2.51 17.28 20.87
C ILE C 114 -2.73 17.98 19.54
N ILE C 115 -1.65 18.24 18.82
CA ILE C 115 -1.69 19.08 17.63
C ILE C 115 -1.72 18.16 16.41
N LEU C 116 -2.86 18.12 15.72
CA LEU C 116 -3.03 17.32 14.52
C LEU C 116 -2.85 18.20 13.30
N ASP C 117 -1.59 18.52 12.99
CA ASP C 117 -1.29 19.37 11.85
C ASP C 117 -1.40 18.57 10.55
N GLU C 118 -1.90 19.24 9.51
CA GLU C 118 -2.22 18.64 8.20
C GLU C 118 -2.84 17.24 8.35
N ALA C 119 -3.91 17.17 9.15
CA ALA C 119 -4.59 15.92 9.42
C ALA C 119 -5.53 15.48 8.31
N ASP C 120 -5.65 16.26 7.23
CA ASP C 120 -6.54 15.92 6.14
C ASP C 120 -6.05 14.72 5.32
N ALA C 121 -4.80 14.30 5.49
CA ALA C 121 -4.24 13.19 4.73
C ALA C 121 -4.45 11.84 5.40
N MET C 122 -5.12 11.80 6.56
CA MET C 122 -5.34 10.54 7.25
C MET C 122 -6.41 9.71 6.56
N THR C 123 -6.34 8.40 6.73
CA THR C 123 -7.30 7.49 6.13
C THR C 123 -8.63 7.55 6.88
N ASN C 124 -9.68 7.03 6.22
CA ASN C 124 -11.01 7.07 6.81
C ASN C 124 -11.09 6.27 8.10
N ALA C 125 -10.47 5.08 8.12
CA ALA C 125 -10.46 4.29 9.35
C ALA C 125 -9.67 5.01 10.45
N ALA C 126 -8.55 5.63 10.09
CA ALA C 126 -7.79 6.40 11.06
C ALA C 126 -8.59 7.57 11.58
N GLN C 127 -9.33 8.25 10.70
CA GLN C 127 -10.17 9.36 11.12
C GLN C 127 -11.28 8.90 12.06
N ASN C 128 -11.89 7.74 11.77
CA ASN C 128 -12.95 7.21 12.63
C ASN C 128 -12.40 6.84 14.01
N ALA C 129 -11.22 6.19 14.03
CA ALA C 129 -10.59 5.89 15.32
C ALA C 129 -10.26 7.17 16.08
N LEU C 130 -9.77 8.19 15.37
CA LEU C 130 -9.41 9.45 16.00
C LEU C 130 -10.64 10.13 16.61
N ARG C 131 -11.78 10.10 15.90
CA ARG C 131 -12.96 10.76 16.43
C ARG C 131 -13.60 9.95 17.57
N ARG C 132 -13.50 8.62 17.52
CA ARG C 132 -13.93 7.85 18.68
C ARG C 132 -13.02 8.14 19.88
N VAL C 133 -11.76 8.47 19.61
CA VAL C 133 -10.86 8.88 20.69
C VAL C 133 -11.28 10.24 21.27
N ILE C 134 -11.60 11.21 20.39
CA ILE C 134 -11.90 12.55 20.89
C ILE C 134 -13.19 12.54 21.70
N GLU C 135 -14.16 11.70 21.30
CA GLU C 135 -15.41 11.63 22.04
C GLU C 135 -15.20 11.00 23.42
N ARG C 136 -14.42 9.92 23.49
CA ARG C 136 -14.29 9.17 24.74
C ARG C 136 -13.42 9.90 25.76
N TYR C 137 -12.29 10.45 25.33
CA TYR C 137 -11.29 11.01 26.25
C TYR C 137 -11.32 12.53 26.29
N THR C 138 -12.51 13.14 26.22
CA THR C 138 -12.63 14.58 26.16
C THR C 138 -12.65 15.26 27.53
N LYS C 139 -12.75 14.50 28.61
CA LYS C 139 -12.88 15.13 29.93
C LYS C 139 -11.56 15.67 30.46
N ASN C 140 -10.43 15.21 29.91
CA ASN C 140 -9.13 15.70 30.32
C ASN C 140 -8.24 16.14 29.18
N THR C 141 -8.42 15.58 27.98
CA THR C 141 -7.58 15.88 26.82
C THR C 141 -8.44 16.47 25.72
N ARG C 142 -8.01 17.60 25.17
CA ARG C 142 -8.69 18.27 24.07
C ARG C 142 -7.74 18.28 22.88
N PHE C 143 -8.20 17.76 21.74
CA PHE C 143 -7.33 17.74 20.57
C PHE C 143 -7.52 19.02 19.76
N CYS C 144 -6.53 19.31 18.92
CA CYS C 144 -6.61 20.40 17.95
C CYS C 144 -6.31 19.83 16.57
N VAL C 145 -7.15 20.17 15.58
CA VAL C 145 -7.03 19.67 14.23
C VAL C 145 -6.76 20.85 13.30
N LEU C 146 -5.71 20.73 12.49
CA LEU C 146 -5.37 21.74 11.49
C LEU C 146 -5.40 21.12 10.11
N ALA C 147 -6.14 21.75 9.19
CA ALA C 147 -6.27 21.25 7.84
C ALA C 147 -6.59 22.40 6.90
N ASN C 148 -6.30 22.18 5.61
CA ASN C 148 -6.58 23.16 4.57
C ASN C 148 -7.73 22.76 3.66
N TYR C 149 -8.08 21.48 3.59
CA TYR C 149 -9.17 20.98 2.76
C TYR C 149 -10.17 20.26 3.65
N ALA C 150 -11.39 20.80 3.74
CA ALA C 150 -12.43 20.20 4.56
C ALA C 150 -13.08 18.98 3.91
N HIS C 151 -12.92 18.83 2.59
CA HIS C 151 -13.55 17.69 1.91
C HIS C 151 -12.84 16.38 2.22
N LYS C 152 -11.58 16.43 2.64
CA LYS C 152 -10.83 15.22 3.00
C LYS C 152 -11.06 14.79 4.44
N LEU C 153 -11.86 15.54 5.20
CA LEU C 153 -12.14 15.23 6.60
C LEU C 153 -13.50 14.55 6.72
N THR C 154 -13.58 13.58 7.62
CA THR C 154 -14.85 12.88 7.86
C THR C 154 -15.86 13.86 8.46
N PRO C 155 -17.08 13.92 7.94
CA PRO C 155 -18.07 14.89 8.47
C PRO C 155 -18.43 14.65 9.92
N ALA C 156 -18.25 13.42 10.43
CA ALA C 156 -18.47 13.19 11.85
C ALA C 156 -17.44 13.91 12.71
N LEU C 157 -16.21 14.06 12.21
CA LEU C 157 -15.18 14.78 12.94
C LEU C 157 -15.52 16.26 13.08
N LEU C 158 -16.08 16.86 12.02
CA LEU C 158 -16.43 18.28 12.07
C LEU C 158 -17.52 18.56 13.08
N SER C 159 -18.41 17.58 13.31
CA SER C 159 -19.48 17.76 14.29
C SER C 159 -18.92 17.83 15.70
N ARG C 160 -17.90 17.05 15.99
CA ARG C 160 -17.32 16.97 17.34
C ARG C 160 -16.24 18.02 17.59
N CYS C 161 -15.89 18.81 16.58
CA CYS C 161 -14.83 19.80 16.69
C CYS C 161 -15.37 21.19 16.37
N THR C 162 -14.96 22.18 17.17
CA THR C 162 -15.40 23.56 16.98
C THR C 162 -14.59 24.15 15.83
N ARG C 163 -15.26 24.39 14.70
CA ARG C 163 -14.59 24.88 13.50
C ARG C 163 -14.37 26.39 13.59
N PHE C 164 -13.13 26.82 13.35
CA PHE C 164 -12.79 28.23 13.28
C PHE C 164 -12.20 28.53 11.92
N ARG C 165 -12.73 29.55 11.24
CA ARG C 165 -12.29 29.90 9.90
C ARG C 165 -11.17 30.92 9.96
N PHE C 166 -10.08 30.63 9.26
CA PHE C 166 -8.92 31.52 9.19
C PHE C 166 -9.00 32.29 7.87
N GLN C 167 -9.44 33.54 7.94
CA GLN C 167 -9.57 34.37 6.76
C GLN C 167 -8.19 34.76 6.23
N PRO C 168 -8.11 35.11 4.94
CA PRO C 168 -6.84 35.65 4.41
C PRO C 168 -6.47 36.93 5.12
N LEU C 169 -5.15 37.17 5.21
CA LEU C 169 -4.65 38.32 5.95
C LEU C 169 -5.10 39.61 5.29
N PRO C 170 -5.73 40.53 6.03
CA PRO C 170 -6.15 41.80 5.44
C PRO C 170 -4.99 42.74 5.18
N GLN C 171 -5.27 43.92 4.62
CA GLN C 171 -4.21 44.87 4.29
C GLN C 171 -3.53 45.39 5.55
N GLU C 172 -4.29 45.64 6.62
CA GLU C 172 -3.71 46.21 7.83
C GLU C 172 -2.73 45.25 8.50
N ALA C 173 -3.04 43.95 8.50
CA ALA C 173 -2.13 42.97 9.10
C ALA C 173 -0.83 42.89 8.31
N ILE C 174 -0.91 42.87 6.98
CA ILE C 174 0.29 42.83 6.15
C ILE C 174 1.12 44.09 6.37
N GLU C 175 0.46 45.25 6.43
CA GLU C 175 1.18 46.51 6.65
C GLU C 175 1.86 46.52 8.02
N ARG C 176 1.18 46.03 9.06
CA ARG C 176 1.76 45.99 10.39
C ARG C 176 2.96 45.06 10.43
N ARG C 177 2.85 43.89 9.81
CA ARG C 177 3.99 42.96 9.79
C ARG C 177 5.15 43.53 8.98
N ILE C 178 4.86 44.22 7.88
CA ILE C 178 5.90 44.86 7.09
C ILE C 178 6.62 45.92 7.90
N ALA C 179 5.86 46.74 8.64
CA ALA C 179 6.46 47.76 9.49
C ALA C 179 7.31 47.14 10.59
N ASN C 180 6.83 46.04 11.19
CA ASN C 180 7.60 45.36 12.22
C ASN C 180 8.90 44.81 11.66
N VAL C 181 8.86 44.25 10.45
CA VAL C 181 10.08 43.73 9.82
C VAL C 181 11.04 44.87 9.50
N LEU C 182 10.52 45.99 8.99
CA LEU C 182 11.37 47.11 8.63
C LEU C 182 12.04 47.73 9.85
N VAL C 183 11.30 47.87 10.95
CA VAL C 183 11.86 48.47 12.16
C VAL C 183 12.97 47.59 12.73
N HIS C 184 12.78 46.27 12.69
CA HIS C 184 13.75 45.36 13.29
C HIS C 184 15.10 45.43 12.61
N GLU C 185 15.11 45.53 11.28
CA GLU C 185 16.36 45.49 10.51
C GLU C 185 16.75 46.83 9.91
N LYS C 186 16.00 47.90 10.22
CA LYS C 186 16.30 49.25 9.76
C LYS C 186 16.35 49.31 8.22
N LEU C 187 15.21 49.02 7.61
CA LEU C 187 15.07 49.01 6.16
C LEU C 187 13.94 49.95 5.75
N LYS C 188 14.16 50.70 4.68
CA LYS C 188 13.20 51.67 4.18
C LYS C 188 12.52 51.13 2.93
N LEU C 189 11.19 51.27 2.86
CA LEU C 189 10.41 50.74 1.76
C LEU C 189 9.42 51.80 1.31
N SER C 190 9.36 52.03 -0.01
CA SER C 190 8.51 53.09 -0.55
C SER C 190 7.04 52.71 -0.45
N PRO C 191 6.16 53.71 -0.26
CA PRO C 191 4.72 53.41 -0.23
C PRO C 191 4.19 52.77 -1.49
N ASN C 192 4.74 53.12 -2.66
CA ASN C 192 4.34 52.44 -3.89
C ASN C 192 4.71 50.96 -3.85
N ALA C 193 5.92 50.65 -3.36
CA ALA C 193 6.30 49.27 -3.16
C ALA C 193 5.43 48.59 -2.12
N GLU C 194 4.99 49.34 -1.10
CA GLU C 194 4.07 48.79 -0.12
C GLU C 194 2.74 48.39 -0.75
N LYS C 195 2.20 49.26 -1.60
CA LYS C 195 0.95 48.95 -2.29
C LYS C 195 1.13 47.76 -3.23
N ALA C 196 2.27 47.69 -3.93
CA ALA C 196 2.54 46.56 -4.80
C ALA C 196 2.62 45.26 -4.00
N LEU C 197 3.26 45.29 -2.82
CA LEU C 197 3.32 44.11 -1.99
C LEU C 197 1.96 43.73 -1.42
N ILE C 198 1.12 44.72 -1.11
CA ILE C 198 -0.25 44.43 -0.69
C ILE C 198 -1.01 43.72 -1.80
N GLU C 199 -0.88 44.21 -3.03
CA GLU C 199 -1.56 43.59 -4.16
C GLU C 199 -1.04 42.18 -4.42
N LEU C 200 0.27 41.98 -4.31
CA LEU C 200 0.88 40.68 -4.60
C LEU C 200 0.73 39.69 -3.46
N SER C 201 0.39 40.15 -2.26
CA SER C 201 0.34 39.26 -1.09
C SER C 201 -0.73 38.19 -1.26
N ASN C 202 -1.93 38.58 -1.66
CA ASN C 202 -3.08 37.68 -1.80
C ASN C 202 -3.35 36.93 -0.51
N GLY C 203 -3.21 37.62 0.62
CA GLY C 203 -3.44 37.02 1.92
C GLY C 203 -2.47 35.91 2.29
N ASP C 204 -1.18 36.11 2.04
CA ASP C 204 -0.15 35.11 2.34
C ASP C 204 1.02 35.80 3.02
N MET C 205 1.31 35.39 4.26
CA MET C 205 2.44 35.95 4.98
C MET C 205 3.76 35.38 4.49
N ARG C 206 3.77 34.07 4.14
CA ARG C 206 4.99 33.43 3.71
C ARG C 206 5.51 34.03 2.41
N ARG C 207 4.61 34.34 1.47
CA ARG C 207 5.02 34.97 0.22
C ARG C 207 5.63 36.34 0.47
N VAL C 208 5.00 37.12 1.36
CA VAL C 208 5.51 38.46 1.67
C VAL C 208 6.90 38.37 2.29
N LEU C 209 7.08 37.45 3.25
CA LEU C 209 8.38 37.30 3.89
C LEU C 209 9.43 36.82 2.90
N ASN C 210 9.07 35.88 2.02
CA ASN C 210 10.02 35.36 1.04
C ASN C 210 10.45 36.43 0.06
N VAL C 211 9.51 37.24 -0.44
CA VAL C 211 9.90 38.29 -1.38
C VAL C 211 10.61 39.43 -0.68
N LEU C 212 10.35 39.66 0.61
CA LEU C 212 11.09 40.68 1.35
C LEU C 212 12.53 40.25 1.62
N GLN C 213 12.75 38.95 1.86
CA GLN C 213 14.10 38.45 2.06
C GLN C 213 14.94 38.61 0.79
N SER C 214 14.35 38.31 -0.36
CA SER C 214 15.10 38.37 -1.61
C SER C 214 15.32 39.81 -2.08
N CYS C 215 14.40 40.72 -1.78
CA CYS C 215 14.60 42.12 -2.15
C CYS C 215 15.73 42.76 -1.37
N LYS C 216 16.01 42.27 -0.15
CA LYS C 216 17.16 42.76 0.60
C LYS C 216 18.46 42.42 -0.11
N ALA C 217 18.56 41.22 -0.67
CA ALA C 217 19.74 40.83 -1.42
C ALA C 217 19.82 41.51 -2.78
N THR C 218 18.68 41.96 -3.32
CA THR C 218 18.70 42.62 -4.62
C THR C 218 19.46 43.93 -4.57
N LEU C 219 19.29 44.71 -3.50
CA LEU C 219 19.99 45.97 -3.35
C LEU C 219 21.47 45.73 -3.11
N ASP C 220 22.31 46.54 -3.76
CA ASP C 220 23.75 46.44 -3.55
C ASP C 220 24.14 46.84 -2.13
N ASN C 221 23.51 47.88 -1.60
CA ASN C 221 23.74 48.32 -0.23
C ASN C 221 22.53 47.99 0.62
N PRO C 222 22.66 47.16 1.65
CA PRO C 222 21.50 46.82 2.49
C PRO C 222 20.86 48.02 3.17
N ASP C 223 21.65 49.04 3.51
CA ASP C 223 21.15 50.23 4.20
C ASP C 223 21.36 51.46 3.32
N GLU C 224 20.88 52.60 3.82
CA GLU C 224 21.02 53.90 3.15
C GLU C 224 20.38 53.92 1.77
N ASP C 225 19.31 53.13 1.59
CA ASP C 225 18.56 53.13 0.35
C ASP C 225 17.17 52.59 0.61
N GLU C 226 16.27 52.85 -0.34
CA GLU C 226 14.88 52.43 -0.24
C GLU C 226 14.59 51.35 -1.28
N ILE C 227 13.40 50.75 -1.16
CA ILE C 227 12.93 49.74 -2.09
C ILE C 227 11.74 50.33 -2.84
N SER C 228 11.84 50.41 -4.17
CA SER C 228 10.81 50.99 -5.00
C SER C 228 10.04 49.89 -5.73
N ASP C 229 9.13 50.32 -6.61
CA ASP C 229 8.36 49.36 -7.39
C ASP C 229 9.24 48.57 -8.35
N ASP C 230 10.28 49.21 -8.90
CA ASP C 230 11.15 48.53 -9.86
C ASP C 230 11.87 47.35 -9.21
N VAL C 231 12.38 47.53 -8.00
CA VAL C 231 13.08 46.45 -7.31
C VAL C 231 12.13 45.30 -6.99
N ILE C 232 10.91 45.63 -6.53
CA ILE C 232 9.94 44.59 -6.20
C ILE C 232 9.55 43.80 -7.45
N TYR C 233 9.32 44.50 -8.57
CA TYR C 233 8.89 43.81 -9.78
C TYR C 233 10.03 43.05 -10.44
N GLU C 234 11.27 43.51 -10.28
CA GLU C 234 12.41 42.77 -10.82
C GLU C 234 12.76 41.55 -9.99
N CYS C 235 12.58 41.63 -8.66
CA CYS C 235 12.92 40.51 -7.79
C CYS C 235 12.03 39.30 -8.08
N CYS C 236 10.73 39.44 -7.85
CA CYS C 236 9.82 38.32 -8.05
C CYS C 236 9.56 38.04 -9.53
N GLY C 237 9.55 39.07 -10.37
CA GLY C 237 9.27 38.91 -11.78
C GLY C 237 7.85 39.19 -12.19
N ALA C 238 7.01 39.72 -11.29
CA ALA C 238 5.64 40.02 -11.64
C ALA C 238 5.58 41.19 -12.62
N PRO C 239 4.65 41.16 -13.58
CA PRO C 239 4.55 42.27 -14.54
C PRO C 239 4.07 43.54 -13.85
N ARG C 240 4.54 44.67 -14.38
CA ARG C 240 4.10 45.96 -13.89
C ARG C 240 2.67 46.23 -14.33
N PRO C 241 1.88 46.94 -13.51
CA PRO C 241 0.52 47.31 -13.94
C PRO C 241 0.51 48.18 -15.19
N SER C 242 1.51 49.05 -15.34
CA SER C 242 1.60 49.87 -16.55
C SER C 242 1.80 49.00 -17.79
N ASP C 243 2.65 47.96 -17.66
CA ASP C 243 2.87 47.06 -18.79
C ASP C 243 1.58 46.31 -19.15
N LEU C 244 0.84 45.85 -18.14
CA LEU C 244 -0.42 45.17 -18.41
C LEU C 244 -1.43 46.11 -19.09
N LYS C 245 -1.51 47.35 -18.61
CA LYS C 245 -2.41 48.32 -19.22
C LYS C 245 -2.02 48.61 -20.65
N ALA C 246 -0.72 48.75 -20.93
CA ALA C 246 -0.25 49.00 -22.28
C ALA C 246 -0.56 47.81 -23.19
N VAL C 247 -0.36 46.59 -22.69
CA VAL C 247 -0.66 45.39 -23.48
C VAL C 247 -2.15 45.33 -23.80
N LEU C 248 -3.00 45.59 -22.80
CA LEU C 248 -4.45 45.57 -23.04
C LEU C 248 -4.87 46.65 -24.03
N LYS C 249 -4.28 47.85 -23.93
CA LYS C 249 -4.60 48.92 -24.86
C LYS C 249 -4.16 48.57 -26.27
N SER C 250 -2.97 47.98 -26.42
CA SER C 250 -2.50 47.57 -27.74
C SER C 250 -3.39 46.48 -28.33
N ILE C 251 -3.84 45.54 -27.51
CA ILE C 251 -4.75 44.50 -27.99
C ILE C 251 -6.08 45.12 -28.43
N LEU C 252 -6.58 46.10 -27.66
CA LEU C 252 -7.90 46.66 -27.94
C LEU C 252 -7.91 47.46 -29.25
N GLU C 253 -6.91 48.31 -29.45
CA GLU C 253 -6.94 49.22 -30.59
C GLU C 253 -6.20 48.68 -31.81
N ASP C 254 -5.20 47.84 -31.61
CA ASP C 254 -4.44 47.25 -32.72
C ASP C 254 -4.81 45.78 -32.86
N ASP C 255 -5.02 45.35 -34.10
CA ASP C 255 -5.62 44.03 -34.31
C ASP C 255 -4.59 42.90 -34.15
N TRP C 256 -3.61 42.82 -35.03
CA TRP C 256 -2.67 41.71 -34.85
C TRP C 256 -1.21 42.11 -34.96
N GLY C 257 -0.86 43.00 -35.90
CA GLY C 257 0.54 43.25 -36.19
C GLY C 257 1.27 43.99 -35.08
N THR C 258 0.92 45.26 -34.89
CA THR C 258 1.57 46.04 -33.84
C THR C 258 1.20 45.54 -32.46
N ALA C 259 0.02 44.94 -32.29
CA ALA C 259 -0.34 44.35 -31.00
C ALA C 259 0.58 43.18 -30.66
N HIS C 260 0.80 42.28 -31.61
CA HIS C 260 1.72 41.17 -31.38
C HIS C 260 3.14 41.66 -31.18
N TYR C 261 3.56 42.69 -31.94
CA TYR C 261 4.88 43.24 -31.76
C TYR C 261 5.06 43.83 -30.36
N THR C 262 4.04 44.55 -29.88
CA THR C 262 4.09 45.13 -28.54
C THR C 262 4.12 44.04 -27.46
N LEU C 263 3.32 42.99 -27.64
CA LEU C 263 3.33 41.90 -26.67
C LEU C 263 4.69 41.21 -26.63
N ASN C 264 5.29 40.95 -27.80
CA ASN C 264 6.60 40.32 -27.85
C ASN C 264 7.66 41.22 -27.24
N LYS C 265 7.61 42.52 -27.51
CA LYS C 265 8.57 43.46 -26.93
C LYS C 265 8.44 43.51 -25.42
N VAL C 266 7.21 43.52 -24.90
CA VAL C 266 7.00 43.54 -23.46
C VAL C 266 7.51 42.25 -22.83
N ARG C 267 7.24 41.11 -23.47
CA ARG C 267 7.65 39.83 -22.90
C ARG C 267 9.17 39.64 -22.95
N SER C 268 9.83 40.20 -23.97
CA SER C 268 11.27 40.02 -24.11
C SER C 268 12.09 41.12 -23.44
N ALA C 269 11.47 42.24 -23.07
CA ALA C 269 12.21 43.32 -22.41
C ALA C 269 12.74 42.88 -21.06
N LYS C 270 11.92 42.16 -20.28
CA LYS C 270 12.31 41.71 -18.95
C LYS C 270 12.32 40.20 -18.80
N GLY C 271 11.49 39.48 -19.56
CA GLY C 271 11.37 38.05 -19.40
C GLY C 271 10.06 37.66 -18.75
N LEU C 272 8.99 38.36 -19.13
CA LEU C 272 7.68 38.13 -18.52
C LEU C 272 7.15 36.74 -18.88
N ALA C 273 6.35 36.19 -17.98
CA ALA C 273 5.75 34.88 -18.17
C ALA C 273 4.31 35.03 -18.67
N LEU C 274 3.86 34.04 -19.43
CA LEU C 274 2.50 34.07 -19.96
C LEU C 274 1.47 33.97 -18.85
N ILE C 275 1.74 33.13 -17.83
CA ILE C 275 0.78 32.92 -16.76
C ILE C 275 0.52 34.23 -16.02
N ASP C 276 1.60 34.86 -15.53
CA ASP C 276 1.46 36.09 -14.75
C ASP C 276 0.77 37.18 -15.57
N LEU C 277 1.05 37.23 -16.87
CA LEU C 277 0.31 38.12 -17.75
C LEU C 277 -1.17 37.76 -17.78
N ILE C 278 -1.50 36.47 -17.69
CA ILE C 278 -2.90 36.05 -17.72
C ILE C 278 -3.63 36.52 -16.47
N GLU C 279 -3.03 36.31 -15.28
CA GLU C 279 -3.67 36.87 -14.09
C GLU C 279 -3.71 38.39 -14.12
N GLY C 280 -2.70 39.05 -14.71
CA GLY C 280 -2.77 40.49 -14.82
C GLY C 280 -3.94 40.96 -15.67
N ILE C 281 -4.15 40.32 -16.82
CA ILE C 281 -5.24 40.69 -17.71
C ILE C 281 -6.59 40.39 -17.05
N VAL C 282 -6.73 39.24 -16.40
CA VAL C 282 -8.03 38.96 -15.77
C VAL C 282 -8.28 39.90 -14.60
N LYS C 283 -7.23 40.29 -13.86
CA LYS C 283 -7.41 41.23 -12.77
C LYS C 283 -7.82 42.62 -13.28
N ILE C 284 -7.22 43.07 -14.38
CA ILE C 284 -7.60 44.39 -14.90
C ILE C 284 -8.87 44.35 -15.73
N LEU C 285 -9.37 43.16 -16.07
CA LEU C 285 -10.62 43.03 -16.80
C LEU C 285 -11.81 42.66 -15.93
N GLU C 286 -11.58 42.23 -14.69
CA GLU C 286 -12.69 41.87 -13.80
C GLU C 286 -13.57 43.06 -13.50
N ASP C 287 -13.01 44.27 -13.46
CA ASP C 287 -13.78 45.47 -13.17
C ASP C 287 -14.44 46.08 -14.41
N TYR C 288 -14.22 45.51 -15.58
CA TYR C 288 -14.83 46.02 -16.80
C TYR C 288 -16.34 45.80 -16.79
N GLU C 289 -17.07 46.74 -17.39
CA GLU C 289 -18.52 46.67 -17.48
C GLU C 289 -18.89 46.18 -18.88
N LEU C 290 -19.38 44.95 -18.97
CA LEU C 290 -19.78 44.33 -20.23
C LEU C 290 -21.20 43.79 -20.06
N GLN C 291 -22.18 44.51 -20.62
CA GLN C 291 -23.58 44.15 -20.47
C GLN C 291 -24.06 43.25 -21.59
N ASN C 292 -23.31 42.18 -21.88
CA ASN C 292 -23.75 41.17 -22.83
C ASN C 292 -23.60 39.78 -22.23
N GLU C 293 -22.57 39.61 -21.39
CA GLU C 293 -22.29 38.42 -20.60
C GLU C 293 -21.79 37.27 -21.48
N GLU C 294 -21.94 37.41 -22.79
CA GLU C 294 -21.35 36.45 -23.72
C GLU C 294 -19.86 36.71 -23.87
N THR C 295 -19.48 37.99 -23.90
CA THR C 295 -18.05 38.33 -23.87
C THR C 295 -17.40 37.80 -22.60
N ARG C 296 -18.06 37.95 -21.46
CA ARG C 296 -17.52 37.44 -20.21
C ARG C 296 -17.39 35.92 -20.24
N VAL C 297 -18.41 35.22 -20.74
CA VAL C 297 -18.35 33.77 -20.82
C VAL C 297 -17.21 33.32 -21.72
N HIS C 298 -17.10 33.92 -22.90
CA HIS C 298 -16.06 33.54 -23.86
C HIS C 298 -14.67 33.83 -23.29
N LEU C 299 -14.49 35.00 -22.68
CA LEU C 299 -13.20 35.36 -22.10
C LEU C 299 -12.80 34.37 -21.01
N LEU C 300 -13.72 34.09 -20.09
CA LEU C 300 -13.40 33.17 -18.98
C LEU C 300 -13.06 31.79 -19.50
N THR C 301 -13.88 31.25 -20.41
CA THR C 301 -13.65 29.90 -20.90
C THR C 301 -12.34 29.79 -21.68
N LYS C 302 -12.11 30.72 -22.61
CA LYS C 302 -10.90 30.65 -23.43
C LYS C 302 -9.65 30.89 -22.60
N LEU C 303 -9.70 31.82 -21.65
CA LEU C 303 -8.54 32.08 -20.82
C LEU C 303 -8.25 30.90 -19.89
N ALA C 304 -9.29 30.25 -19.37
CA ALA C 304 -9.07 29.06 -18.55
C ALA C 304 -8.46 27.94 -19.39
N ASP C 305 -8.94 27.75 -20.62
CA ASP C 305 -8.37 26.72 -21.49
C ASP C 305 -6.91 27.03 -21.81
N ILE C 306 -6.59 28.29 -22.08
CA ILE C 306 -5.21 28.67 -22.37
C ILE C 306 -4.32 28.45 -21.16
N GLU C 307 -4.81 28.82 -19.97
CA GLU C 307 -4.03 28.61 -18.74
C GLU C 307 -3.78 27.12 -18.49
N TYR C 308 -4.80 26.29 -18.74
CA TYR C 308 -4.63 24.85 -18.59
C TYR C 308 -3.60 24.32 -19.58
N SER C 309 -3.64 24.81 -20.82
CA SER C 309 -2.67 24.38 -21.82
C SER C 309 -1.26 24.80 -21.44
N ILE C 310 -1.10 26.02 -20.90
CA ILE C 310 0.21 26.47 -20.45
C ILE C 310 0.71 25.61 -19.30
N SER C 311 -0.18 25.27 -18.38
CA SER C 311 0.18 24.37 -17.30
C SER C 311 0.60 23.00 -17.82
N LYS C 312 -0.02 22.55 -18.91
CA LYS C 312 0.39 21.31 -19.56
C LYS C 312 1.59 21.50 -20.48
N GLY C 313 2.00 22.74 -20.73
CA GLY C 313 3.13 23.01 -21.60
C GLY C 313 2.74 23.26 -23.04
N GLY C 314 3.64 23.90 -23.77
CA GLY C 314 3.39 24.21 -25.16
C GLY C 314 4.30 25.33 -25.63
N ASN C 315 3.93 25.88 -26.79
CA ASN C 315 4.70 26.97 -27.39
C ASN C 315 4.23 28.30 -26.82
N ASP C 316 5.19 29.12 -26.38
CA ASP C 316 4.85 30.42 -25.78
C ASP C 316 4.23 31.37 -26.78
N GLN C 317 4.77 31.42 -28.01
CA GLN C 317 4.20 32.30 -29.03
C GLN C 317 2.78 31.88 -29.39
N ILE C 318 2.55 30.56 -29.49
CA ILE C 318 1.23 30.05 -29.84
C ILE C 318 0.22 30.44 -28.77
N GLN C 319 0.58 30.27 -27.50
CA GLN C 319 -0.34 30.60 -26.42
C GLN C 319 -0.57 32.10 -26.31
N GLY C 320 0.46 32.90 -26.55
CA GLY C 320 0.28 34.35 -26.54
C GLY C 320 -0.65 34.84 -27.64
N SER C 321 -0.46 34.31 -28.86
CA SER C 321 -1.38 34.64 -29.93
C SER C 321 -2.78 34.12 -29.66
N ALA C 322 -2.89 32.97 -28.97
CA ALA C 322 -4.20 32.47 -28.58
C ALA C 322 -4.89 33.43 -27.61
N VAL C 323 -4.14 33.97 -26.65
CA VAL C 323 -4.70 34.95 -25.72
C VAL C 323 -5.17 36.19 -26.48
N ILE C 324 -4.33 36.68 -27.41
CA ILE C 324 -4.69 37.87 -28.18
C ILE C 324 -5.96 37.63 -28.98
N GLY C 325 -6.03 36.48 -29.67
CA GLY C 325 -7.19 36.18 -30.48
C GLY C 325 -8.45 35.99 -29.65
N ALA C 326 -8.33 35.34 -28.49
CA ALA C 326 -9.48 35.15 -27.62
C ALA C 326 -10.01 36.48 -27.10
N ILE C 327 -9.10 37.37 -26.68
CA ILE C 327 -9.53 38.68 -26.18
C ILE C 327 -10.18 39.49 -27.30
N LYS C 328 -9.61 39.43 -28.51
CA LYS C 328 -10.18 40.20 -29.61
C LYS C 328 -11.54 39.64 -30.04
N ALA C 329 -11.68 38.32 -30.07
CA ALA C 329 -12.93 37.72 -30.56
C ALA C 329 -14.04 37.85 -29.53
N SER C 330 -13.72 37.70 -28.24
CA SER C 330 -14.75 37.81 -27.20
C SER C 330 -15.32 39.22 -27.15
N PHE C 331 -14.48 40.24 -27.28
CA PHE C 331 -14.94 41.62 -27.21
C PHE C 331 -15.73 42.05 -28.44
N GLU C 332 -15.74 41.24 -29.51
CA GLU C 332 -16.48 41.58 -30.71
C GLU C 332 -17.99 41.46 -30.52
N ASN C 333 -18.46 40.82 -29.45
CA ASN C 333 -19.88 40.66 -29.20
C ASN C 333 -20.48 41.95 -28.65
N GLN D 24 36.30 14.37 -26.49
CA GLN D 24 36.31 14.60 -25.05
C GLN D 24 34.91 14.48 -24.45
N GLN D 25 34.23 15.61 -24.32
CA GLN D 25 32.91 15.69 -23.74
C GLN D 25 32.00 16.52 -24.64
N PRO D 26 30.71 16.22 -24.68
CA PRO D 26 29.78 17.08 -25.42
C PRO D 26 29.74 18.48 -24.84
N TRP D 27 29.47 19.45 -25.72
CA TRP D 27 29.52 20.86 -25.32
C TRP D 27 28.46 21.21 -24.27
N VAL D 28 27.41 20.40 -24.15
CA VAL D 28 26.41 20.64 -23.12
C VAL D 28 27.01 20.45 -21.73
N GLU D 29 27.77 19.38 -21.55
CA GLU D 29 28.38 19.09 -20.26
C GLU D 29 29.79 19.66 -20.13
N LYS D 30 30.50 19.82 -21.25
CA LYS D 30 31.85 20.38 -21.18
C LYS D 30 31.82 21.85 -20.78
N TYR D 31 30.82 22.59 -21.27
CA TYR D 31 30.70 24.02 -20.98
C TYR D 31 29.62 24.32 -19.95
N ARG D 32 29.28 23.35 -19.11
CA ARG D 32 28.33 23.60 -18.03
C ARG D 32 28.96 24.58 -17.02
N PRO D 33 28.25 25.62 -16.61
CA PRO D 33 28.84 26.58 -15.67
C PRO D 33 29.18 25.94 -14.34
N LYS D 34 30.33 26.35 -13.79
CA LYS D 34 30.78 25.90 -12.49
C LYS D 34 30.80 27.01 -11.45
N ASN D 35 30.52 28.24 -11.86
CA ASN D 35 30.55 29.39 -10.97
C ASN D 35 29.28 30.22 -11.17
N LEU D 36 28.95 31.01 -10.16
CA LEU D 36 27.72 31.81 -10.21
C LEU D 36 27.80 32.90 -11.26
N ASP D 37 28.98 33.46 -11.51
CA ASP D 37 29.13 34.56 -12.44
C ASP D 37 29.22 34.10 -13.90
N GLU D 38 29.20 32.80 -14.15
CA GLU D 38 29.27 32.28 -15.51
C GLU D 38 27.93 32.27 -16.22
N VAL D 39 26.85 32.66 -15.54
CA VAL D 39 25.52 32.74 -16.14
C VAL D 39 25.46 33.94 -17.07
N THR D 40 24.41 34.01 -17.88
CA THR D 40 24.26 35.09 -18.86
C THR D 40 22.92 35.81 -18.82
N ALA D 41 21.86 35.21 -18.30
CA ALA D 41 20.57 35.88 -18.34
C ALA D 41 19.87 35.97 -16.99
N GLN D 42 19.99 34.95 -16.15
CA GLN D 42 19.28 34.92 -14.86
C GLN D 42 20.06 35.77 -13.86
N ASP D 43 19.87 37.09 -13.98
CA ASP D 43 20.62 38.02 -13.15
C ASP D 43 20.08 38.05 -11.72
N HIS D 44 18.76 38.05 -11.56
CA HIS D 44 18.17 38.29 -10.24
C HIS D 44 18.48 37.17 -9.26
N ALA D 45 18.22 35.92 -9.65
CA ALA D 45 18.46 34.80 -8.75
C ALA D 45 19.95 34.64 -8.45
N VAL D 46 20.80 34.85 -9.47
CA VAL D 46 22.24 34.70 -9.28
C VAL D 46 22.78 35.78 -8.34
N THR D 47 22.32 37.02 -8.49
CA THR D 47 22.80 38.07 -7.59
C THR D 47 22.23 37.90 -6.18
N VAL D 48 21.02 37.34 -6.06
CA VAL D 48 20.49 37.03 -4.73
C VAL D 48 21.34 35.97 -4.06
N LEU D 49 21.71 34.93 -4.80
CA LEU D 49 22.58 33.89 -4.25
C LEU D 49 23.97 34.43 -3.93
N LYS D 50 24.48 35.34 -4.76
CA LYS D 50 25.79 35.94 -4.50
C LYS D 50 25.78 36.77 -3.22
N LYS D 51 24.71 37.56 -3.01
CA LYS D 51 24.59 38.30 -1.77
C LYS D 51 24.29 37.39 -0.59
N THR D 52 23.76 36.19 -0.85
CA THR D 52 23.59 35.19 0.20
C THR D 52 24.92 34.53 0.57
N LEU D 53 25.92 34.57 -0.31
CA LEU D 53 27.20 33.92 -0.06
C LEU D 53 27.89 34.49 1.17
N LYS D 54 27.69 35.77 1.45
CA LYS D 54 28.29 36.40 2.63
C LYS D 54 27.40 36.33 3.86
N SER D 55 26.26 35.66 3.77
CA SER D 55 25.33 35.50 4.89
C SER D 55 25.03 34.02 5.07
N ALA D 56 24.17 33.72 6.05
CA ALA D 56 23.77 32.36 6.35
C ALA D 56 22.26 32.25 6.52
N ASN D 57 21.50 33.11 5.84
CA ASN D 57 20.05 33.13 5.91
C ASN D 57 19.41 32.67 4.61
N LEU D 58 19.98 31.65 3.99
CA LEU D 58 19.46 31.14 2.73
C LEU D 58 18.12 30.45 2.95
N PRO D 59 17.06 30.87 2.27
CA PRO D 59 15.76 30.24 2.45
C PRO D 59 15.54 29.10 1.46
N HIS D 60 14.42 28.41 1.62
CA HIS D 60 14.04 27.37 0.68
C HIS D 60 13.70 28.00 -0.66
N MET D 61 14.24 27.42 -1.73
CA MET D 61 14.11 27.98 -3.07
C MET D 61 13.29 27.07 -3.96
N LEU D 62 12.42 27.67 -4.77
CA LEU D 62 11.62 26.95 -5.75
C LEU D 62 12.03 27.45 -7.14
N PHE D 63 12.80 26.64 -7.85
CA PHE D 63 13.29 26.99 -9.18
C PHE D 63 12.32 26.47 -10.24
N TYR D 64 11.81 27.38 -11.07
CA TYR D 64 10.87 27.00 -12.11
C TYR D 64 11.10 27.86 -13.34
N GLY D 65 10.66 27.35 -14.48
CA GLY D 65 10.80 28.05 -15.74
C GLY D 65 10.79 27.09 -16.92
N PRO D 66 11.19 27.58 -18.10
CA PRO D 66 11.27 26.72 -19.26
C PRO D 66 12.38 25.69 -19.10
N PRO D 67 12.31 24.58 -19.82
CA PRO D 67 13.40 23.59 -19.74
C PRO D 67 14.70 24.15 -20.29
N GLY D 68 15.80 23.68 -19.73
CA GLY D 68 17.13 24.08 -20.19
C GLY D 68 17.50 25.52 -19.95
N THR D 69 17.08 26.09 -18.81
CA THR D 69 17.49 27.44 -18.44
C THR D 69 18.60 27.46 -17.40
N GLY D 70 19.08 26.30 -16.97
CA GLY D 70 20.22 26.24 -16.08
C GLY D 70 19.90 26.24 -14.60
N LYS D 71 18.73 25.75 -14.20
CA LYS D 71 18.41 25.64 -12.78
C LYS D 71 19.35 24.67 -12.09
N THR D 72 19.59 23.51 -12.70
CA THR D 72 20.54 22.55 -12.14
C THR D 72 21.95 23.14 -12.13
N SER D 73 22.33 23.84 -13.20
CA SER D 73 23.64 24.49 -13.23
C SER D 73 23.75 25.54 -12.15
N THR D 74 22.69 26.32 -11.95
CA THR D 74 22.71 27.37 -10.93
C THR D 74 22.85 26.77 -9.52
N ILE D 75 22.08 25.72 -9.23
CA ILE D 75 22.15 25.13 -7.90
C ILE D 75 23.50 24.45 -7.67
N LEU D 76 24.05 23.83 -8.72
CA LEU D 76 25.36 23.21 -8.60
C LEU D 76 26.45 24.26 -8.35
N ALA D 77 26.38 25.38 -9.07
CA ALA D 77 27.36 26.44 -8.86
C ALA D 77 27.23 27.04 -7.46
N LEU D 78 26.00 27.24 -6.99
CA LEU D 78 25.80 27.77 -5.64
C LEU D 78 26.35 26.81 -4.59
N THR D 79 26.10 25.50 -4.77
CA THR D 79 26.64 24.51 -3.84
C THR D 79 28.17 24.50 -3.87
N LYS D 80 28.76 24.65 -5.05
CA LYS D 80 30.22 24.68 -5.16
C LYS D 80 30.81 25.89 -4.45
N GLU D 81 30.17 27.07 -4.60
CA GLU D 81 30.64 28.24 -3.87
C GLU D 81 30.43 28.10 -2.37
N LEU D 82 29.36 27.43 -1.95
CA LEU D 82 29.06 27.36 -0.52
C LEU D 82 29.93 26.34 0.20
N TYR D 83 29.81 25.06 -0.17
CA TYR D 83 30.40 23.99 0.61
C TYR D 83 31.78 23.57 0.09
N GLY D 84 31.86 23.12 -1.15
CA GLY D 84 33.10 22.66 -1.72
C GLY D 84 33.19 21.15 -1.84
N PRO D 85 34.17 20.67 -2.60
CA PRO D 85 34.25 19.22 -2.87
C PRO D 85 34.41 18.36 -1.63
N ASP D 86 35.05 18.89 -0.58
CA ASP D 86 35.17 18.13 0.65
C ASP D 86 33.81 17.96 1.33
N LEU D 87 32.95 18.97 1.25
CA LEU D 87 31.64 18.93 1.89
C LEU D 87 30.53 18.47 0.94
N MET D 88 30.85 18.11 -0.30
CA MET D 88 29.85 17.50 -1.17
C MET D 88 29.32 16.20 -0.59
N LYS D 89 30.20 15.36 -0.06
CA LYS D 89 29.83 14.01 0.37
C LYS D 89 29.28 13.96 1.79
N SER D 90 29.19 15.09 2.49
CA SER D 90 28.76 15.09 3.88
C SER D 90 27.54 15.95 4.16
N ARG D 91 27.34 17.05 3.44
CA ARG D 91 26.26 17.98 3.73
C ARG D 91 25.29 18.14 2.56
N ILE D 92 25.37 17.30 1.54
CA ILE D 92 24.51 17.42 0.35
C ILE D 92 23.84 16.08 0.09
N LEU D 93 22.52 16.10 -0.03
CA LEU D 93 21.74 14.93 -0.43
C LEU D 93 20.89 15.29 -1.64
N GLU D 94 20.96 14.48 -2.68
CA GLU D 94 20.21 14.70 -3.91
C GLU D 94 19.32 13.49 -4.16
N LEU D 95 18.02 13.73 -4.29
CA LEU D 95 17.05 12.69 -4.59
C LEU D 95 16.41 12.99 -5.94
N ASN D 96 16.42 11.98 -6.83
CA ASN D 96 15.93 12.16 -8.19
C ASN D 96 14.94 11.06 -8.56
N ALA D 97 14.58 11.00 -9.84
CA ALA D 97 13.71 9.94 -10.35
C ALA D 97 14.47 8.68 -10.73
N SER D 98 15.80 8.68 -10.61
CA SER D 98 16.60 7.52 -10.97
C SER D 98 16.46 6.37 -9.98
N ASP D 99 15.89 6.62 -8.80
CA ASP D 99 15.67 5.59 -7.79
C ASP D 99 14.20 5.62 -7.38
N GLU D 100 13.85 4.75 -6.43
CA GLU D 100 12.48 4.69 -5.95
C GLU D 100 12.13 5.97 -5.19
N ARG D 101 10.92 6.48 -5.45
CA ARG D 101 10.45 7.72 -4.86
C ARG D 101 9.05 7.52 -4.27
N GLY D 102 8.87 6.41 -3.56
CA GLY D 102 7.62 6.14 -2.88
C GLY D 102 7.44 6.98 -1.64
N ILE D 103 6.23 6.92 -1.09
CA ILE D 103 5.91 7.74 0.08
C ILE D 103 6.75 7.32 1.28
N SER D 104 6.87 6.01 1.52
CA SER D 104 7.58 5.54 2.71
C SER D 104 9.09 5.78 2.59
N ILE D 105 9.67 5.48 1.42
CA ILE D 105 11.11 5.62 1.25
C ILE D 105 11.51 7.08 1.34
N VAL D 106 10.78 7.96 0.64
CA VAL D 106 11.06 9.39 0.70
C VAL D 106 10.86 9.92 2.11
N ARG D 107 9.79 9.49 2.77
CA ARG D 107 9.52 9.93 4.13
C ARG D 107 10.67 9.58 5.07
N GLU D 108 11.09 8.31 5.06
CA GLU D 108 12.16 7.89 5.98
C GLU D 108 13.49 8.54 5.63
N LYS D 109 13.81 8.66 4.33
CA LYS D 109 15.08 9.24 3.94
C LYS D 109 15.15 10.73 4.29
N VAL D 110 14.07 11.47 4.04
CA VAL D 110 14.05 12.89 4.35
C VAL D 110 14.06 13.11 5.85
N LYS D 111 13.34 12.27 6.60
CA LYS D 111 13.37 12.39 8.06
C LYS D 111 14.74 12.06 8.62
N ASN D 112 15.45 11.10 8.04
CA ASN D 112 16.77 10.74 8.53
C ASN D 112 17.81 11.80 8.20
N PHE D 113 17.80 12.31 6.96
CA PHE D 113 18.82 13.28 6.58
C PHE D 113 18.54 14.66 7.16
N ALA D 114 17.25 15.03 7.27
CA ALA D 114 16.87 16.31 7.85
C ALA D 114 16.89 16.30 9.37
N ARG D 115 17.45 15.25 9.97
CA ARG D 115 17.68 15.19 11.41
C ARG D 115 19.15 15.07 11.77
N LEU D 116 20.03 14.88 10.80
CA LEU D 116 21.46 14.76 11.07
C LEU D 116 22.02 16.08 11.58
N THR D 117 22.99 15.98 12.49
CA THR D 117 23.59 17.16 13.09
C THR D 117 24.45 17.90 12.08
N VAL D 118 24.87 19.10 12.46
CA VAL D 118 25.73 19.92 11.61
C VAL D 118 27.10 19.25 11.50
N SER D 119 27.60 19.11 10.27
CA SER D 119 28.88 18.47 10.04
C SER D 119 30.01 19.36 10.57
N LYS D 120 31.19 18.74 10.70
CA LYS D 120 32.36 19.42 11.22
C LYS D 120 33.38 19.63 10.09
N PRO D 121 33.46 20.82 9.51
CA PRO D 121 34.43 21.07 8.45
C PRO D 121 35.85 21.14 9.00
N SER D 122 36.81 20.84 8.13
CA SER D 122 38.21 20.97 8.48
C SER D 122 38.63 22.43 8.45
N LYS D 123 39.83 22.70 9.00
CA LYS D 123 40.34 24.06 9.02
C LYS D 123 40.61 24.60 7.63
N HIS D 124 41.00 23.73 6.69
CA HIS D 124 41.23 24.17 5.32
C HIS D 124 39.94 24.65 4.67
N ASP D 125 38.84 23.93 4.88
CA ASP D 125 37.56 24.31 4.30
C ASP D 125 37.10 25.66 4.84
N LEU D 126 37.22 25.87 6.16
CA LEU D 126 36.83 27.15 6.74
C LEU D 126 37.74 28.27 6.28
N GLU D 127 39.04 28.00 6.15
CA GLU D 127 39.97 29.03 5.71
C GLU D 127 39.71 29.45 4.26
N ASN D 128 39.38 28.49 3.39
CA ASN D 128 39.21 28.79 1.97
C ASN D 128 37.78 29.22 1.64
N TYR D 129 36.80 28.37 1.93
CA TYR D 129 35.43 28.65 1.53
C TYR D 129 34.58 29.07 2.74
N PRO D 130 33.60 29.94 2.53
CA PRO D 130 32.66 30.25 3.63
C PRO D 130 31.69 29.10 3.86
N CYS D 131 31.88 28.37 4.97
CA CYS D 131 31.07 27.20 5.25
C CYS D 131 29.81 27.62 6.01
N PRO D 132 28.62 27.45 5.44
CA PRO D 132 27.41 27.77 6.19
C PRO D 132 27.17 26.75 7.28
N PRO D 133 26.45 27.13 8.34
CA PRO D 133 26.15 26.18 9.42
C PRO D 133 25.00 25.23 9.11
N TYR D 134 24.40 25.31 7.92
CA TYR D 134 23.26 24.48 7.56
C TYR D 134 23.65 23.52 6.44
N LYS D 135 22.71 22.64 6.09
CA LYS D 135 22.86 21.69 5.01
C LYS D 135 21.76 21.92 3.98
N ILE D 136 22.02 21.54 2.73
CA ILE D 136 21.12 21.78 1.62
C ILE D 136 20.66 20.44 1.07
N ILE D 137 19.34 20.28 0.92
CA ILE D 137 18.74 19.10 0.32
C ILE D 137 18.14 19.53 -1.01
N ILE D 138 18.56 18.86 -2.09
CA ILE D 138 18.12 19.20 -3.45
C ILE D 138 17.21 18.08 -3.94
N LEU D 139 16.01 18.46 -4.39
CA LEU D 139 15.02 17.53 -4.91
C LEU D 139 14.69 17.95 -6.34
N ASP D 140 15.34 17.33 -7.31
CA ASP D 140 15.08 17.63 -8.71
C ASP D 140 13.77 16.99 -9.17
N GLU D 141 13.28 17.50 -10.30
CA GLU D 141 12.00 17.10 -10.92
C GLU D 141 10.91 16.85 -9.87
N ALA D 142 10.69 17.87 -9.03
CA ALA D 142 9.68 17.78 -7.98
C ALA D 142 8.26 17.84 -8.53
N ASP D 143 8.08 18.17 -9.81
CA ASP D 143 6.75 18.20 -10.39
C ASP D 143 6.14 16.81 -10.43
N SER D 144 6.93 15.79 -10.73
CA SER D 144 6.46 14.42 -10.83
C SER D 144 6.37 13.72 -9.47
N MET D 145 6.36 14.48 -8.38
CA MET D 145 6.22 13.93 -7.04
C MET D 145 4.76 13.94 -6.61
N THR D 146 4.33 12.89 -5.93
CA THR D 146 2.95 12.78 -5.51
C THR D 146 2.61 13.81 -4.44
N ALA D 147 1.31 14.12 -4.35
CA ALA D 147 0.85 15.12 -3.39
C ALA D 147 1.03 14.63 -1.95
N ASP D 148 0.90 13.32 -1.71
CA ASP D 148 1.08 12.79 -0.37
C ASP D 148 2.51 12.99 0.13
N ALA D 149 3.49 12.78 -0.76
CA ALA D 149 4.88 12.98 -0.38
C ALA D 149 5.15 14.44 -0.04
N GLN D 150 4.59 15.37 -0.82
CA GLN D 150 4.76 16.80 -0.53
C GLN D 150 4.08 17.17 0.78
N SER D 151 2.90 16.61 1.05
CA SER D 151 2.21 16.88 2.31
C SER D 151 3.02 16.37 3.49
N ALA D 152 3.63 15.18 3.34
CA ALA D 152 4.48 14.66 4.41
C ALA D 152 5.72 15.50 4.59
N LEU D 153 6.29 16.01 3.50
CA LEU D 153 7.51 16.80 3.55
C LEU D 153 7.26 18.25 3.99
N ARG D 154 6.01 18.69 4.03
CA ARG D 154 5.70 20.06 4.45
C ARG D 154 6.24 20.35 5.85
N ARG D 155 5.90 19.50 6.82
CA ARG D 155 6.32 19.77 8.19
C ARG D 155 7.82 19.56 8.37
N THR D 156 8.41 18.62 7.64
CA THR D 156 9.86 18.45 7.68
C THR D 156 10.57 19.70 7.16
N MET D 157 10.03 20.31 6.10
CA MET D 157 10.57 21.57 5.62
C MET D 157 10.37 22.70 6.63
N GLU D 158 9.23 22.70 7.32
CA GLU D 158 8.90 23.83 8.19
C GLU D 158 9.65 23.78 9.51
N THR D 159 9.41 22.74 10.31
CA THR D 159 9.88 22.73 11.69
C THR D 159 11.32 22.25 11.87
N TYR D 160 11.92 21.65 10.85
CA TYR D 160 13.31 21.20 10.93
C TYR D 160 14.28 22.14 10.23
N SER D 161 13.79 23.28 9.71
CA SER D 161 14.59 24.18 8.88
C SER D 161 15.60 24.99 9.66
N GLY D 162 15.90 24.68 10.92
CA GLY D 162 16.88 25.46 11.66
C GLY D 162 18.26 25.38 11.04
N VAL D 163 18.72 24.17 10.70
CA VAL D 163 20.04 23.98 10.13
C VAL D 163 19.98 23.13 8.88
N THR D 164 18.83 23.12 8.20
CA THR D 164 18.71 22.46 6.92
C THR D 164 17.83 23.30 6.00
N ARG D 165 18.00 23.09 4.70
CA ARG D 165 17.23 23.80 3.69
C ARG D 165 16.87 22.85 2.56
N PHE D 166 15.76 23.14 1.89
CA PHE D 166 15.26 22.32 0.80
C PHE D 166 15.19 23.15 -0.48
N CYS D 167 15.68 22.60 -1.58
CA CYS D 167 15.63 23.24 -2.88
C CYS D 167 14.77 22.40 -3.81
N LEU D 168 13.75 23.02 -4.40
CA LEU D 168 12.83 22.35 -5.30
C LEU D 168 13.02 22.91 -6.71
N ILE D 169 13.28 22.01 -7.67
CA ILE D 169 13.48 22.37 -9.06
C ILE D 169 12.47 21.59 -9.90
N CYS D 170 11.61 22.31 -10.61
CA CYS D 170 10.61 21.68 -11.47
C CYS D 170 10.17 22.69 -12.51
N ASN D 171 9.86 22.19 -13.70
CA ASN D 171 9.43 23.03 -14.80
C ASN D 171 7.91 23.25 -14.84
N TYR D 172 7.16 22.60 -13.95
CA TYR D 172 5.71 22.74 -13.89
C TYR D 172 5.34 23.28 -12.51
N VAL D 173 4.89 24.53 -12.46
CA VAL D 173 4.54 25.16 -11.19
C VAL D 173 3.26 24.54 -10.63
N THR D 174 2.27 24.29 -11.49
CA THR D 174 0.99 23.79 -11.03
C THR D 174 1.08 22.40 -10.42
N ARG D 175 2.05 21.60 -10.86
CA ARG D 175 2.22 20.27 -10.28
C ARG D 175 2.70 20.33 -8.83
N ILE D 176 3.25 21.47 -8.41
CA ILE D 176 3.60 21.70 -7.01
C ILE D 176 2.40 22.33 -6.31
N ILE D 177 1.98 21.73 -5.20
CA ILE D 177 0.78 22.17 -4.50
C ILE D 177 1.02 23.51 -3.84
N ASP D 178 -0.06 24.16 -3.40
CA ASP D 178 0.03 25.51 -2.85
C ASP D 178 0.90 25.62 -1.60
N PRO D 179 0.80 24.74 -0.59
CA PRO D 179 1.65 24.92 0.60
C PRO D 179 3.14 24.92 0.32
N LEU D 180 3.61 24.10 -0.64
CA LEU D 180 5.02 24.12 -0.98
C LEU D 180 5.43 25.41 -1.68
N ALA D 181 4.51 26.01 -2.44
CA ALA D 181 4.82 27.27 -3.12
C ALA D 181 4.93 28.43 -2.14
N SER D 182 4.43 28.29 -0.91
CA SER D 182 4.51 29.34 0.08
C SER D 182 5.79 29.25 0.91
N ARG D 183 6.15 28.03 1.35
CA ARG D 183 7.37 27.87 2.15
C ARG D 183 8.62 28.18 1.32
N CYS D 184 8.63 27.73 0.06
CA CYS D 184 9.79 27.92 -0.80
C CYS D 184 9.71 29.27 -1.50
N SER D 185 10.84 29.98 -1.53
CA SER D 185 10.91 31.23 -2.26
C SER D 185 10.86 30.95 -3.76
N LYS D 186 10.01 31.69 -4.46
CA LYS D 186 9.79 31.47 -5.90
C LYS D 186 10.84 32.26 -6.67
N PHE D 187 11.72 31.54 -7.36
CA PHE D 187 12.79 32.14 -8.18
C PHE D 187 12.53 31.74 -9.62
N ARG D 188 11.81 32.58 -10.36
CA ARG D 188 11.52 32.30 -11.76
C ARG D 188 12.78 32.39 -12.60
N PHE D 189 12.95 31.45 -13.51
CA PHE D 189 14.06 31.44 -14.44
C PHE D 189 13.58 31.95 -15.80
N LYS D 190 14.16 33.05 -16.26
CA LYS D 190 13.73 33.67 -17.51
C LYS D 190 14.05 32.77 -18.69
N ALA D 191 13.19 32.83 -19.70
CA ALA D 191 13.43 32.08 -20.93
C ALA D 191 14.64 32.66 -21.66
N LEU D 192 15.54 31.78 -22.07
CA LEU D 192 16.80 32.19 -22.70
C LEU D 192 16.52 32.56 -24.15
N ASP D 193 16.19 33.82 -24.37
CA ASP D 193 15.87 34.33 -25.71
C ASP D 193 17.16 34.62 -26.48
N ALA D 194 17.03 35.34 -27.59
CA ALA D 194 18.19 35.64 -28.42
C ALA D 194 19.21 36.49 -27.67
N SER D 195 18.81 37.71 -27.30
CA SER D 195 19.73 38.63 -26.63
C SER D 195 20.17 38.11 -25.26
N ASN D 196 19.43 37.16 -24.68
CA ASN D 196 19.82 36.59 -23.41
C ASN D 196 20.98 35.61 -23.52
N ALA D 197 21.29 35.13 -24.72
CA ALA D 197 22.35 34.14 -24.89
C ALA D 197 23.26 34.41 -26.08
N ILE D 198 23.13 35.57 -26.73
CA ILE D 198 24.03 35.91 -27.84
C ILE D 198 25.47 35.96 -27.36
N ASP D 199 25.71 36.59 -26.21
CA ASP D 199 27.08 36.69 -25.68
C ASP D 199 27.61 35.31 -25.30
N ARG D 200 26.78 34.46 -24.70
CA ARG D 200 27.22 33.14 -24.32
C ARG D 200 27.59 32.29 -25.54
N LEU D 201 26.76 32.33 -26.59
CA LEU D 201 27.10 31.59 -27.80
C LEU D 201 28.33 32.17 -28.49
N ARG D 202 28.51 33.48 -28.45
CA ARG D 202 29.72 34.07 -29.01
C ARG D 202 30.95 33.59 -28.27
N PHE D 203 30.89 33.55 -26.93
CA PHE D 203 32.02 33.05 -26.14
C PHE D 203 32.29 31.58 -26.45
N ILE D 204 31.24 30.77 -26.57
CA ILE D 204 31.41 29.36 -26.90
C ILE D 204 32.04 29.20 -28.27
N SER D 205 31.60 30.01 -29.24
CA SER D 205 32.14 29.93 -30.60
C SER D 205 33.61 30.31 -30.63
N GLU D 206 33.99 31.38 -29.91
CA GLU D 206 35.41 31.74 -29.86
C GLU D 206 36.24 30.67 -29.17
N GLN D 207 35.70 30.06 -28.10
CA GLN D 207 36.45 29.02 -27.40
C GLN D 207 36.62 27.77 -28.26
N GLU D 208 35.59 27.41 -29.03
CA GLU D 208 35.61 26.19 -29.83
C GLU D 208 35.93 26.43 -31.29
N ASN D 209 36.27 27.67 -31.67
CA ASN D 209 36.65 28.03 -33.04
C ASN D 209 35.54 27.67 -34.04
N VAL D 210 34.39 28.33 -33.86
CA VAL D 210 33.23 28.15 -34.73
C VAL D 210 32.96 29.47 -35.44
N LYS D 211 32.80 29.41 -36.75
CA LYS D 211 32.64 30.60 -37.59
C LYS D 211 31.21 30.73 -38.06
N CYS D 212 30.63 31.91 -37.87
CA CYS D 212 29.31 32.26 -38.36
C CYS D 212 29.41 33.49 -39.25
N ASP D 213 28.58 33.54 -40.29
CA ASP D 213 28.72 34.62 -41.27
C ASP D 213 28.06 35.91 -40.81
N ASP D 214 26.73 35.92 -40.66
CA ASP D 214 26.04 37.11 -40.19
C ASP D 214 25.18 36.87 -38.96
N GLY D 215 24.30 35.87 -38.98
CA GLY D 215 23.32 35.71 -37.93
C GLY D 215 23.02 34.28 -37.53
N VAL D 216 24.00 33.39 -37.64
CA VAL D 216 23.76 31.97 -37.35
C VAL D 216 23.34 31.78 -35.89
N LEU D 217 24.09 32.39 -34.97
CA LEU D 217 23.76 32.24 -33.54
C LEU D 217 22.38 32.79 -33.22
N GLU D 218 22.06 33.95 -33.78
CA GLU D 218 20.71 34.51 -33.61
C GLU D 218 19.66 33.58 -34.20
N ARG D 219 19.96 32.98 -35.36
CA ARG D 219 19.04 32.02 -35.94
C ARG D 219 18.89 30.79 -35.07
N ILE D 220 19.98 30.33 -34.45
CA ILE D 220 19.90 29.17 -33.57
C ILE D 220 19.03 29.45 -32.36
N LEU D 221 19.20 30.63 -31.74
CA LEU D 221 18.32 31.00 -30.63
C LEU D 221 16.88 31.22 -31.06
N ASP D 222 16.66 31.71 -32.29
CA ASP D 222 15.30 31.82 -32.78
C ASP D 222 14.67 30.45 -32.96
N ILE D 223 15.43 29.48 -33.47
CA ILE D 223 14.92 28.12 -33.63
C ILE D 223 14.66 27.49 -32.27
N SER D 224 15.59 27.65 -31.33
CA SER D 224 15.43 27.05 -30.01
C SER D 224 14.28 27.69 -29.26
N ALA D 225 13.56 26.87 -28.49
CA ALA D 225 12.39 27.33 -27.75
C ALA D 225 12.78 27.91 -26.39
N GLY D 226 13.56 28.99 -26.44
CA GLY D 226 13.96 29.68 -25.24
C GLY D 226 14.94 28.94 -24.35
N ASP D 227 15.72 28.04 -24.92
CA ASP D 227 16.71 27.28 -24.16
C ASP D 227 18.08 27.37 -24.83
N LEU D 228 19.12 27.15 -24.03
CA LEU D 228 20.49 27.20 -24.51
C LEU D 228 21.10 25.83 -24.74
N ARG D 229 20.56 24.77 -24.14
CA ARG D 229 21.11 23.45 -24.32
C ARG D 229 20.86 22.92 -25.73
N ARG D 230 19.65 23.09 -26.24
CA ARG D 230 19.37 22.71 -27.62
C ARG D 230 20.20 23.53 -28.60
N GLY D 231 20.37 24.82 -28.33
CA GLY D 231 21.21 25.63 -29.18
C GLY D 231 22.66 25.21 -29.17
N ILE D 232 23.16 24.83 -27.99
CA ILE D 232 24.53 24.34 -27.87
C ILE D 232 24.70 23.04 -28.65
N THR D 233 23.72 22.13 -28.55
CA THR D 233 23.78 20.89 -29.31
C THR D 233 23.75 21.16 -30.82
N LEU D 234 22.91 22.09 -31.25
CA LEU D 234 22.84 22.44 -32.67
C LEU D 234 24.15 23.04 -33.15
N LEU D 235 24.76 23.92 -32.34
CA LEU D 235 26.05 24.50 -32.70
C LEU D 235 27.13 23.43 -32.78
N GLN D 236 27.12 22.49 -31.85
CA GLN D 236 28.09 21.40 -31.90
C GLN D 236 27.92 20.55 -33.15
N SER D 237 26.67 20.24 -33.50
CA SER D 237 26.42 19.46 -34.72
C SER D 237 26.88 20.22 -35.96
N ALA D 238 26.60 21.52 -36.03
CA ALA D 238 27.03 22.32 -37.16
C ALA D 238 28.55 22.39 -37.26
N SER D 239 29.23 22.55 -36.11
CA SER D 239 30.68 22.57 -36.12
C SER D 239 31.27 21.23 -36.55
N LYS D 240 30.67 20.13 -36.09
CA LYS D 240 31.14 18.82 -36.52
C LYS D 240 30.94 18.62 -38.02
N GLY D 241 29.80 19.04 -38.55
CA GLY D 241 29.58 18.95 -39.99
C GLY D 241 30.55 19.79 -40.79
N ALA D 242 30.82 21.01 -40.33
CA ALA D 242 31.77 21.88 -41.02
C ALA D 242 33.18 21.29 -40.98
N GLN D 243 33.58 20.71 -39.83
CA GLN D 243 34.89 20.08 -39.73
C GLN D 243 34.99 18.87 -40.64
N TYR D 244 33.93 18.06 -40.73
CA TYR D 244 33.94 16.90 -41.61
C TYR D 244 34.00 17.32 -43.07
N LEU D 245 33.28 18.38 -43.44
CA LEU D 245 33.31 18.86 -44.82
C LEU D 245 34.71 19.33 -45.21
N GLY D 246 35.36 20.07 -44.33
CA GLY D 246 36.77 20.39 -44.50
C GLY D 246 37.10 21.43 -45.54
N ASP D 247 36.11 22.12 -46.10
CA ASP D 247 36.39 23.14 -47.11
C ASP D 247 36.82 24.47 -46.51
N GLY D 248 36.73 24.62 -45.19
CA GLY D 248 37.17 25.85 -44.54
C GLY D 248 36.19 27.00 -44.59
N LYS D 249 34.99 26.79 -45.11
CA LYS D 249 34.00 27.85 -45.19
C LYS D 249 33.28 27.99 -43.85
N ASN D 250 32.49 29.05 -43.73
CA ASN D 250 31.74 29.33 -42.51
C ASN D 250 30.34 28.72 -42.58
N ILE D 251 29.76 28.50 -41.40
CA ILE D 251 28.43 27.91 -41.33
C ILE D 251 27.39 28.95 -41.72
N THR D 252 26.43 28.54 -42.55
CA THR D 252 25.36 29.40 -43.00
C THR D 252 24.06 29.09 -42.26
N SER D 253 23.07 29.97 -42.45
CA SER D 253 21.77 29.76 -41.80
C SER D 253 21.04 28.57 -42.38
N THR D 254 21.27 28.25 -43.65
CA THR D 254 20.60 27.10 -44.27
C THR D 254 21.05 25.80 -43.61
N GLN D 255 22.33 25.70 -43.23
CA GLN D 255 22.83 24.48 -42.61
C GLN D 255 22.17 24.24 -41.25
N VAL D 256 22.13 25.27 -40.40
CA VAL D 256 21.52 25.09 -39.08
C VAL D 256 20.02 24.90 -39.22
N GLU D 257 19.40 25.52 -40.23
CA GLU D 257 17.97 25.28 -40.47
C GLU D 257 17.71 23.83 -40.87
N GLU D 258 18.58 23.26 -41.71
CA GLU D 258 18.41 21.88 -42.14
C GLU D 258 18.64 20.91 -41.00
N LEU D 259 19.71 21.10 -40.24
CA LEU D 259 19.98 20.23 -39.09
C LEU D 259 19.04 20.49 -37.92
N ALA D 260 18.27 21.58 -37.94
CA ALA D 260 17.30 21.85 -36.88
C ALA D 260 15.90 21.37 -37.22
N GLY D 261 15.70 20.74 -38.38
CA GLY D 261 14.38 20.29 -38.76
C GLY D 261 13.44 21.39 -39.21
N VAL D 262 13.97 22.54 -39.60
CA VAL D 262 13.13 23.66 -40.01
C VAL D 262 12.64 23.42 -41.43
N VAL D 263 11.33 23.56 -41.63
CA VAL D 263 10.73 23.39 -42.96
C VAL D 263 11.22 24.50 -43.87
N PRO D 264 11.65 24.20 -45.10
CA PRO D 264 12.07 25.25 -46.03
C PRO D 264 10.91 26.17 -46.38
N HIS D 265 11.26 27.43 -46.70
CA HIS D 265 10.23 28.43 -46.97
C HIS D 265 9.42 28.09 -48.22
N ASP D 266 10.07 27.51 -49.24
CA ASP D 266 9.36 27.15 -50.46
C ASP D 266 8.31 26.07 -50.19
N ILE D 267 8.64 25.08 -49.36
CA ILE D 267 7.69 24.02 -49.04
C ILE D 267 6.54 24.57 -48.22
N LEU D 268 6.83 25.49 -47.30
CA LEU D 268 5.75 26.13 -46.53
C LEU D 268 4.85 26.96 -47.45
N ILE D 269 5.43 27.65 -48.42
CA ILE D 269 4.64 28.41 -49.39
C ILE D 269 3.75 27.48 -50.21
N GLU D 270 4.29 26.32 -50.60
CA GLU D 270 3.49 25.34 -51.31
C GLU D 270 2.35 24.82 -50.45
N ILE D 271 2.62 24.59 -49.15
CA ILE D 271 1.58 24.15 -48.23
C ILE D 271 0.47 25.19 -48.15
N VAL D 272 0.84 26.46 -48.01
CA VAL D 272 -0.15 27.53 -47.90
C VAL D 272 -0.95 27.64 -49.19
N GLU D 273 -0.29 27.52 -50.33
CA GLU D 273 -0.98 27.62 -51.61
C GLU D 273 -1.96 26.47 -51.80
N LYS D 274 -1.56 25.25 -51.41
CA LYS D 274 -2.48 24.12 -51.52
C LYS D 274 -3.64 24.23 -50.54
N VAL D 275 -3.41 24.79 -49.35
CA VAL D 275 -4.50 25.02 -48.41
C VAL D 275 -5.45 26.07 -48.96
N LYS D 276 -4.93 27.08 -49.68
CA LYS D 276 -5.79 28.12 -50.24
C LYS D 276 -6.79 27.55 -51.24
N SER D 277 -6.36 26.58 -52.05
CA SER D 277 -7.28 25.92 -52.96
C SER D 277 -8.26 25.05 -52.18
N GLY D 278 -9.54 25.16 -52.52
CA GLY D 278 -10.58 24.45 -51.78
C GLY D 278 -10.89 23.08 -52.34
N ASP D 279 -9.92 22.16 -52.27
CA ASP D 279 -10.10 20.79 -52.70
C ASP D 279 -9.57 19.83 -51.64
N PHE D 280 -10.40 18.86 -51.26
CA PHE D 280 -10.02 17.94 -50.19
C PHE D 280 -9.04 16.88 -50.67
N ASP D 281 -9.20 16.38 -51.89
CA ASP D 281 -8.38 15.26 -52.35
C ASP D 281 -6.92 15.66 -52.50
N GLU D 282 -6.67 16.80 -53.15
CA GLU D 282 -5.29 17.26 -53.34
C GLU D 282 -4.64 17.58 -52.00
N ILE D 283 -5.40 18.21 -51.09
CA ILE D 283 -4.88 18.54 -49.76
C ILE D 283 -4.50 17.27 -49.02
N LYS D 284 -5.37 16.27 -49.05
CA LYS D 284 -5.09 15.00 -48.36
C LYS D 284 -3.87 14.30 -48.96
N LYS D 285 -3.77 14.28 -50.30
CA LYS D 285 -2.64 13.65 -50.94
C LYS D 285 -1.33 14.36 -50.60
N TYR D 286 -1.35 15.69 -50.60
CA TYR D 286 -0.13 16.43 -50.27
C TYR D 286 0.21 16.29 -48.79
N VAL D 287 -0.79 16.17 -47.91
CA VAL D 287 -0.53 15.94 -46.50
C VAL D 287 0.12 14.57 -46.30
N ASN D 288 -0.37 13.56 -47.03
CA ASN D 288 0.25 12.24 -46.96
C ASN D 288 1.69 12.27 -47.47
N THR D 289 1.93 12.98 -48.58
CA THR D 289 3.28 13.09 -49.12
C THR D 289 4.20 13.86 -48.17
N PHE D 290 3.67 14.84 -47.45
CA PHE D 290 4.47 15.57 -46.47
C PHE D 290 4.76 14.72 -45.23
N MET D 291 3.79 13.92 -44.80
CA MET D 291 3.97 13.10 -43.61
C MET D 291 4.88 11.91 -43.86
N LYS D 292 4.93 11.41 -45.10
CA LYS D 292 5.85 10.32 -45.39
C LYS D 292 7.31 10.76 -45.37
N SER D 293 7.57 12.07 -45.31
CA SER D 293 8.92 12.58 -45.11
C SER D 293 9.34 12.55 -43.64
N GLY D 294 8.43 12.26 -42.72
CA GLY D 294 8.77 12.12 -41.33
C GLY D 294 9.12 13.39 -40.60
N TRP D 295 8.59 14.53 -41.05
CA TRP D 295 8.91 15.80 -40.42
C TRP D 295 8.02 16.02 -39.19
N SER D 296 8.61 16.56 -38.13
CA SER D 296 7.87 16.79 -36.89
C SER D 296 6.81 17.87 -37.12
N ALA D 297 5.59 17.59 -36.63
CA ALA D 297 4.48 18.50 -36.89
C ALA D 297 4.55 19.77 -36.05
N ALA D 298 5.24 19.75 -34.92
CA ALA D 298 5.33 20.95 -34.08
C ALA D 298 6.05 22.07 -34.80
N SER D 299 7.16 21.77 -35.48
CA SER D 299 7.88 22.78 -36.23
C SER D 299 7.04 23.32 -37.38
N VAL D 300 6.30 22.44 -38.07
CA VAL D 300 5.43 22.88 -39.15
C VAL D 300 4.34 23.78 -38.61
N VAL D 301 3.76 23.43 -37.46
CA VAL D 301 2.71 24.26 -36.86
C VAL D 301 3.27 25.63 -36.48
N ASN D 302 4.46 25.66 -35.88
CA ASN D 302 5.06 26.95 -35.50
C ASN D 302 5.36 27.81 -36.72
N GLN D 303 5.91 27.19 -37.78
CA GLN D 303 6.23 27.96 -38.99
C GLN D 303 4.98 28.49 -39.67
N LEU D 304 3.93 27.66 -39.75
CA LEU D 304 2.66 28.12 -40.32
C LEU D 304 2.08 29.25 -39.49
N HIS D 305 2.14 29.13 -38.17
CA HIS D 305 1.58 30.17 -37.30
C HIS D 305 2.33 31.48 -37.47
N GLU D 306 3.66 31.42 -37.49
CA GLU D 306 4.43 32.66 -37.63
C GLU D 306 4.25 33.27 -39.02
N TYR D 307 4.11 32.45 -40.07
CA TYR D 307 3.83 32.99 -41.39
C TYR D 307 2.46 33.66 -41.43
N TYR D 308 1.46 33.04 -40.81
CA TYR D 308 0.11 33.59 -40.86
C TYR D 308 -0.01 34.89 -40.07
N ILE D 309 0.63 34.96 -38.90
CA ILE D 309 0.61 36.20 -38.13
C ILE D 309 1.45 37.28 -38.82
N THR D 310 2.60 36.89 -39.39
CA THR D 310 3.47 37.87 -40.04
C THR D 310 2.79 38.49 -41.26
N ASN D 311 2.05 37.69 -42.02
CA ASN D 311 1.40 38.18 -43.22
C ASN D 311 0.32 39.22 -42.86
N ASP D 312 0.31 40.32 -43.61
CA ASP D 312 -0.63 41.41 -43.39
C ASP D 312 -1.77 41.43 -44.38
N ASN D 313 -1.95 40.34 -45.15
CA ASN D 313 -3.00 40.27 -46.16
C ASN D 313 -4.29 39.66 -45.63
N PHE D 314 -4.38 39.40 -44.33
CA PHE D 314 -5.55 38.78 -43.73
C PHE D 314 -6.20 39.74 -42.74
N ASP D 315 -7.52 39.63 -42.60
CA ASP D 315 -8.27 40.49 -41.70
C ASP D 315 -8.25 39.92 -40.28
N THR D 316 -8.98 40.58 -39.38
CA THR D 316 -8.89 40.25 -37.96
C THR D 316 -9.61 38.95 -37.64
N ASN D 317 -10.80 38.74 -38.21
CA ASN D 317 -11.59 37.55 -37.87
C ASN D 317 -10.88 36.27 -38.30
N PHE D 318 -10.33 36.27 -39.53
CA PHE D 318 -9.58 35.12 -39.99
C PHE D 318 -8.36 34.85 -39.13
N LYS D 319 -7.65 35.91 -38.74
CA LYS D 319 -6.47 35.74 -37.90
C LYS D 319 -6.84 35.17 -36.54
N ASN D 320 -7.92 35.65 -35.93
CA ASN D 320 -8.36 35.13 -34.65
C ASN D 320 -8.76 33.66 -34.76
N GLN D 321 -9.54 33.32 -35.79
CA GLN D 321 -9.97 31.93 -35.95
C GLN D 321 -8.80 30.99 -36.19
N ILE D 322 -7.86 31.41 -37.04
CA ILE D 322 -6.71 30.54 -37.32
C ILE D 322 -5.80 30.45 -36.12
N SER D 323 -5.69 31.51 -35.31
CA SER D 323 -4.92 31.44 -34.09
C SER D 323 -5.55 30.46 -33.11
N TRP D 324 -6.87 30.48 -32.98
CA TRP D 324 -7.54 29.53 -32.10
C TRP D 324 -7.34 28.09 -32.57
N LEU D 325 -7.47 27.85 -33.87
CA LEU D 325 -7.27 26.50 -34.39
C LEU D 325 -5.82 26.05 -34.22
N LEU D 326 -4.86 26.95 -34.44
CA LEU D 326 -3.45 26.59 -34.25
C LEU D 326 -3.16 26.28 -32.78
N PHE D 327 -3.74 27.05 -31.86
CA PHE D 327 -3.57 26.76 -30.44
C PHE D 327 -4.17 25.40 -30.07
N THR D 328 -5.37 25.11 -30.59
CA THR D 328 -5.98 23.82 -30.33
C THR D 328 -5.14 22.67 -30.87
N THR D 329 -4.62 22.83 -32.10
CA THR D 329 -3.80 21.79 -32.70
C THR D 329 -2.48 21.62 -31.93
N ASP D 330 -1.90 22.72 -31.46
CA ASP D 330 -0.68 22.62 -30.66
C ASP D 330 -0.94 21.88 -29.35
N SER D 331 -2.07 22.16 -28.70
CA SER D 331 -2.42 21.43 -27.48
C SER D 331 -2.63 19.95 -27.77
N ARG D 332 -3.30 19.63 -28.87
CA ARG D 332 -3.52 18.24 -29.24
C ARG D 332 -2.20 17.53 -29.50
N LEU D 333 -1.28 18.18 -30.21
CA LEU D 333 0.01 17.58 -30.50
C LEU D 333 0.84 17.41 -29.24
N ASN D 334 0.80 18.39 -28.34
CA ASN D 334 1.52 18.28 -27.07
C ASN D 334 0.90 17.23 -26.15
N ASN D 335 -0.36 16.86 -26.37
CA ASN D 335 -1.01 15.83 -25.59
C ASN D 335 -0.72 14.42 -26.11
N GLY D 336 0.34 14.24 -26.90
CA GLY D 336 0.75 12.93 -27.36
C GLY D 336 -0.21 12.25 -28.33
N THR D 337 -0.70 12.98 -29.32
CA THR D 337 -1.59 12.42 -30.34
C THR D 337 -0.83 12.23 -31.65
N ASN D 338 -1.54 11.71 -32.64
CA ASN D 338 -0.92 11.45 -33.94
C ASN D 338 -0.69 12.76 -34.69
N GLU D 339 0.49 12.87 -35.31
CA GLU D 339 0.83 14.10 -36.03
C GLU D 339 0.08 14.20 -37.35
N HIS D 340 -0.08 13.07 -38.05
CA HIS D 340 -0.71 13.10 -39.37
C HIS D 340 -2.16 13.55 -39.29
N ILE D 341 -2.94 12.94 -38.41
CA ILE D 341 -4.36 13.28 -38.29
C ILE D 341 -4.52 14.72 -37.83
N GLN D 342 -3.73 15.13 -36.85
CA GLN D 342 -3.85 16.49 -36.32
C GLN D 342 -3.49 17.54 -37.37
N LEU D 343 -2.41 17.32 -38.12
CA LEU D 343 -2.02 18.28 -39.14
C LEU D 343 -3.04 18.32 -40.28
N LEU D 344 -3.57 17.15 -40.67
CA LEU D 344 -4.60 17.13 -41.70
C LEU D 344 -5.85 17.87 -41.26
N ASN D 345 -6.28 17.65 -40.01
CA ASN D 345 -7.45 18.35 -39.49
C ASN D 345 -7.20 19.86 -39.42
N LEU D 346 -6.01 20.26 -38.98
CA LEU D 346 -5.69 21.68 -38.89
C LEU D 346 -5.71 22.34 -40.27
N LEU D 347 -5.11 21.69 -41.27
CA LEU D 347 -5.08 22.27 -42.61
C LEU D 347 -6.47 22.30 -43.23
N VAL D 348 -7.29 21.27 -42.98
CA VAL D 348 -8.66 21.26 -43.47
C VAL D 348 -9.47 22.39 -42.84
N LYS D 349 -9.30 22.59 -41.52
CA LYS D 349 -10.02 23.66 -40.84
C LYS D 349 -9.58 25.03 -41.34
N ILE D 350 -8.27 25.20 -41.59
CA ILE D 350 -7.78 26.47 -42.11
C ILE D 350 -8.33 26.72 -43.52
N SER D 351 -8.36 25.68 -44.36
CA SER D 351 -8.81 25.85 -45.73
C SER D 351 -10.28 26.23 -45.83
N GLN D 352 -11.09 25.87 -44.83
CA GLN D 352 -12.53 26.10 -44.86
C GLN D 352 -12.94 27.36 -44.14
N LEU D 353 -11.99 28.16 -43.66
CA LEU D 353 -12.33 29.42 -43.01
C LEU D 353 -12.76 30.46 -44.04
N MET E 1 18.51 -17.85 -45.75
CA MET E 1 17.64 -17.91 -44.59
C MET E 1 16.18 -17.60 -44.94
N SER E 2 15.49 -16.86 -44.08
CA SER E 2 14.03 -16.81 -44.15
C SER E 2 13.48 -15.61 -44.92
N LEU E 3 13.98 -14.39 -44.67
CA LEU E 3 13.37 -13.20 -45.25
C LEU E 3 14.43 -12.27 -45.80
N TRP E 4 14.03 -11.43 -46.75
CA TRP E 4 14.92 -10.39 -47.25
C TRP E 4 15.13 -9.25 -46.26
N VAL E 5 14.33 -9.20 -45.19
CA VAL E 5 14.46 -8.12 -44.22
C VAL E 5 15.82 -8.17 -43.54
N ASP E 6 16.28 -9.38 -43.18
CA ASP E 6 17.52 -9.55 -42.42
C ASP E 6 18.66 -10.18 -43.21
N LYS E 7 18.39 -10.77 -44.37
CA LYS E 7 19.43 -11.48 -45.10
C LYS E 7 20.29 -10.54 -45.92
N TYR E 8 19.70 -9.85 -46.90
CA TYR E 8 20.40 -8.80 -47.64
C TYR E 8 20.19 -7.44 -46.97
N ARG E 9 20.64 -7.36 -45.74
CA ARG E 9 20.69 -6.14 -44.94
C ARG E 9 22.01 -5.42 -45.17
N PRO E 10 21.98 -4.10 -45.37
CA PRO E 10 23.23 -3.36 -45.60
C PRO E 10 24.18 -3.43 -44.41
N LYS E 11 25.31 -4.10 -44.60
CA LYS E 11 26.27 -4.31 -43.50
C LYS E 11 27.11 -3.07 -43.28
N SER E 12 27.87 -2.67 -44.30
CA SER E 12 28.76 -1.52 -44.16
C SER E 12 27.99 -0.22 -44.34
N LEU E 13 28.63 0.88 -43.90
CA LEU E 13 28.02 2.19 -44.04
C LEU E 13 27.98 2.66 -45.48
N ASN E 14 28.88 2.14 -46.33
CA ASN E 14 28.97 2.55 -47.72
C ASN E 14 28.00 1.77 -48.62
N ALA E 15 27.18 0.90 -48.05
CA ALA E 15 26.24 0.07 -48.81
C ALA E 15 24.79 0.52 -48.60
N LEU E 16 24.58 1.84 -48.50
CA LEU E 16 23.26 2.40 -48.33
C LEU E 16 22.76 2.96 -49.65
N SER E 17 21.59 2.49 -50.09
CA SER E 17 21.01 2.91 -51.35
C SER E 17 20.05 4.08 -51.22
N HIS E 18 19.83 4.59 -50.01
CA HIS E 18 18.94 5.72 -49.78
C HIS E 18 19.69 7.02 -50.02
N ASN E 19 19.11 8.14 -49.60
CA ASN E 19 19.73 9.44 -49.78
C ASN E 19 21.05 9.53 -49.02
N GLU E 20 22.01 10.26 -49.60
CA GLU E 20 23.34 10.37 -49.03
C GLU E 20 23.50 11.53 -48.06
N GLU E 21 22.49 12.40 -47.94
CA GLU E 21 22.59 13.52 -47.00
C GLU E 21 22.62 13.03 -45.56
N LEU E 22 21.71 12.13 -45.21
CA LEU E 22 21.69 11.57 -43.86
C LEU E 22 22.94 10.75 -43.58
N THR E 23 23.40 9.99 -44.58
CA THR E 23 24.62 9.21 -44.41
C THR E 23 25.83 10.11 -44.16
N ASN E 24 25.94 11.21 -44.92
CA ASN E 24 27.03 12.15 -44.70
C ASN E 24 26.91 12.82 -43.32
N PHE E 25 25.69 13.15 -42.90
CA PHE E 25 25.49 13.75 -41.59
C PHE E 25 25.94 12.82 -40.47
N LEU E 26 25.56 11.55 -40.56
CA LEU E 26 25.94 10.61 -39.50
C LEU E 26 27.41 10.25 -39.59
N LYS E 27 28.01 10.30 -40.79
CA LYS E 27 29.45 10.14 -40.90
C LYS E 27 30.18 11.30 -40.24
N SER E 28 29.66 12.52 -40.39
CA SER E 28 30.21 13.66 -39.67
C SER E 28 30.06 13.48 -38.16
N LEU E 29 28.91 12.95 -37.74
CA LEU E 29 28.71 12.67 -36.31
C LEU E 29 29.66 11.58 -35.82
N SER E 30 29.90 10.56 -36.64
CA SER E 30 30.75 9.44 -36.25
C SER E 30 32.23 9.70 -36.47
N ASP E 31 32.60 10.88 -36.99
CA ASP E 31 34.02 11.20 -37.18
C ASP E 31 34.74 11.30 -35.85
N GLN E 32 34.08 11.88 -34.84
CA GLN E 32 34.65 12.03 -33.50
C GLN E 32 33.69 11.38 -32.50
N PRO E 33 33.82 10.08 -32.27
CA PRO E 33 32.90 9.41 -31.33
C PRO E 33 33.01 9.92 -29.91
N ARG E 34 34.16 10.48 -29.52
CA ARG E 34 34.32 10.99 -28.16
C ARG E 34 33.39 12.17 -27.88
N ASP E 35 33.21 13.04 -28.88
CA ASP E 35 32.40 14.24 -28.73
C ASP E 35 30.93 14.02 -29.10
N LEU E 36 30.55 12.78 -29.42
CA LEU E 36 29.19 12.50 -29.85
C LEU E 36 28.22 12.64 -28.68
N PRO E 37 27.20 13.49 -28.78
CA PRO E 37 26.22 13.63 -27.69
C PRO E 37 25.14 12.57 -27.79
N HIS E 38 24.15 12.68 -26.92
CA HIS E 38 22.99 11.80 -26.97
C HIS E 38 22.20 12.07 -28.23
N LEU E 39 21.68 11.00 -28.85
CA LEU E 39 21.08 11.10 -30.17
C LEU E 39 19.63 10.61 -30.12
N LEU E 40 18.78 11.23 -30.94
CA LEU E 40 17.38 10.85 -31.06
C LEU E 40 17.01 10.81 -32.53
N LEU E 41 16.35 9.73 -32.95
CA LEU E 41 15.95 9.54 -34.34
C LEU E 41 14.44 9.52 -34.43
N TYR E 42 13.89 10.33 -35.34
CA TYR E 42 12.46 10.36 -35.60
C TYR E 42 12.21 10.29 -37.09
N GLY E 43 11.13 9.60 -37.47
CA GLY E 43 10.77 9.43 -38.86
C GLY E 43 9.68 8.40 -39.05
N PRO E 44 9.31 8.13 -40.29
CA PRO E 44 8.26 7.14 -40.55
C PRO E 44 8.70 5.74 -40.17
N ASN E 45 7.71 4.92 -39.81
CA ASN E 45 7.99 3.53 -39.47
C ASN E 45 8.42 2.76 -40.71
N GLY E 46 9.40 1.87 -40.53
CA GLY E 46 9.92 1.08 -41.62
C GLY E 46 10.96 1.77 -42.49
N THR E 47 11.35 3.00 -42.15
CA THR E 47 12.38 3.68 -42.93
C THR E 47 13.73 3.00 -42.77
N GLY E 48 14.02 2.48 -41.58
CA GLY E 48 15.29 1.82 -41.34
C GLY E 48 16.20 2.57 -40.39
N LYS E 49 15.60 3.24 -39.40
CA LYS E 49 16.39 4.00 -38.44
C LYS E 49 17.33 3.09 -37.64
N LYS E 50 16.87 1.87 -37.31
CA LYS E 50 17.74 0.92 -36.64
C LYS E 50 18.92 0.53 -37.52
N THR E 51 18.74 0.50 -38.84
CA THR E 51 19.85 0.24 -39.74
C THR E 51 20.88 1.36 -39.66
N ARG E 52 20.44 2.61 -39.61
CA ARG E 52 21.37 3.73 -39.43
C ARG E 52 22.08 3.64 -38.09
N CYS E 53 21.37 3.25 -37.03
CA CYS E 53 22.01 3.10 -35.72
C CYS E 53 23.08 2.01 -35.75
N MET E 54 22.77 0.87 -36.38
CA MET E 54 23.75 -0.21 -36.50
C MET E 54 24.94 0.22 -37.33
N ALA E 55 24.70 0.97 -38.42
CA ALA E 55 25.81 1.45 -39.24
C ALA E 55 26.69 2.43 -38.47
N LEU E 56 26.07 3.30 -37.66
CA LEU E 56 26.83 4.23 -36.83
C LEU E 56 27.66 3.49 -35.79
N LEU E 57 27.08 2.43 -35.19
CA LEU E 57 27.83 1.63 -34.24
C LEU E 57 28.99 0.91 -34.92
N GLU E 58 28.76 0.43 -36.14
CA GLU E 58 29.84 -0.18 -36.93
C GLU E 58 30.96 0.82 -37.20
N SER E 59 30.59 2.06 -37.55
CA SER E 59 31.59 3.09 -37.81
C SER E 59 32.38 3.44 -36.56
N ILE E 60 31.71 3.49 -35.41
CA ILE E 60 32.37 3.88 -34.17
C ILE E 60 33.15 2.71 -33.58
N PHE E 61 32.48 1.59 -33.35
CA PHE E 61 33.13 0.45 -32.69
C PHE E 61 33.93 -0.38 -33.68
N GLY E 62 33.27 -0.96 -34.68
CA GLY E 62 33.93 -1.81 -35.64
C GLY E 62 33.20 -3.13 -35.80
N PRO E 63 33.89 -4.12 -36.34
CA PRO E 63 33.27 -5.43 -36.55
C PRO E 63 32.89 -6.10 -35.24
N GLY E 64 31.84 -6.91 -35.28
CA GLY E 64 31.32 -7.58 -34.11
C GLY E 64 30.13 -6.91 -33.47
N VAL E 65 29.51 -5.93 -34.14
CA VAL E 65 28.33 -5.26 -33.57
C VAL E 65 27.18 -6.22 -33.42
N TYR E 66 26.92 -7.03 -34.44
CA TYR E 66 25.79 -7.96 -34.43
C TYR E 66 26.18 -9.24 -33.69
N ARG E 67 25.83 -9.30 -32.41
CA ARG E 67 26.01 -10.50 -31.60
C ARG E 67 24.68 -10.81 -30.92
N LEU E 68 24.30 -12.10 -30.92
CA LEU E 68 23.01 -12.50 -30.39
C LEU E 68 22.91 -12.20 -28.90
N LYS E 69 23.69 -12.92 -28.10
CA LYS E 69 23.81 -12.73 -26.64
C LYS E 69 22.44 -12.58 -25.97
N ILE E 70 21.64 -13.65 -26.06
CA ILE E 70 20.33 -13.63 -25.45
C ILE E 70 20.47 -13.79 -23.94
N ASP E 71 19.91 -12.84 -23.19
CA ASP E 71 19.98 -12.85 -21.73
C ASP E 71 18.61 -12.58 -21.15
N VAL E 72 18.35 -13.19 -19.98
CA VAL E 72 17.11 -13.02 -19.26
C VAL E 72 17.43 -12.43 -17.89
N ARG E 73 16.73 -11.35 -17.53
CA ARG E 73 16.94 -10.68 -16.27
C ARG E 73 15.62 -10.60 -15.50
N GLN E 74 15.73 -10.70 -14.17
CA GLN E 74 14.58 -10.68 -13.28
C GLN E 74 14.50 -9.34 -12.58
N PHE E 75 13.31 -8.75 -12.56
CA PHE E 75 13.06 -7.45 -11.93
C PHE E 75 11.86 -7.55 -11.01
N VAL E 76 11.94 -6.84 -9.89
CA VAL E 76 10.90 -6.86 -8.86
C VAL E 76 10.33 -5.46 -8.70
N THR E 77 9.02 -5.34 -8.81
CA THR E 77 8.31 -4.07 -8.62
C THR E 77 7.88 -3.94 -7.17
N ALA E 78 7.00 -2.98 -6.89
CA ALA E 78 6.47 -2.82 -5.55
C ALA E 78 5.62 -4.03 -5.16
N SER E 79 5.41 -4.18 -3.85
CA SER E 79 4.73 -5.33 -3.26
C SER E 79 5.44 -6.63 -3.65
N ASN E 80 4.80 -7.45 -4.48
CA ASN E 80 5.40 -8.70 -4.92
C ASN E 80 4.80 -9.07 -6.28
N ARG E 81 5.55 -8.84 -7.34
CA ARG E 81 5.12 -9.22 -8.68
C ARG E 81 6.37 -9.38 -9.56
N LYS E 82 6.72 -10.62 -9.87
CA LYS E 82 7.89 -10.88 -10.70
C LYS E 82 7.63 -10.51 -12.15
N LEU E 83 8.62 -9.89 -12.78
CA LEU E 83 8.55 -9.49 -14.18
C LEU E 83 9.72 -10.09 -14.95
N GLU E 84 9.46 -10.44 -16.20
CA GLU E 84 10.46 -11.03 -17.09
C GLU E 84 10.63 -10.18 -18.33
N LEU E 85 11.88 -10.01 -18.76
CA LEU E 85 12.20 -9.24 -19.95
C LEU E 85 13.33 -9.93 -20.69
N ASN E 86 13.09 -10.30 -21.94
CA ASN E 86 14.10 -10.94 -22.78
C ASN E 86 14.92 -9.87 -23.50
N VAL E 87 15.69 -9.12 -22.70
CA VAL E 87 16.52 -8.06 -23.22
C VAL E 87 17.69 -8.67 -24.00
N VAL E 88 18.03 -8.06 -25.12
CA VAL E 88 19.12 -8.52 -25.97
C VAL E 88 20.40 -7.81 -25.56
N SER E 89 21.49 -8.57 -25.50
CA SER E 89 22.80 -8.06 -25.13
C SER E 89 23.74 -8.08 -26.33
N SER E 90 24.86 -7.36 -26.19
CA SER E 90 25.86 -7.25 -27.24
C SER E 90 27.12 -6.61 -26.68
N PRO E 91 28.30 -6.89 -27.23
CA PRO E 91 29.50 -6.16 -26.82
C PRO E 91 29.42 -4.70 -27.23
N TYR E 92 29.82 -3.82 -26.29
CA TYR E 92 29.96 -2.38 -26.45
C TYR E 92 28.65 -1.64 -26.64
N HIS E 93 27.50 -2.34 -26.70
CA HIS E 93 26.21 -1.67 -26.78
C HIS E 93 25.11 -2.64 -26.35
N LEU E 94 23.98 -2.08 -25.95
CA LEU E 94 22.84 -2.86 -25.50
C LEU E 94 21.56 -2.19 -25.98
N GLU E 95 20.57 -3.00 -26.34
CA GLU E 95 19.30 -2.53 -26.85
C GLU E 95 18.19 -2.83 -25.84
N ILE E 96 17.33 -1.85 -25.60
CA ILE E 96 16.25 -1.96 -24.62
C ILE E 96 15.02 -2.53 -25.30
N THR E 97 14.41 -3.55 -24.67
CA THR E 97 13.17 -4.11 -25.17
C THR E 97 12.00 -3.40 -24.51
N PRO E 98 11.14 -2.69 -25.27
CA PRO E 98 10.04 -1.95 -24.65
C PRO E 98 8.78 -2.78 -24.48
N SER E 99 8.91 -4.12 -24.57
CA SER E 99 7.76 -5.00 -24.51
C SER E 99 7.09 -5.00 -23.15
N ASP E 100 7.75 -4.49 -22.11
CA ASP E 100 7.14 -4.44 -20.79
C ASP E 100 6.02 -3.41 -20.73
N MET E 101 5.12 -3.59 -19.77
CA MET E 101 3.99 -2.69 -19.62
C MET E 101 4.46 -1.30 -19.17
N GLY E 102 3.71 -0.28 -19.59
CA GLY E 102 4.09 1.09 -19.30
C GLY E 102 4.03 1.45 -17.83
N ASN E 103 3.10 0.86 -17.09
CA ASN E 103 2.93 1.21 -15.69
C ASN E 103 4.14 0.79 -14.86
N ASN E 104 4.56 -0.47 -14.97
CA ASN E 104 5.74 -0.96 -14.27
C ASN E 104 6.95 -0.96 -15.20
N ASP E 105 7.33 0.25 -15.62
CA ASP E 105 8.46 0.43 -16.53
C ASP E 105 9.64 1.13 -15.89
N ARG E 106 9.45 1.76 -14.72
CA ARG E 106 10.56 2.46 -14.06
C ARG E 106 11.62 1.48 -13.57
N ILE E 107 11.21 0.35 -13.01
CA ILE E 107 12.15 -0.55 -12.34
C ILE E 107 13.15 -1.12 -13.34
N VAL E 108 12.67 -1.58 -14.49
CA VAL E 108 13.55 -2.24 -15.46
C VAL E 108 14.54 -1.23 -16.04
N ILE E 109 14.05 -0.05 -16.43
CA ILE E 109 14.92 0.98 -16.99
C ILE E 109 15.95 1.42 -15.97
N GLN E 110 15.51 1.73 -14.75
CA GLN E 110 16.43 2.21 -13.72
C GLN E 110 17.51 1.17 -13.43
N GLU E 111 17.10 -0.08 -13.19
CA GLU E 111 18.07 -1.11 -12.84
C GLU E 111 19.04 -1.36 -13.98
N LEU E 112 18.54 -1.46 -15.21
CA LEU E 112 19.42 -1.85 -16.32
C LEU E 112 20.34 -0.70 -16.73
N LEU E 113 19.86 0.55 -16.67
CA LEU E 113 20.76 1.67 -16.94
C LEU E 113 21.80 1.86 -15.84
N LYS E 114 21.44 1.61 -14.57
CA LYS E 114 22.48 1.61 -13.54
C LYS E 114 23.49 0.50 -13.79
N GLU E 115 23.02 -0.68 -14.22
CA GLU E 115 23.92 -1.80 -14.49
C GLU E 115 24.86 -1.50 -15.65
N VAL E 116 24.36 -0.86 -16.71
CA VAL E 116 25.24 -0.53 -17.83
C VAL E 116 26.19 0.61 -17.45
N ALA E 117 25.74 1.52 -16.59
CA ALA E 117 26.60 2.64 -16.19
C ALA E 117 27.74 2.18 -15.28
N GLN E 118 27.40 1.71 -14.09
CA GLN E 118 28.38 1.36 -13.03
C GLN E 118 29.23 2.59 -12.76
N MET E 119 30.57 2.46 -12.72
CA MET E 119 31.45 3.59 -12.46
C MET E 119 32.67 3.63 -13.37
N GLU E 120 32.97 2.54 -14.10
CA GLU E 120 34.14 2.45 -14.97
C GLU E 120 35.44 2.77 -14.23
N ARG E 134 36.35 4.73 -22.63
CA ARG E 134 35.32 4.19 -23.53
C ARG E 134 33.94 4.27 -22.88
N TYR E 135 32.90 4.17 -23.71
CA TYR E 135 31.53 4.21 -23.25
C TYR E 135 30.73 3.13 -23.97
N LYS E 136 29.62 2.73 -23.34
CA LYS E 136 28.71 1.74 -23.90
C LYS E 136 27.41 2.44 -24.28
N CYS E 137 26.94 2.22 -25.50
CA CYS E 137 25.77 2.90 -26.04
C CYS E 137 24.51 2.08 -25.77
N VAL E 138 23.40 2.78 -25.58
CA VAL E 138 22.11 2.16 -25.32
C VAL E 138 21.13 2.60 -26.39
N ILE E 139 20.46 1.63 -27.02
CA ILE E 139 19.47 1.88 -28.07
C ILE E 139 18.10 1.57 -27.48
N ILE E 140 17.20 2.55 -27.56
CA ILE E 140 15.86 2.45 -26.97
C ILE E 140 14.86 2.71 -28.09
N ASN E 141 14.27 1.66 -28.63
CA ASN E 141 13.28 1.79 -29.68
C ASN E 141 11.89 1.97 -29.11
N GLU E 142 11.07 2.74 -29.83
CA GLU E 142 9.69 3.02 -29.45
C GLU E 142 9.61 3.66 -28.07
N ALA E 143 10.21 4.85 -27.96
CA ALA E 143 10.24 5.59 -26.71
C ALA E 143 8.94 6.34 -26.44
N ASN E 144 7.99 6.33 -27.37
CA ASN E 144 6.73 7.02 -27.17
C ASN E 144 5.79 6.28 -26.22
N SER E 145 6.05 5.00 -25.95
CA SER E 145 5.16 4.21 -25.11
C SER E 145 5.29 4.53 -23.63
N LEU E 146 6.30 5.30 -23.23
CA LEU E 146 6.50 5.61 -21.82
C LEU E 146 5.45 6.61 -21.34
N THR E 147 5.14 6.53 -20.04
CA THR E 147 4.15 7.39 -19.40
C THR E 147 4.79 8.61 -18.74
N LYS E 148 5.89 9.10 -19.31
CA LYS E 148 6.65 10.28 -18.89
C LYS E 148 7.42 10.06 -17.59
N ASP E 149 7.15 8.94 -16.90
CA ASP E 149 7.93 8.60 -15.73
C ASP E 149 9.25 7.95 -16.14
N ALA E 150 9.17 6.96 -17.04
CA ALA E 150 10.38 6.45 -17.66
C ALA E 150 11.10 7.54 -18.44
N GLN E 151 10.35 8.49 -19.02
CA GLN E 151 10.98 9.61 -19.71
C GLN E 151 11.78 10.47 -18.73
N ALA E 152 11.22 10.75 -17.55
CA ALA E 152 11.97 11.48 -16.54
C ALA E 152 13.18 10.69 -16.06
N ALA E 153 13.04 9.37 -15.95
CA ALA E 153 14.17 8.53 -15.54
C ALA E 153 15.31 8.61 -16.56
N LEU E 154 14.98 8.49 -17.84
CA LEU E 154 15.99 8.65 -18.89
C LEU E 154 16.60 10.05 -18.87
N ARG E 155 15.78 11.08 -18.64
CA ARG E 155 16.27 12.45 -18.58
C ARG E 155 17.32 12.59 -17.48
N ARG E 156 17.00 12.12 -16.28
CA ARG E 156 17.93 12.22 -15.16
C ARG E 156 19.19 11.38 -15.42
N THR E 157 19.03 10.19 -16.01
CA THR E 157 20.18 9.33 -16.27
C THR E 157 21.13 9.96 -17.28
N MET E 158 20.59 10.57 -18.34
CA MET E 158 21.46 11.20 -19.34
C MET E 158 21.97 12.56 -18.89
N GLU E 159 21.36 13.16 -17.85
CA GLU E 159 21.91 14.40 -17.32
C GLU E 159 23.05 14.13 -16.34
N LYS E 160 22.80 13.29 -15.33
CA LYS E 160 23.77 13.13 -14.26
C LYS E 160 24.99 12.34 -14.72
N TYR E 161 24.79 11.25 -15.45
CA TYR E 161 25.88 10.34 -15.81
C TYR E 161 26.36 10.53 -17.24
N SER E 162 26.35 11.77 -17.74
CA SER E 162 26.74 12.05 -19.12
C SER E 162 28.26 12.08 -19.28
N LYS E 163 28.89 10.97 -18.87
CA LYS E 163 30.33 10.82 -18.99
C LYS E 163 30.69 9.48 -19.62
N ASN E 164 29.82 8.48 -19.43
CA ASN E 164 30.10 7.14 -19.92
C ASN E 164 28.89 6.44 -20.53
N ILE E 165 27.78 7.14 -20.73
CA ILE E 165 26.58 6.54 -21.29
C ILE E 165 26.09 7.40 -22.45
N ARG E 166 25.64 6.75 -23.53
CA ARG E 166 25.05 7.43 -24.68
C ARG E 166 23.73 6.76 -25.01
N LEU E 167 22.69 7.57 -25.19
CA LEU E 167 21.36 7.08 -25.50
C LEU E 167 21.02 7.44 -26.94
N ILE E 168 20.68 6.42 -27.74
CA ILE E 168 20.30 6.59 -29.14
C ILE E 168 18.93 5.97 -29.29
N MET E 169 17.89 6.80 -29.30
CA MET E 169 16.51 6.32 -29.34
C MET E 169 15.90 6.57 -30.72
N VAL E 170 15.20 5.55 -31.22
CA VAL E 170 14.48 5.63 -32.48
C VAL E 170 12.99 5.55 -32.18
N CYS E 171 12.21 6.40 -32.83
CA CYS E 171 10.77 6.44 -32.60
C CYS E 171 10.09 7.10 -33.79
N ASP E 172 8.77 6.92 -33.86
CA ASP E 172 7.94 7.55 -34.86
C ASP E 172 6.86 8.37 -34.17
N SER E 173 6.59 9.56 -34.71
CA SER E 173 5.62 10.50 -34.15
C SER E 173 6.00 10.86 -32.71
N MET E 174 7.14 11.55 -32.60
CA MET E 174 7.80 11.91 -31.34
C MET E 174 7.05 12.99 -30.52
N SER E 175 5.81 13.34 -30.88
CA SER E 175 5.08 14.33 -30.08
C SER E 175 4.87 13.93 -28.62
N PRO E 176 4.51 12.68 -28.27
CA PRO E 176 4.40 12.34 -26.84
C PRO E 176 5.71 12.45 -26.06
N ILE E 177 6.86 12.44 -26.75
CA ILE E 177 8.13 12.62 -26.05
C ILE E 177 8.18 14.01 -25.45
N ILE E 178 8.54 14.08 -24.17
CA ILE E 178 8.47 15.35 -23.44
C ILE E 178 9.50 16.34 -23.99
N ALA E 179 9.22 17.62 -23.76
CA ALA E 179 10.13 18.67 -24.21
C ALA E 179 11.54 18.59 -23.65
N PRO E 180 11.78 18.31 -22.35
CA PRO E 180 13.18 18.27 -21.88
C PRO E 180 14.06 17.25 -22.60
N ILE E 181 13.51 16.09 -22.96
CA ILE E 181 14.33 15.10 -23.65
C ILE E 181 14.69 15.57 -25.06
N LYS E 182 13.73 16.20 -25.76
CA LYS E 182 14.00 16.68 -27.10
C LYS E 182 15.05 17.78 -27.11
N SER E 183 15.22 18.50 -26.01
CA SER E 183 16.23 19.54 -25.93
C SER E 183 17.64 18.97 -25.74
N ARG E 184 17.77 17.86 -25.01
CA ARG E 184 19.07 17.31 -24.67
C ARG E 184 19.58 16.29 -25.67
N CYS E 185 18.81 15.96 -26.69
CA CYS E 185 19.19 14.98 -27.68
C CYS E 185 19.16 15.60 -29.07
N LEU E 186 20.19 15.30 -29.87
CA LEU E 186 20.24 15.79 -31.24
C LEU E 186 19.18 15.10 -32.08
N LEU E 187 18.52 15.88 -32.93
CA LEU E 187 17.40 15.40 -33.74
C LEU E 187 17.94 14.89 -35.07
N ILE E 188 17.75 13.59 -35.33
CA ILE E 188 18.08 12.99 -36.61
C ILE E 188 16.79 12.75 -37.38
N ARG E 189 16.75 13.26 -38.61
CA ARG E 189 15.60 13.08 -39.49
C ARG E 189 15.91 11.97 -40.49
N CYS E 190 14.98 11.02 -40.63
CA CYS E 190 15.15 9.87 -41.52
C CYS E 190 13.91 9.79 -42.42
N PRO E 191 13.86 10.60 -43.47
CA PRO E 191 12.70 10.55 -44.36
C PRO E 191 12.63 9.24 -45.13
N ALA E 192 11.40 8.82 -45.43
CA ALA E 192 11.21 7.59 -46.18
C ALA E 192 11.69 7.78 -47.63
N PRO E 193 12.25 6.73 -48.23
CA PRO E 193 12.75 6.85 -49.59
C PRO E 193 11.62 7.05 -50.60
N SER E 194 11.98 7.68 -51.72
CA SER E 194 11.02 7.86 -52.81
C SER E 194 10.80 6.53 -53.53
N ASP E 195 9.88 6.54 -54.49
CA ASP E 195 9.56 5.32 -55.22
C ASP E 195 10.74 4.82 -56.04
N SER E 196 11.56 5.74 -56.55
CA SER E 196 12.71 5.34 -57.37
C SER E 196 13.72 4.53 -56.57
N GLU E 197 13.99 4.94 -55.32
CA GLU E 197 14.97 4.22 -54.50
C GLU E 197 14.45 2.84 -54.11
N ILE E 198 13.16 2.74 -53.77
CA ILE E 198 12.58 1.44 -53.45
C ILE E 198 12.61 0.53 -54.67
N SER E 199 12.30 1.08 -55.85
CA SER E 199 12.36 0.29 -57.08
C SER E 199 13.79 -0.17 -57.36
N THR E 200 14.77 0.70 -57.12
CA THR E 200 16.17 0.30 -57.31
C THR E 200 16.57 -0.81 -56.35
N ILE E 201 16.13 -0.72 -55.09
CA ILE E 201 16.46 -1.76 -54.12
C ILE E 201 15.82 -3.09 -54.52
N LEU E 202 14.56 -3.04 -54.95
CA LEU E 202 13.88 -4.27 -55.39
C LEU E 202 14.55 -4.85 -56.63
N SER E 203 14.96 -3.99 -57.57
CA SER E 203 15.68 -4.46 -58.75
C SER E 203 17.01 -5.11 -58.37
N ASP E 204 17.72 -4.52 -57.41
CA ASP E 204 18.95 -5.12 -56.93
C ASP E 204 18.70 -6.49 -56.31
N VAL E 205 17.61 -6.63 -55.54
CA VAL E 205 17.29 -7.90 -54.92
C VAL E 205 16.98 -8.96 -55.97
N VAL E 206 16.12 -8.62 -56.93
CA VAL E 206 15.73 -9.59 -57.95
C VAL E 206 16.88 -9.89 -58.91
N THR E 207 17.85 -8.99 -59.04
CA THR E 207 19.06 -9.31 -59.78
C THR E 207 19.98 -10.21 -58.97
N ASN E 208 20.00 -10.03 -57.64
CA ASN E 208 20.81 -10.87 -56.78
C ASN E 208 20.33 -12.32 -56.83
N GLU E 209 19.01 -12.53 -56.78
CA GLU E 209 18.50 -13.90 -56.84
C GLU E 209 18.11 -14.34 -58.24
N ARG E 210 18.23 -13.45 -59.23
CA ARG E 210 18.00 -13.79 -60.65
C ARG E 210 16.60 -14.37 -60.88
N ILE E 211 15.60 -13.81 -60.21
CA ILE E 211 14.23 -14.30 -60.38
C ILE E 211 13.63 -13.73 -61.66
N GLN E 212 12.54 -14.35 -62.10
CA GLN E 212 11.89 -13.94 -63.33
C GLN E 212 11.19 -12.59 -63.15
N LEU E 213 11.37 -11.71 -64.13
CA LEU E 213 10.75 -10.38 -64.08
C LEU E 213 10.68 -9.85 -65.50
N GLU E 214 9.47 -9.72 -66.03
CA GLU E 214 9.28 -9.24 -67.40
C GLU E 214 9.03 -7.74 -67.46
N THR E 215 8.25 -7.20 -66.54
CA THR E 215 7.90 -5.79 -66.51
C THR E 215 8.25 -5.21 -65.15
N LYS E 216 8.85 -4.02 -65.16
CA LYS E 216 9.22 -3.33 -63.93
C LYS E 216 8.07 -2.55 -63.31
N ASP E 217 6.90 -2.56 -63.94
CA ASP E 217 5.75 -1.85 -63.38
C ASP E 217 5.30 -2.48 -62.06
N ILE E 218 5.48 -3.80 -61.91
CA ILE E 218 5.14 -4.44 -60.64
C ILE E 218 6.02 -3.95 -59.51
N LEU E 219 7.30 -3.65 -59.80
CA LEU E 219 8.18 -3.11 -58.78
C LEU E 219 7.71 -1.73 -58.32
N LYS E 220 7.30 -0.87 -59.25
CA LYS E 220 6.77 0.43 -58.89
C LYS E 220 5.45 0.30 -58.13
N ARG E 221 4.62 -0.68 -58.50
CA ARG E 221 3.37 -0.91 -57.78
C ARG E 221 3.64 -1.33 -56.34
N ILE E 222 4.63 -2.22 -56.13
CA ILE E 222 5.00 -2.61 -54.77
C ILE E 222 5.56 -1.41 -54.01
N ALA E 223 6.38 -0.60 -54.67
CA ALA E 223 7.00 0.55 -54.00
C ALA E 223 5.95 1.56 -53.56
N GLN E 224 4.97 1.85 -54.42
CA GLN E 224 3.96 2.86 -54.11
C GLN E 224 2.81 2.30 -53.27
N ALA E 225 2.64 0.99 -53.20
CA ALA E 225 1.58 0.40 -52.40
C ALA E 225 1.98 0.18 -50.95
N SER E 226 3.27 0.21 -50.64
CA SER E 226 3.76 0.07 -49.27
C SER E 226 3.92 1.41 -48.56
N ASN E 227 3.59 2.52 -49.23
CA ASN E 227 3.68 3.86 -48.66
C ASN E 227 5.09 4.18 -48.18
N GLY E 228 6.09 3.78 -48.98
CA GLY E 228 7.47 4.11 -48.65
C GLY E 228 8.06 3.32 -47.51
N ASN E 229 7.53 2.13 -47.22
CA ASN E 229 8.03 1.29 -46.14
C ASN E 229 8.89 0.17 -46.73
N LEU E 230 10.13 0.06 -46.23
CA LEU E 230 11.04 -0.95 -46.75
C LEU E 230 10.59 -2.35 -46.36
N ARG E 231 10.25 -2.55 -45.09
CA ARG E 231 9.85 -3.88 -44.63
C ARG E 231 8.57 -4.34 -45.30
N VAL E 232 7.58 -3.45 -45.40
CA VAL E 232 6.30 -3.81 -46.02
C VAL E 232 6.49 -4.16 -47.49
N SER E 233 7.28 -3.35 -48.21
CA SER E 233 7.52 -3.63 -49.63
C SER E 233 8.27 -4.93 -49.82
N LEU E 234 9.30 -5.18 -49.00
CA LEU E 234 10.06 -6.42 -49.11
C LEU E 234 9.19 -7.64 -48.82
N LEU E 235 8.34 -7.55 -47.79
CA LEU E 235 7.50 -8.69 -47.45
C LEU E 235 6.39 -8.89 -48.49
N MET E 236 5.88 -7.81 -49.08
CA MET E 236 4.92 -7.93 -50.16
C MET E 236 5.55 -8.59 -51.39
N LEU E 237 6.80 -8.23 -51.69
CA LEU E 237 7.52 -8.92 -52.76
C LEU E 237 7.73 -10.38 -52.43
N GLU E 238 8.02 -10.69 -51.16
CA GLU E 238 8.20 -12.07 -50.75
C GLU E 238 6.93 -12.89 -50.90
N SER E 239 5.78 -12.32 -50.54
CA SER E 239 4.53 -13.06 -50.55
C SER E 239 4.14 -13.47 -51.97
N MET E 240 4.26 -12.55 -52.93
CA MET E 240 3.87 -12.87 -54.30
C MET E 240 4.92 -13.72 -55.02
N ALA E 241 6.20 -13.59 -54.65
CA ALA E 241 7.23 -14.37 -55.32
C ALA E 241 7.13 -15.85 -54.96
N LEU E 242 6.92 -16.16 -53.68
CA LEU E 242 6.80 -17.56 -53.27
C LEU E 242 5.49 -18.19 -53.70
N ASN E 243 4.46 -17.38 -53.95
CA ASN E 243 3.16 -17.87 -54.39
C ASN E 243 3.04 -17.99 -55.90
N ASN E 244 4.06 -17.55 -56.65
CA ASN E 244 4.05 -17.60 -58.10
C ASN E 244 5.24 -18.38 -58.65
N GLU E 245 5.80 -19.29 -57.84
CA GLU E 245 6.95 -20.12 -58.22
C GLU E 245 8.13 -19.26 -58.67
N LEU E 246 8.39 -18.18 -57.93
CA LEU E 246 9.51 -17.27 -58.20
C LEU E 246 9.44 -16.70 -59.61
N ALA E 247 8.23 -16.35 -60.05
CA ALA E 247 8.03 -15.78 -61.39
C ALA E 247 6.95 -14.71 -61.27
N LEU E 248 7.38 -13.45 -61.19
CA LEU E 248 6.44 -12.34 -61.11
C LEU E 248 5.74 -12.13 -62.44
N LYS E 249 4.48 -11.70 -62.37
CA LYS E 249 3.67 -11.47 -63.55
C LYS E 249 3.02 -10.09 -63.44
N SER E 250 2.89 -9.41 -64.59
CA SER E 250 2.28 -8.09 -64.61
C SER E 250 0.79 -8.16 -64.27
N SER E 251 0.14 -9.29 -64.54
CA SER E 251 -1.28 -9.47 -64.24
C SER E 251 -1.53 -9.94 -62.82
N SER E 252 -0.48 -10.20 -62.05
CA SER E 252 -0.65 -10.65 -60.67
C SER E 252 -1.12 -9.50 -59.81
N PRO E 253 -2.27 -9.63 -59.12
CA PRO E 253 -2.74 -8.52 -58.29
C PRO E 253 -1.86 -8.31 -57.07
N ILE E 254 -1.81 -7.06 -56.61
CA ILE E 254 -1.07 -6.69 -55.42
C ILE E 254 -1.88 -7.15 -54.20
N ILE E 255 -1.37 -8.14 -53.48
CA ILE E 255 -2.09 -8.70 -52.34
C ILE E 255 -1.80 -7.88 -51.10
N LYS E 256 -2.76 -7.88 -50.18
CA LYS E 256 -2.70 -7.14 -48.93
C LYS E 256 -3.00 -8.08 -47.78
N PRO E 257 -2.52 -7.77 -46.57
CA PRO E 257 -2.81 -8.64 -45.42
C PRO E 257 -4.28 -8.62 -45.07
N ASP E 258 -4.64 -9.50 -44.13
CA ASP E 258 -6.00 -9.50 -43.60
C ASP E 258 -6.33 -8.20 -42.88
N TRP E 259 -5.31 -7.46 -42.42
CA TRP E 259 -5.54 -6.20 -41.73
C TRP E 259 -6.23 -5.19 -42.64
N ILE E 260 -5.67 -4.96 -43.82
CA ILE E 260 -6.21 -3.97 -44.73
C ILE E 260 -7.56 -4.42 -45.28
N ILE E 261 -7.71 -5.72 -45.54
CA ILE E 261 -8.98 -6.26 -46.03
C ILE E 261 -10.07 -6.06 -44.99
N VAL E 262 -9.77 -6.35 -43.72
CA VAL E 262 -10.75 -6.18 -42.65
C VAL E 262 -11.10 -4.71 -42.48
N ILE E 263 -10.10 -3.82 -42.53
CA ILE E 263 -10.36 -2.40 -42.39
C ILE E 263 -11.23 -1.88 -43.52
N HIS E 264 -10.93 -2.30 -44.76
CA HIS E 264 -11.73 -1.86 -45.90
C HIS E 264 -13.14 -2.42 -45.85
N LYS E 265 -13.31 -3.67 -45.42
CA LYS E 265 -14.64 -4.24 -45.27
C LYS E 265 -15.44 -3.50 -44.21
N LEU E 266 -14.79 -3.16 -43.09
CA LEU E 266 -15.47 -2.39 -42.05
C LEU E 266 -15.88 -1.01 -42.56
N THR E 267 -15.00 -0.36 -43.32
CA THR E 267 -15.33 0.95 -43.88
C THR E 267 -16.49 0.85 -44.86
N ARG E 268 -16.50 -0.17 -45.71
CA ARG E 268 -17.59 -0.36 -46.66
C ARG E 268 -18.90 -0.64 -45.93
N LYS E 269 -18.85 -1.45 -44.86
CA LYS E 269 -20.06 -1.71 -44.08
C LYS E 269 -20.58 -0.45 -43.40
N ILE E 270 -19.67 0.38 -42.89
CA ILE E 270 -20.07 1.63 -42.25
C ILE E 270 -20.72 2.56 -43.27
N VAL E 271 -20.10 2.68 -44.46
CA VAL E 271 -20.64 3.57 -45.48
C VAL E 271 -22.00 3.08 -45.97
N LYS E 272 -22.12 1.77 -46.21
CA LYS E 272 -23.37 1.23 -46.76
C LYS E 272 -24.46 1.18 -45.71
N GLU E 273 -24.22 0.47 -44.62
CA GLU E 273 -25.21 0.25 -43.57
C GLU E 273 -24.90 1.16 -42.39
N ARG E 274 -25.88 1.97 -41.98
CA ARG E 274 -25.75 2.89 -40.85
C ARG E 274 -26.92 2.62 -39.90
N SER E 275 -26.69 1.71 -38.94
CA SER E 275 -27.73 1.32 -38.00
C SER E 275 -27.08 0.78 -36.73
N VAL E 276 -27.91 0.57 -35.71
CA VAL E 276 -27.42 0.05 -34.44
C VAL E 276 -26.95 -1.39 -34.60
N ASN E 277 -27.65 -2.18 -35.44
CA ASN E 277 -27.17 -3.52 -35.74
C ASN E 277 -25.82 -3.47 -36.43
N SER E 278 -25.67 -2.59 -37.42
CA SER E 278 -24.37 -2.37 -38.04
C SER E 278 -23.35 -1.92 -37.00
N LEU E 279 -23.78 -1.15 -35.99
CA LEU E 279 -22.87 -0.72 -34.94
C LEU E 279 -22.39 -1.90 -34.09
N ILE E 280 -23.27 -2.84 -33.79
CA ILE E 280 -22.82 -3.95 -32.94
C ILE E 280 -21.97 -4.94 -33.75
N GLU E 281 -22.24 -5.12 -35.05
CA GLU E 281 -21.30 -5.89 -35.86
C GLU E 281 -19.95 -5.19 -35.99
N CYS E 282 -19.95 -3.85 -36.07
CA CYS E 282 -18.69 -3.12 -36.03
C CYS E 282 -17.97 -3.32 -34.71
N ARG E 283 -18.72 -3.37 -33.61
CA ARG E 283 -18.13 -3.66 -32.30
C ARG E 283 -17.50 -5.04 -32.27
N ALA E 284 -18.19 -6.03 -32.83
CA ALA E 284 -17.63 -7.39 -32.88
C ALA E 284 -16.36 -7.43 -33.71
N VAL E 285 -16.36 -6.74 -34.86
CA VAL E 285 -15.15 -6.68 -35.69
C VAL E 285 -14.02 -5.99 -34.95
N LEU E 286 -14.33 -4.90 -34.25
CA LEU E 286 -13.31 -4.18 -33.50
C LEU E 286 -12.72 -5.05 -32.38
N TYR E 287 -13.57 -5.80 -31.67
CA TYR E 287 -13.07 -6.68 -30.63
C TYR E 287 -12.21 -7.79 -31.20
N ASP E 288 -12.62 -8.35 -32.35
CA ASP E 288 -11.81 -9.39 -32.99
C ASP E 288 -10.46 -8.85 -33.42
N LEU E 289 -10.43 -7.60 -33.90
CA LEU E 289 -9.14 -6.99 -34.23
C LEU E 289 -8.31 -6.76 -32.99
N LEU E 290 -8.89 -6.14 -31.96
CA LEU E 290 -8.18 -5.76 -30.74
C LEU E 290 -7.73 -6.95 -29.91
N ALA E 291 -8.23 -8.15 -30.20
CA ALA E 291 -7.78 -9.33 -29.47
C ALA E 291 -6.33 -9.75 -29.82
N HIS E 292 -5.53 -8.96 -30.55
CA HIS E 292 -4.21 -9.37 -30.99
C HIS E 292 -3.11 -8.46 -30.44
N CYS E 293 -3.34 -7.84 -29.28
CA CYS E 293 -2.34 -7.02 -28.59
C CYS E 293 -1.83 -5.87 -29.47
N ILE E 294 -2.73 -4.95 -29.78
CA ILE E 294 -2.41 -3.87 -30.71
C ILE E 294 -2.83 -2.53 -30.13
N PRO E 295 -2.15 -1.44 -30.47
CA PRO E 295 -2.63 -0.11 -30.09
C PRO E 295 -3.72 0.36 -31.04
N ALA E 296 -4.65 1.16 -30.50
CA ALA E 296 -5.81 1.60 -31.25
C ALA E 296 -5.58 2.89 -32.04
N ASN E 297 -4.46 3.59 -31.80
CA ASN E 297 -4.21 4.82 -32.54
C ASN E 297 -4.02 4.55 -34.03
N ILE E 298 -3.23 3.52 -34.37
CA ILE E 298 -3.02 3.20 -35.77
C ILE E 298 -4.30 2.65 -36.41
N ILE E 299 -5.12 1.94 -35.63
CA ILE E 299 -6.41 1.46 -36.14
C ILE E 299 -7.32 2.64 -36.48
N LEU E 300 -7.38 3.63 -35.57
CA LEU E 300 -8.20 4.81 -35.82
C LEU E 300 -7.67 5.58 -37.03
N LYS E 301 -6.35 5.69 -37.15
CA LYS E 301 -5.76 6.38 -38.31
C LYS E 301 -6.11 5.67 -39.61
N GLU E 302 -6.00 4.33 -39.63
CA GLU E 302 -6.30 3.58 -40.84
C GLU E 302 -7.79 3.67 -41.17
N LEU E 303 -8.66 3.61 -40.17
CA LEU E 303 -10.09 3.74 -40.41
C LEU E 303 -10.43 5.12 -40.97
N THR E 304 -9.81 6.16 -40.41
CA THR E 304 -10.05 7.51 -40.92
C THR E 304 -9.56 7.66 -42.35
N PHE E 305 -8.39 7.11 -42.67
CA PHE E 305 -7.86 7.23 -44.02
C PHE E 305 -8.68 6.41 -45.02
N SER E 306 -9.20 5.25 -44.60
CA SER E 306 -10.07 4.48 -45.48
C SER E 306 -11.41 5.16 -45.68
N LEU E 307 -11.92 5.86 -44.66
CA LEU E 307 -13.18 6.57 -44.80
C LEU E 307 -13.04 7.75 -45.75
N LEU E 308 -11.89 8.42 -45.73
CA LEU E 308 -11.65 9.55 -46.62
C LEU E 308 -11.39 9.13 -48.06
N ASP E 309 -11.18 7.84 -48.32
CA ASP E 309 -10.91 7.34 -49.66
C ASP E 309 -12.18 6.98 -50.43
N VAL E 310 -13.35 7.14 -49.81
CA VAL E 310 -14.61 6.81 -50.48
C VAL E 310 -14.95 7.93 -51.45
N GLU E 311 -15.20 7.56 -52.71
CA GLU E 311 -15.49 8.56 -53.73
C GLU E 311 -16.89 9.14 -53.60
N THR E 312 -17.83 8.39 -53.02
CA THR E 312 -19.20 8.86 -52.93
C THR E 312 -19.37 9.98 -51.91
N LEU E 313 -18.43 10.15 -51.00
CA LEU E 313 -18.53 11.19 -49.98
C LEU E 313 -18.14 12.55 -50.55
N ASN E 314 -18.71 13.60 -49.96
CA ASN E 314 -18.40 14.97 -50.34
C ASN E 314 -17.40 15.58 -49.35
N THR E 315 -17.11 16.86 -49.55
CA THR E 315 -16.09 17.51 -48.72
C THR E 315 -16.60 17.77 -47.30
N THR E 316 -17.90 18.01 -47.12
CA THR E 316 -18.43 18.27 -45.78
C THR E 316 -18.37 17.02 -44.91
N ASN E 317 -18.77 15.87 -45.46
CA ASN E 317 -18.69 14.62 -44.70
C ASN E 317 -17.24 14.28 -44.37
N LYS E 318 -16.32 14.49 -45.31
CA LYS E 318 -14.92 14.22 -45.04
C LYS E 318 -14.37 15.15 -43.97
N SER E 319 -14.75 16.42 -44.00
CA SER E 319 -14.31 17.36 -42.97
C SER E 319 -14.84 16.96 -41.60
N SER E 320 -16.12 16.59 -41.52
CA SER E 320 -16.68 16.15 -40.25
C SER E 320 -15.98 14.88 -39.76
N ILE E 321 -15.69 13.96 -40.68
CA ILE E 321 -15.04 12.70 -40.31
C ILE E 321 -13.65 12.96 -39.75
N ILE E 322 -12.87 13.82 -40.41
CA ILE E 322 -11.51 14.08 -39.94
C ILE E 322 -11.54 14.88 -38.63
N GLU E 323 -12.51 15.79 -38.47
CA GLU E 323 -12.60 16.55 -37.23
C GLU E 323 -12.92 15.65 -36.05
N TYR E 324 -13.93 14.78 -36.21
CA TYR E 324 -14.27 13.87 -35.11
C TYR E 324 -13.21 12.80 -34.91
N SER E 325 -12.47 12.44 -35.97
CA SER E 325 -11.34 11.54 -35.80
C SER E 325 -10.25 12.16 -34.94
N SER E 326 -9.95 13.44 -35.18
CA SER E 326 -8.99 14.15 -34.33
C SER E 326 -9.49 14.26 -32.89
N VAL E 327 -10.78 14.57 -32.73
CA VAL E 327 -11.35 14.71 -31.39
C VAL E 327 -11.27 13.39 -30.63
N PHE E 328 -11.63 12.28 -31.29
CA PHE E 328 -11.62 11.00 -30.61
C PHE E 328 -10.19 10.46 -30.43
N ASP E 329 -9.25 10.87 -31.28
CA ASP E 329 -7.85 10.55 -31.02
C ASP E 329 -7.36 11.28 -29.78
N GLU E 330 -7.77 12.55 -29.60
CA GLU E 330 -7.47 13.26 -28.37
C GLU E 330 -8.09 12.57 -27.17
N ARG E 331 -9.33 12.11 -27.31
CA ARG E 331 -9.98 11.39 -26.21
C ARG E 331 -9.26 10.09 -25.89
N LEU E 332 -8.80 9.38 -26.93
CA LEU E 332 -8.05 8.13 -26.72
C LEU E 332 -6.68 8.40 -26.12
N SER E 333 -6.13 9.60 -26.30
CA SER E 333 -4.82 9.92 -25.74
C SER E 333 -4.84 9.85 -24.22
N LEU E 334 -5.91 10.34 -23.59
CA LEU E 334 -6.03 10.31 -22.14
C LEU E 334 -6.82 9.11 -21.62
N GLY E 335 -7.63 8.47 -22.47
CA GLY E 335 -8.49 7.40 -22.00
C GLY E 335 -7.72 6.13 -21.69
N ASN E 336 -8.18 5.42 -20.67
CA ASN E 336 -7.57 4.15 -20.31
C ASN E 336 -7.98 3.05 -21.29
N LYS E 337 -9.23 3.08 -21.76
CA LYS E 337 -9.73 2.11 -22.71
C LYS E 337 -9.67 2.69 -24.12
N ALA E 338 -10.06 1.87 -25.10
CA ALA E 338 -9.98 2.27 -26.50
C ALA E 338 -11.29 2.00 -27.23
N ILE E 339 -12.03 1.00 -26.76
CA ILE E 339 -13.27 0.61 -27.43
C ILE E 339 -14.31 1.74 -27.35
N PHE E 340 -14.31 2.49 -26.24
CA PHE E 340 -15.23 3.62 -26.10
C PHE E 340 -15.00 4.65 -27.20
N HIS E 341 -13.75 5.08 -27.37
CA HIS E 341 -13.45 6.11 -28.37
C HIS E 341 -13.62 5.58 -29.78
N LEU E 342 -13.27 4.31 -30.02
CA LEU E 342 -13.44 3.73 -31.35
C LEU E 342 -14.92 3.68 -31.73
N GLU E 343 -15.77 3.22 -30.81
CA GLU E 343 -17.20 3.15 -31.11
C GLU E 343 -17.79 4.56 -31.23
N GLY E 344 -17.30 5.51 -30.43
CA GLY E 344 -17.78 6.88 -30.57
C GLY E 344 -17.45 7.46 -31.94
N PHE E 345 -16.22 7.25 -32.41
CA PHE E 345 -15.84 7.73 -33.73
C PHE E 345 -16.67 7.06 -34.82
N ILE E 346 -16.88 5.75 -34.70
CA ILE E 346 -17.66 5.03 -35.71
C ILE E 346 -19.11 5.53 -35.72
N ALA E 347 -19.70 5.71 -34.54
CA ALA E 347 -21.08 6.18 -34.45
C ALA E 347 -21.22 7.60 -34.98
N LYS E 348 -20.24 8.46 -34.71
CA LYS E 348 -20.26 9.81 -35.28
C LYS E 348 -20.16 9.77 -36.79
N VAL E 349 -19.33 8.85 -37.33
CA VAL E 349 -19.22 8.71 -38.78
C VAL E 349 -20.55 8.27 -39.38
N MET E 350 -21.22 7.29 -38.75
CA MET E 350 -22.52 6.86 -39.24
C MET E 350 -23.55 7.98 -39.16
N CYS E 351 -23.53 8.76 -38.08
CA CYS E 351 -24.46 9.87 -37.95
C CYS E 351 -24.23 10.92 -39.03
N CYS E 352 -22.97 11.21 -39.34
CA CYS E 352 -22.67 12.17 -40.39
C CYS E 352 -23.08 11.65 -41.76
N LEU E 353 -22.80 10.39 -42.04
CA LEU E 353 -23.13 9.82 -43.36
C LEU E 353 -24.63 9.72 -43.56
N ASP E 354 -25.37 9.34 -42.52
CA ASP E 354 -26.82 9.21 -42.61
C ASP E 354 -27.49 10.58 -42.60
N MET F 1 17.13 -47.31 -14.21
CA MET F 1 16.82 -46.37 -13.14
C MET F 1 17.32 -46.88 -11.79
N LYS F 2 18.39 -47.68 -11.81
CA LYS F 2 18.97 -48.23 -10.59
C LYS F 2 19.96 -47.22 -10.01
N LEU F 3 19.56 -46.56 -8.93
CA LEU F 3 20.39 -45.62 -8.19
C LEU F 3 20.50 -46.12 -6.76
N LYS F 4 21.48 -46.99 -6.52
CA LYS F 4 21.63 -47.66 -5.22
C LYS F 4 23.04 -47.43 -4.70
N LEU F 5 23.13 -46.93 -3.46
CA LEU F 5 24.41 -46.67 -2.83
C LEU F 5 24.26 -46.87 -1.33
N ILE F 6 25.39 -47.09 -0.67
CA ILE F 6 25.42 -47.37 0.77
C ILE F 6 26.33 -46.35 1.45
N VAL F 7 25.82 -45.74 2.52
CA VAL F 7 26.57 -44.78 3.32
C VAL F 7 26.80 -45.39 4.69
N ASN F 8 28.06 -45.42 5.13
CA ASN F 8 28.42 -46.04 6.40
C ASN F 8 29.28 -45.09 7.21
N GLY F 9 29.26 -45.29 8.53
CA GLY F 9 30.09 -44.48 9.41
C GLY F 9 31.56 -44.81 9.26
N CYS F 10 32.40 -43.81 9.56
CA CYS F 10 33.85 -43.94 9.44
C CYS F 10 34.49 -43.02 10.47
N GLU F 11 35.75 -42.65 10.23
CA GLU F 11 36.42 -41.67 11.07
C GLU F 11 36.59 -40.31 10.38
N ALA F 12 37.21 -40.28 9.19
CA ALA F 12 37.47 -39.03 8.50
C ALA F 12 36.27 -38.48 7.71
N PRO F 13 35.64 -39.23 6.80
CA PRO F 13 34.66 -38.60 5.90
C PRO F 13 33.36 -38.17 6.57
N ASP F 14 33.12 -38.53 7.83
CA ASP F 14 31.89 -38.10 8.49
C ASP F 14 31.81 -36.59 8.63
N ASP F 15 32.93 -35.94 8.96
CA ASP F 15 32.93 -34.48 9.02
C ASP F 15 32.61 -33.88 7.66
N TYR F 16 33.14 -34.46 6.60
CA TYR F 16 32.74 -34.07 5.25
C TYR F 16 31.28 -34.41 4.98
N LYS F 17 30.81 -35.55 5.49
CA LYS F 17 29.42 -35.93 5.30
C LYS F 17 28.49 -35.08 6.15
N LEU F 18 28.89 -34.76 7.38
CA LEU F 18 28.06 -33.91 8.25
C LEU F 18 28.08 -32.46 7.83
N LEU F 19 29.09 -32.03 7.05
CA LEU F 19 29.08 -30.68 6.49
C LEU F 19 27.96 -30.50 5.48
N ARG F 20 27.45 -31.61 4.91
CA ARG F 20 26.39 -31.53 3.92
C ARG F 20 25.08 -31.03 4.52
N THR F 21 24.90 -31.24 5.83
CA THR F 21 23.61 -30.94 6.46
C THR F 21 23.37 -29.45 6.59
N THR F 22 24.43 -28.65 6.75
CA THR F 22 24.27 -27.22 6.97
C THR F 22 23.58 -26.54 5.79
N ILE F 23 23.97 -26.92 4.57
CA ILE F 23 23.32 -26.37 3.38
C ILE F 23 21.88 -26.90 3.27
N ASN F 24 21.65 -28.14 3.70
CA ASN F 24 20.32 -28.74 3.57
C ASN F 24 19.26 -27.90 4.27
N THR F 25 19.59 -27.31 5.42
CA THR F 25 18.68 -26.36 6.04
C THR F 25 18.48 -25.13 5.14
N VAL F 26 19.57 -24.62 4.56
CA VAL F 26 19.47 -23.48 3.66
C VAL F 26 18.80 -23.89 2.35
N ALA F 27 19.15 -25.07 1.82
CA ALA F 27 18.56 -25.52 0.56
C ALA F 27 17.06 -25.75 0.70
N SER F 28 16.62 -26.30 1.84
CA SER F 28 15.19 -26.42 2.09
C SER F 28 14.53 -25.06 2.19
N LEU F 29 15.22 -24.09 2.80
CA LEU F 29 14.71 -22.72 2.84
C LEU F 29 14.69 -22.10 1.44
N ARG F 30 15.59 -22.52 0.57
CA ARG F 30 15.60 -22.09 -0.82
C ARG F 30 14.54 -22.87 -1.61
N LYS F 31 14.51 -22.68 -2.93
CA LYS F 31 13.54 -23.35 -3.77
C LYS F 31 13.75 -24.87 -3.78
N THR F 32 14.88 -25.32 -4.31
CA THR F 32 15.21 -26.74 -4.42
C THR F 32 16.68 -26.85 -4.80
N ALA F 33 17.12 -28.07 -5.07
CA ALA F 33 18.49 -28.33 -5.53
C ALA F 33 18.46 -29.42 -6.59
N ILE F 34 19.41 -29.34 -7.52
CA ILE F 34 19.50 -30.30 -8.61
C ILE F 34 20.61 -31.29 -8.29
N LEU F 35 20.62 -32.40 -9.02
CA LEU F 35 21.63 -33.44 -8.86
C LEU F 35 21.98 -34.01 -10.22
N ARG F 36 23.21 -34.54 -10.32
CA ARG F 36 23.68 -35.15 -11.56
C ARG F 36 24.62 -36.29 -11.19
N PHE F 37 24.09 -37.51 -11.12
CA PHE F 37 24.89 -38.67 -10.75
C PHE F 37 25.63 -39.19 -11.97
N ASN F 38 26.95 -39.28 -11.90
CA ASN F 38 27.78 -39.64 -13.04
C ASN F 38 28.79 -40.70 -12.63
N SER F 39 28.89 -41.76 -13.43
CA SER F 39 29.95 -42.78 -13.33
C SER F 39 29.91 -43.39 -11.94
N GLU F 40 31.00 -43.36 -11.17
CA GLU F 40 31.03 -43.97 -9.85
C GLU F 40 31.63 -43.07 -8.77
N ARG F 41 32.22 -41.93 -9.14
CA ARG F 41 32.85 -41.06 -8.14
C ARG F 41 32.61 -39.58 -8.35
N LEU F 42 31.83 -39.18 -9.35
CA LEU F 42 31.63 -37.77 -9.67
C LEU F 42 30.14 -37.47 -9.72
N THR F 43 29.69 -36.52 -8.91
CA THR F 43 28.32 -36.01 -9.00
C THR F 43 28.32 -34.55 -8.58
N ILE F 44 27.52 -33.75 -9.26
CA ILE F 44 27.46 -32.31 -9.01
C ILE F 44 26.05 -31.95 -8.59
N ILE F 45 25.94 -31.11 -7.55
CA ILE F 45 24.66 -30.67 -7.01
C ILE F 45 24.74 -29.17 -6.74
N SER F 46 23.69 -28.44 -7.11
CA SER F 46 23.65 -27.00 -6.94
C SER F 46 22.20 -26.55 -6.87
N THR F 47 22.01 -25.28 -6.50
CA THR F 47 20.69 -24.70 -6.42
C THR F 47 20.31 -24.08 -7.75
N PRO F 48 19.23 -24.50 -8.40
CA PRO F 48 18.83 -23.88 -9.66
C PRO F 48 18.27 -22.48 -9.45
N LYS F 49 18.32 -21.69 -10.52
CA LYS F 49 17.81 -20.32 -10.48
C LYS F 49 16.30 -20.29 -10.68
N ASP F 64 19.36 -12.96 -5.06
CA ASP F 64 19.48 -14.41 -4.98
C ASP F 64 20.84 -14.88 -5.50
N THR F 65 20.83 -15.43 -6.71
CA THR F 65 22.03 -15.94 -7.39
C THR F 65 22.72 -17.00 -6.52
N GLY F 66 22.00 -18.10 -6.33
CA GLY F 66 22.51 -19.21 -5.55
C GLY F 66 23.20 -20.27 -6.39
N GLN F 67 24.53 -20.23 -6.44
CA GLN F 67 25.32 -21.21 -7.17
C GLN F 67 26.24 -21.90 -6.19
N LEU F 68 26.12 -23.22 -6.09
CA LEU F 68 26.85 -24.01 -5.09
C LEU F 68 27.46 -25.25 -5.73
N TRP F 69 28.21 -25.04 -6.81
CA TRP F 69 28.97 -26.11 -7.45
C TRP F 69 29.87 -26.81 -6.43
N CYS F 70 29.58 -28.07 -6.14
CA CYS F 70 30.32 -28.83 -5.14
C CYS F 70 30.35 -30.30 -5.53
N THR F 71 31.53 -30.89 -5.53
CA THR F 71 31.71 -32.29 -5.87
C THR F 71 32.04 -33.11 -4.62
N ILE F 72 31.60 -34.37 -4.63
CA ILE F 72 31.86 -35.29 -3.53
C ILE F 72 32.47 -36.57 -4.09
N PRO F 73 33.57 -37.07 -3.50
CA PRO F 73 34.21 -38.27 -4.04
C PRO F 73 33.50 -39.56 -3.67
N HIS F 74 32.50 -39.95 -4.47
CA HIS F 74 31.77 -41.19 -4.23
C HIS F 74 32.60 -42.46 -4.46
N ASP F 75 33.89 -42.33 -4.80
CA ASP F 75 34.73 -43.52 -4.94
C ASP F 75 34.89 -44.23 -3.59
N VAL F 76 35.03 -43.46 -2.51
CA VAL F 76 35.13 -44.06 -1.18
C VAL F 76 33.80 -44.69 -0.76
N PHE F 77 32.68 -44.23 -1.31
CA PHE F 77 31.40 -44.82 -1.02
C PHE F 77 31.32 -46.24 -1.57
N ARG F 78 30.64 -47.11 -0.83
CA ARG F 78 30.60 -48.53 -1.14
C ARG F 78 29.36 -48.87 -1.97
N LEU F 79 29.58 -49.56 -3.08
CA LEU F 79 28.52 -50.15 -3.90
C LEU F 79 27.55 -49.06 -4.41
N TYR F 80 28.08 -48.17 -5.24
CA TYR F 80 27.31 -47.09 -5.85
C TYR F 80 27.33 -47.26 -7.36
N THR F 81 26.16 -47.18 -7.98
CA THR F 81 26.02 -47.35 -9.42
C THR F 81 24.88 -46.46 -9.92
N VAL F 82 25.08 -45.86 -11.09
CA VAL F 82 24.08 -44.98 -11.71
C VAL F 82 23.76 -45.51 -13.10
N ILE F 83 22.48 -45.52 -13.44
CA ILE F 83 22.02 -45.88 -14.78
C ILE F 83 20.65 -45.26 -14.99
N SER F 84 20.43 -44.69 -16.16
CA SER F 84 19.17 -44.04 -16.49
C SER F 84 19.00 -44.04 -18.00
N ALA F 85 17.84 -43.55 -18.45
CA ALA F 85 17.50 -43.48 -19.86
C ALA F 85 17.75 -42.10 -20.45
N ARG F 86 18.77 -41.40 -19.97
CA ARG F 86 19.10 -40.06 -20.43
C ARG F 86 20.15 -40.07 -21.54
N GLU F 87 20.40 -41.22 -22.16
CA GLU F 87 21.31 -41.37 -23.29
C GLU F 87 22.76 -41.05 -22.91
N LEU F 88 23.07 -39.78 -22.70
CA LEU F 88 24.46 -39.42 -22.40
C LEU F 88 24.78 -39.72 -20.94
N ASN F 89 26.06 -39.52 -20.59
CA ASN F 89 26.53 -39.85 -19.26
C ASN F 89 25.96 -38.92 -18.18
N THR F 90 25.42 -37.77 -18.56
CA THR F 90 24.86 -36.83 -17.61
C THR F 90 23.36 -37.06 -17.48
N ILE F 91 22.89 -37.20 -16.24
CA ILE F 91 21.48 -37.45 -15.95
C ILE F 91 20.97 -36.33 -15.05
N THR F 92 19.87 -35.70 -15.46
CA THR F 92 19.26 -34.66 -14.64
C THR F 92 18.51 -35.31 -13.48
N MET F 93 18.71 -34.76 -12.28
CA MET F 93 18.09 -35.29 -11.07
C MET F 93 17.77 -34.12 -10.14
N GLU F 94 16.58 -34.15 -9.55
CA GLU F 94 16.15 -33.08 -8.65
C GLU F 94 15.19 -33.64 -7.62
N CYS F 95 15.40 -33.25 -6.37
CA CYS F 95 14.52 -33.67 -5.28
C CYS F 95 14.42 -32.54 -4.26
N ASN F 96 13.31 -32.52 -3.54
CA ASN F 96 13.11 -31.51 -2.51
C ASN F 96 14.03 -31.79 -1.32
N CYS F 97 14.72 -30.76 -0.85
CA CYS F 97 15.69 -30.93 0.22
C CYS F 97 15.08 -30.88 1.61
N ASP F 98 13.79 -30.57 1.74
CA ASP F 98 13.16 -30.53 3.05
C ASP F 98 13.14 -31.90 3.71
N SER F 99 12.86 -32.95 2.92
CA SER F 99 12.83 -34.30 3.46
C SER F 99 14.23 -34.83 3.75
N LEU F 100 15.27 -34.23 3.19
CA LEU F 100 16.63 -34.69 3.45
C LEU F 100 17.07 -34.37 4.88
N LEU F 101 16.44 -33.38 5.52
CA LEU F 101 16.77 -33.09 6.91
C LEU F 101 16.36 -34.23 7.83
N SER F 102 15.22 -34.85 7.56
CA SER F 102 14.68 -35.88 8.46
C SER F 102 15.61 -37.07 8.55
N VAL F 103 16.15 -37.53 7.42
CA VAL F 103 17.03 -38.70 7.45
C VAL F 103 18.35 -38.38 8.12
N PHE F 104 18.86 -37.17 7.92
CA PHE F 104 20.16 -36.81 8.51
C PHE F 104 20.04 -36.53 10.00
N LYS F 105 18.97 -35.83 10.42
CA LYS F 105 18.81 -35.52 11.84
C LYS F 105 18.60 -36.78 12.66
N ARG F 106 17.78 -37.71 12.17
CA ARG F 106 17.51 -38.93 12.94
C ARG F 106 18.74 -39.83 12.95
N TYR F 107 19.51 -39.85 11.87
CA TYR F 107 20.75 -40.61 11.85
C TYR F 107 21.79 -40.01 12.79
N ASP F 108 21.71 -38.70 13.05
CA ASP F 108 22.67 -38.05 13.94
C ASP F 108 22.41 -38.43 15.40
N ARG F 109 21.18 -38.84 15.73
CA ARG F 109 20.88 -39.24 17.10
C ARG F 109 21.42 -40.62 17.44
N VAL F 110 21.76 -41.43 16.43
CA VAL F 110 22.20 -42.80 16.65
C VAL F 110 23.73 -42.92 16.51
N MET F 111 24.45 -41.80 16.62
CA MET F 111 25.91 -41.83 16.61
C MET F 111 26.50 -42.53 17.82
N ASN F 112 25.70 -42.78 18.87
CA ASN F 112 26.22 -43.45 20.05
C ASN F 112 26.60 -44.90 19.74
N GLN F 113 25.71 -45.65 19.10
CA GLN F 113 25.95 -47.04 18.76
C GLN F 113 25.29 -47.37 17.43
N GLY F 114 25.83 -48.37 16.75
CA GLY F 114 25.27 -48.80 15.48
C GLY F 114 26.15 -48.52 14.29
N SER F 115 26.83 -49.53 13.77
CA SER F 115 27.68 -49.41 12.61
C SER F 115 27.22 -50.20 11.40
N SER F 116 26.41 -51.24 11.60
CA SER F 116 25.92 -52.07 10.51
C SER F 116 24.55 -51.62 9.99
N SER F 117 24.02 -50.50 10.50
CA SER F 117 22.72 -50.03 10.04
C SER F 117 22.77 -49.61 8.57
N ASN F 118 23.84 -48.90 8.18
CA ASN F 118 24.07 -48.46 6.80
C ASN F 118 22.96 -47.54 6.30
N MET F 119 23.01 -47.18 5.02
CA MET F 119 22.00 -46.33 4.38
C MET F 119 21.73 -46.91 2.99
N THR F 120 20.74 -47.80 2.91
CA THR F 120 20.38 -48.43 1.65
C THR F 120 19.33 -47.58 0.95
N ILE F 121 19.64 -47.13 -0.27
CA ILE F 121 18.75 -46.29 -1.06
C ILE F 121 18.45 -47.01 -2.37
N LYS F 122 17.17 -47.05 -2.75
CA LYS F 122 16.74 -47.67 -3.98
C LYS F 122 15.84 -46.73 -4.74
N LEU F 123 16.14 -46.50 -6.02
CA LEU F 123 15.35 -45.62 -6.87
C LEU F 123 14.28 -46.44 -7.56
N GLN F 124 13.01 -46.20 -7.19
CA GLN F 124 11.88 -46.91 -7.77
C GLN F 124 10.80 -45.93 -8.15
N SER F 125 10.04 -46.28 -9.18
CA SER F 125 8.95 -45.44 -9.67
C SER F 125 7.62 -46.19 -9.66
N CYS F 154 9.96 -42.60 -8.19
CA CYS F 154 9.30 -41.56 -7.41
C CYS F 154 9.76 -41.60 -5.97
N ALA F 155 9.76 -42.79 -5.39
CA ALA F 155 10.15 -42.99 -3.99
C ALA F 155 11.56 -43.55 -3.90
N LEU F 156 12.26 -43.17 -2.84
CA LEU F 156 13.61 -43.65 -2.57
C LEU F 156 13.62 -44.22 -1.16
N GLY F 157 13.45 -45.53 -1.04
CA GLY F 157 13.40 -46.17 0.27
C GLY F 157 14.76 -46.10 0.95
N ILE F 158 14.74 -45.69 2.23
CA ILE F 158 15.95 -45.61 3.05
C ILE F 158 15.81 -46.63 4.17
N THR F 159 16.80 -47.51 4.30
CA THR F 159 16.75 -48.62 5.24
C THR F 159 17.61 -48.29 6.46
N PHE F 160 17.05 -48.50 7.65
CA PHE F 160 17.75 -48.28 8.90
C PHE F 160 17.67 -49.54 9.76
N GLU F 161 18.72 -49.77 10.54
CA GLU F 161 18.80 -50.94 11.41
C GLU F 161 19.29 -50.51 12.80
N GLU F 162 18.68 -49.45 13.33
CA GLU F 162 19.05 -48.98 14.66
C GLU F 162 18.61 -49.98 15.73
N ILE F 163 19.34 -50.00 16.84
CA ILE F 163 19.07 -50.91 17.94
C ILE F 163 18.96 -50.09 19.23
N VAL F 164 17.97 -50.42 20.05
CA VAL F 164 17.76 -49.73 21.31
C VAL F 164 18.51 -50.43 22.43
N LYS F 199 15.08 -56.95 19.33
CA LYS F 199 15.38 -55.68 19.99
C LYS F 199 15.93 -54.67 19.00
N VAL F 200 15.74 -54.94 17.71
CA VAL F 200 16.20 -54.07 16.63
C VAL F 200 15.01 -53.35 16.04
N ILE F 201 15.23 -52.10 15.63
CA ILE F 201 14.18 -51.26 15.05
C ILE F 201 14.49 -51.04 13.58
N MET F 202 13.53 -51.34 12.71
CA MET F 202 13.67 -51.17 11.27
C MET F 202 12.87 -49.95 10.84
N HIS F 203 13.54 -49.01 10.16
CA HIS F 203 12.91 -47.79 9.67
C HIS F 203 13.05 -47.74 8.16
N SER F 204 11.94 -47.48 7.47
CA SER F 204 11.90 -47.43 6.01
C SER F 204 11.30 -46.10 5.58
N PHE F 205 12.16 -45.10 5.41
CA PHE F 205 11.74 -43.79 4.95
C PHE F 205 11.87 -43.69 3.43
N LYS F 206 10.98 -42.94 2.81
CA LYS F 206 10.92 -42.80 1.36
C LYS F 206 11.02 -41.33 0.98
N VAL F 207 11.90 -41.03 0.04
CA VAL F 207 12.00 -39.67 -0.50
C VAL F 207 10.78 -39.40 -1.38
N PRO F 208 10.05 -38.30 -1.17
CA PRO F 208 8.78 -38.10 -1.87
C PRO F 208 8.88 -37.98 -3.39
N VAL F 209 9.68 -37.04 -3.89
CA VAL F 209 9.69 -36.70 -5.30
C VAL F 209 11.13 -36.70 -5.82
N LYS F 210 11.35 -37.37 -6.95
CA LYS F 210 12.65 -37.38 -7.63
C LYS F 210 12.53 -36.87 -9.07
N LEU F 211 11.53 -36.00 -9.31
CA LEU F 211 11.16 -35.61 -10.66
C LEU F 211 12.32 -35.01 -11.44
N LEU F 212 12.44 -35.42 -12.71
CA LEU F 212 13.52 -35.01 -13.57
C LEU F 212 13.14 -33.71 -14.30
N PHE F 213 13.93 -33.32 -15.29
CA PHE F 213 13.67 -32.13 -16.10
C PHE F 213 13.97 -32.44 -17.56
N ARG F 214 13.83 -31.43 -18.40
CA ARG F 214 14.10 -31.58 -19.82
C ARG F 214 15.59 -31.79 -20.06
N ALA F 215 15.90 -32.61 -21.07
CA ALA F 215 17.30 -32.89 -21.39
C ALA F 215 18.03 -31.65 -21.84
N GLN F 216 17.35 -30.73 -22.54
CA GLN F 216 17.98 -29.50 -22.98
C GLN F 216 18.29 -28.55 -21.83
N ASP F 217 17.60 -28.71 -20.69
CA ASP F 217 17.87 -27.86 -19.53
C ASP F 217 19.22 -28.17 -18.89
N THR F 218 19.79 -29.33 -19.17
CA THR F 218 21.10 -29.68 -18.60
C THR F 218 22.18 -28.75 -19.11
N ARG F 219 22.16 -28.41 -20.41
CA ARG F 219 23.17 -27.52 -20.97
C ARG F 219 23.00 -26.10 -20.47
N ILE F 220 21.74 -25.62 -20.39
CA ILE F 220 21.49 -24.24 -19.96
C ILE F 220 21.67 -24.03 -18.47
N GLN F 221 21.76 -25.10 -17.69
CA GLN F 221 21.94 -25.02 -16.24
C GLN F 221 23.27 -25.63 -15.82
N GLU F 222 24.31 -25.38 -16.61
CA GLU F 222 25.64 -25.89 -16.28
C GLU F 222 26.20 -25.13 -15.10
N PRO F 223 26.58 -25.80 -14.01
CA PRO F 223 27.09 -25.11 -12.82
C PRO F 223 28.60 -24.93 -12.78
N MET F 224 29.34 -25.44 -13.76
CA MET F 224 30.80 -25.39 -13.75
C MET F 224 31.25 -24.01 -14.22
N ILE F 225 31.78 -23.21 -13.28
CA ILE F 225 32.28 -21.89 -13.60
C ILE F 225 33.30 -21.50 -12.54
N ASN F 226 34.44 -20.98 -12.99
CA ASN F 226 35.51 -20.57 -12.09
C ASN F 226 36.32 -19.47 -12.75
N TYR F 227 37.01 -18.69 -11.92
CA TYR F 227 37.84 -17.58 -12.37
C TYR F 227 39.19 -17.64 -11.65
N ILE F 228 40.11 -16.78 -12.09
CA ILE F 228 41.46 -16.77 -11.56
C ILE F 228 41.86 -15.35 -11.16
N GLN F 229 43.12 -15.18 -10.74
CA GLN F 229 43.71 -13.93 -10.27
C GLN F 229 43.12 -13.46 -8.95
N LEU F 230 43.93 -12.76 -8.14
CA LEU F 230 43.54 -12.22 -6.84
C LEU F 230 43.08 -13.34 -5.90
N MET F 231 44.02 -14.21 -5.57
CA MET F 231 43.77 -15.33 -4.68
C MET F 231 44.11 -14.95 -3.24
N MET F 232 43.09 -14.94 -2.38
CA MET F 232 43.26 -14.77 -0.94
C MET F 232 43.34 -16.15 -0.29
N TYR F 233 44.51 -16.51 0.24
CA TYR F 233 44.67 -17.73 1.00
C TYR F 233 44.28 -17.47 2.45
N LYS F 234 43.33 -18.25 2.96
CA LYS F 234 42.79 -18.03 4.28
C LYS F 234 43.80 -18.42 5.36
N LEU F 235 43.52 -17.98 6.58
CA LEU F 235 44.40 -18.27 7.71
C LEU F 235 44.38 -19.77 8.02
N PRO F 236 45.55 -20.40 8.19
CA PRO F 236 45.60 -21.85 8.38
C PRO F 236 44.98 -22.26 9.71
N PRO F 237 44.51 -23.50 9.82
CA PRO F 237 43.84 -23.93 11.06
C PRO F 237 44.78 -24.04 12.25
N ILE F 238 45.31 -22.90 12.71
CA ILE F 238 46.16 -22.85 13.89
C ILE F 238 45.51 -22.03 15.00
N SER F 239 44.88 -20.90 14.65
CA SER F 239 44.20 -20.05 15.61
C SER F 239 42.71 -20.03 15.30
N GLY F 240 41.88 -20.31 16.30
CA GLY F 240 40.45 -20.34 16.12
C GLY F 240 39.74 -19.00 16.16
N GLU F 241 40.48 -17.92 16.42
CA GLU F 241 39.87 -16.60 16.47
C GLU F 241 39.49 -16.09 15.09
N PHE F 242 40.12 -16.58 14.03
CA PHE F 242 39.80 -16.13 12.69
C PHE F 242 38.38 -16.52 12.30
N GLY F 243 37.98 -17.76 12.61
CA GLY F 243 36.64 -18.20 12.31
C GLY F 243 35.59 -17.48 13.14
N SER F 244 35.93 -17.16 14.40
CA SER F 244 34.98 -16.47 15.27
C SER F 244 34.69 -15.06 14.75
N ALA F 245 35.67 -14.42 14.12
CA ALA F 245 35.44 -13.10 13.52
C ALA F 245 34.41 -13.19 12.41
N PHE F 246 34.50 -14.22 11.55
CA PHE F 246 33.49 -14.43 10.53
C PHE F 246 32.16 -14.81 11.14
N HIS F 247 32.18 -15.65 12.19
CA HIS F 247 30.95 -15.99 12.91
C HIS F 247 30.35 -14.78 13.61
N GLY F 248 31.16 -13.80 14.00
CA GLY F 248 30.62 -12.56 14.52
C GLY F 248 29.84 -11.78 13.48
N PHE F 249 30.31 -11.82 12.23
CA PHE F 249 29.57 -11.18 11.15
C PHE F 249 28.23 -11.88 10.89
N ILE F 250 28.12 -13.16 11.23
CA ILE F 250 26.87 -13.88 11.04
C ILE F 250 25.81 -13.38 12.03
N ARG F 251 26.19 -13.23 13.30
CA ARG F 251 25.22 -12.86 14.31
C ARG F 251 24.82 -11.39 14.23
N ARG F 252 25.77 -10.50 13.92
CA ARG F 252 25.46 -9.08 13.91
C ARG F 252 24.50 -8.72 12.79
N VAL F 253 24.74 -9.22 11.58
CA VAL F 253 23.96 -8.84 10.42
C VAL F 253 22.52 -9.32 10.56
N GLU F 254 22.34 -10.50 11.16
CA GLU F 254 21.00 -10.97 11.49
C GLU F 254 20.32 -10.03 12.47
N ARG F 255 21.07 -9.45 13.40
CA ARG F 255 20.48 -8.57 14.41
C ARG F 255 20.04 -7.22 13.83
N TYR F 256 20.83 -6.58 12.97
CA TYR F 256 20.34 -5.36 12.35
C TYR F 256 19.28 -5.65 11.30
N SER F 257 19.64 -6.48 10.33
CA SER F 257 18.74 -6.86 9.23
C SER F 257 18.23 -5.63 8.49
N HIS F 261 25.03 -2.21 2.39
CA HIS F 261 25.80 -3.03 1.47
C HIS F 261 27.08 -3.53 2.12
N ILE F 262 27.65 -4.57 1.54
CA ILE F 262 28.89 -5.18 2.03
C ILE F 262 29.99 -4.91 1.01
N HIS F 263 31.09 -4.32 1.47
CA HIS F 263 32.21 -3.97 0.61
C HIS F 263 33.47 -4.66 1.11
N LEU F 264 34.30 -5.09 0.17
CA LEU F 264 35.52 -5.82 0.49
C LEU F 264 36.73 -5.15 -0.16
N MET F 265 37.88 -5.30 0.46
CA MET F 265 39.14 -4.76 -0.04
C MET F 265 40.12 -5.88 -0.32
N GLY F 266 41.02 -5.63 -1.26
CA GLY F 266 42.06 -6.59 -1.60
C GLY F 266 43.38 -5.94 -1.94
N VAL F 267 44.47 -6.50 -1.42
CA VAL F 267 45.81 -5.96 -1.64
C VAL F 267 46.77 -7.11 -1.92
N LYS F 268 47.76 -6.86 -2.77
CA LYS F 268 48.77 -7.84 -3.12
C LYS F 268 50.06 -7.66 -2.35
N LYS F 269 50.13 -6.69 -1.44
CA LYS F 269 51.34 -6.45 -0.68
C LYS F 269 51.56 -7.56 0.34
N LYS F 270 52.78 -8.08 0.40
CA LYS F 270 53.13 -9.15 1.33
C LYS F 270 53.65 -8.59 2.64
N ASP F 278 52.46 -11.68 3.87
CA ASP F 278 51.03 -11.83 4.11
C ASP F 278 50.27 -10.58 3.69
N VAL F 279 49.02 -10.77 3.28
CA VAL F 279 48.18 -9.67 2.85
C VAL F 279 47.18 -9.35 3.95
N GLU F 280 46.51 -8.22 3.83
CA GLU F 280 45.51 -7.78 4.80
C GLU F 280 44.12 -7.81 4.17
N LEU F 281 43.12 -8.07 5.01
CA LEU F 281 41.73 -8.12 4.60
C LEU F 281 40.99 -6.97 5.27
N LYS F 282 40.14 -6.27 4.50
CA LYS F 282 39.36 -5.17 5.03
C LYS F 282 37.93 -5.27 4.52
N ILE F 283 36.98 -5.21 5.44
CA ILE F 283 35.56 -5.18 5.11
C ILE F 283 34.96 -3.91 5.70
N ILE F 284 34.19 -3.19 4.88
CA ILE F 284 33.66 -1.88 5.25
C ILE F 284 32.19 -1.81 4.83
N VAL F 285 31.36 -1.25 5.70
CA VAL F 285 29.93 -1.07 5.43
C VAL F 285 29.62 0.42 5.51
N ASN F 286 28.99 0.94 4.46
CA ASN F 286 28.64 2.36 4.37
C ASN F 286 27.13 2.51 4.40
N GLU F 287 26.64 3.32 5.34
CA GLU F 287 25.22 3.64 5.42
C GLU F 287 25.02 5.13 5.63
N LEU F 288 23.79 5.56 5.88
CA LEU F 288 23.52 6.97 6.13
C LEU F 288 24.20 7.43 7.41
N ASP F 289 24.13 6.63 8.48
CA ASP F 289 24.78 6.95 9.74
C ASP F 289 25.58 5.80 10.31
N TRP F 290 25.56 4.62 9.67
CA TRP F 290 26.28 3.45 10.14
C TRP F 290 27.54 3.27 9.30
N HIS F 291 28.70 3.49 9.93
CA HIS F 291 29.99 3.41 9.25
C HIS F 291 30.82 2.32 9.92
N LEU F 292 30.68 1.09 9.45
CA LEU F 292 31.43 -0.05 9.96
C LEU F 292 32.63 -0.31 9.07
N GLU F 293 33.80 -0.46 9.68
CA GLU F 293 35.01 -0.86 8.97
C GLU F 293 35.82 -1.77 9.87
N ILE F 294 36.33 -2.87 9.31
CA ILE F 294 37.16 -3.81 10.03
C ILE F 294 38.48 -3.94 9.29
N CYS F 295 39.58 -3.72 10.01
CA CYS F 295 40.92 -3.82 9.45
C CYS F 295 41.73 -4.84 10.24
N TRP F 296 42.42 -5.73 9.53
CA TRP F 296 43.22 -6.77 10.15
C TRP F 296 44.68 -6.33 10.15
N ASN F 297 45.29 -6.33 11.35
CA ASN F 297 46.64 -5.79 11.51
C ASN F 297 47.70 -6.80 11.10
N GLY F 298 47.72 -7.96 11.74
CA GLY F 298 48.75 -8.94 11.52
C GLY F 298 48.29 -10.36 11.23
N PRO F 299 47.25 -10.52 10.39
CA PRO F 299 46.69 -11.86 10.21
C PRO F 299 47.64 -12.79 9.46
N LEU F 300 47.47 -14.08 9.71
CA LEU F 300 48.30 -15.10 9.08
C LEU F 300 47.81 -15.50 7.70
N ASP F 301 46.70 -14.93 7.23
CA ASP F 301 46.18 -15.26 5.91
C ASP F 301 47.08 -14.71 4.81
N SER F 302 46.92 -15.27 3.61
CA SER F 302 47.71 -14.85 2.46
C SER F 302 46.83 -14.56 1.26
N SER F 404 47.96 -6.86 -9.20
CA SER F 404 47.15 -5.67 -9.03
C SER F 404 46.61 -5.57 -7.60
N THR F 405 45.97 -4.46 -7.29
CA THR F 405 45.40 -4.24 -5.97
C THR F 405 44.21 -3.28 -6.10
N HIS F 406 43.66 -2.87 -4.96
CA HIS F 406 42.53 -1.95 -4.88
C HIS F 406 41.33 -2.51 -5.66
N GLU F 407 40.87 -3.68 -5.22
CA GLU F 407 39.75 -4.37 -5.85
C GLU F 407 38.48 -4.04 -5.06
N VAL F 408 37.94 -2.86 -5.30
CA VAL F 408 36.72 -2.42 -4.65
C VAL F 408 35.53 -3.15 -5.26
N ILE F 409 34.58 -3.54 -4.42
CA ILE F 409 33.41 -4.29 -4.87
C ILE F 409 32.26 -4.02 -3.90
N ILE F 410 31.06 -3.86 -4.45
CA ILE F 410 29.85 -3.68 -3.66
C ILE F 410 28.90 -4.82 -4.00
N ARG F 411 28.44 -5.52 -2.96
CA ARG F 411 27.63 -6.72 -3.15
C ARG F 411 26.57 -6.78 -2.05
N CYS F 412 25.70 -7.78 -2.16
CA CYS F 412 24.56 -7.93 -1.24
C CYS F 412 25.02 -8.64 0.03
N LYS F 413 24.05 -9.07 0.84
CA LYS F 413 24.31 -9.74 2.10
C LYS F 413 24.27 -11.26 1.99
N ASP F 414 24.36 -11.80 0.77
CA ASP F 414 24.31 -13.25 0.58
C ASP F 414 25.58 -13.95 1.06
N TRP F 415 26.62 -13.20 1.42
CA TRP F 415 27.87 -13.80 1.88
C TRP F 415 27.73 -14.47 3.24
N LYS F 416 26.61 -14.26 3.95
CA LYS F 416 26.42 -14.90 5.24
C LYS F 416 26.37 -16.41 5.12
N VAL F 417 25.99 -16.93 3.95
CA VAL F 417 26.08 -18.37 3.72
C VAL F 417 27.53 -18.82 3.66
N CYS F 418 28.36 -18.08 2.91
CA CYS F 418 29.74 -18.47 2.68
C CYS F 418 30.55 -18.53 3.98
N SER F 419 30.22 -17.69 4.95
CA SER F 419 30.92 -17.73 6.23
C SER F 419 30.64 -19.04 6.97
N LYS F 420 29.44 -19.59 6.80
CA LYS F 420 29.11 -20.86 7.44
C LYS F 420 29.87 -22.02 6.83
N LEU F 421 30.23 -21.92 5.54
CA LEU F 421 31.02 -22.95 4.89
C LEU F 421 32.49 -22.92 5.28
N TYR F 422 32.95 -21.87 5.96
CA TYR F 422 34.36 -21.76 6.29
C TYR F 422 34.80 -22.72 7.39
N ALA F 423 33.85 -23.35 8.10
CA ALA F 423 34.17 -24.17 9.26
C ALA F 423 35.18 -25.25 8.91
N ALA F 424 34.78 -26.20 8.05
CA ALA F 424 35.67 -27.13 7.32
C ALA F 424 36.86 -27.57 8.16
N PHE F 425 36.55 -28.20 9.30
CA PHE F 425 37.57 -28.49 10.31
C PHE F 425 38.66 -29.43 9.79
N GLU F 426 38.39 -30.20 8.73
CA GLU F 426 39.37 -31.14 8.23
C GLU F 426 40.51 -30.47 7.47
N GLU F 427 40.20 -29.47 6.64
CA GLU F 427 41.18 -28.91 5.72
C GLU F 427 41.07 -27.39 5.74
N VAL F 428 41.71 -26.75 4.75
CA VAL F 428 41.78 -25.30 4.66
C VAL F 428 40.81 -24.84 3.57
N VAL F 429 40.35 -23.59 3.68
CA VAL F 429 39.40 -23.00 2.75
C VAL F 429 40.10 -21.91 1.95
N LEU F 430 39.66 -21.74 0.71
CA LEU F 430 40.23 -20.74 -0.19
C LEU F 430 39.16 -19.72 -0.56
N ALA F 431 39.59 -18.47 -0.79
CA ALA F 431 38.70 -17.40 -1.18
C ALA F 431 39.34 -16.59 -2.30
N ILE F 432 38.53 -16.20 -3.29
CA ILE F 432 39.00 -15.43 -4.43
C ILE F 432 37.98 -14.34 -4.72
N SER F 433 38.47 -13.12 -4.97
CA SER F 433 37.60 -11.98 -5.22
C SER F 433 38.32 -11.01 -6.15
N HIS F 434 37.72 -10.71 -7.28
CA HIS F 434 38.30 -9.80 -8.26
C HIS F 434 37.21 -9.34 -9.22
N ASP F 435 37.63 -8.58 -10.24
CA ASP F 435 36.78 -8.11 -11.33
C ASP F 435 35.69 -7.14 -10.85
N GLU F 436 35.70 -6.80 -9.56
CA GLU F 436 34.80 -5.82 -8.94
C GLU F 436 33.33 -6.19 -9.02
N SER F 437 33.00 -7.37 -9.54
CA SER F 437 31.61 -7.77 -9.70
C SER F 437 31.30 -9.14 -9.10
N CYS F 438 32.23 -10.09 -9.17
CA CYS F 438 31.98 -11.45 -8.75
C CYS F 438 32.98 -11.88 -7.67
N VAL F 439 32.55 -12.82 -6.85
CA VAL F 439 33.38 -13.36 -5.78
C VAL F 439 33.05 -14.84 -5.60
N PHE F 440 34.07 -15.65 -5.35
CA PHE F 440 33.90 -17.08 -5.14
C PHE F 440 34.50 -17.47 -3.79
N HIS F 441 33.97 -18.54 -3.20
CA HIS F 441 34.41 -19.04 -1.90
C HIS F 441 34.71 -20.53 -2.07
N CYS F 442 35.97 -20.85 -2.36
CA CYS F 442 36.39 -22.22 -2.68
C CYS F 442 36.64 -22.97 -1.38
N SER F 443 35.67 -23.76 -0.95
CA SER F 443 35.82 -24.59 0.24
C SER F 443 36.34 -25.96 -0.18
N LEU F 444 37.55 -26.30 0.27
CA LEU F 444 38.20 -27.54 -0.08
C LEU F 444 38.21 -28.49 1.12
N ASP F 445 37.72 -29.70 0.91
CA ASP F 445 37.71 -30.72 1.95
C ASP F 445 37.88 -32.07 1.28
N GLU F 446 38.96 -32.76 1.65
CA GLU F 446 39.36 -34.06 1.07
C GLU F 446 39.54 -33.83 -0.45
N ARG F 447 39.04 -34.73 -1.30
CA ARG F 447 39.21 -34.55 -2.74
C ARG F 447 38.24 -33.52 -3.30
N GLY F 448 37.02 -33.48 -2.79
CA GLY F 448 36.01 -32.58 -3.32
C GLY F 448 36.26 -31.14 -2.93
N GLN F 449 35.67 -30.24 -3.73
CA GLN F 449 35.76 -28.81 -3.49
C GLN F 449 34.38 -28.19 -3.62
N ILE F 450 34.15 -27.14 -2.83
CA ILE F 450 32.86 -26.45 -2.77
C ILE F 450 33.09 -24.98 -3.06
N ILE F 451 32.33 -24.43 -4.02
CA ILE F 451 32.45 -23.03 -4.38
C ILE F 451 31.06 -22.40 -4.38
N TYR F 452 31.02 -21.09 -4.07
CA TYR F 452 29.79 -20.32 -4.05
C TYR F 452 29.98 -19.06 -4.89
N TYR F 453 28.97 -18.74 -5.70
CA TYR F 453 29.04 -17.61 -6.62
C TYR F 453 28.07 -16.52 -6.20
N ILE F 454 28.55 -15.28 -6.22
CA ILE F 454 27.74 -14.11 -5.90
C ILE F 454 27.83 -13.14 -7.07
N ALA F 455 26.68 -12.65 -7.54
CA ALA F 455 26.64 -11.68 -8.61
C ALA F 455 26.61 -10.26 -8.03
N ARG F 456 26.54 -9.28 -8.92
CA ARG F 456 26.51 -7.87 -8.50
C ARG F 456 25.16 -7.52 -7.89
N ASN G 9 40.69 14.02 21.74
CA ASN G 9 39.48 13.41 21.20
C ASN G 9 38.24 13.90 21.93
N LYS G 10 38.46 14.68 22.98
CA LYS G 10 37.45 15.32 23.83
C LYS G 10 36.60 14.32 24.61
N PHE G 11 36.85 13.01 24.46
CA PHE G 11 36.11 11.98 25.18
C PHE G 11 36.85 10.65 25.09
N SER G 12 37.06 10.00 26.23
CA SER G 12 37.75 8.73 26.28
C SER G 12 37.10 7.83 27.32
N ALA G 13 36.90 6.55 26.97
CA ALA G 13 36.33 5.59 27.89
C ALA G 13 36.77 4.20 27.42
N SER G 14 37.65 3.57 28.20
CA SER G 14 38.16 2.24 27.90
C SER G 14 37.48 1.22 28.78
N THR G 15 36.90 0.18 28.15
CA THR G 15 36.19 -0.88 28.86
C THR G 15 36.76 -2.22 28.46
N VAL G 16 37.10 -3.05 29.45
CA VAL G 16 37.59 -4.40 29.21
C VAL G 16 36.47 -5.43 29.35
N HIS G 17 35.73 -5.36 30.45
CA HIS G 17 34.61 -6.27 30.69
C HIS G 17 33.39 -5.74 29.94
N LEU G 18 33.22 -6.21 28.71
CA LEU G 18 32.09 -5.79 27.88
C LEU G 18 30.81 -6.54 28.20
N GLU G 19 30.87 -7.58 29.05
CA GLU G 19 29.66 -8.30 29.42
C GLU G 19 28.71 -7.42 30.21
N HIS G 20 29.25 -6.60 31.12
CA HIS G 20 28.40 -5.70 31.91
C HIS G 20 27.74 -4.64 31.02
N ILE G 21 28.47 -4.13 30.03
CA ILE G 21 27.88 -3.17 29.10
C ILE G 21 26.83 -3.85 28.22
N THR G 22 27.08 -5.10 27.84
CA THR G 22 26.15 -5.82 26.98
C THR G 22 24.81 -6.05 27.68
N THR G 23 24.85 -6.49 28.93
CA THR G 23 23.62 -6.74 29.67
C THR G 23 22.94 -5.45 30.13
N ALA G 24 23.69 -4.36 30.27
CA ALA G 24 23.07 -3.08 30.61
C ALA G 24 22.27 -2.53 29.43
N LEU G 25 22.86 -2.54 28.23
CA LEU G 25 22.16 -2.08 27.05
C LEU G 25 21.03 -3.02 26.64
N SER G 26 21.09 -4.29 27.06
CA SER G 26 20.04 -5.25 26.74
C SER G 26 18.74 -4.97 27.49
N CYS G 27 18.76 -4.10 28.49
CA CYS G 27 17.54 -3.76 29.22
C CYS G 27 16.66 -2.75 28.49
N LEU G 28 17.16 -2.16 27.40
CA LEU G 28 16.39 -1.19 26.63
C LEU G 28 15.82 -1.76 25.34
N THR G 29 15.97 -3.06 25.11
CA THR G 29 15.48 -3.71 23.89
C THR G 29 13.95 -3.85 23.75
N PRO G 30 13.13 -3.93 24.81
CA PRO G 30 11.69 -4.13 24.59
C PRO G 30 10.99 -2.94 23.93
N PHE G 31 11.67 -1.82 23.74
CA PHE G 31 11.06 -0.67 23.08
C PHE G 31 10.89 -0.94 21.59
N GLY G 32 9.66 -0.81 21.10
CA GLY G 32 9.41 -0.99 19.68
C GLY G 32 9.98 0.16 18.87
N SER G 33 10.65 -0.16 17.78
CA SER G 33 11.33 0.81 16.93
C SER G 33 12.31 1.66 17.75
N LYS G 34 13.31 0.98 18.31
CA LYS G 34 14.25 1.62 19.21
C LYS G 34 15.15 2.60 18.47
N ASP G 35 15.21 3.83 18.96
CA ASP G 35 16.02 4.90 18.37
C ASP G 35 15.96 6.10 19.31
N ASP G 36 16.75 7.13 18.98
CA ASP G 36 16.68 8.45 19.60
C ASP G 36 16.90 8.39 21.11
N VAL G 37 18.12 8.00 21.50
CA VAL G 37 18.54 8.00 22.89
C VAL G 37 19.34 9.27 23.16
N LEU G 38 19.01 9.93 24.27
CA LEU G 38 19.65 11.21 24.61
C LEU G 38 20.77 10.92 25.61
N ILE G 39 21.92 10.50 25.08
CA ILE G 39 23.05 10.13 25.92
C ILE G 39 23.65 11.39 26.55
N PHE G 40 23.86 11.33 27.86
CA PHE G 40 24.46 12.43 28.61
C PHE G 40 25.90 12.09 28.95
N ILE G 41 26.81 13.02 28.70
CA ILE G 41 28.22 12.87 29.03
C ILE G 41 28.53 13.85 30.16
N ASP G 42 29.03 13.34 31.27
CA ASP G 42 29.30 14.15 32.44
C ASP G 42 30.50 13.58 33.18
N ALA G 43 31.08 14.40 34.06
CA ALA G 43 32.22 13.95 34.87
C ALA G 43 31.83 12.80 35.79
N ASP G 44 30.58 12.76 36.24
CA ASP G 44 30.11 11.64 37.06
C ASP G 44 30.07 10.35 36.27
N GLY G 45 29.72 10.42 34.99
CA GLY G 45 29.69 9.23 34.15
C GLY G 45 28.77 9.44 32.96
N LEU G 46 28.35 8.33 32.39
CA LEU G 46 27.47 8.31 31.22
C LEU G 46 26.09 7.83 31.63
N SER G 47 25.06 8.58 31.21
CA SER G 47 23.68 8.21 31.50
C SER G 47 22.90 8.15 30.20
N PHE G 48 22.15 7.06 30.01
CA PHE G 48 21.33 6.85 28.83
C PHE G 48 19.87 6.99 29.23
N VAL G 49 19.15 7.87 28.55
CA VAL G 49 17.73 8.10 28.79
C VAL G 49 16.96 7.88 27.49
N ARG G 50 15.86 7.15 27.57
CA ARG G 50 15.03 6.84 26.43
C ARG G 50 13.57 6.96 26.82
N GLU G 51 12.78 7.67 26.01
CA GLU G 51 11.36 7.88 26.27
C GLU G 51 10.56 7.42 25.06
N ASN G 52 9.42 6.79 25.34
CA ASN G 52 8.52 6.29 24.31
C ASN G 52 7.16 6.96 24.48
N ASN G 53 6.80 7.82 23.52
CA ASN G 53 5.50 8.50 23.47
C ASN G 53 5.25 9.37 24.69
N HIS G 54 6.32 9.80 25.38
CA HIS G 54 6.24 10.69 26.54
C HIS G 54 5.33 10.13 27.65
N VAL G 55 5.32 8.81 27.80
CA VAL G 55 4.56 8.19 28.88
C VAL G 55 5.43 7.36 29.81
N ILE G 56 6.58 6.86 29.35
CA ILE G 56 7.50 6.10 30.18
C ILE G 56 8.93 6.58 29.89
N LYS G 57 9.68 6.84 30.96
CA LYS G 57 11.06 7.29 30.83
C LYS G 57 11.96 6.37 31.65
N ILE G 58 13.04 5.90 31.03
CA ILE G 58 14.01 5.03 31.68
C ILE G 58 15.39 5.67 31.59
N GLN G 59 16.10 5.68 32.71
CA GLN G 59 17.46 6.23 32.77
C GLN G 59 18.41 5.15 33.27
N LEU G 60 19.50 4.94 32.52
CA LEU G 60 20.53 3.98 32.88
C LEU G 60 21.83 4.74 33.09
N LEU G 61 22.37 4.66 34.29
CA LEU G 61 23.55 5.44 34.68
C LEU G 61 24.77 4.53 34.77
N LEU G 62 25.86 4.96 34.14
CA LEU G 62 27.15 4.29 34.23
C LEU G 62 28.11 5.21 34.98
N SER G 63 28.71 4.70 36.05
CA SER G 63 29.57 5.51 36.89
C SER G 63 30.93 5.74 36.23
N ARG G 64 31.65 6.74 36.74
CA ARG G 64 33.00 7.01 36.24
C ARG G 64 33.94 5.88 36.61
N GLU G 65 33.76 5.28 37.79
CA GLU G 65 34.62 4.18 38.22
C GLU G 65 34.45 2.94 37.36
N LEU G 66 33.34 2.83 36.62
CA LEU G 66 33.16 1.72 35.71
C LEU G 66 34.19 1.73 34.60
N PHE G 67 34.50 2.91 34.06
CA PHE G 67 35.49 3.06 33.00
C PHE G 67 36.86 3.34 33.61
N MET G 68 37.89 2.69 33.07
CA MET G 68 39.25 2.82 33.57
C MET G 68 40.01 3.96 32.92
N SER G 69 39.47 4.60 31.89
CA SER G 69 40.15 5.68 31.18
C SER G 69 39.20 6.84 30.93
N TYR G 70 38.42 7.21 31.94
CA TYR G 70 37.51 8.34 31.81
C TYR G 70 38.28 9.64 32.02
N SER G 71 38.26 10.50 31.01
CA SER G 71 38.97 11.78 31.06
C SER G 71 38.01 12.96 31.04
N TYR G 72 37.13 13.03 30.03
CA TYR G 72 36.13 14.09 29.88
C TYR G 72 36.81 15.47 29.84
N ARG G 73 37.61 15.67 28.81
CA ARG G 73 38.25 16.97 28.57
C ARG G 73 37.21 17.93 28.00
N ASN G 74 36.90 18.99 28.75
CA ASN G 74 35.90 19.95 28.31
C ASN G 74 36.15 21.28 29.00
N GLU G 75 35.64 22.34 28.38
CA GLU G 75 35.72 23.70 28.90
C GLU G 75 34.37 24.39 28.80
N THR G 76 33.31 23.67 29.19
CA THR G 76 31.95 24.18 29.10
C THR G 76 31.19 23.90 30.39
N GLU G 77 29.87 24.05 30.34
CA GLU G 77 28.97 23.88 31.49
C GLU G 77 28.83 22.42 31.94
N ASP G 78 29.60 21.50 31.36
CA ASP G 78 29.55 20.08 31.72
C ASP G 78 28.15 19.50 31.51
N HIS G 79 27.50 19.92 30.43
CA HIS G 79 26.18 19.39 30.07
C HIS G 79 26.12 19.35 28.54
N MET G 80 26.45 18.18 27.98
CA MET G 80 26.55 18.01 26.54
C MET G 80 25.70 16.82 26.12
N LYS G 81 25.06 16.96 24.96
CA LYS G 81 24.02 16.03 24.52
C LYS G 81 24.34 15.48 23.14
N LEU G 82 23.83 14.28 22.88
CA LEU G 82 23.91 13.65 21.57
C LEU G 82 22.79 12.61 21.46
N CYS G 83 22.23 12.48 20.26
CA CYS G 83 21.14 11.55 20.01
C CYS G 83 21.55 10.57 18.91
N VAL G 84 21.53 9.28 19.24
CA VAL G 84 21.86 8.22 18.31
C VAL G 84 20.84 7.10 18.46
N LYS G 85 21.06 6.01 17.74
CA LYS G 85 20.12 4.89 17.75
C LYS G 85 20.49 3.88 18.83
N ILE G 86 19.48 3.11 19.26
CA ILE G 86 19.69 2.07 20.27
C ILE G 86 20.13 0.76 19.62
N ASN G 87 19.48 0.35 18.54
CA ASN G 87 19.77 -0.95 17.94
C ASN G 87 21.19 -1.03 17.42
N HIS G 88 21.75 0.09 16.94
CA HIS G 88 23.16 0.10 16.55
C HIS G 88 24.07 -0.12 17.75
N ILE G 89 23.81 0.58 18.85
CA ILE G 89 24.65 0.44 20.04
C ILE G 89 24.41 -0.91 20.70
N LEU G 90 23.16 -1.37 20.74
CA LEU G 90 22.84 -2.63 21.42
C LEU G 90 23.54 -3.81 20.76
N ASP G 91 23.56 -3.84 19.43
CA ASP G 91 24.23 -4.92 18.71
C ASP G 91 25.72 -4.66 18.50
N SER G 92 26.21 -3.46 18.83
CA SER G 92 27.63 -3.17 18.64
C SER G 92 28.48 -3.93 19.65
N VAL G 93 28.09 -3.92 20.92
CA VAL G 93 28.92 -4.50 21.97
C VAL G 93 28.64 -5.98 22.22
N SER G 94 27.47 -6.48 21.82
CA SER G 94 27.13 -7.87 22.10
C SER G 94 27.86 -8.84 21.17
N VAL G 95 28.31 -8.37 20.00
CA VAL G 95 28.87 -9.29 19.01
C VAL G 95 30.23 -9.81 19.45
N MET G 96 31.09 -8.95 20.00
CA MET G 96 32.41 -9.38 20.44
C MET G 96 32.35 -9.84 21.90
N ASN G 97 33.53 -9.96 22.53
CA ASN G 97 33.69 -10.51 23.87
C ASN G 97 33.22 -11.97 23.90
N ARG G 98 33.76 -12.74 22.97
CA ARG G 98 33.52 -14.16 22.85
C ARG G 98 34.82 -14.91 23.10
N ASN G 99 34.75 -16.24 23.04
CA ASN G 99 35.86 -17.14 23.32
C ASN G 99 36.29 -16.92 24.78
N SER G 100 37.58 -17.13 25.08
CA SER G 100 38.09 -17.01 26.43
C SER G 100 39.36 -16.17 26.44
N ASP G 101 39.50 -15.32 27.46
CA ASP G 101 40.69 -14.50 27.68
C ASP G 101 41.00 -13.61 26.47
N ASP G 102 39.95 -13.05 25.88
CA ASP G 102 40.12 -12.18 24.72
C ASP G 102 40.42 -10.73 25.09
N ILE G 103 40.22 -10.34 26.36
CA ILE G 103 40.36 -8.99 26.90
C ILE G 103 40.01 -7.92 25.87
N VAL G 104 38.79 -7.97 25.36
CA VAL G 104 38.35 -7.02 24.34
C VAL G 104 38.24 -5.63 24.95
N GLU G 105 38.82 -4.64 24.27
CA GLU G 105 38.83 -3.26 24.74
C GLU G 105 37.86 -2.43 23.91
N CYS G 106 37.01 -1.67 24.58
CA CYS G 106 36.04 -0.80 23.93
C CYS G 106 36.41 0.65 24.21
N THR G 107 36.53 1.44 23.14
CA THR G 107 36.94 2.84 23.24
C THR G 107 35.81 3.74 22.77
N LEU G 108 35.48 4.74 23.59
CA LEU G 108 34.45 5.73 23.26
C LEU G 108 35.11 7.06 22.94
N SER G 109 34.63 7.72 21.89
CA SER G 109 35.18 8.99 21.46
C SER G 109 34.06 9.88 20.93
N TYR G 110 34.18 11.18 21.18
CA TYR G 110 33.21 12.16 20.72
C TYR G 110 33.88 13.53 20.71
N ASP G 111 33.99 14.13 19.54
CA ASP G 111 34.74 15.39 19.39
C ASP G 111 33.85 16.59 19.68
N GLY G 112 33.28 16.60 20.88
CA GLY G 112 32.53 17.74 21.36
C GLY G 112 31.14 17.90 20.78
N HIS G 113 31.06 18.27 19.51
CA HIS G 113 29.78 18.52 18.85
C HIS G 113 29.96 18.42 17.35
N GLY G 114 28.97 17.82 16.68
CA GLY G 114 28.97 17.71 15.24
C GLY G 114 29.79 16.57 14.68
N SER G 115 30.41 15.75 15.53
CA SER G 115 31.22 14.64 15.07
C SER G 115 30.52 13.32 15.33
N PRO G 116 30.80 12.29 14.51
CA PRO G 116 30.19 10.99 14.75
C PRO G 116 30.68 10.36 16.05
N PHE G 117 29.82 9.53 16.64
CA PHE G 117 30.16 8.80 17.86
C PHE G 117 31.06 7.63 17.49
N VAL G 118 32.33 7.72 17.85
CA VAL G 118 33.34 6.75 17.42
C VAL G 118 33.46 5.65 18.45
N LEU G 119 33.35 4.40 17.99
CA LEU G 119 33.57 3.23 18.83
C LEU G 119 34.70 2.40 18.23
N ILE G 120 35.68 2.07 19.07
CA ILE G 120 36.86 1.31 18.65
C ILE G 120 36.92 0.03 19.46
N PHE G 121 37.06 -1.11 18.78
CA PHE G 121 37.13 -2.42 19.43
C PHE G 121 38.38 -3.14 18.95
N GLU G 122 39.06 -3.81 19.87
CA GLU G 122 40.25 -4.60 19.57
C GLU G 122 40.07 -6.01 20.11
N ASP G 123 40.28 -7.01 19.25
CA ASP G 123 40.10 -8.41 19.65
C ASP G 123 41.04 -9.26 18.81
N SER G 124 42.20 -9.61 19.38
CA SER G 124 43.16 -10.51 18.76
C SER G 124 43.61 -10.00 17.39
N PHE G 125 44.28 -8.85 17.40
CA PHE G 125 44.84 -8.20 16.22
C PHE G 125 43.79 -7.84 15.19
N ILE G 126 42.54 -7.64 15.63
CA ILE G 126 41.43 -7.31 14.74
C ILE G 126 40.84 -6.00 15.23
N SER G 127 40.83 -4.98 14.37
CA SER G 127 40.44 -3.63 14.75
C SER G 127 39.21 -3.18 13.98
N GLU G 128 38.31 -2.47 14.66
CA GLU G 128 37.13 -1.88 14.05
C GLU G 128 37.00 -0.43 14.48
N ARG G 129 36.30 0.34 13.67
CA ARG G 129 36.02 1.75 13.96
C ARG G 129 34.60 2.04 13.49
N VAL G 130 33.67 2.17 14.43
CA VAL G 130 32.25 2.36 14.14
C VAL G 130 31.89 3.80 14.49
N GLU G 131 31.26 4.49 13.54
CA GLU G 131 30.89 5.89 13.70
C GLU G 131 29.37 6.02 13.69
N TYR G 132 28.83 6.80 14.63
CA TYR G 132 27.40 7.04 14.74
C TYR G 132 27.15 8.54 14.65
N SER G 133 26.53 8.98 13.55
CA SER G 133 26.21 10.38 13.40
C SER G 133 25.05 10.75 14.31
N THR G 134 25.19 11.87 15.02
CA THR G 134 24.20 12.28 16.01
C THR G 134 23.10 13.12 15.36
N TYR G 135 21.99 13.25 16.09
CA TYR G 135 20.81 13.98 15.64
C TYR G 135 20.52 15.08 16.65
N LEU G 136 20.97 16.30 16.35
CA LEU G 136 20.91 17.41 17.29
C LEU G 136 20.36 18.67 16.62
N ILE G 137 19.24 18.54 15.91
CA ILE G 137 18.63 19.69 15.27
C ILE G 137 17.52 20.26 16.14
N LYS G 138 16.52 19.44 16.42
CA LYS G 138 15.33 19.87 17.17
C LYS G 138 15.26 19.18 18.53
N ASP G 139 16.41 19.08 19.20
CA ASP G 139 16.45 18.54 20.56
C ASP G 139 15.76 19.52 21.49
N PHE G 140 14.55 19.17 21.93
CA PHE G 140 13.73 20.07 22.73
C PHE G 140 14.29 20.30 24.14
N ASP G 141 15.23 19.46 24.58
CA ASP G 141 15.87 19.57 25.89
C ASP G 141 14.86 19.50 27.03
N THR G 142 15.28 19.92 28.22
CA THR G 142 14.47 19.91 29.44
C THR G 142 13.92 18.50 29.68
N ASN G 143 12.65 18.27 29.31
CA ASN G 143 11.99 16.97 29.44
C ASN G 143 12.05 16.44 30.87
N GLY G 144 11.88 15.13 31.03
CA GLY G 144 12.01 14.50 32.32
C GLY G 144 10.70 14.21 33.01
N LEU G 145 10.41 12.93 33.22
CA LEU G 145 9.22 12.50 33.96
C LEU G 145 9.54 12.34 35.44
N GLU G 146 10.12 13.38 36.04
CA GLU G 146 10.55 13.32 37.43
C GLU G 146 9.37 13.61 38.36
N LEU G 147 9.64 13.59 39.66
CA LEU G 147 8.61 13.81 40.67
C LEU G 147 9.24 14.38 41.92
N ASP G 148 8.40 14.98 42.75
CA ASP G 148 8.83 15.52 44.04
C ASP G 148 8.66 14.47 45.13
N ARG G 149 9.66 14.38 46.01
CA ARG G 149 9.65 13.38 47.08
C ARG G 149 8.80 13.81 48.28
N GLU G 150 8.29 15.04 48.29
CA GLU G 150 7.55 15.53 49.45
C GLU G 150 6.15 14.95 49.55
N ARG G 151 5.61 14.40 48.46
CA ARG G 151 4.25 13.88 48.44
C ARG G 151 4.22 12.43 47.96
N ILE G 152 5.22 11.65 48.35
CA ILE G 152 5.29 10.24 47.95
C ILE G 152 4.17 9.47 48.63
N SER G 153 3.37 8.76 47.85
CA SER G 153 2.26 7.98 48.41
C SER G 153 2.77 6.84 49.27
N PHE G 154 3.68 6.03 48.73
CA PHE G 154 4.26 4.93 49.49
C PHE G 154 5.60 4.55 48.85
N GLU G 155 6.38 3.79 49.60
CA GLU G 155 7.67 3.28 49.12
C GLU G 155 7.76 1.79 49.43
N ALA G 156 8.44 1.07 48.55
CA ALA G 156 8.59 -0.38 48.70
C ALA G 156 9.94 -0.81 48.14
N ILE G 157 10.56 -1.76 48.82
CA ILE G 157 11.84 -2.34 48.39
C ILE G 157 11.66 -3.85 48.31
N ILE G 158 11.84 -4.41 47.11
CA ILE G 158 11.63 -5.83 46.88
C ILE G 158 12.82 -6.38 46.10
N LYS G 159 12.99 -7.70 46.18
CA LYS G 159 14.05 -8.38 45.46
C LYS G 159 13.72 -8.48 43.98
N GLY G 160 14.76 -8.49 43.15
CA GLY G 160 14.56 -8.57 41.71
C GLY G 160 13.97 -9.91 41.27
N GLU G 161 14.40 -10.99 41.91
CA GLU G 161 13.92 -12.32 41.53
C GLU G 161 12.42 -12.46 41.78
N ALA G 162 11.94 -11.96 42.91
CA ALA G 162 10.52 -12.04 43.22
C ALA G 162 9.67 -11.25 42.23
N LEU G 163 10.13 -10.06 41.85
CA LEU G 163 9.38 -9.25 40.91
C LEU G 163 9.46 -9.77 39.48
N HIS G 164 10.61 -10.37 39.11
CA HIS G 164 10.76 -10.88 37.75
C HIS G 164 9.79 -12.03 37.48
N SER G 165 9.56 -12.90 38.46
CA SER G 165 8.60 -13.97 38.30
C SER G 165 7.19 -13.44 38.13
N ALA G 166 6.83 -12.40 38.88
CA ALA G 166 5.50 -11.80 38.75
C ALA G 166 5.31 -11.15 37.39
N LEU G 167 6.31 -10.43 36.90
CA LEU G 167 6.20 -9.77 35.60
C LEU G 167 6.18 -10.78 34.46
N LYS G 168 6.97 -11.85 34.57
CA LYS G 168 6.99 -12.87 33.53
C LYS G 168 5.65 -13.57 33.44
N ASP G 169 5.03 -13.87 34.58
CA ASP G 169 3.69 -14.47 34.56
C ASP G 169 2.64 -13.47 34.11
N LEU G 170 2.88 -12.18 34.34
CA LEU G 170 1.92 -11.15 33.95
C LEU G 170 1.89 -10.96 32.44
N LYS G 171 2.99 -11.24 31.75
CA LYS G 171 3.08 -10.94 30.32
C LYS G 171 2.41 -12.01 29.47
N GLU G 172 2.82 -13.26 29.63
CA GLU G 172 2.35 -14.33 28.75
C GLU G 172 0.87 -14.60 28.90
N ILE G 173 0.31 -14.38 30.10
CA ILE G 173 -1.12 -14.52 30.31
C ILE G 173 -1.89 -13.43 29.59
N GLY G 174 -1.26 -12.28 29.33
CA GLY G 174 -1.94 -11.14 28.75
C GLY G 174 -2.05 -9.97 29.70
N CYS G 175 -3.25 -9.73 30.25
CA CYS G 175 -3.48 -8.70 31.26
C CYS G 175 -3.10 -7.31 30.74
N LYS G 176 -3.87 -6.88 29.73
CA LYS G 176 -3.60 -5.58 29.10
C LYS G 176 -3.77 -4.42 30.06
N GLU G 177 -4.49 -4.60 31.17
CA GLU G 177 -4.61 -3.58 32.21
C GLU G 177 -4.21 -4.20 33.54
N CYS G 178 -3.34 -3.53 34.28
CA CYS G 178 -2.80 -4.05 35.53
C CYS G 178 -3.03 -3.05 36.65
N TYR G 179 -3.08 -3.57 37.88
CA TYR G 179 -3.33 -2.77 39.06
C TYR G 179 -2.21 -2.97 40.07
N VAL G 180 -1.90 -1.91 40.80
CA VAL G 180 -0.88 -1.93 41.86
C VAL G 180 -1.57 -1.60 43.18
N TYR G 181 -1.41 -2.49 44.16
CA TYR G 181 -2.05 -2.35 45.46
C TYR G 181 -0.98 -2.23 46.53
N ALA G 182 -1.16 -1.26 47.44
CA ALA G 182 -0.26 -1.08 48.57
C ALA G 182 -1.10 -0.84 49.81
N LYS G 183 -0.87 -1.64 50.85
CA LYS G 183 -1.63 -1.53 52.09
C LYS G 183 -0.78 -2.02 53.25
N THR G 184 -0.68 -1.21 54.30
CA THR G 184 0.07 -1.55 55.50
C THR G 184 -0.87 -2.04 56.60
N GLU G 185 -0.29 -2.74 57.57
CA GLU G 185 -1.03 -3.31 58.68
C GLU G 185 -0.29 -3.03 59.98
N ALA G 186 -1.05 -2.75 61.04
CA ALA G 186 -0.44 -2.50 62.34
C ALA G 186 0.29 -3.73 62.87
N ASN G 187 -0.15 -4.93 62.49
CA ASN G 187 0.50 -6.17 62.88
C ASN G 187 1.64 -6.56 61.93
N ASP G 188 2.18 -5.59 61.19
CA ASP G 188 3.27 -5.80 60.24
C ASP G 188 2.91 -6.77 59.13
N GLU G 189 1.62 -6.93 58.84
CA GLU G 189 1.16 -7.77 57.74
C GLU G 189 0.89 -6.91 56.51
N ASN G 190 1.97 -6.34 55.98
CA ASN G 190 1.86 -5.45 54.83
C ASN G 190 1.42 -6.21 53.60
N VAL G 191 0.56 -5.58 52.80
CA VAL G 191 -0.02 -6.18 51.62
C VAL G 191 0.41 -5.38 50.40
N PHE G 192 1.02 -6.05 49.43
CA PHE G 192 1.43 -5.42 48.18
C PHE G 192 1.40 -6.48 47.10
N ALA G 193 0.68 -6.21 46.01
CA ALA G 193 0.49 -7.20 44.96
C ALA G 193 0.32 -6.51 43.62
N LEU G 194 0.56 -7.26 42.56
CA LEU G 194 0.38 -6.80 41.18
C LEU G 194 -0.76 -7.62 40.58
N ILE G 195 -1.98 -7.14 40.77
CA ILE G 195 -3.17 -7.82 40.27
C ILE G 195 -3.59 -7.17 38.97
N SER G 196 -4.36 -7.91 38.17
CA SER G 196 -4.72 -7.44 36.83
C SER G 196 -5.99 -8.13 36.38
N LYS G 197 -6.59 -7.57 35.34
CA LYS G 197 -7.79 -8.12 34.70
C LYS G 197 -7.50 -8.39 33.23
N SER G 198 -7.97 -9.54 32.74
CA SER G 198 -7.73 -9.95 31.36
C SER G 198 -8.94 -10.74 30.88
N GLN G 199 -8.80 -11.36 29.71
CA GLN G 199 -9.84 -12.24 29.19
C GLN G 199 -9.96 -13.51 30.04
N LEU G 200 -8.90 -13.90 30.74
CA LEU G 200 -8.99 -15.02 31.67
C LEU G 200 -9.95 -14.71 32.82
N GLY G 201 -9.94 -13.45 33.27
CA GLY G 201 -10.77 -13.05 34.39
C GLY G 201 -10.00 -12.17 35.35
N PHE G 202 -9.87 -12.62 36.61
CA PHE G 202 -9.13 -11.89 37.62
C PHE G 202 -7.87 -12.67 38.00
N SER G 203 -6.73 -12.00 37.92
CA SER G 203 -5.45 -12.59 38.31
C SER G 203 -4.90 -11.82 39.50
N LYS G 204 -4.53 -12.55 40.55
CA LYS G 204 -4.03 -11.97 41.80
C LYS G 204 -2.63 -12.51 42.05
N ILE G 205 -1.61 -11.77 41.60
CA ILE G 205 -0.22 -12.13 41.82
C ILE G 205 0.18 -11.48 43.14
N LYS G 206 -0.04 -12.20 44.24
CA LYS G 206 0.21 -11.68 45.58
C LYS G 206 1.70 -11.82 45.91
N LEU G 207 2.39 -10.69 45.99
CA LEU G 207 3.80 -10.70 46.37
C LEU G 207 3.94 -11.04 47.85
N PRO G 208 5.07 -11.60 48.25
CA PRO G 208 5.26 -11.99 49.65
C PRO G 208 5.28 -10.79 50.59
N SER G 209 4.92 -11.05 51.85
CA SER G 209 4.86 -10.02 52.87
C SER G 209 5.97 -10.11 53.91
N ASN G 210 6.73 -11.21 53.95
CA ASN G 210 7.76 -11.36 54.95
C ASN G 210 8.96 -10.45 54.63
N ARG G 211 9.85 -10.32 55.61
CA ARG G 211 11.03 -9.47 55.47
C ARG G 211 12.20 -10.18 54.81
N SER G 212 12.03 -11.44 54.41
CA SER G 212 13.13 -12.17 53.78
C SER G 212 13.53 -11.55 52.45
N ILE G 213 12.54 -11.19 51.62
CA ILE G 213 12.79 -10.58 50.33
C ILE G 213 12.01 -9.29 50.11
N LEU G 214 11.18 -8.88 51.06
CA LEU G 214 10.52 -7.58 51.05
C LEU G 214 11.16 -6.77 52.18
N GLU G 215 12.09 -5.89 51.82
CA GLU G 215 12.91 -5.22 52.83
C GLU G 215 12.08 -4.21 53.63
N LYS G 216 11.30 -3.38 52.95
CA LYS G 216 10.56 -2.33 53.63
C LYS G 216 9.36 -1.93 52.78
N LEU G 217 8.25 -1.61 53.46
CA LEU G 217 7.05 -1.16 52.77
C LEU G 217 6.22 -0.35 53.77
N GLN G 218 6.07 0.95 53.50
CA GLN G 218 5.26 1.82 54.33
C GLN G 218 4.44 2.74 53.43
N VAL G 219 3.25 3.11 53.92
CA VAL G 219 2.31 3.94 53.17
C VAL G 219 2.22 5.29 53.86
N PHE G 220 2.44 6.36 53.11
CA PHE G 220 2.40 7.72 53.62
C PHE G 220 1.03 8.35 53.36
N ASP G 221 0.82 9.52 53.95
CA ASP G 221 -0.41 10.27 53.82
C ASP G 221 -0.22 11.52 52.96
N GLY G 222 0.62 11.43 51.93
CA GLY G 222 0.90 12.55 51.07
C GLY G 222 1.95 13.51 51.58
N ASP G 223 2.59 13.21 52.72
CA ASP G 223 3.63 14.06 53.27
C ASP G 223 4.99 13.39 53.35
N SER G 224 5.09 12.10 53.02
CA SER G 224 6.32 11.32 52.99
C SER G 224 6.98 11.19 54.36
N THR G 225 6.33 11.64 55.42
CA THR G 225 6.89 11.53 56.76
C THR G 225 5.87 10.94 57.72
N THR G 226 4.58 11.11 57.41
CA THR G 226 3.50 10.63 58.28
C THR G 226 3.05 9.26 57.78
N VAL G 227 3.62 8.21 58.35
CA VAL G 227 3.23 6.85 58.00
C VAL G 227 1.89 6.54 58.65
N ILE G 228 1.02 5.87 57.89
CA ILE G 228 -0.33 5.54 58.34
C ILE G 228 -0.59 4.06 58.02
N ASP G 229 -1.28 3.39 58.93
CA ASP G 229 -1.60 1.97 58.80
C ASP G 229 -3.07 1.78 58.51
N GLY G 230 -3.39 0.79 57.68
CA GLY G 230 -4.74 0.49 57.29
C GLY G 230 -5.22 1.20 56.04
N PHE G 231 -4.43 2.12 55.50
CA PHE G 231 -4.78 2.83 54.28
C PHE G 231 -4.31 2.04 53.06
N ALA G 232 -5.06 2.15 51.97
CA ALA G 232 -4.78 1.42 50.76
C ALA G 232 -4.51 2.38 49.61
N VAL G 233 -3.51 2.04 48.79
CA VAL G 233 -3.13 2.80 47.62
C VAL G 233 -3.34 1.93 46.39
N ILE G 234 -4.12 2.42 45.43
CA ILE G 234 -4.47 1.67 44.24
C ILE G 234 -3.89 2.40 43.03
N GLY G 235 -3.09 1.69 42.25
CA GLY G 235 -2.51 2.27 41.04
C GLY G 235 -2.93 1.55 39.79
N PHE G 236 -3.44 2.28 38.81
CA PHE G 236 -3.93 1.72 37.55
C PHE G 236 -2.88 2.01 36.48
N PHE G 237 -2.17 0.97 36.05
CA PHE G 237 -1.04 1.10 35.15
C PHE G 237 -1.27 0.26 33.90
N ASP G 238 -0.77 0.76 32.77
CA ASP G 238 -0.87 0.04 31.51
C ASP G 238 0.10 -1.13 31.48
N PHE G 239 -0.27 -2.15 30.70
CA PHE G 239 0.59 -3.34 30.59
C PHE G 239 1.86 -3.05 29.81
N THR G 240 1.81 -2.12 28.85
CA THR G 240 2.99 -1.82 28.04
C THR G 240 4.11 -1.26 28.89
N SER G 241 3.78 -0.44 29.89
CA SER G 241 4.80 0.10 30.79
C SER G 241 5.43 -1.00 31.63
N PHE G 242 4.62 -1.98 32.07
CA PHE G 242 5.16 -3.07 32.89
C PHE G 242 6.05 -4.01 32.08
N ASP G 243 5.78 -4.16 30.78
CA ASP G 243 6.58 -5.06 29.95
C ASP G 243 8.00 -4.56 29.76
N LYS G 244 8.23 -3.25 29.91
CA LYS G 244 9.57 -2.71 29.72
C LYS G 244 10.49 -3.03 30.89
N ILE G 245 9.95 -3.05 32.12
CA ILE G 245 10.76 -3.31 33.30
C ILE G 245 10.89 -4.80 33.62
N ARG G 246 10.27 -5.67 32.81
CA ARG G 246 10.34 -7.10 33.08
C ARG G 246 11.77 -7.61 32.91
N LYS G 247 12.41 -7.27 31.80
CA LYS G 247 13.79 -7.70 31.57
C LYS G 247 14.79 -6.90 32.38
N SER G 248 14.45 -5.66 32.76
CA SER G 248 15.33 -4.88 33.63
C SER G 248 15.48 -5.53 34.99
N THR G 249 14.40 -6.11 35.52
CA THR G 249 14.44 -6.81 36.79
C THR G 249 14.90 -8.25 36.66
N LYS G 250 15.15 -8.73 35.44
CA LYS G 250 15.62 -10.10 35.25
C LYS G 250 16.98 -10.31 35.91
N ILE G 251 17.88 -9.35 35.75
CA ILE G 251 19.20 -9.39 36.39
C ILE G 251 19.29 -8.17 37.31
N ALA G 252 18.95 -8.38 38.57
CA ALA G 252 18.95 -7.31 39.56
C ALA G 252 19.03 -7.92 40.95
N SER G 253 19.39 -7.08 41.93
CA SER G 253 19.46 -7.49 43.32
C SER G 253 18.32 -6.93 44.16
N LYS G 254 18.09 -5.63 44.11
CA LYS G 254 17.01 -4.98 44.85
C LYS G 254 16.25 -4.03 43.93
N VAL G 255 14.94 -4.02 44.05
CA VAL G 255 14.06 -3.16 43.26
C VAL G 255 13.34 -2.21 44.22
N LEU G 256 13.39 -0.92 43.93
CA LEU G 256 12.77 0.10 44.76
C LEU G 256 11.55 0.66 44.02
N PHE G 257 10.42 0.69 44.72
CA PHE G 257 9.17 1.20 44.18
C PHE G 257 8.78 2.46 44.93
N ARG G 258 8.48 3.53 44.19
CA ARG G 258 8.09 4.80 44.80
C ARG G 258 7.14 5.53 43.86
N MET G 259 5.98 5.91 44.38
CA MET G 259 5.03 6.72 43.62
C MET G 259 4.42 7.77 44.54
N ASP G 260 3.94 8.84 43.94
CA ASP G 260 3.38 9.98 44.66
C ASP G 260 1.87 10.02 44.50
N VAL G 261 1.26 11.08 45.05
CA VAL G 261 -0.17 11.28 44.90
C VAL G 261 -0.52 11.71 43.48
N HIS G 262 0.44 12.30 42.75
CA HIS G 262 0.18 12.71 41.38
C HIS G 262 0.00 11.53 40.44
N GLY G 263 0.45 10.33 40.83
CA GLY G 263 0.25 9.13 40.06
C GLY G 263 1.46 8.60 39.34
N VAL G 264 2.53 9.40 39.21
CA VAL G 264 3.72 8.91 38.53
C VAL G 264 4.45 7.92 39.44
N LEU G 265 5.06 6.91 38.84
CA LEU G 265 5.77 5.86 39.56
C LEU G 265 7.24 5.91 39.20
N SER G 266 8.10 5.86 40.21
CA SER G 266 9.54 5.80 40.01
C SER G 266 10.06 4.44 40.47
N VAL G 267 10.75 3.75 39.58
CA VAL G 267 11.29 2.42 39.87
C VAL G 267 12.82 2.50 39.76
N ASN G 268 13.50 2.14 40.85
CA ASN G 268 14.96 2.15 40.90
C ASN G 268 15.46 0.71 40.89
N ILE G 269 16.42 0.42 40.02
CA ILE G 269 16.98 -0.92 39.86
C ILE G 269 18.44 -0.88 40.28
N LEU G 270 18.80 -1.77 41.21
CA LEU G 270 20.16 -1.88 41.71
C LEU G 270 20.74 -3.22 41.29
N SER G 271 21.90 -3.18 40.63
CA SER G 271 22.56 -4.40 40.17
C SER G 271 24.06 -4.21 40.11
N PRO G 302 31.69 -0.37 41.28
CA PRO G 302 30.37 -0.18 41.90
C PRO G 302 29.23 -0.57 40.96
N GLY G 303 28.09 -0.93 41.55
CA GLY G 303 26.94 -1.31 40.75
C GLY G 303 26.30 -0.13 40.06
N ILE G 304 25.57 -0.43 38.99
CA ILE G 304 24.89 0.59 38.21
C ILE G 304 23.46 0.74 38.73
N VAL G 305 22.85 1.89 38.44
CA VAL G 305 21.49 2.18 38.87
C VAL G 305 20.64 2.50 37.64
N ILE G 306 19.46 1.90 37.57
CA ILE G 306 18.51 2.10 36.49
C ILE G 306 17.24 2.68 37.09
N GLU G 307 16.83 3.85 36.60
CA GLU G 307 15.63 4.53 37.06
C GLU G 307 14.59 4.55 35.95
N VAL G 308 13.40 4.04 36.24
CA VAL G 308 12.30 3.98 35.28
C VAL G 308 11.13 4.77 35.84
N CYS G 309 10.56 5.65 35.02
CA CYS G 309 9.41 6.45 35.39
C CYS G 309 8.21 6.04 34.55
N MET G 310 7.04 5.98 35.18
CA MET G 310 5.82 5.53 34.52
C MET G 310 4.70 6.52 34.79
N LEU G 311 3.71 6.51 33.89
CA LEU G 311 2.57 7.41 33.96
C LEU G 311 1.31 6.60 34.26
N GLU G 312 0.55 7.04 35.27
CA GLU G 312 -0.70 6.38 35.60
C GLU G 312 -1.76 6.62 34.53
N LYS G 313 -2.64 5.64 34.37
CA LYS G 313 -3.77 5.78 33.45
C LYS G 313 -4.73 6.86 33.96
N GLU G 314 -5.73 7.17 33.13
CA GLU G 314 -6.66 8.26 33.39
C GLU G 314 -7.45 8.06 34.66
N SER G 315 -8.28 7.02 34.72
CA SER G 315 -9.16 6.78 35.85
C SER G 315 -9.39 5.29 36.03
N ILE G 316 -9.80 4.91 37.23
CA ILE G 316 -10.14 3.53 37.52
C ILE G 316 -11.37 3.13 36.72
N ASP G 317 -11.33 1.92 36.15
CA ASP G 317 -12.45 1.42 35.37
C ASP G 317 -13.68 1.27 36.25
N GLU G 318 -14.78 1.91 35.86
CA GLU G 318 -16.01 1.96 36.65
C GLU G 318 -15.67 2.49 38.04
N ALA G 319 -15.92 1.69 39.07
CA ALA G 319 -15.50 1.96 40.44
C ALA G 319 -14.77 0.74 41.01
N ALA G 320 -13.84 0.20 40.22
CA ALA G 320 -13.15 -1.03 40.59
C ALA G 320 -12.31 -0.85 41.85
N GLN G 321 -11.97 0.38 42.21
CA GLN G 321 -11.23 0.62 43.45
C GLN G 321 -12.00 0.13 44.67
N THR G 322 -13.33 0.07 44.59
CA THR G 322 -14.13 -0.47 45.67
C THR G 322 -14.00 -1.99 45.74
N GLU G 323 -14.09 -2.67 44.60
CA GLU G 323 -14.07 -4.13 44.60
C GLU G 323 -12.66 -4.71 44.77
N ILE G 324 -11.62 -3.95 44.43
CA ILE G 324 -10.26 -4.41 44.68
C ILE G 324 -10.03 -4.57 46.17
N GLU G 325 -10.45 -3.60 46.97
CA GLU G 325 -10.36 -3.70 48.41
C GLU G 325 -11.28 -4.80 48.94
N LEU G 326 -12.47 -4.94 48.37
CA LEU G 326 -13.45 -5.90 48.88
C LEU G 326 -13.02 -7.33 48.59
N LEU G 327 -12.58 -7.61 47.37
CA LEU G 327 -12.27 -8.99 46.98
C LEU G 327 -11.00 -9.50 47.65
N MET G 328 -9.97 -8.66 47.74
CA MET G 328 -8.71 -9.10 48.33
C MET G 328 -8.85 -9.28 49.84
N GLU G 329 -9.66 -8.44 50.49
CA GLU G 329 -9.87 -8.60 51.92
C GLU G 329 -10.60 -9.90 52.25
N THR G 330 -11.41 -10.40 51.32
CA THR G 330 -12.13 -11.65 51.53
C THR G 330 -11.19 -12.85 51.46
N LYS H 4 -15.80 -28.14 46.58
CA LYS H 4 -14.65 -29.00 46.32
C LYS H 4 -13.34 -28.27 46.63
N ALA H 5 -12.38 -29.00 47.19
CA ALA H 5 -11.07 -28.44 47.51
C ALA H 5 -10.04 -29.56 47.44
N THR H 6 -9.25 -29.57 46.36
CA THR H 6 -8.24 -30.58 46.13
C THR H 6 -6.86 -29.93 46.04
N ILE H 7 -5.92 -30.41 46.85
CA ILE H 7 -4.56 -29.89 46.87
C ILE H 7 -3.60 -31.03 46.55
N THR H 8 -2.56 -30.71 45.77
CA THR H 8 -1.47 -31.63 45.52
C THR H 8 -0.15 -30.91 45.72
N GLU H 9 0.75 -31.52 46.49
CA GLU H 9 2.08 -30.99 46.77
C GLU H 9 3.07 -32.13 46.61
N SER H 10 3.53 -32.34 45.38
CA SER H 10 4.46 -33.42 45.03
C SER H 10 4.99 -33.13 43.63
N GLY H 11 5.70 -34.11 43.07
CA GLY H 11 6.14 -34.05 41.70
C GLY H 11 5.09 -34.40 40.68
N LYS H 12 3.84 -34.58 41.11
CA LYS H 12 2.74 -34.94 40.24
C LYS H 12 2.08 -33.72 39.60
N GLN H 13 2.66 -32.53 39.77
CA GLN H 13 2.10 -31.34 39.13
C GLN H 13 2.41 -31.33 37.63
N ASN H 14 3.55 -31.89 37.23
CA ASN H 14 3.95 -31.86 35.83
C ASN H 14 2.99 -32.64 34.94
N ILE H 15 2.55 -33.83 35.41
CA ILE H 15 1.61 -34.61 34.62
C ILE H 15 0.25 -33.93 34.55
N TRP H 16 -0.15 -33.24 35.63
CA TRP H 16 -1.40 -32.49 35.60
C TRP H 16 -1.35 -31.37 34.56
N PHE H 17 -0.23 -30.66 34.48
CA PHE H 17 -0.07 -29.66 33.43
C PHE H 17 0.01 -30.31 32.06
N ARG H 18 0.67 -31.46 31.97
CA ARG H 18 0.77 -32.17 30.70
C ARG H 18 -0.60 -32.61 30.20
N ALA H 19 -1.44 -33.13 31.10
CA ALA H 19 -2.75 -33.62 30.70
C ALA H 19 -3.65 -32.48 30.24
N ILE H 20 -3.56 -31.32 30.89
CA ILE H 20 -4.38 -30.18 30.49
C ILE H 20 -3.99 -29.70 29.10
N TYR H 21 -2.69 -29.64 28.82
CA TYR H 21 -2.24 -29.24 27.48
C TYR H 21 -2.70 -30.24 26.43
N VAL H 22 -2.70 -31.54 26.78
CA VAL H 22 -3.17 -32.56 25.85
C VAL H 22 -4.66 -32.36 25.56
N LEU H 23 -5.46 -32.12 26.61
CA LEU H 23 -6.89 -31.94 26.43
C LEU H 23 -7.22 -30.62 25.75
N SER H 24 -6.37 -29.60 25.93
CA SER H 24 -6.62 -28.31 25.30
C SER H 24 -6.38 -28.34 23.79
N THR H 25 -5.54 -29.26 23.31
CA THR H 25 -5.29 -29.35 21.88
C THR H 25 -6.50 -29.93 21.13
N ILE H 26 -7.18 -30.90 21.75
CA ILE H 26 -8.32 -31.53 21.09
C ILE H 26 -9.48 -30.55 20.97
N GLN H 27 -9.81 -29.86 22.05
CA GLN H 27 -10.92 -28.91 22.06
C GLN H 27 -10.48 -27.63 22.76
N ASP H 28 -11.01 -26.51 22.27
CA ASP H 28 -10.68 -25.21 22.88
C ASP H 28 -11.19 -25.12 24.31
N ASP H 29 -12.38 -25.66 24.57
CA ASP H 29 -13.00 -25.64 25.88
C ASP H 29 -12.94 -27.03 26.49
N ILE H 30 -12.50 -27.10 27.75
CA ILE H 30 -12.39 -28.36 28.48
C ILE H 30 -13.50 -28.40 29.52
N LYS H 31 -14.30 -29.45 29.48
CA LYS H 31 -15.39 -29.64 30.44
C LYS H 31 -14.95 -30.64 31.50
N ILE H 32 -14.90 -30.19 32.75
CA ILE H 32 -14.39 -30.99 33.85
C ILE H 32 -15.56 -31.37 34.75
N THR H 33 -15.68 -32.67 35.02
CA THR H 33 -16.75 -33.20 35.86
C THR H 33 -16.15 -33.70 37.17
N VAL H 34 -16.72 -33.26 38.29
CA VAL H 34 -16.27 -33.63 39.62
C VAL H 34 -17.31 -34.53 40.27
N THR H 35 -16.84 -35.54 41.00
CA THR H 35 -17.72 -36.45 41.70
C THR H 35 -16.99 -36.98 42.93
N THR H 36 -17.75 -37.59 43.83
CA THR H 36 -17.17 -38.07 45.09
C THR H 36 -16.16 -39.19 44.86
N ASN H 37 -16.33 -39.97 43.78
CA ASN H 37 -15.43 -41.09 43.54
C ASN H 37 -14.01 -40.60 43.20
N GLU H 38 -13.90 -39.69 42.25
CA GLU H 38 -12.61 -39.17 41.80
C GLU H 38 -12.86 -37.95 40.92
N LEU H 39 -11.81 -37.44 40.31
CA LEU H 39 -11.88 -36.28 39.42
C LEU H 39 -11.71 -36.74 37.98
N ILE H 40 -12.61 -36.30 37.11
CA ILE H 40 -12.59 -36.66 35.69
C ILE H 40 -12.50 -35.39 34.86
N ALA H 41 -11.53 -35.36 33.94
CA ALA H 41 -11.36 -34.24 33.01
C ALA H 41 -11.30 -34.79 31.59
N TRP H 42 -12.09 -34.19 30.70
CA TRP H 42 -12.16 -34.68 29.33
C TRP H 42 -12.64 -33.55 28.43
N SER H 43 -12.38 -33.72 27.13
CA SER H 43 -12.77 -32.74 26.13
C SER H 43 -13.33 -33.46 24.91
N MET H 44 -14.49 -33.03 24.45
CA MET H 44 -15.11 -33.62 23.27
C MET H 44 -14.58 -32.93 22.01
N ASN H 45 -14.26 -33.73 21.00
CA ASN H 45 -13.72 -33.19 19.76
C ASN H 45 -14.80 -32.45 18.98
N GLU H 46 -14.36 -31.52 18.13
CA GLU H 46 -15.29 -30.76 17.30
C GLU H 46 -16.02 -31.67 16.31
N THR H 47 -15.30 -32.60 15.70
CA THR H 47 -15.89 -33.53 14.74
C THR H 47 -16.41 -34.80 15.39
N ASP H 48 -16.36 -34.89 16.73
CA ASP H 48 -16.84 -36.05 17.48
C ASP H 48 -16.15 -37.33 17.04
N THR H 49 -14.84 -37.23 16.76
CA THR H 49 -14.05 -38.38 16.35
C THR H 49 -12.97 -38.76 17.35
N THR H 50 -12.70 -37.92 18.34
CA THR H 50 -11.68 -38.20 19.35
C THR H 50 -12.27 -37.98 20.73
N LEU H 51 -12.18 -38.99 21.58
CA LEU H 51 -12.68 -38.93 22.95
C LEU H 51 -11.53 -39.30 23.89
N CYS H 52 -11.01 -38.32 24.62
CA CYS H 52 -9.93 -38.53 25.57
C CYS H 52 -10.35 -38.02 26.93
N GLN H 53 -10.19 -38.86 27.95
CA GLN H 53 -10.50 -38.49 29.32
C GLN H 53 -9.34 -38.84 30.23
N VAL H 54 -9.00 -37.93 31.14
CA VAL H 54 -7.97 -38.14 32.14
C VAL H 54 -8.65 -38.10 33.50
N ARG H 55 -8.60 -39.21 34.22
CA ARG H 55 -9.27 -39.36 35.51
C ARG H 55 -8.21 -39.45 36.60
N PHE H 56 -8.30 -38.55 37.57
CA PHE H 56 -7.34 -38.50 38.68
C PHE H 56 -7.97 -39.15 39.91
N GLN H 57 -7.28 -40.15 40.46
CA GLN H 57 -7.78 -40.86 41.62
C GLN H 57 -7.78 -39.97 42.86
N LYS H 58 -8.51 -40.39 43.88
CA LYS H 58 -8.54 -39.64 45.14
C LYS H 58 -7.17 -39.65 45.81
N SER H 59 -6.38 -40.72 45.62
CA SER H 59 -5.05 -40.78 46.18
C SER H 59 -4.09 -39.83 45.48
N PHE H 60 -4.43 -39.35 44.28
CA PHE H 60 -3.58 -38.39 43.59
C PHE H 60 -3.46 -37.09 44.37
N PHE H 61 -4.57 -36.63 44.94
CA PHE H 61 -4.58 -35.45 45.79
C PHE H 61 -4.45 -35.86 47.26
N GLU H 62 -4.18 -34.88 48.12
CA GLU H 62 -4.05 -35.14 49.54
C GLU H 62 -5.35 -34.97 50.31
N GLU H 63 -6.28 -34.15 49.82
CA GLU H 63 -7.61 -34.05 50.40
C GLU H 63 -8.64 -33.97 49.29
N TYR H 64 -9.85 -34.45 49.59
CA TYR H 64 -10.94 -34.44 48.62
C TYR H 64 -12.23 -33.94 49.28
N GLU H 65 -12.14 -32.80 49.98
CA GLU H 65 -13.29 -32.22 50.67
C GLU H 65 -14.23 -31.61 49.63
N PHE H 66 -15.04 -32.48 49.03
CA PHE H 66 -16.01 -32.09 48.02
C PHE H 66 -17.40 -32.10 48.62
N LYS H 67 -18.10 -30.97 48.54
CA LYS H 67 -19.44 -30.84 49.09
C LYS H 67 -20.35 -30.18 48.06
N PRO H 68 -21.65 -30.52 48.06
CA PRO H 68 -22.59 -29.90 47.12
C PRO H 68 -22.94 -28.47 47.50
N HIS H 89 -25.67 -39.58 44.13
CA HIS H 89 -24.36 -39.27 43.57
C HIS H 89 -24.46 -38.07 42.61
N LYS H 90 -24.04 -36.90 43.10
CA LYS H 90 -24.08 -35.69 42.31
C LYS H 90 -22.77 -35.53 41.54
N LEU H 91 -22.87 -35.22 40.25
CA LEU H 91 -21.72 -35.06 39.38
C LEU H 91 -21.75 -33.63 38.83
N TYR H 92 -21.15 -32.71 39.56
CA TYR H 92 -21.06 -31.33 39.11
C TYR H 92 -20.07 -31.20 37.96
N SER H 93 -20.42 -30.38 36.97
CA SER H 93 -19.60 -30.20 35.78
C SER H 93 -19.49 -28.72 35.46
N PHE H 94 -18.39 -28.36 34.78
CA PHE H 94 -18.18 -26.98 34.36
C PHE H 94 -17.25 -26.97 33.15
N ARG H 95 -17.44 -25.97 32.29
CA ARG H 95 -16.67 -25.82 31.06
C ARG H 95 -15.66 -24.69 31.23
N VAL H 96 -14.38 -25.06 31.31
CA VAL H 96 -13.30 -24.10 31.47
C VAL H 96 -12.50 -24.06 30.17
N ASN H 97 -12.03 -22.88 29.80
CA ASN H 97 -11.27 -22.72 28.57
C ASN H 97 -9.94 -23.47 28.66
N GLY H 98 -9.65 -24.27 27.63
CA GLY H 98 -8.43 -25.06 27.63
C GLY H 98 -7.17 -24.20 27.56
N ARG H 99 -7.17 -23.18 26.69
CA ARG H 99 -6.03 -22.30 26.58
C ARG H 99 -5.82 -21.48 27.85
N HIS H 100 -6.92 -21.05 28.48
CA HIS H 100 -6.82 -20.30 29.72
C HIS H 100 -6.32 -21.18 30.87
N LEU H 101 -6.73 -22.45 30.88
CA LEU H 101 -6.30 -23.36 31.94
C LEU H 101 -4.87 -23.84 31.74
N THR H 102 -4.44 -24.04 30.49
CA THR H 102 -3.12 -24.60 30.25
C THR H 102 -1.99 -23.61 30.52
N THR H 103 -2.30 -22.31 30.63
CA THR H 103 -1.30 -21.30 30.95
C THR H 103 -1.25 -20.98 32.43
N ILE H 104 -2.04 -21.67 33.26
CA ILE H 104 -2.06 -21.46 34.69
C ILE H 104 -1.27 -22.54 35.42
N SER H 105 -1.51 -23.80 35.08
CA SER H 105 -0.82 -24.94 35.69
C SER H 105 0.61 -25.11 35.20
N ARG H 106 1.12 -24.15 34.42
CA ARG H 106 2.47 -24.22 33.90
C ARG H 106 3.51 -24.14 35.01
N LYS H 107 4.68 -24.72 34.76
CA LYS H 107 5.79 -24.64 35.70
C LYS H 107 6.68 -23.47 35.31
N PRO H 108 6.81 -22.44 36.14
CA PRO H 108 7.66 -21.30 35.79
C PRO H 108 9.12 -21.70 35.69
N ASP H 109 9.84 -21.03 34.79
CA ASP H 109 11.25 -21.30 34.60
C ASP H 109 12.07 -20.70 35.74
N GLY H 110 13.03 -21.47 36.23
CA GLY H 110 13.87 -21.01 37.33
C GLY H 110 13.17 -20.96 38.67
N ASP H 111 12.04 -21.63 38.81
CA ASP H 111 11.28 -21.62 40.06
C ASP H 111 10.42 -22.88 40.10
N GLY H 112 9.90 -23.18 41.29
CA GLY H 112 9.06 -24.33 41.48
C GLY H 112 7.83 -23.98 42.28
N ILE H 113 6.80 -24.82 42.10
CA ILE H 113 5.52 -24.65 42.78
C ILE H 113 5.47 -25.68 43.91
N LYS H 114 5.48 -25.20 45.15
CA LYS H 114 5.43 -26.11 46.30
C LYS H 114 4.04 -26.73 46.45
N SER H 115 3.00 -25.91 46.35
CA SER H 115 1.63 -26.38 46.51
C SER H 115 0.77 -25.82 45.39
N PHE H 116 0.04 -26.71 44.71
CA PHE H 116 -0.91 -26.34 43.68
C PHE H 116 -2.27 -26.94 44.02
N THR H 117 -3.31 -26.11 43.98
CA THR H 117 -4.65 -26.57 44.34
C THR H 117 -5.68 -25.87 43.48
N ILE H 118 -6.83 -26.52 43.35
CA ILE H 118 -7.97 -25.99 42.63
C ILE H 118 -9.22 -26.23 43.46
N ALA H 119 -10.11 -25.23 43.50
CA ALA H 119 -11.30 -25.32 44.32
C ALA H 119 -12.48 -24.66 43.62
N VAL H 120 -13.68 -25.06 44.01
CA VAL H 120 -14.91 -24.51 43.46
C VAL H 120 -15.69 -23.88 44.61
N ASN H 121 -16.03 -22.61 44.47
CA ASN H 121 -16.77 -21.92 45.50
C ASN H 121 -18.27 -22.20 45.38
N ASN H 122 -18.99 -21.96 46.47
CA ASN H 122 -20.43 -22.19 46.51
C ASN H 122 -21.17 -21.06 45.82
N ARG H 133 -16.60 -18.47 38.41
CA ARG H 133 -15.50 -18.03 39.27
C ARG H 133 -14.78 -19.22 39.89
N LEU H 134 -13.92 -19.87 39.10
CA LEU H 134 -13.15 -21.00 39.58
C LEU H 134 -12.03 -20.53 40.48
N ILE H 135 -11.99 -21.03 41.72
CA ILE H 135 -11.03 -20.58 42.72
C ILE H 135 -9.81 -21.50 42.61
N VAL H 136 -8.83 -21.08 41.83
CA VAL H 136 -7.56 -21.79 41.70
C VAL H 136 -6.44 -20.85 42.11
N VAL H 137 -5.55 -21.34 42.99
CA VAL H 137 -4.41 -20.56 43.47
C VAL H 137 -3.15 -21.40 43.33
N ILE H 138 -2.01 -20.72 43.28
CA ILE H 138 -0.71 -21.34 43.12
C ILE H 138 0.18 -20.88 44.27
N GLU H 139 0.78 -21.83 44.98
CA GLU H 139 1.69 -21.56 46.08
C GLU H 139 3.08 -22.05 45.68
N MET H 140 4.01 -21.13 45.47
CA MET H 140 5.35 -21.47 45.05
C MET H 140 6.18 -21.92 46.26
N ASP H 141 7.47 -22.16 46.03
CA ASP H 141 8.35 -22.55 47.12
C ASP H 141 8.50 -21.43 48.16
N SER H 142 8.59 -20.19 47.70
CA SER H 142 8.66 -19.04 48.59
C SER H 142 7.27 -18.60 49.00
N LEU H 143 7.16 -17.43 49.62
CA LEU H 143 5.88 -16.93 50.11
C LEU H 143 5.04 -16.31 49.01
N ILE H 144 5.58 -16.14 47.80
CA ILE H 144 4.80 -15.59 46.70
C ILE H 144 3.69 -16.58 46.32
N VAL H 145 2.48 -16.06 46.11
CA VAL H 145 1.33 -16.86 45.75
C VAL H 145 0.56 -16.16 44.65
N LYS H 146 0.06 -16.92 43.69
CA LYS H 146 -0.72 -16.41 42.58
C LYS H 146 -2.13 -16.98 42.65
N GLU H 147 -3.13 -16.11 42.61
CA GLU H 147 -4.54 -16.50 42.69
C GLU H 147 -5.23 -16.16 41.37
N TYR H 148 -5.82 -17.16 40.74
CA TYR H 148 -6.48 -16.99 39.46
C TYR H 148 -7.97 -17.32 39.56
N CYS H 149 -8.77 -16.61 38.76
CA CYS H 149 -10.22 -16.76 38.77
C CYS H 149 -10.73 -16.94 37.34
N PRO H 150 -10.52 -18.12 36.74
CA PRO H 150 -11.12 -18.37 35.43
C PRO H 150 -12.63 -18.53 35.54
N GLN H 151 -13.31 -18.25 34.43
CA GLN H 151 -14.77 -18.30 34.37
C GLN H 151 -15.21 -19.58 33.67
N PHE H 152 -16.14 -20.30 34.29
CA PHE H 152 -16.63 -21.56 33.78
C PHE H 152 -18.13 -21.46 33.49
N GLN H 153 -18.68 -22.55 32.94
CA GLN H 153 -20.11 -22.63 32.66
C GLN H 153 -20.61 -24.03 33.00
N PRO H 154 -21.50 -24.16 34.00
CA PRO H 154 -22.05 -25.47 34.38
C PRO H 154 -23.03 -26.02 33.35
N GLU H 199 -24.01 -30.53 32.24
CA GLU H 199 -25.13 -31.36 32.69
C GLU H 199 -24.72 -32.81 32.87
N ARG H 200 -23.53 -32.99 33.48
CA ARG H 200 -22.89 -34.29 33.73
C ARG H 200 -23.10 -35.27 32.58
N GLU H 201 -22.66 -34.84 31.40
CA GLU H 201 -22.74 -35.65 30.19
C GLU H 201 -21.63 -36.70 30.23
N LEU H 202 -21.83 -37.71 31.06
CA LEU H 202 -20.88 -38.80 31.23
C LEU H 202 -21.25 -40.03 30.42
N THR H 203 -22.22 -39.92 29.51
CA THR H 203 -22.59 -41.05 28.66
C THR H 203 -21.45 -41.45 27.74
N SER H 204 -20.60 -40.49 27.36
CA SER H 204 -19.43 -40.82 26.55
C SER H 204 -18.46 -41.72 27.31
N ALA H 205 -18.30 -41.48 28.61
CA ALA H 205 -17.45 -42.34 29.43
C ALA H 205 -18.05 -43.73 29.58
N LEU H 206 -19.38 -43.84 29.61
CA LEU H 206 -20.02 -45.15 29.67
C LEU H 206 -19.75 -45.95 28.40
N PHE H 207 -19.81 -45.29 27.24
CA PHE H 207 -19.46 -45.97 26.00
C PHE H 207 -17.99 -46.33 25.94
N ASN H 208 -17.14 -45.55 26.61
CA ASN H 208 -15.71 -45.87 26.67
C ASN H 208 -15.48 -47.15 27.46
N GLU H 209 -16.22 -47.34 28.56
CA GLU H 209 -16.09 -48.53 29.39
C GLU H 209 -16.98 -49.68 28.91
N GLU H 210 -17.38 -49.66 27.64
CA GLU H 210 -18.19 -50.75 27.09
C GLU H 210 -17.41 -52.07 27.07
N VAL H 211 -16.13 -52.01 26.70
CA VAL H 211 -15.26 -53.17 26.62
C VAL H 211 -15.83 -54.25 25.71
N ASN H 228 -9.56 -57.63 20.84
CA ASN H 228 -8.16 -58.05 20.89
C ASN H 228 -7.41 -57.41 22.06
N TYR H 229 -6.10 -57.62 22.10
CA TYR H 229 -5.28 -57.08 23.19
C TYR H 229 -3.85 -56.98 22.69
N ILE H 230 -3.35 -55.76 22.53
CA ILE H 230 -1.99 -55.51 22.05
C ILE H 230 -1.27 -54.66 23.07
N CYS H 231 -0.08 -55.10 23.50
CA CYS H 231 0.73 -54.38 24.47
C CYS H 231 2.10 -54.10 23.85
N CYS H 232 2.45 -52.81 23.77
CA CYS H 232 3.75 -52.40 23.27
C CYS H 232 4.30 -51.31 24.18
N ASN H 233 5.62 -51.32 24.37
CA ASN H 233 6.26 -50.37 25.27
C ASN H 233 6.22 -48.97 24.66
N SER H 234 5.81 -47.99 25.45
CA SER H 234 5.69 -46.62 24.98
C SER H 234 7.03 -45.90 24.94
N THR H 235 8.04 -46.39 25.66
CA THR H 235 9.35 -45.72 25.65
C THR H 235 9.99 -45.81 24.27
N LEU H 236 9.93 -46.97 23.63
CA LEU H 236 10.46 -47.09 22.27
C LEU H 236 9.61 -46.35 21.26
N LEU H 237 8.29 -46.29 21.49
CA LEU H 237 7.42 -45.55 20.60
C LEU H 237 7.64 -44.04 20.72
N LYS H 238 8.05 -43.57 21.90
CA LYS H 238 8.26 -42.15 22.10
C LYS H 238 9.38 -41.62 21.22
N ASN H 239 10.36 -42.47 20.88
CA ASN H 239 11.42 -42.06 19.97
C ASN H 239 10.87 -41.76 18.58
N PHE H 240 9.94 -42.59 18.10
CA PHE H 240 9.34 -42.36 16.79
C PHE H 240 8.34 -41.22 16.83
N LEU H 241 7.62 -41.05 17.94
CA LEU H 241 6.62 -39.99 18.03
C LEU H 241 7.27 -38.61 18.12
N ASP H 242 8.47 -38.53 18.71
CA ASP H 242 9.16 -37.24 18.81
C ASP H 242 9.64 -36.72 17.47
N ASN H 243 9.71 -37.57 16.45
CA ASN H 243 10.22 -37.18 15.13
C ASN H 243 9.25 -37.55 14.02
N CYS H 244 7.96 -37.69 14.33
CA CYS H 244 6.99 -38.13 13.34
C CYS H 244 6.72 -37.08 12.26
N ASN H 245 7.10 -35.82 12.50
CA ASN H 245 6.87 -34.71 11.58
C ASN H 245 5.38 -34.55 11.26
N VAL H 246 4.63 -34.24 12.33
CA VAL H 246 3.17 -34.13 12.25
C VAL H 246 2.72 -32.86 11.53
N ASN H 247 3.65 -31.98 11.16
CA ASN H 247 3.29 -30.74 10.48
C ASN H 247 2.60 -31.01 9.14
N VAL H 248 2.90 -32.14 8.51
CA VAL H 248 2.21 -32.52 7.27
C VAL H 248 0.82 -33.04 7.51
N THR H 249 0.47 -33.34 8.77
CA THR H 249 -0.86 -33.84 9.16
C THR H 249 -1.19 -35.13 8.40
N ASP H 250 -0.38 -36.16 8.67
CA ASP H 250 -0.52 -37.46 8.04
C ASP H 250 -1.39 -38.39 8.90
N GLU H 251 -1.42 -39.66 8.55
CA GLU H 251 -2.22 -40.66 9.23
C GLU H 251 -1.35 -41.83 9.66
N VAL H 252 -1.84 -42.60 10.63
CA VAL H 252 -1.13 -43.74 11.17
C VAL H 252 -1.88 -45.01 10.80
N LYS H 253 -1.17 -45.97 10.21
CA LYS H 253 -1.71 -47.27 9.86
C LYS H 253 -1.05 -48.31 10.76
N LEU H 254 -1.81 -48.83 11.72
CA LEU H 254 -1.29 -49.85 12.64
C LEU H 254 -1.18 -51.17 11.89
N GLU H 255 0.01 -51.44 11.36
CA GLU H 255 0.26 -52.62 10.54
C GLU H 255 0.88 -53.70 11.43
N ILE H 256 0.03 -54.60 11.92
CA ILE H 256 0.53 -55.75 12.68
C ILE H 256 1.01 -56.86 11.75
N ASN H 257 0.61 -56.84 10.48
CA ASN H 257 1.06 -57.76 9.45
C ASN H 257 0.90 -59.22 9.87
N VAL H 258 2.02 -59.89 10.18
CA VAL H 258 1.98 -61.29 10.60
C VAL H 258 2.11 -61.37 12.12
N HIS H 259 3.19 -60.84 12.69
CA HIS H 259 3.32 -60.79 14.14
C HIS H 259 3.75 -59.42 14.67
N ARG H 260 4.62 -58.72 13.95
CA ARG H 260 5.27 -57.52 14.46
C ARG H 260 4.51 -56.26 14.11
N LEU H 261 4.59 -55.27 15.00
CA LEU H 261 3.90 -54.00 14.82
C LEU H 261 4.72 -53.10 13.91
N SER H 262 4.23 -52.84 12.70
CA SER H 262 4.89 -51.95 11.76
C SER H 262 4.13 -50.62 11.74
N ILE H 263 4.47 -49.75 12.69
CA ILE H 263 3.81 -48.45 12.77
C ILE H 263 4.31 -47.56 11.63
N THR H 264 3.37 -46.90 10.95
CA THR H 264 3.68 -46.08 9.79
C THR H 264 3.07 -44.69 9.96
N ALA H 265 3.78 -43.69 9.47
CA ALA H 265 3.31 -42.30 9.45
C ALA H 265 3.50 -41.80 8.02
N PHE H 266 2.44 -41.90 7.21
CA PHE H 266 2.53 -41.63 5.78
C PHE H 266 1.34 -40.80 5.34
N THR H 267 1.50 -40.12 4.20
CA THR H 267 0.47 -39.28 3.61
C THR H 267 0.06 -39.86 2.26
N LYS H 268 -1.25 -39.92 2.04
CA LYS H 268 -1.78 -40.41 0.77
C LYS H 268 -1.71 -39.31 -0.29
N ALA H 269 -1.20 -39.66 -1.46
CA ALA H 269 -1.10 -38.70 -2.55
C ALA H 269 -2.47 -38.47 -3.20
N VAL H 270 -2.60 -37.35 -3.89
CA VAL H 270 -3.84 -36.97 -4.56
C VAL H 270 -3.52 -36.65 -6.02
N TYR H 271 -4.43 -37.01 -6.91
CA TYR H 271 -4.26 -36.72 -8.33
C TYR H 271 -4.77 -35.32 -8.65
N GLY H 272 -4.11 -34.68 -9.60
CA GLY H 272 -4.45 -33.34 -10.03
C GLY H 272 -5.35 -33.33 -11.24
N LYS H 273 -5.16 -32.31 -12.10
CA LYS H 273 -5.95 -32.22 -13.32
C LYS H 273 -5.68 -33.40 -14.25
N ASN H 274 -4.40 -33.67 -14.53
CA ASN H 274 -3.98 -34.85 -15.31
C ASN H 274 -2.84 -35.52 -14.54
N ASN H 275 -3.20 -36.36 -13.57
CA ASN H 275 -2.24 -37.13 -12.77
C ASN H 275 -1.19 -36.23 -12.14
N ASP H 276 -1.61 -35.07 -11.65
CA ASP H 276 -0.70 -34.12 -11.04
C ASP H 276 -0.67 -34.32 -9.52
N LEU H 277 0.49 -34.07 -8.93
CA LEU H 277 0.70 -34.24 -7.50
C LEU H 277 0.51 -32.88 -6.82
N LEU H 278 -0.76 -32.54 -6.56
CA LEU H 278 -1.07 -31.31 -5.86
C LEU H 278 -0.55 -31.34 -4.43
N ARG H 279 -0.70 -32.48 -3.75
CA ARG H 279 -0.22 -32.66 -2.38
C ARG H 279 0.82 -33.77 -2.39
N ASN H 280 2.07 -33.42 -2.09
CA ASN H 280 3.15 -34.40 -2.12
C ASN H 280 3.00 -35.41 -1.00
N ALA H 281 3.33 -36.66 -1.30
CA ALA H 281 3.21 -37.77 -0.34
C ALA H 281 4.58 -38.01 0.27
N LEU H 282 4.75 -37.59 1.53
CA LEU H 282 5.99 -37.80 2.27
C LEU H 282 5.72 -38.90 3.30
N SER H 283 6.16 -40.12 2.98
CA SER H 283 5.92 -41.27 3.83
C SER H 283 7.06 -41.47 4.82
N MET H 284 6.72 -41.99 6.00
CA MET H 284 7.71 -42.28 7.03
C MET H 284 7.22 -43.52 7.79
N SER H 285 7.72 -44.68 7.39
CA SER H 285 7.31 -45.94 7.98
C SER H 285 8.36 -46.44 8.97
N ASN H 286 7.93 -47.36 9.84
CA ASN H 286 8.78 -47.92 10.87
C ASN H 286 8.33 -49.34 11.17
N THR H 287 9.23 -50.11 11.77
CA THR H 287 8.94 -51.49 12.13
C THR H 287 9.54 -51.80 13.50
N ILE H 288 8.76 -52.48 14.33
CA ILE H 288 9.20 -52.91 15.65
C ILE H 288 9.47 -54.41 15.60
N SER H 289 10.40 -54.86 16.44
CA SER H 289 10.79 -56.26 16.45
C SER H 289 9.63 -57.15 16.88
N THR H 290 9.61 -58.37 16.34
CA THR H 290 8.55 -59.33 16.65
C THR H 290 8.56 -59.70 18.13
N LEU H 291 9.75 -59.97 18.68
CA LEU H 291 9.85 -60.36 20.08
C LEU H 291 9.58 -59.20 21.02
N ASP H 292 9.67 -57.95 20.53
CA ASP H 292 9.43 -56.79 21.39
C ASP H 292 7.97 -56.65 21.76
N LEU H 293 7.07 -57.17 20.92
CA LEU H 293 5.64 -57.08 21.21
C LEU H 293 5.27 -58.03 22.34
N GLU H 294 4.49 -57.53 23.30
CA GLU H 294 4.09 -58.33 24.47
C GLU H 294 2.84 -59.14 24.20
N HIS H 295 1.79 -58.51 23.67
CA HIS H 295 0.53 -59.17 23.37
C HIS H 295 0.16 -58.92 21.92
N TYR H 296 -0.45 -59.92 21.29
CA TYR H 296 -0.78 -59.83 19.87
C TYR H 296 -1.96 -60.76 19.58
N CYS H 297 -2.76 -60.37 18.60
CA CYS H 297 -3.88 -61.17 18.11
C CYS H 297 -3.80 -61.25 16.58
N LEU H 298 -4.19 -62.40 16.05
CA LEU H 298 -4.11 -62.65 14.60
C LEU H 298 -5.23 -61.89 13.91
N PHE H 299 -4.94 -60.65 13.52
CA PHE H 299 -5.90 -59.76 12.89
C PHE H 299 -5.30 -59.07 11.67
N THR H 300 -4.77 -59.87 10.75
CA THR H 300 -4.22 -59.35 9.50
C THR H 300 -5.19 -58.40 8.82
N LYS H 301 -4.63 -57.48 8.01
CA LYS H 301 -5.24 -56.27 7.47
C LYS H 301 -5.33 -55.22 8.57
N SER H 302 -4.96 -53.98 8.25
CA SER H 302 -4.68 -52.96 9.24
C SER H 302 -5.84 -51.98 9.39
N ILE H 303 -5.65 -51.02 10.29
CA ILE H 303 -6.60 -49.94 10.54
C ILE H 303 -5.84 -48.61 10.50
N ILE H 304 -6.59 -47.54 10.27
CA ILE H 304 -6.02 -46.21 10.09
C ILE H 304 -6.61 -45.27 11.14
N PHE H 305 -5.74 -44.52 11.81
CA PHE H 305 -6.18 -43.52 12.78
C PHE H 305 -5.24 -42.33 12.73
N LYS H 306 -5.72 -41.21 13.29
CA LYS H 306 -4.98 -39.95 13.22
C LYS H 306 -3.76 -39.99 14.13
N LEU H 307 -2.91 -38.97 13.98
CA LEU H 307 -1.64 -38.91 14.70
C LEU H 307 -1.57 -37.81 15.75
N LYS H 308 -2.22 -36.67 15.52
CA LYS H 308 -2.16 -35.58 16.49
C LYS H 308 -2.72 -35.99 17.85
N ASP H 309 -3.82 -36.72 17.85
CA ASP H 309 -4.32 -37.29 19.10
C ASP H 309 -3.47 -38.47 19.55
N PHE H 310 -2.83 -39.15 18.62
CA PHE H 310 -1.92 -40.23 18.98
C PHE H 310 -0.59 -39.70 19.53
N LYS H 311 -0.23 -38.46 19.17
CA LYS H 311 1.00 -37.88 19.67
C LYS H 311 0.88 -37.55 21.15
N ASN H 312 -0.08 -36.68 21.49
CA ASN H 312 -0.18 -36.15 22.84
C ASN H 312 -0.54 -37.20 23.88
N PHE H 313 -1.15 -38.31 23.48
CA PHE H 313 -1.51 -39.35 24.43
C PHE H 313 -0.29 -40.12 24.95
N ILE H 314 0.81 -40.11 24.21
CA ILE H 314 2.00 -40.84 24.64
C ILE H 314 2.92 -39.96 25.48
N THR H 315 2.88 -38.64 25.30
CA THR H 315 3.76 -37.75 26.05
C THR H 315 3.44 -37.73 27.54
N ILE H 316 2.22 -38.11 27.92
CA ILE H 316 1.82 -38.06 29.32
C ILE H 316 2.57 -39.10 30.15
N GLY H 317 2.95 -40.22 29.55
CA GLY H 317 3.60 -41.30 30.26
C GLY H 317 4.96 -40.93 30.82
N PRO H 318 5.94 -40.71 29.94
CA PRO H 318 7.28 -40.32 30.41
C PRO H 318 7.33 -38.97 31.12
N SER H 319 6.31 -38.14 30.97
CA SER H 319 6.31 -36.84 31.65
C SER H 319 6.33 -36.99 33.16
N TRP H 320 5.57 -37.93 33.69
CA TRP H 320 5.55 -38.21 35.13
C TRP H 320 6.57 -39.28 35.45
N LYS H 321 7.38 -39.03 36.48
CA LYS H 321 8.42 -39.97 36.90
C LYS H 321 7.77 -41.07 37.70
N THR H 322 7.44 -42.18 37.02
CA THR H 322 6.78 -43.33 37.63
C THR H 322 7.75 -44.50 37.63
N THR H 323 8.57 -44.58 38.68
CA THR H 323 9.46 -45.73 38.83
C THR H 323 8.67 -47.01 39.12
N GLN H 324 7.66 -46.91 39.99
CA GLN H 324 6.82 -48.05 40.32
C GLN H 324 5.59 -48.05 39.43
N ASP H 325 5.17 -49.24 38.99
CA ASP H 325 4.04 -49.45 38.10
C ASP H 325 4.32 -48.69 36.80
N GLY H 326 3.41 -47.85 36.32
CA GLY H 326 3.63 -47.12 35.08
C GLY H 326 3.75 -48.02 33.87
N ASN H 327 2.83 -48.98 33.75
CA ASN H 327 2.88 -49.94 32.65
C ASN H 327 2.59 -49.26 31.32
N ASP H 328 2.97 -49.94 30.24
CA ASP H 328 2.84 -49.40 28.91
C ASP H 328 1.37 -49.36 28.47
N ASN H 329 1.11 -48.63 27.39
CA ASN H 329 -0.23 -48.50 26.87
C ASN H 329 -0.70 -49.80 26.23
N ILE H 330 -2.02 -49.95 26.15
CA ILE H 330 -2.65 -51.12 25.54
C ILE H 330 -3.52 -50.65 24.39
N SER H 331 -3.75 -51.55 23.44
CA SER H 331 -4.60 -51.28 22.27
C SER H 331 -5.77 -52.25 22.29
N LEU H 332 -6.99 -51.71 22.24
CA LEU H 332 -8.20 -52.52 22.24
C LEU H 332 -9.13 -51.99 21.15
N TRP H 333 -9.56 -52.88 20.27
CA TRP H 333 -10.48 -52.50 19.20
C TRP H 333 -11.11 -53.76 18.63
N PHE H 334 -12.44 -53.78 18.58
CA PHE H 334 -13.18 -54.91 18.04
C PHE H 334 -13.04 -54.95 16.52
N CYS H 335 -13.56 -56.02 15.93
CA CYS H 335 -13.33 -56.29 14.52
C CYS H 335 -13.98 -55.23 13.63
N HIS H 336 -13.56 -55.21 12.36
CA HIS H 336 -13.97 -54.29 11.29
C HIS H 336 -13.48 -52.87 11.56
N PRO H 337 -13.13 -52.12 10.52
CA PRO H 337 -12.60 -50.77 10.74
C PRO H 337 -13.65 -49.75 11.19
N GLY H 338 -14.94 -50.10 11.14
CA GLY H 338 -15.97 -49.11 11.41
C GLY H 338 -15.95 -48.58 12.83
N ASP H 339 -15.82 -49.47 13.80
CA ASP H 339 -15.88 -49.09 15.20
C ASP H 339 -14.61 -48.36 15.65
N PRO H 340 -14.68 -47.56 16.70
CA PRO H 340 -13.50 -46.83 17.16
C PRO H 340 -12.51 -47.72 17.90
N ILE H 341 -11.33 -47.16 18.15
CA ILE H 341 -10.23 -47.86 18.80
C ILE H 341 -10.11 -47.33 20.23
N LEU H 342 -9.79 -48.22 21.16
CA LEU H 342 -9.63 -47.88 22.57
C LEU H 342 -8.17 -48.00 22.98
N MET H 343 -7.70 -47.02 23.75
CA MET H 343 -6.34 -47.01 24.28
C MET H 343 -6.39 -46.68 25.76
N GLN H 344 -5.54 -47.35 26.54
CA GLN H 344 -5.53 -47.20 27.99
C GLN H 344 -4.11 -47.19 28.50
N MET H 345 -3.83 -46.31 29.47
CA MET H 345 -2.54 -46.22 30.14
C MET H 345 -2.77 -46.29 31.64
N GLN H 346 -2.48 -47.45 32.24
CA GLN H 346 -2.75 -47.66 33.66
C GLN H 346 -1.63 -47.04 34.49
N LYS H 347 -2.01 -46.23 35.47
CA LYS H 347 -1.08 -45.59 36.38
C LYS H 347 -1.63 -45.69 37.80
N PRO H 348 -0.76 -45.68 38.81
CA PRO H 348 -1.24 -45.86 40.20
C PRO H 348 -2.21 -44.79 40.66
N GLY H 349 -2.15 -43.58 40.10
CA GLY H 349 -3.02 -42.52 40.53
C GLY H 349 -3.71 -41.77 39.41
N VAL H 350 -3.39 -42.10 38.16
CA VAL H 350 -3.93 -41.41 36.99
C VAL H 350 -4.54 -42.44 36.05
N LYS H 351 -5.76 -42.16 35.60
CA LYS H 351 -6.43 -43.00 34.60
C LYS H 351 -6.40 -42.27 33.27
N LEU H 352 -5.79 -42.91 32.26
CA LEU H 352 -5.65 -42.33 30.93
C LEU H 352 -6.47 -43.15 29.94
N GLU H 353 -7.32 -42.47 29.17
CA GLU H 353 -8.16 -43.13 28.19
C GLU H 353 -8.16 -42.31 26.91
N LEU H 354 -8.36 -42.99 25.78
CA LEU H 354 -8.48 -42.32 24.49
C LEU H 354 -9.27 -43.21 23.55
N VAL H 355 -10.30 -42.63 22.92
CA VAL H 355 -11.12 -43.32 21.94
C VAL H 355 -11.10 -42.49 20.67
N GLU H 356 -10.69 -43.11 19.57
CA GLU H 356 -10.60 -42.43 18.27
C GLU H 356 -11.41 -43.21 17.25
N VAL H 357 -12.26 -42.50 16.50
CA VAL H 357 -13.12 -43.13 15.52
C VAL H 357 -12.32 -43.40 14.25
N THR H 358 -12.38 -44.63 13.77
CA THR H 358 -11.68 -45.05 12.57
C THR H 358 -12.67 -45.19 11.42
N ASP H 359 -12.37 -44.54 10.30
CA ASP H 359 -13.19 -44.60 9.09
C ASP H 359 -14.65 -44.23 9.33
PG AGS K . -27.16 -16.86 6.61
S1G AGS K . -26.82 -15.58 8.04
O2G AGS K . -26.06 -17.96 6.63
O3G AGS K . -27.12 -16.13 5.24
PB AGS K . -28.82 -19.02 6.45
O1B AGS K . -29.30 -19.16 5.06
O2B AGS K . -27.48 -19.76 6.68
O3B AGS K . -28.56 -17.51 6.82
PA AGS K . -31.33 -19.97 6.99
O1A AGS K . -31.46 -21.39 6.56
O2A AGS K . -31.67 -18.95 5.91
O3A AGS K . -29.85 -19.65 7.47
O5' AGS K . -32.22 -19.77 8.29
C5' AGS K . -33.47 -19.05 8.23
C4' AGS K . -33.87 -18.68 9.64
O4' AGS K . -35.30 -18.50 9.70
C3' AGS K . -33.50 -19.69 10.71
O3' AGS K . -33.06 -19.05 11.90
C2' AGS K . -34.82 -20.45 10.93
O2' AGS K . -34.93 -20.95 12.26
C1' AGS K . -35.84 -19.33 10.71
N9 AGS K . -37.15 -19.82 10.26
C8 AGS K . -38.33 -19.77 10.95
N7 AGS K . -39.35 -20.28 10.30
C5 AGS K . -38.80 -20.69 9.10
C6 AGS K . -39.36 -21.31 7.96
N6 AGS K . -40.65 -21.64 7.85
N1 AGS K . -38.53 -21.57 6.92
C2 AGS K . -37.24 -21.25 7.02
N3 AGS K . -36.61 -20.66 8.04
C4 AGS K . -37.44 -20.41 9.05
MG MG L . -28.51 -21.02 8.42
PG AGS M . -21.89 10.06 15.99
S1G AGS M . -20.41 11.25 15.54
O2G AGS M . -21.63 9.41 17.38
O3G AGS M . -21.99 8.94 14.92
PB AGS M . -24.16 10.79 17.31
O1B AGS M . -24.08 9.46 17.94
O2B AGS M . -25.57 11.13 16.81
O3B AGS M . -23.23 10.86 16.03
PA AGS M . -23.68 11.58 19.88
O1A AGS M . -22.29 11.20 20.25
O2A AGS M . -24.71 10.48 20.14
O3A AGS M . -23.78 11.93 18.34
O5' AGS M . -24.05 12.91 20.66
C5' AGS M . -23.01 13.68 21.30
C4' AGS M . -23.58 14.99 21.76
O4' AGS M . -24.87 15.22 21.14
C3' AGS M . -23.80 15.12 23.27
O3' AGS M . -23.28 16.37 23.76
C2' AGS M . -25.31 15.03 23.43
O2' AGS M . -25.76 15.81 24.53
C1' AGS M . -25.79 15.63 22.12
N9 AGS M . -27.12 15.20 21.71
C8 AGS M . -27.44 14.44 20.62
N7 AGS M . -28.73 14.20 20.50
C5 AGS M . -29.29 14.85 21.59
C6 AGS M . -30.62 14.97 22.04
N6 AGS M . -31.67 14.43 21.41
N1 AGS M . -30.84 15.70 23.16
C2 AGS M . -29.79 16.24 23.78
N3 AGS M . -28.50 16.19 23.46
C4 AGS M . -28.31 15.47 22.34
MG MG N . -20.98 7.76 18.58
PG AGS O . -0.07 25.84 6.99
S1G AGS O . 0.70 25.26 5.30
O2G AGS O . 0.78 25.28 8.17
O3G AGS O . -1.53 25.29 7.10
PB AGS O . 0.31 28.14 8.40
O1B AGS O . -0.53 27.68 9.52
O2B AGS O . 0.15 29.63 8.11
O3B AGS O . -0.10 27.39 7.05
PA AGS O . 2.63 28.96 9.64
O1A AGS O . 1.76 29.46 10.73
O2A AGS O . 3.89 28.24 10.12
O3A AGS O . 1.85 27.92 8.72
O5' AGS O . 2.98 30.18 8.69
C5' AGS O . 4.34 30.36 8.24
C4' AGS O . 4.88 31.67 8.79
O4' AGS O . 4.00 32.75 8.43
C3' AGS O . 4.98 31.74 10.30
O3' AGS O . 6.18 31.13 10.77
C2' AGS O . 4.96 33.25 10.56
O2' AGS O . 6.27 33.80 10.50
C1' AGS O . 4.10 33.77 9.40
N9 AGS O . 2.76 34.17 9.78
C8 AGS O . 1.58 33.54 9.49
N7 AGS O . 0.51 34.12 9.96
C5 AGS O . 1.02 35.24 10.62
C6 AGS O . 0.39 36.27 11.34
N6 AGS O . -0.92 36.37 11.52
N1 AGS O . 1.19 37.23 11.87
C2 AGS O . 2.51 37.14 11.69
N3 AGS O . 3.20 36.22 11.04
C4 AGS O . 2.39 35.28 10.52
MG MG P . 0.92 24.23 10.02
PG AGS Q . 15.28 21.16 -16.89
S1G AGS Q . 13.54 21.93 -16.47
O2G AGS Q . 15.11 20.08 -18.00
O3G AGS Q . 15.86 20.49 -15.62
PB AGS Q . 17.65 22.53 -16.73
O1B AGS Q . 17.70 23.89 -16.13
O2B AGS Q . 17.85 21.43 -15.68
O3B AGS Q . 16.24 22.27 -17.41
PA AGS Q . 20.32 22.33 -17.30
O1A AGS Q . 20.47 22.90 -15.96
O2A AGS Q . 20.80 20.87 -17.42
O3A AGS Q . 18.81 22.34 -17.78
O5' AGS Q . 21.09 23.25 -18.32
C5' AGS Q . 22.53 23.17 -18.46
C4' AGS Q . 22.91 23.50 -19.88
O4' AGS Q . 22.37 24.77 -20.25
C3' AGS Q . 24.41 23.60 -20.13
O3' AGS Q . 24.74 23.24 -21.46
C2' AGS Q . 24.68 25.09 -19.87
O2' AGS Q . 25.80 25.56 -20.59
C1' AGS Q . 23.39 25.72 -20.40
N9 AGS Q . 22.99 26.94 -19.69
C8 AGS Q . 21.83 27.15 -19.00
N7 AGS Q . 21.74 28.34 -18.47
C5 AGS Q . 22.92 28.97 -18.83
C6 AGS Q . 23.43 30.26 -18.58
N6 AGS Q . 22.78 31.19 -17.87
N1 AGS Q . 24.63 30.57 -19.10
C2 AGS Q . 25.28 29.64 -19.82
N3 AGS Q . 24.90 28.40 -20.12
C4 AGS Q . 23.70 28.12 -19.60
MG MG R . 18.00 19.52 -14.38
PB ADP S . 12.56 0.87 -38.48
O1B ADP S . 11.66 1.98 -38.97
O2B ADP S . 13.87 1.35 -37.91
O3B ADP S . 11.85 -0.17 -37.66
PA ADP S . 13.95 -1.20 -39.77
O1A ADP S . 15.29 -0.76 -39.24
O2A ADP S . 13.21 -2.32 -39.08
O3A ADP S . 12.98 0.08 -39.83
O5' ADP S . 14.13 -1.59 -41.32
C5' ADP S . 15.05 -2.61 -41.70
C4' ADP S . 14.99 -2.85 -43.20
O4' ADP S . 15.18 -1.61 -43.91
C3' ADP S . 16.10 -3.79 -43.64
O3' ADP S . 15.53 -5.04 -44.04
C2' ADP S . 16.75 -3.12 -44.84
O2' ADP S . 16.66 -3.98 -45.99
C1' ADP S . 15.97 -1.84 -45.08
N9 ADP S . 16.91 -0.71 -45.29
C8 ADP S . 17.14 0.29 -44.43
N7 ADP S . 18.05 1.17 -44.93
C5 ADP S . 18.42 0.72 -46.14
C6 ADP S . 19.34 1.16 -47.21
N6 ADP S . 20.07 2.30 -47.07
N1 ADP S . 19.43 0.40 -48.32
C2 ADP S . 18.71 -0.73 -48.46
N3 ADP S . 17.85 -1.19 -47.54
C4 ADP S . 17.67 -0.52 -46.37
P PO4 T . 11.19 1.45 -34.01
O1 PO4 T . 10.62 2.14 -35.22
O2 PO4 T . 11.17 2.40 -32.83
O3 PO4 T . 12.60 0.99 -34.28
O4 PO4 T . 10.33 0.24 -33.67
#